data_8CY9
#
_entry.id   8CY9
#
_cell.length_a   1.00
_cell.length_b   1.00
_cell.length_c   1.00
_cell.angle_alpha   90.00
_cell.angle_beta   90.00
_cell.angle_gamma   90.00
#
_symmetry.space_group_name_H-M   'P 1'
#
loop_
_entity.id
_entity.type
_entity.pdbx_description
1 polymer 'Spike glycoprotein'
2 polymer 'pan-sarbecovirus nanobody 1-23'
#
loop_
_entity_poly.entity_id
_entity_poly.type
_entity_poly.pdbx_seq_one_letter_code
_entity_poly.pdbx_strand_id
1 'polypeptide(L)'
;MFVFLVLLPLVSSQCVNLTTRTQLPPAYTNSFTRGVYYPDKVFRSSVLHSTQDLFLPFFSNVTWFHAIHVSGTNGTKRFD
NPVLPFNDGVYFASTEKSNIIRGWIFGTTLDSKTQSLLIVNNATNVVIKVCEFQFCNDPFLGVYYHKNNKSWMESEFRVY
SSANNCTFEYVSQPFLMDLEGKQGNFKNLREFVFKNIDGYFKIYSKHTPINLVRDLPQGFSALEPLVDLPIGINITRFQT
LLALHRSYLTPGDSSSGWTAGAAAYYVGYLQPRTFLLKYNENGTITDAVDCALDPLSETKCTLKSFTVEKGIYQTSNFRV
QPTESIVRFPNITNLCPFGEVFNATRFASVYAWNRKRISNCVADYSVLYNSASFSTFKCYGVSPTKLNDLCFTNVYADSF
VIRGDEVRQIAPGQTGKIADYNYKLPDDFTGCVIAWNSNNLDSKVGGNYNYLYRLFRKSNLKPFERDISTEIYQAGSTPC
NGVEGFNCYFPLQSYGFQPTNGVGYQPYRVVVLSFELLHAPATVCGPKKSTNLVKNKCVNFNFNGLTGTGVLTESNKKFL
PFQQFGRDIADTTDAVRDPQTLEILDITPCSFGGVSVITPGTNTSNQVAVLYQDVNCTEVPVAIHADQLTPTWRVYSTGS
NVFQTRAGCLIGAEHVNNSYECDIPIGAGICASYQTQTNSPRRARSVASQSIIAYTMSLGAENSVAYSNNSIAIPTNFTI
SVTTEILPVSMTKTSVDCTMYICGDSTECSNLLLQYGSFCTQLNRALTGIAVEQDKNTQEVFAQVKQIYKTPPIKDFGGF
NFSQILPDPSKPSKRSFIEDLLFNKVTLADAGFIKQYGDCLGDIAARDLICAQKFNGLTVLPPLLTDEMIAQYTSALLAG
TITSGWTFGAGAALQIPFAMQMAYRFNGIGVTQNVLYENQKLIANQFNSAIGKIQDSLSSTASALGKLQDVVNQNAQALN
TLVKQLSSNFGAISSVLNDILSRLDPPEAEVQIDRLITGRLQSLQTYVTQQLIRAAEIRASANLAATKMSECVLGQSKRV
DFCGKGYHLMSFPQSAPHGVVFLHVTYVPAQEKNFTTAPAICHDGKAHFPREGVFVSNGTHWFVTQRNFYEPQIITTDNT
FVSGNCDVVIGIVNNTVYDPLQPELDSFKEELDKYFKNHTSPDVDLGDISGINASVVNIQKEIDRLNEVAKNLNESLIDL
QELGKYEQYIKWPWYIWLGFIAGLIAIVMVTIMLCCMTSCCSCLKGCCSCGSCCKFDEDDSEPVLKGVKLHYT
;
A,B,C
2 'polypeptide(L)'
;QVQLVESGGGLVQAGGSLRLSCAASGRTDSISDMGWFRQAPGKEREFVAVVGWSGGGTDYAHSVKGRFTISRDNAKNTVY
LQMNSLKPEDTAVYYCAVGSLRVGSFSVEYWGQGTQVTVSS
;
D,E,F
#
# COMPACT_ATOMS: atom_id res chain seq x y z
N CYS A 15 -2.51 -64.49 -29.15
CA CYS A 15 -1.66 -63.63 -28.32
C CYS A 15 -0.19 -63.97 -28.50
N VAL A 16 0.26 -63.97 -29.75
CA VAL A 16 1.63 -64.28 -30.11
C VAL A 16 2.12 -63.21 -31.08
N ASN A 17 3.43 -63.03 -31.14
CA ASN A 17 4.06 -62.05 -32.03
C ASN A 17 3.72 -62.41 -33.48
N LEU A 18 3.11 -61.47 -34.19
CA LEU A 18 2.63 -61.73 -35.54
C LEU A 18 3.78 -61.60 -36.55
N THR A 19 3.58 -62.20 -37.72
CA THR A 19 4.54 -62.19 -38.80
C THR A 19 4.57 -60.78 -39.42
N THR A 20 5.53 -60.53 -40.31
CA THR A 20 5.71 -59.25 -41.01
C THR A 20 6.05 -58.10 -40.06
N ARG A 21 7.00 -58.32 -39.14
CA ARG A 21 7.48 -57.26 -38.26
C ARG A 21 8.78 -56.66 -38.83
N THR A 22 8.64 -56.02 -39.99
CA THR A 22 9.77 -55.45 -40.69
C THR A 22 10.12 -54.08 -40.14
N GLN A 23 11.19 -53.49 -40.67
CA GLN A 23 11.67 -52.18 -40.26
C GLN A 23 11.35 -51.17 -41.37
N LEU A 24 10.80 -50.02 -40.98
CA LEU A 24 10.40 -48.99 -41.92
C LEU A 24 10.94 -47.65 -41.46
N PRO A 25 11.24 -46.75 -42.40
CA PRO A 25 11.74 -45.42 -42.02
C PRO A 25 10.59 -44.45 -41.81
N PRO A 26 10.75 -43.51 -40.87
CA PRO A 26 9.68 -42.53 -40.64
C PRO A 26 9.76 -41.35 -41.60
N ALA A 27 8.87 -40.37 -41.42
CA ALA A 27 8.84 -39.18 -42.26
C ALA A 27 8.24 -38.03 -41.46
N TYR A 28 8.51 -36.81 -41.93
CA TYR A 28 8.06 -35.60 -41.27
C TYR A 28 7.38 -34.68 -42.28
N THR A 29 6.43 -33.89 -41.78
CA THR A 29 5.66 -32.96 -42.60
C THR A 29 5.29 -31.75 -41.75
N ASN A 30 5.08 -30.62 -42.42
CA ASN A 30 4.64 -29.39 -41.77
C ASN A 30 3.21 -29.57 -41.28
N SER A 31 2.95 -29.15 -40.04
CA SER A 31 1.62 -29.29 -39.45
C SER A 31 0.68 -28.15 -39.83
N PHE A 32 1.19 -27.09 -40.47
CA PHE A 32 0.38 -25.96 -40.92
C PHE A 32 -0.35 -25.30 -39.77
N THR A 33 -1.51 -24.70 -40.06
CA THR A 33 -2.25 -23.91 -39.09
C THR A 33 -3.29 -24.74 -38.33
N ARG A 34 -3.73 -25.85 -38.91
CA ARG A 34 -4.77 -26.66 -38.28
C ARG A 34 -4.24 -27.31 -37.00
N GLY A 35 -5.14 -27.55 -36.06
CA GLY A 35 -4.77 -28.17 -34.80
C GLY A 35 -5.23 -27.40 -33.58
N VAL A 36 -6.22 -26.52 -33.76
CA VAL A 36 -6.76 -25.72 -32.67
C VAL A 36 -8.06 -26.34 -32.20
N TYR A 37 -8.47 -25.98 -30.99
CA TYR A 37 -9.71 -26.49 -30.40
C TYR A 37 -10.21 -25.52 -29.36
N TYR A 38 -11.48 -25.68 -28.98
CA TYR A 38 -12.07 -24.85 -27.95
C TYR A 38 -11.56 -25.27 -26.57
N PRO A 39 -10.93 -24.39 -25.81
CA PRO A 39 -10.48 -24.76 -24.47
C PRO A 39 -11.55 -24.70 -23.40
N ASP A 40 -12.73 -24.19 -23.72
CA ASP A 40 -13.83 -24.09 -22.76
C ASP A 40 -15.15 -24.12 -23.54
N LYS A 41 -16.25 -23.78 -22.85
CA LYS A 41 -17.57 -23.83 -23.45
C LYS A 41 -18.30 -22.49 -23.35
N VAL A 42 -17.57 -21.38 -23.39
CA VAL A 42 -18.19 -20.06 -23.32
C VAL A 42 -18.62 -19.62 -24.71
N PHE A 43 -19.45 -18.57 -24.74
CA PHE A 43 -19.96 -18.05 -26.01
C PHE A 43 -19.45 -16.63 -26.26
N ARG A 44 -18.16 -16.41 -26.01
CA ARG A 44 -17.58 -15.11 -26.34
C ARG A 44 -17.64 -14.88 -27.84
N SER A 45 -18.01 -13.65 -28.23
CA SER A 45 -18.18 -13.30 -29.63
C SER A 45 -17.45 -11.99 -29.93
N SER A 46 -16.84 -11.92 -31.10
CA SER A 46 -16.10 -10.75 -31.58
C SER A 46 -14.96 -10.34 -30.65
N VAL A 47 -14.35 -11.30 -29.96
CA VAL A 47 -13.23 -10.98 -29.07
C VAL A 47 -12.05 -11.89 -29.38
N LEU A 48 -10.86 -11.47 -28.94
CA LEU A 48 -9.63 -12.24 -29.08
C LEU A 48 -9.14 -12.55 -27.67
N HIS A 49 -8.86 -13.83 -27.41
CA HIS A 49 -8.45 -14.25 -26.07
C HIS A 49 -7.19 -15.10 -26.14
N SER A 50 -6.20 -14.74 -25.33
CA SER A 50 -4.94 -15.46 -25.25
C SER A 50 -5.12 -16.62 -24.27
N THR A 51 -4.81 -17.83 -24.71
CA THR A 51 -5.02 -19.04 -23.93
C THR A 51 -3.68 -19.74 -23.70
N GLN A 52 -3.45 -20.14 -22.45
CA GLN A 52 -2.20 -20.78 -22.06
C GLN A 52 -2.28 -22.30 -22.19
N ASP A 53 -3.43 -22.85 -22.56
CA ASP A 53 -3.64 -24.28 -22.62
C ASP A 53 -2.74 -24.90 -23.70
N LEU A 54 -2.65 -26.23 -23.71
CA LEU A 54 -1.80 -26.95 -24.65
C LEU A 54 -2.40 -26.83 -26.06
N PHE A 55 -1.55 -26.52 -27.04
CA PHE A 55 -1.95 -26.45 -28.43
C PHE A 55 -0.77 -26.84 -29.31
N LEU A 56 -1.08 -27.22 -30.56
CA LEU A 56 -0.05 -27.58 -31.53
C LEU A 56 0.54 -26.32 -32.14
N PRO A 57 1.85 -26.13 -32.09
CA PRO A 57 2.45 -24.92 -32.69
C PRO A 57 2.20 -24.88 -34.20
N PHE A 58 2.04 -23.67 -34.71
CA PHE A 58 1.79 -23.49 -36.14
C PHE A 58 3.03 -23.86 -36.95
N PHE A 59 2.79 -24.50 -38.10
CA PHE A 59 3.84 -24.88 -39.03
C PHE A 59 4.92 -25.73 -38.35
N SER A 60 4.49 -26.67 -37.52
CA SER A 60 5.40 -27.54 -36.78
C SER A 60 5.53 -28.88 -37.48
N ASN A 61 6.40 -29.72 -36.92
CA ASN A 61 6.60 -31.06 -37.45
C ASN A 61 5.41 -31.96 -37.12
N VAL A 62 5.31 -33.07 -37.86
CA VAL A 62 4.34 -34.11 -37.58
C VAL A 62 4.96 -35.44 -37.98
N THR A 63 4.59 -36.49 -37.25
CA THR A 63 5.17 -37.83 -37.47
C THR A 63 4.33 -38.56 -38.52
N TRP A 64 4.90 -38.71 -39.70
CA TRP A 64 4.22 -39.42 -40.78
C TRP A 64 4.46 -40.91 -40.66
N PHE A 65 3.37 -41.69 -40.75
CA PHE A 65 3.45 -43.14 -40.82
C PHE A 65 2.70 -43.59 -42.08
N HIS A 66 3.41 -44.29 -42.95
CA HIS A 66 2.87 -44.73 -44.24
C HIS A 66 2.63 -46.24 -44.16
N ALA A 67 1.36 -46.62 -43.99
CA ALA A 67 1.02 -47.98 -43.59
C ALA A 67 0.49 -48.83 -44.74
N ILE A 68 0.73 -48.41 -45.98
CA ILE A 68 0.34 -49.19 -47.15
C ILE A 68 1.58 -49.50 -47.97
N HIS A 69 1.54 -50.64 -48.66
CA HIS A 69 2.69 -51.12 -49.43
C HIS A 69 2.22 -51.52 -50.83
N VAL A 70 2.14 -50.53 -51.73
CA VAL A 70 1.84 -50.72 -53.14
C VAL A 70 0.68 -51.70 -53.34
N SER A 71 -0.52 -51.30 -52.93
CA SER A 71 -1.73 -52.10 -53.09
C SER A 71 -1.59 -53.47 -52.42
N GLY A 72 -0.93 -53.47 -51.26
CA GLY A 72 -0.84 -54.67 -50.44
C GLY A 72 0.22 -55.67 -50.83
N THR A 73 1.09 -55.31 -51.78
CA THR A 73 2.15 -56.21 -52.21
C THR A 73 3.33 -55.46 -52.80
N ASN A 74 4.49 -56.12 -52.89
CA ASN A 74 5.68 -55.56 -53.50
C ASN A 74 6.13 -54.27 -52.83
N GLY A 75 5.87 -54.13 -51.53
CA GLY A 75 6.19 -52.89 -50.85
C GLY A 75 6.71 -53.02 -49.43
N THR A 76 7.27 -54.18 -49.08
CA THR A 76 7.83 -54.42 -47.75
C THR A 76 6.78 -54.14 -46.67
N LYS A 77 5.77 -55.02 -46.64
CA LYS A 77 4.52 -54.83 -45.92
C LYS A 77 4.66 -54.10 -44.58
N ARG A 78 3.88 -53.05 -44.39
CA ARG A 78 3.95 -52.20 -43.22
C ARG A 78 2.58 -52.12 -42.56
N PHE A 79 2.55 -52.17 -41.23
CA PHE A 79 1.31 -52.01 -40.48
C PHE A 79 1.24 -50.72 -39.67
N ASP A 80 2.37 -50.20 -39.19
CA ASP A 80 2.44 -48.91 -38.50
C ASP A 80 1.54 -48.87 -37.27
N ASN A 81 1.89 -49.70 -36.30
CA ASN A 81 1.29 -49.67 -34.97
C ASN A 81 2.39 -49.65 -33.92
N PRO A 82 3.15 -48.54 -33.82
CA PRO A 82 4.27 -48.50 -32.89
C PRO A 82 3.87 -48.05 -31.49
N VAL A 83 4.84 -47.92 -30.60
CA VAL A 83 4.61 -47.47 -29.23
C VAL A 83 5.22 -46.08 -29.11
N LEU A 84 4.41 -45.12 -28.65
CA LEU A 84 4.86 -43.74 -28.52
C LEU A 84 4.25 -43.09 -27.28
N PRO A 85 4.99 -42.22 -26.62
CA PRO A 85 4.44 -41.46 -25.49
C PRO A 85 3.47 -40.38 -25.97
N PHE A 86 2.75 -39.79 -25.02
CA PHE A 86 1.87 -38.65 -25.28
C PHE A 86 2.11 -37.56 -24.24
N ASN A 87 3.39 -37.25 -24.01
CA ASN A 87 3.87 -36.38 -22.94
C ASN A 87 2.96 -35.20 -22.65
N ASP A 88 2.49 -34.52 -23.69
CA ASP A 88 1.58 -33.39 -23.52
C ASP A 88 0.33 -33.44 -24.39
N GLY A 89 0.34 -34.17 -25.49
CA GLY A 89 -0.85 -34.25 -26.34
C GLY A 89 -0.56 -35.03 -27.60
N VAL A 90 -1.63 -35.34 -28.32
CA VAL A 90 -1.56 -36.10 -29.56
C VAL A 90 -2.40 -35.39 -30.62
N TYR A 91 -1.83 -35.23 -31.81
CA TYR A 91 -2.53 -34.64 -32.95
C TYR A 91 -2.93 -35.70 -33.97
N PHE A 92 -3.42 -36.84 -33.50
CA PHE A 92 -3.81 -37.94 -34.39
C PHE A 92 -4.76 -37.49 -35.50
N ALA A 93 -4.35 -37.69 -36.74
CA ALA A 93 -5.19 -37.44 -37.90
C ALA A 93 -5.56 -38.76 -38.56
N SER A 94 -6.75 -38.81 -39.12
CA SER A 94 -7.30 -40.05 -39.67
C SER A 94 -7.73 -39.85 -41.12
N THR A 95 -6.85 -39.26 -41.93
CA THR A 95 -7.10 -39.12 -43.36
C THR A 95 -7.31 -40.49 -43.98
N GLU A 96 -8.54 -40.78 -44.41
CA GLU A 96 -8.90 -42.11 -44.87
C GLU A 96 -10.17 -41.99 -45.71
N LYS A 97 -10.44 -43.03 -46.50
CA LYS A 97 -11.59 -43.04 -47.38
C LYS A 97 -12.80 -43.81 -46.88
N SER A 98 -12.62 -45.03 -46.34
CA SER A 98 -13.79 -45.81 -45.91
C SER A 98 -13.39 -46.68 -44.71
N ASN A 99 -13.60 -46.15 -43.51
CA ASN A 99 -13.62 -46.90 -42.26
C ASN A 99 -12.45 -47.87 -42.09
N ILE A 100 -11.23 -47.35 -41.98
CA ILE A 100 -10.08 -48.20 -41.67
C ILE A 100 -9.61 -47.99 -40.23
N ILE A 101 -9.41 -46.75 -39.81
CA ILE A 101 -9.00 -46.44 -38.44
C ILE A 101 -10.17 -46.76 -37.52
N ARG A 102 -9.91 -47.54 -36.47
CA ARG A 102 -10.97 -48.02 -35.59
C ARG A 102 -10.77 -47.71 -34.12
N GLY A 103 -9.58 -47.31 -33.69
CA GLY A 103 -9.40 -47.00 -32.28
C GLY A 103 -7.93 -46.83 -31.94
N TRP A 104 -7.68 -46.73 -30.63
CA TRP A 104 -6.34 -46.54 -30.11
C TRP A 104 -6.19 -47.37 -28.84
N ILE A 105 -4.95 -47.52 -28.39
CA ILE A 105 -4.63 -48.21 -27.15
C ILE A 105 -4.06 -47.21 -26.16
N PHE A 106 -4.64 -47.18 -24.96
CA PHE A 106 -4.20 -46.28 -23.91
C PHE A 106 -3.77 -47.10 -22.69
N GLY A 107 -2.69 -46.67 -22.06
CA GLY A 107 -2.19 -47.36 -20.88
C GLY A 107 -0.82 -46.84 -20.49
N THR A 108 -0.23 -47.50 -19.50
CA THR A 108 1.10 -47.14 -19.01
C THR A 108 2.14 -48.22 -19.30
N THR A 109 1.91 -49.44 -18.86
CA THR A 109 2.84 -50.54 -19.10
C THR A 109 2.41 -51.46 -20.24
N LEU A 110 1.28 -51.18 -20.88
CA LEU A 110 0.74 -52.02 -21.96
C LEU A 110 0.58 -53.47 -21.50
N ASP A 111 0.09 -53.65 -20.28
CA ASP A 111 -0.08 -54.97 -19.69
C ASP A 111 -1.13 -54.88 -18.60
N SER A 112 -1.61 -56.03 -18.15
CA SER A 112 -2.64 -56.14 -17.13
C SER A 112 -2.13 -55.80 -15.72
N LYS A 113 -0.93 -55.27 -15.57
CA LYS A 113 -0.42 -54.90 -14.25
C LYS A 113 -1.21 -53.75 -13.66
N THR A 114 -1.55 -52.76 -14.48
CA THR A 114 -2.24 -51.56 -14.04
C THR A 114 -3.44 -51.28 -14.95
N GLN A 115 -4.35 -50.44 -14.45
CA GLN A 115 -5.53 -50.08 -15.23
C GLN A 115 -5.15 -49.32 -16.48
N SER A 116 -5.91 -49.54 -17.55
CA SER A 116 -5.63 -48.89 -18.83
C SER A 116 -6.92 -48.76 -19.63
N LEU A 117 -6.92 -47.85 -20.60
CA LEU A 117 -8.12 -47.56 -21.37
C LEU A 117 -8.04 -48.18 -22.76
N LEU A 118 -9.17 -48.71 -23.24
CA LEU A 118 -9.25 -49.34 -24.55
C LEU A 118 -10.46 -48.78 -25.30
N ILE A 119 -10.24 -48.41 -26.56
CA ILE A 119 -11.29 -47.89 -27.42
C ILE A 119 -11.22 -48.56 -28.78
N VAL A 120 -12.36 -49.07 -29.24
CA VAL A 120 -12.49 -49.70 -30.55
C VAL A 120 -13.82 -49.28 -31.17
N ASN A 121 -13.77 -48.91 -32.45
CA ASN A 121 -14.96 -48.57 -33.21
C ASN A 121 -15.34 -49.74 -34.10
N ASN A 122 -16.64 -49.99 -34.20
CA ASN A 122 -17.17 -51.09 -35.01
C ASN A 122 -18.47 -50.62 -35.64
N ALA A 123 -19.23 -51.58 -36.19
CA ALA A 123 -20.52 -51.25 -36.76
C ALA A 123 -21.64 -51.42 -35.75
N THR A 124 -21.31 -51.80 -34.51
CA THR A 124 -22.29 -52.03 -33.46
C THR A 124 -22.04 -51.14 -32.24
N ASN A 125 -21.76 -49.85 -32.47
CA ASN A 125 -21.55 -48.84 -31.43
C ASN A 125 -20.21 -49.03 -30.74
N VAL A 126 -19.52 -47.92 -30.46
CA VAL A 126 -18.20 -48.00 -29.84
C VAL A 126 -18.33 -48.43 -28.38
N VAL A 127 -17.23 -48.93 -27.83
CA VAL A 127 -17.16 -49.40 -26.46
C VAL A 127 -16.01 -48.71 -25.76
N ILE A 128 -16.31 -48.09 -24.61
CA ILE A 128 -15.31 -47.43 -23.78
C ILE A 128 -15.16 -48.23 -22.49
N LYS A 129 -13.94 -48.63 -22.17
CA LYS A 129 -13.70 -49.45 -21.00
C LYS A 129 -12.29 -49.22 -20.48
N VAL A 130 -12.19 -48.85 -19.20
CA VAL A 130 -10.91 -48.78 -18.52
C VAL A 130 -10.78 -50.00 -17.61
N CYS A 131 -9.77 -50.82 -17.86
CA CYS A 131 -9.63 -52.10 -17.18
C CYS A 131 -8.22 -52.62 -17.44
N GLU A 132 -7.98 -53.86 -17.04
CA GLU A 132 -6.68 -54.50 -17.24
C GLU A 132 -6.78 -55.55 -18.34
N PHE A 133 -5.89 -55.47 -19.32
CA PHE A 133 -5.87 -56.39 -20.44
C PHE A 133 -4.42 -56.74 -20.79
N GLN A 134 -4.25 -57.80 -21.58
CA GLN A 134 -2.91 -58.25 -21.94
C GLN A 134 -2.16 -57.22 -22.78
N PHE A 135 -2.81 -56.64 -23.78
CA PHE A 135 -2.21 -55.64 -24.67
C PHE A 135 -0.95 -56.20 -25.33
N CYS A 136 -1.18 -57.19 -26.20
CA CYS A 136 -0.10 -57.80 -26.97
C CYS A 136 0.67 -56.76 -27.76
N ASN A 137 1.84 -57.16 -28.26
CA ASN A 137 2.75 -56.22 -28.91
C ASN A 137 2.13 -55.59 -30.15
N ASP A 138 1.45 -56.36 -31.00
CA ASP A 138 0.83 -55.86 -32.22
C ASP A 138 -0.61 -56.33 -32.30
N PRO A 139 -1.50 -55.73 -31.50
CA PRO A 139 -2.91 -56.10 -31.56
C PRO A 139 -3.56 -55.65 -32.86
N PHE A 140 -4.59 -56.41 -33.27
CA PHE A 140 -5.31 -56.12 -34.50
C PHE A 140 -6.76 -56.57 -34.32
N LEU A 141 -7.67 -55.91 -35.05
CA LEU A 141 -9.08 -56.24 -35.02
C LEU A 141 -9.40 -57.56 -35.71
N GLY A 142 -8.84 -57.81 -36.89
CA GLY A 142 -9.09 -59.04 -37.61
C GLY A 142 -10.50 -59.14 -38.17
N VAL A 143 -10.84 -58.26 -39.10
CA VAL A 143 -12.15 -58.30 -39.75
C VAL A 143 -12.11 -59.28 -40.91
N TYR A 144 -13.22 -60.00 -41.11
CA TYR A 144 -13.33 -61.00 -42.16
C TYR A 144 -14.30 -60.51 -43.23
N TYR A 145 -13.85 -60.53 -44.48
CA TYR A 145 -14.68 -60.11 -45.60
C TYR A 145 -15.43 -61.27 -46.24
N HIS A 146 -15.25 -62.49 -45.75
CA HIS A 146 -15.94 -63.63 -46.33
C HIS A 146 -17.43 -63.59 -46.02
N LYS A 147 -18.21 -64.27 -46.86
CA LYS A 147 -19.66 -64.32 -46.74
C LYS A 147 -20.14 -65.66 -46.19
N ASN A 148 -19.41 -66.21 -45.20
CA ASN A 148 -19.78 -67.51 -44.64
C ASN A 148 -21.21 -67.50 -44.10
N ASN A 149 -21.52 -66.53 -43.25
CA ASN A 149 -22.91 -66.33 -42.83
C ASN A 149 -23.63 -65.29 -43.66
N LYS A 150 -23.18 -64.03 -43.64
CA LYS A 150 -23.72 -62.97 -44.47
C LYS A 150 -22.84 -61.73 -44.37
N SER A 151 -22.51 -61.12 -45.51
CA SER A 151 -21.70 -59.91 -45.56
C SER A 151 -20.38 -60.07 -44.82
N TRP A 152 -19.73 -58.96 -44.50
CA TRP A 152 -18.49 -59.00 -43.73
C TRP A 152 -18.78 -59.20 -42.24
N MET A 153 -17.87 -59.88 -41.56
CA MET A 153 -18.01 -60.19 -40.14
C MET A 153 -16.68 -59.98 -39.43
N GLU A 154 -16.76 -59.77 -38.12
CA GLU A 154 -15.57 -59.60 -37.28
C GLU A 154 -15.52 -60.74 -36.28
N SER A 155 -14.53 -61.62 -36.43
CA SER A 155 -14.38 -62.76 -35.52
C SER A 155 -12.95 -63.05 -35.11
N GLU A 156 -11.97 -62.20 -35.44
CA GLU A 156 -10.57 -62.43 -35.09
C GLU A 156 -10.06 -61.35 -34.14
N PHE A 157 -10.84 -60.99 -33.12
CA PHE A 157 -10.41 -60.01 -32.14
C PHE A 157 -9.30 -60.59 -31.26
N ARG A 158 -8.06 -60.20 -31.52
CA ARG A 158 -6.90 -60.73 -30.78
C ARG A 158 -6.14 -59.55 -30.19
N VAL A 159 -6.55 -59.12 -29.00
CA VAL A 159 -5.90 -58.05 -28.25
C VAL A 159 -5.46 -58.52 -26.87
N TYR A 160 -6.36 -59.17 -26.14
CA TYR A 160 -6.07 -59.69 -24.81
C TYR A 160 -6.62 -61.09 -24.68
N SER A 161 -6.00 -61.88 -23.80
CA SER A 161 -6.44 -63.25 -23.57
C SER A 161 -7.39 -63.37 -22.38
N SER A 162 -7.43 -62.37 -21.50
CA SER A 162 -8.30 -62.41 -20.34
C SER A 162 -8.57 -60.98 -19.88
N ALA A 163 -9.64 -60.83 -19.10
CA ALA A 163 -10.03 -59.54 -18.55
C ALA A 163 -10.31 -59.69 -17.06
N ASN A 164 -9.73 -58.81 -16.26
CA ASN A 164 -9.94 -58.84 -14.81
C ASN A 164 -9.82 -57.43 -14.27
N ASN A 165 -10.45 -57.21 -13.11
CA ASN A 165 -10.45 -55.90 -12.43
C ASN A 165 -11.07 -54.83 -13.33
N CYS A 166 -12.33 -55.02 -13.69
CA CYS A 166 -13.06 -54.07 -14.52
C CYS A 166 -13.41 -52.86 -13.66
N THR A 167 -12.56 -51.82 -13.72
CA THR A 167 -12.76 -50.65 -12.87
C THR A 167 -13.99 -49.85 -13.29
N PHE A 168 -14.14 -49.56 -14.59
CA PHE A 168 -15.24 -48.74 -15.06
C PHE A 168 -15.45 -48.98 -16.55
N GLU A 169 -16.70 -48.86 -16.99
CA GLU A 169 -17.06 -48.98 -18.39
C GLU A 169 -17.99 -47.84 -18.78
N TYR A 170 -17.83 -47.34 -20.00
CA TYR A 170 -18.60 -46.21 -20.50
C TYR A 170 -19.17 -46.55 -21.87
N VAL A 171 -20.36 -46.04 -22.17
CA VAL A 171 -21.01 -46.26 -23.45
C VAL A 171 -21.42 -44.91 -24.01
N SER A 172 -21.04 -44.63 -25.26
CA SER A 172 -21.38 -43.40 -25.94
C SER A 172 -22.08 -43.72 -27.26
N GLN A 173 -22.44 -42.67 -28.00
CA GLN A 173 -23.09 -42.87 -29.29
C GLN A 173 -22.08 -43.32 -30.33
N PRO A 174 -22.50 -44.14 -31.29
CA PRO A 174 -21.57 -44.60 -32.33
C PRO A 174 -21.12 -43.46 -33.23
N PHE A 175 -19.89 -43.60 -33.73
CA PHE A 175 -19.32 -42.59 -34.61
C PHE A 175 -19.99 -42.55 -35.98
N LEU A 176 -20.45 -43.69 -36.49
CA LEU A 176 -21.13 -43.80 -37.80
C LEU A 176 -20.14 -43.31 -38.87
N MET A 177 -20.49 -42.25 -39.61
CA MET A 177 -19.64 -41.69 -40.67
C MET A 177 -19.31 -42.76 -41.72
N ASP A 178 -20.37 -43.21 -42.39
CA ASP A 178 -20.29 -44.18 -43.48
C ASP A 178 -19.85 -45.56 -43.02
N LEU A 179 -20.25 -46.60 -43.75
CA LEU A 179 -19.87 -47.97 -43.43
C LEU A 179 -19.40 -48.77 -44.63
N GLU A 180 -19.77 -48.40 -45.86
CA GLU A 180 -19.38 -49.14 -47.04
C GLU A 180 -17.96 -48.75 -47.46
N GLY A 181 -17.48 -49.39 -48.53
CA GLY A 181 -16.14 -49.15 -49.05
C GLY A 181 -16.19 -48.19 -50.23
N LYS A 182 -15.16 -47.35 -50.34
CA LYS A 182 -15.06 -46.37 -51.42
C LYS A 182 -13.76 -46.54 -52.19
N GLN A 183 -13.51 -45.64 -53.14
CA GLN A 183 -12.30 -45.66 -53.94
C GLN A 183 -11.86 -44.22 -54.20
N GLY A 184 -10.78 -44.06 -54.97
CA GLY A 184 -10.30 -42.74 -55.31
C GLY A 184 -9.65 -42.04 -54.13
N ASN A 185 -9.69 -40.71 -54.20
CA ASN A 185 -9.09 -39.88 -53.16
C ASN A 185 -9.85 -40.02 -51.85
N PHE A 186 -9.12 -39.87 -50.74
CA PHE A 186 -9.73 -39.93 -49.42
C PHE A 186 -10.62 -38.72 -49.20
N LYS A 187 -11.83 -38.95 -48.69
CA LYS A 187 -12.81 -37.90 -48.47
C LYS A 187 -13.18 -37.71 -47.01
N ASN A 188 -12.54 -38.43 -46.10
CA ASN A 188 -12.82 -38.34 -44.67
C ASN A 188 -11.55 -37.92 -43.94
N LEU A 189 -11.68 -36.88 -43.11
CA LEU A 189 -10.57 -36.38 -42.31
C LEU A 189 -11.07 -36.02 -40.93
N ARG A 190 -10.51 -36.66 -39.91
CA ARG A 190 -10.84 -36.37 -38.52
C ARG A 190 -9.58 -36.09 -37.74
N GLU A 191 -9.66 -35.11 -36.84
CA GLU A 191 -8.56 -34.75 -35.96
C GLU A 191 -8.92 -35.10 -34.53
N PHE A 192 -7.93 -35.62 -33.79
CA PHE A 192 -8.15 -36.04 -32.41
C PHE A 192 -7.06 -35.48 -31.52
N VAL A 193 -7.46 -34.95 -30.37
CA VAL A 193 -6.54 -34.37 -29.39
C VAL A 193 -6.83 -35.00 -28.03
N PHE A 194 -5.80 -35.55 -27.39
CA PHE A 194 -5.92 -36.18 -26.09
C PHE A 194 -5.01 -35.47 -25.10
N LYS A 195 -5.56 -35.13 -23.93
CA LYS A 195 -4.81 -34.45 -22.88
C LYS A 195 -5.11 -35.12 -21.55
N ASN A 196 -4.16 -34.99 -20.62
CA ASN A 196 -4.29 -35.59 -19.29
C ASN A 196 -3.60 -34.67 -18.29
N ILE A 197 -4.38 -34.06 -17.42
CA ILE A 197 -3.85 -33.20 -16.36
C ILE A 197 -4.81 -33.22 -15.19
N ASP A 198 -4.26 -33.32 -13.97
CA ASP A 198 -5.04 -33.34 -12.73
C ASP A 198 -6.08 -34.46 -12.74
N GLY A 199 -5.75 -35.57 -13.39
CA GLY A 199 -6.65 -36.71 -13.47
C GLY A 199 -7.96 -36.38 -14.17
N TYR A 200 -7.89 -35.65 -15.27
CA TYR A 200 -9.08 -35.24 -15.99
C TYR A 200 -8.80 -35.39 -17.49
N PHE A 201 -9.54 -36.29 -18.13
CA PHE A 201 -9.26 -36.71 -19.50
C PHE A 201 -10.20 -36.01 -20.47
N LYS A 202 -9.67 -35.67 -21.65
CA LYS A 202 -10.42 -34.92 -22.66
C LYS A 202 -10.37 -35.64 -24.00
N ILE A 203 -11.45 -35.53 -24.76
CA ILE A 203 -11.51 -36.01 -26.13
C ILE A 203 -11.99 -34.86 -27.02
N TYR A 204 -11.22 -34.56 -28.06
CA TYR A 204 -11.53 -33.49 -28.99
C TYR A 204 -11.55 -34.06 -30.41
N SER A 205 -12.61 -33.73 -31.16
CA SER A 205 -12.76 -34.26 -32.51
C SER A 205 -13.39 -33.21 -33.40
N LYS A 206 -13.12 -33.34 -34.70
CA LYS A 206 -13.67 -32.45 -35.72
C LYS A 206 -13.47 -33.09 -37.08
N HIS A 207 -14.52 -33.07 -37.89
CA HIS A 207 -14.50 -33.64 -39.23
C HIS A 207 -14.88 -32.59 -40.25
N THR A 208 -14.12 -32.56 -41.36
CA THR A 208 -14.41 -31.66 -42.46
C THR A 208 -14.22 -32.43 -43.76
N PRO A 209 -15.00 -32.12 -44.80
CA PRO A 209 -14.79 -32.79 -46.10
C PRO A 209 -13.59 -32.20 -46.83
N ILE A 210 -12.70 -33.08 -47.29
CA ILE A 210 -11.50 -32.68 -47.99
C ILE A 210 -11.40 -33.45 -49.30
N ASN A 211 -10.65 -32.88 -50.23
CA ASN A 211 -10.41 -33.47 -51.55
C ASN A 211 -8.94 -33.31 -51.94
N LEU A 212 -8.05 -33.55 -50.98
CA LEU A 212 -6.62 -33.42 -51.20
C LEU A 212 -5.97 -34.79 -51.12
N VAL A 213 -5.22 -35.15 -52.18
CA VAL A 213 -4.63 -36.47 -52.26
C VAL A 213 -3.48 -36.60 -51.26
N ARG A 214 -2.63 -35.58 -51.15
CA ARG A 214 -1.42 -35.68 -50.36
C ARG A 214 -1.27 -34.43 -49.50
N ASP A 215 -0.55 -34.60 -48.39
CA ASP A 215 -0.22 -33.53 -47.45
C ASP A 215 -1.51 -33.08 -46.74
N LEU A 216 -1.48 -31.93 -46.07
CA LEU A 216 -2.60 -31.45 -45.28
C LEU A 216 -3.31 -30.31 -46.00
N PRO A 217 -4.63 -30.21 -45.85
CA PRO A 217 -5.36 -29.09 -46.45
C PRO A 217 -5.03 -27.78 -45.76
N GLN A 218 -5.27 -26.69 -46.47
CA GLN A 218 -5.01 -25.35 -45.98
C GLN A 218 -6.18 -24.76 -45.21
N GLY A 219 -7.26 -25.52 -45.02
CA GLY A 219 -8.41 -25.03 -44.30
C GLY A 219 -8.17 -24.90 -42.82
N PHE A 220 -9.09 -24.21 -42.15
CA PHE A 220 -9.00 -23.95 -40.72
C PHE A 220 -10.27 -24.46 -40.04
N SER A 221 -10.09 -25.20 -38.96
CA SER A 221 -11.22 -25.75 -38.21
C SER A 221 -10.80 -25.96 -36.77
N ALA A 222 -11.79 -26.08 -35.89
CA ALA A 222 -11.56 -26.29 -34.47
C ALA A 222 -12.24 -27.57 -34.00
N LEU A 223 -11.58 -28.24 -33.05
CA LEU A 223 -12.05 -29.52 -32.52
C LEU A 223 -13.00 -29.26 -31.35
N GLU A 224 -14.12 -29.98 -31.33
CA GLU A 224 -15.11 -29.83 -30.26
C GLU A 224 -15.00 -31.00 -29.28
N PRO A 225 -15.27 -30.74 -28.00
CA PRO A 225 -15.23 -31.83 -27.02
C PRO A 225 -16.36 -32.83 -27.24
N LEU A 226 -16.01 -34.11 -27.15
CA LEU A 226 -16.98 -35.18 -27.33
C LEU A 226 -17.14 -36.06 -26.08
N VAL A 227 -16.04 -36.58 -25.55
CA VAL A 227 -16.08 -37.52 -24.43
C VAL A 227 -15.21 -36.98 -23.30
N ASP A 228 -15.72 -37.02 -22.08
CA ASP A 228 -14.97 -36.63 -20.90
C ASP A 228 -15.00 -37.76 -19.90
N LEU A 229 -13.84 -38.04 -19.29
CA LEU A 229 -13.73 -39.13 -18.32
C LEU A 229 -12.90 -38.68 -17.11
N PRO A 230 -13.52 -38.56 -15.94
CA PRO A 230 -12.78 -38.15 -14.72
C PRO A 230 -12.09 -39.32 -14.01
N ILE A 231 -10.92 -39.70 -14.51
CA ILE A 231 -10.12 -40.78 -13.96
C ILE A 231 -8.77 -40.22 -13.52
N GLY A 232 -8.38 -40.55 -12.29
CA GLY A 232 -7.11 -40.05 -11.75
C GLY A 232 -5.97 -41.02 -11.92
N ILE A 233 -5.91 -41.67 -13.08
CA ILE A 233 -4.87 -42.66 -13.38
C ILE A 233 -3.57 -41.94 -13.77
N ASN A 234 -2.48 -42.68 -13.82
CA ASN A 234 -1.17 -42.12 -14.16
C ASN A 234 -0.73 -42.62 -15.53
N ILE A 235 -1.64 -42.58 -16.50
CA ILE A 235 -1.37 -43.08 -17.83
C ILE A 235 -0.18 -42.32 -18.45
N THR A 236 0.69 -43.06 -19.13
CA THR A 236 1.89 -42.48 -19.73
C THR A 236 2.11 -42.86 -21.19
N ARG A 237 1.63 -44.01 -21.65
CA ARG A 237 1.98 -44.53 -22.98
C ARG A 237 0.76 -44.47 -23.90
N PHE A 238 1.05 -44.38 -25.20
CA PHE A 238 0.02 -44.28 -26.23
C PHE A 238 0.31 -45.28 -27.34
N GLN A 239 -0.75 -45.73 -28.00
CA GLN A 239 -0.64 -46.67 -29.11
C GLN A 239 -1.84 -46.51 -30.01
N THR A 240 -1.71 -47.00 -31.25
CA THR A 240 -2.74 -46.84 -32.26
C THR A 240 -3.19 -48.19 -32.79
N LEU A 241 -4.50 -48.33 -32.98
CA LEU A 241 -5.11 -49.54 -33.50
C LEU A 241 -5.55 -49.34 -34.95
N LEU A 242 -5.45 -50.40 -35.74
CA LEU A 242 -5.91 -50.41 -37.11
C LEU A 242 -6.65 -51.71 -37.39
N ALA A 243 -7.57 -51.65 -38.35
CA ALA A 243 -8.39 -52.81 -38.70
C ALA A 243 -7.63 -53.70 -39.68
N LEU A 244 -7.18 -54.86 -39.20
CA LEU A 244 -6.47 -55.79 -40.08
C LEU A 244 -7.45 -56.47 -41.03
N HIS A 245 -7.08 -56.49 -42.31
CA HIS A 245 -7.92 -57.09 -43.36
C HIS A 245 -7.27 -58.37 -43.83
N ARG A 246 -8.02 -59.47 -43.80
CA ARG A 246 -7.52 -60.77 -44.23
C ARG A 246 -7.95 -60.98 -45.68
N SER A 247 -7.04 -60.67 -46.60
CA SER A 247 -7.32 -60.82 -48.02
C SER A 247 -7.34 -62.27 -48.48
N TYR A 248 -6.82 -63.20 -47.67
CA TYR A 248 -6.83 -64.60 -48.05
C TYR A 248 -8.26 -65.14 -48.17
N LEU A 249 -9.14 -64.77 -47.24
CA LEU A 249 -10.53 -65.21 -47.25
C LEU A 249 -11.47 -64.20 -47.90
N THR A 250 -10.92 -63.13 -48.46
CA THR A 250 -11.75 -62.12 -49.14
C THR A 250 -12.25 -62.67 -50.46
N PRO A 251 -13.56 -62.71 -50.69
CA PRO A 251 -14.07 -63.21 -51.97
C PRO A 251 -13.66 -62.31 -53.13
N GLY A 252 -13.45 -62.93 -54.29
CA GLY A 252 -13.08 -62.23 -55.51
C GLY A 252 -11.59 -61.97 -55.66
N ASP A 253 -10.86 -61.86 -54.56
CA ASP A 253 -9.42 -61.60 -54.59
C ASP A 253 -8.69 -62.80 -54.04
N SER A 254 -7.62 -63.21 -54.72
CA SER A 254 -6.81 -64.35 -54.33
C SER A 254 -5.50 -63.93 -53.66
N SER A 255 -5.47 -62.74 -53.07
CA SER A 255 -4.27 -62.25 -52.40
C SER A 255 -4.05 -63.02 -51.11
N SER A 256 -2.97 -63.80 -51.06
CA SER A 256 -2.66 -64.60 -49.88
C SER A 256 -2.18 -63.70 -48.74
N GLY A 257 -2.40 -64.19 -47.52
CA GLY A 257 -2.00 -63.46 -46.33
C GLY A 257 -2.94 -62.33 -45.98
N TRP A 258 -2.52 -61.54 -44.99
CA TRP A 258 -3.27 -60.40 -44.51
C TRP A 258 -2.60 -59.11 -44.98
N THR A 259 -3.40 -58.17 -45.46
CA THR A 259 -2.91 -56.91 -45.99
C THR A 259 -3.61 -55.76 -45.27
N ALA A 260 -3.06 -54.57 -45.43
CA ALA A 260 -3.59 -53.35 -44.83
C ALA A 260 -4.22 -52.48 -45.92
N GLY A 261 -5.41 -51.94 -45.64
CA GLY A 261 -6.10 -51.11 -46.59
C GLY A 261 -5.41 -49.76 -46.77
N ALA A 262 -5.85 -49.06 -47.82
CA ALA A 262 -5.27 -47.77 -48.16
C ALA A 262 -5.63 -46.71 -47.12
N ALA A 263 -4.69 -46.37 -46.25
CA ALA A 263 -4.92 -45.37 -45.22
C ALA A 263 -3.58 -44.79 -44.78
N ALA A 264 -3.65 -43.62 -44.15
CA ALA A 264 -2.46 -42.95 -43.61
C ALA A 264 -2.90 -42.09 -42.44
N TYR A 265 -2.08 -42.06 -41.39
CA TYR A 265 -2.36 -41.28 -40.20
C TYR A 265 -1.13 -40.51 -39.78
N TYR A 266 -1.34 -39.42 -39.05
CA TYR A 266 -0.27 -38.54 -38.60
C TYR A 266 -0.28 -38.45 -37.09
N VAL A 267 0.92 -38.33 -36.51
CA VAL A 267 1.09 -38.22 -35.06
C VAL A 267 1.78 -36.91 -34.75
N GLY A 268 1.18 -36.10 -33.87
CA GLY A 268 1.75 -34.84 -33.46
C GLY A 268 1.83 -34.74 -31.94
N TYR A 269 2.63 -33.78 -31.49
CA TYR A 269 2.84 -33.54 -30.07
C TYR A 269 2.53 -32.09 -29.74
N LEU A 270 1.85 -31.89 -28.61
CA LEU A 270 1.48 -30.55 -28.16
C LEU A 270 2.53 -29.99 -27.22
N GLN A 271 2.68 -28.67 -27.24
CA GLN A 271 3.58 -27.96 -26.35
C GLN A 271 2.87 -26.76 -25.75
N PRO A 272 3.26 -26.33 -24.55
CA PRO A 272 2.61 -25.17 -23.94
C PRO A 272 2.83 -23.89 -24.73
N ARG A 273 1.77 -23.36 -25.32
CA ARG A 273 1.86 -22.20 -26.19
C ARG A 273 0.75 -21.22 -25.84
N THR A 274 0.99 -19.95 -26.15
CA THR A 274 0.02 -18.87 -25.96
C THR A 274 -0.70 -18.65 -27.28
N PHE A 275 -1.97 -19.03 -27.34
CA PHE A 275 -2.77 -18.95 -28.54
C PHE A 275 -3.78 -17.82 -28.43
N LEU A 276 -3.78 -16.92 -29.41
CA LEU A 276 -4.74 -15.83 -29.46
C LEU A 276 -5.91 -16.27 -30.35
N LEU A 277 -6.92 -16.87 -29.72
CA LEU A 277 -8.06 -17.41 -30.43
C LEU A 277 -8.95 -16.28 -30.96
N LYS A 278 -9.72 -16.56 -32.00
CA LYS A 278 -10.65 -15.61 -32.58
C LYS A 278 -12.05 -16.22 -32.51
N TYR A 279 -13.03 -15.41 -32.10
CA TYR A 279 -14.40 -15.85 -32.06
C TYR A 279 -15.29 -14.91 -32.87
N ASN A 280 -16.01 -15.47 -33.83
CA ASN A 280 -16.90 -14.69 -34.69
C ASN A 280 -18.25 -14.52 -34.01
N GLU A 281 -19.23 -13.99 -34.74
CA GLU A 281 -20.57 -13.82 -34.19
C GLU A 281 -21.24 -15.15 -33.89
N ASN A 282 -20.80 -16.24 -34.53
CA ASN A 282 -21.37 -17.55 -34.26
C ASN A 282 -20.76 -18.23 -33.04
N GLY A 283 -19.71 -17.67 -32.47
CA GLY A 283 -19.04 -18.28 -31.34
C GLY A 283 -18.04 -19.36 -31.68
N THR A 284 -17.82 -19.64 -32.95
CA THR A 284 -16.88 -20.67 -33.37
C THR A 284 -15.55 -20.04 -33.76
N ILE A 285 -14.49 -20.85 -33.75
CA ILE A 285 -13.15 -20.35 -34.08
C ILE A 285 -12.96 -20.36 -35.58
N THR A 286 -12.59 -19.21 -36.14
CA THR A 286 -12.28 -19.10 -37.56
C THR A 286 -10.82 -18.74 -37.82
N ASP A 287 -10.07 -18.32 -36.82
CA ASP A 287 -8.66 -18.00 -36.98
C ASP A 287 -7.99 -18.10 -35.61
N ALA A 288 -6.67 -18.25 -35.63
CA ALA A 288 -5.89 -18.33 -34.41
C ALA A 288 -4.48 -17.85 -34.69
N VAL A 289 -3.81 -17.41 -33.63
CA VAL A 289 -2.44 -16.92 -33.70
C VAL A 289 -1.64 -17.54 -32.57
N ASP A 290 -0.50 -18.17 -32.90
CA ASP A 290 0.40 -18.76 -31.92
C ASP A 290 1.57 -17.80 -31.71
N CYS A 291 1.82 -17.42 -30.46
CA CYS A 291 2.87 -16.44 -30.16
C CYS A 291 4.21 -17.13 -29.94
N ALA A 292 4.58 -18.01 -30.87
CA ALA A 292 5.90 -18.63 -30.84
C ALA A 292 6.47 -18.91 -32.22
N LEU A 293 5.78 -18.54 -33.30
CA LEU A 293 6.24 -18.88 -34.64
C LEU A 293 7.13 -17.78 -35.21
N ASP A 294 6.60 -16.59 -35.36
CA ASP A 294 7.32 -15.45 -35.92
C ASP A 294 7.08 -14.23 -35.04
N PRO A 295 7.97 -13.24 -35.09
CA PRO A 295 7.76 -12.03 -34.28
C PRO A 295 6.46 -11.31 -34.61
N LEU A 296 5.95 -11.47 -35.83
CA LEU A 296 4.69 -10.82 -36.20
C LEU A 296 3.54 -11.33 -35.34
N SER A 297 3.50 -12.64 -35.08
CA SER A 297 2.44 -13.19 -34.24
C SER A 297 2.55 -12.67 -32.81
N GLU A 298 3.77 -12.58 -32.28
CA GLU A 298 3.96 -12.03 -30.94
C GLU A 298 3.50 -10.58 -30.87
N THR A 299 3.83 -9.78 -31.88
CA THR A 299 3.38 -8.41 -31.93
C THR A 299 1.85 -8.33 -32.02
N LYS A 300 1.25 -9.22 -32.80
CA LYS A 300 -0.20 -9.24 -32.93
C LYS A 300 -0.89 -9.55 -31.61
N CYS A 301 -0.38 -10.55 -30.89
CA CYS A 301 -1.03 -10.97 -29.66
C CYS A 301 -0.62 -10.14 -28.44
N THR A 302 0.42 -9.32 -28.55
CA THR A 302 0.68 -8.34 -27.50
C THR A 302 -0.30 -7.16 -27.58
N LEU A 303 -0.77 -6.83 -28.78
CA LEU A 303 -1.75 -5.78 -28.98
C LEU A 303 -3.17 -6.31 -29.00
N LYS A 304 -3.37 -7.62 -28.85
CA LYS A 304 -4.69 -8.24 -28.85
C LYS A 304 -5.46 -7.92 -30.13
N SER A 305 -4.75 -7.93 -31.27
CA SER A 305 -5.37 -7.67 -32.56
C SER A 305 -4.59 -8.39 -33.65
N PHE A 306 -5.32 -8.93 -34.62
CA PHE A 306 -4.71 -9.60 -35.75
C PHE A 306 -4.12 -8.65 -36.78
N THR A 307 -4.46 -7.37 -36.71
CA THR A 307 -3.89 -6.37 -37.60
C THR A 307 -3.10 -5.36 -36.77
N VAL A 308 -1.97 -4.92 -37.32
CA VAL A 308 -1.10 -3.96 -36.65
C VAL A 308 -0.83 -2.81 -37.60
N GLU A 309 -0.43 -1.69 -37.03
CA GLU A 309 -0.09 -0.50 -37.80
C GLU A 309 1.42 -0.32 -37.87
N LYS A 310 1.84 0.59 -38.75
CA LYS A 310 3.27 0.86 -38.91
C LYS A 310 3.84 1.47 -37.64
N GLY A 311 4.97 0.95 -37.20
CA GLY A 311 5.60 1.44 -35.99
C GLY A 311 6.45 0.36 -35.35
N ILE A 312 6.88 0.67 -34.12
CA ILE A 312 7.74 -0.22 -33.33
C ILE A 312 7.00 -0.58 -32.05
N TYR A 313 6.99 -1.87 -31.72
CA TYR A 313 6.31 -2.37 -30.54
C TYR A 313 7.27 -3.24 -29.75
N GLN A 314 7.23 -3.10 -28.42
CA GLN A 314 8.09 -3.88 -27.53
C GLN A 314 7.31 -5.11 -27.07
N THR A 315 7.84 -6.29 -27.34
CA THR A 315 7.15 -7.53 -27.04
C THR A 315 7.59 -8.12 -25.70
N SER A 316 8.88 -8.42 -25.55
CA SER A 316 9.39 -9.07 -24.36
C SER A 316 10.82 -8.62 -24.09
N ASN A 317 11.50 -9.36 -23.23
CA ASN A 317 12.86 -9.07 -22.82
C ASN A 317 13.75 -10.29 -22.99
N PHE A 318 15.05 -10.07 -22.92
CA PHE A 318 16.04 -11.12 -23.10
C PHE A 318 17.11 -11.02 -22.02
N ARG A 319 17.74 -12.15 -21.72
CA ARG A 319 18.79 -12.21 -20.71
C ARG A 319 19.70 -13.39 -21.02
N VAL A 320 20.90 -13.36 -20.44
CA VAL A 320 21.90 -14.40 -20.71
C VAL A 320 22.02 -15.31 -19.51
N GLN A 321 21.92 -16.62 -19.74
CA GLN A 321 21.99 -17.60 -18.67
C GLN A 321 23.43 -17.83 -18.22
N PRO A 322 23.65 -17.99 -16.91
CA PRO A 322 24.99 -18.39 -16.43
C PRO A 322 25.38 -19.76 -16.97
N THR A 323 26.66 -19.92 -17.27
CA THR A 323 27.11 -21.18 -17.87
C THR A 323 26.93 -22.34 -16.90
N GLU A 324 27.76 -22.42 -15.85
CA GLU A 324 27.44 -23.33 -14.76
C GLU A 324 27.43 -22.64 -13.39
N SER A 325 28.56 -22.06 -13.00
CA SER A 325 28.77 -21.40 -11.72
C SER A 325 30.23 -20.94 -11.65
N ILE A 326 30.54 -20.12 -10.65
CA ILE A 326 31.92 -19.78 -10.31
C ILE A 326 32.07 -19.81 -8.80
N VAL A 327 33.08 -20.54 -8.32
CA VAL A 327 33.43 -20.58 -6.91
C VAL A 327 34.94 -20.37 -6.79
N ARG A 328 35.35 -19.42 -5.96
CA ARG A 328 36.75 -19.07 -5.79
C ARG A 328 37.10 -18.98 -4.31
N PHE A 329 38.34 -19.32 -3.99
CA PHE A 329 38.85 -19.30 -2.63
C PHE A 329 40.36 -19.16 -2.68
N PRO A 330 40.98 -18.65 -1.59
CA PRO A 330 42.44 -18.47 -1.61
C PRO A 330 43.22 -19.78 -1.63
N ASN A 331 44.55 -19.69 -1.53
CA ASN A 331 45.40 -20.88 -1.52
C ASN A 331 44.85 -21.98 -0.61
N ILE A 332 44.85 -21.71 0.69
CA ILE A 332 44.38 -22.66 1.69
C ILE A 332 44.28 -21.94 3.03
N THR A 333 43.43 -22.44 3.91
CA THR A 333 43.44 -22.03 5.31
C THR A 333 44.29 -23.04 6.06
N ASN A 334 44.78 -22.65 7.23
CA ASN A 334 45.73 -23.46 8.00
C ASN A 334 45.09 -24.81 8.31
N LEU A 335 45.85 -25.89 8.10
CA LEU A 335 45.32 -27.22 8.34
C LEU A 335 45.46 -27.60 9.80
N CYS A 336 44.49 -28.35 10.30
CA CYS A 336 44.53 -28.82 11.68
C CYS A 336 45.66 -29.85 11.84
N PRO A 337 46.29 -29.92 13.01
CA PRO A 337 47.38 -30.89 13.20
C PRO A 337 46.85 -32.31 13.44
N PHE A 338 45.92 -32.75 12.61
CA PHE A 338 45.42 -34.12 12.72
C PHE A 338 46.47 -35.13 12.29
N GLY A 339 47.32 -34.77 11.31
CA GLY A 339 48.37 -35.66 10.88
C GLY A 339 49.40 -35.92 11.97
N GLU A 340 49.70 -34.91 12.79
CA GLU A 340 50.64 -35.10 13.88
C GLU A 340 50.15 -36.15 14.88
N VAL A 341 48.86 -36.10 15.21
CA VAL A 341 48.30 -37.10 16.13
C VAL A 341 48.23 -38.46 15.45
N PHE A 342 47.77 -38.50 14.20
CA PHE A 342 47.67 -39.77 13.49
C PHE A 342 49.05 -40.36 13.21
N ASN A 343 49.96 -39.55 12.66
CA ASN A 343 51.32 -39.99 12.37
C ASN A 343 52.24 -39.56 13.50
N ALA A 344 52.09 -40.22 14.64
CA ALA A 344 52.87 -39.94 15.84
C ALA A 344 53.78 -41.12 16.16
N THR A 345 55.06 -40.82 16.35
CA THR A 345 56.02 -41.87 16.70
C THR A 345 55.73 -42.48 18.06
N ARG A 346 55.34 -41.65 19.04
CA ARG A 346 55.04 -42.10 20.39
C ARG A 346 53.55 -41.94 20.66
N PHE A 347 52.95 -42.96 21.25
CA PHE A 347 51.53 -42.96 21.58
C PHE A 347 51.37 -43.19 23.07
N ALA A 348 50.55 -42.36 23.70
CA ALA A 348 50.30 -42.48 25.13
C ALA A 348 49.43 -43.70 25.43
N SER A 349 49.48 -44.16 26.68
CA SER A 349 48.70 -45.30 27.10
C SER A 349 47.22 -44.94 27.17
N VAL A 350 46.38 -45.97 27.24
CA VAL A 350 44.93 -45.76 27.25
C VAL A 350 44.50 -45.07 28.54
N TYR A 351 45.12 -45.41 29.67
CA TYR A 351 44.77 -44.76 30.92
C TYR A 351 45.31 -43.34 30.98
N ALA A 352 46.38 -43.05 30.24
CA ALA A 352 46.98 -41.72 30.22
C ALA A 352 46.89 -41.11 28.83
N TRP A 353 45.72 -41.22 28.21
CA TRP A 353 45.53 -40.72 26.86
C TRP A 353 45.82 -39.22 26.78
N ASN A 354 46.58 -38.81 25.78
CA ASN A 354 46.93 -37.42 25.60
C ASN A 354 45.78 -36.66 24.96
N ARG A 355 45.56 -35.43 25.42
CA ARG A 355 44.52 -34.55 24.90
C ARG A 355 45.16 -33.35 24.24
N LYS A 356 44.75 -33.07 23.00
CA LYS A 356 45.28 -31.96 22.23
C LYS A 356 44.14 -31.06 21.80
N ARG A 357 44.34 -29.75 21.92
CA ARG A 357 43.35 -28.76 21.54
C ARG A 357 43.47 -28.45 20.05
N ILE A 358 42.37 -28.58 19.32
CA ILE A 358 42.33 -28.34 17.89
C ILE A 358 41.42 -27.15 17.63
N SER A 359 41.98 -26.06 17.12
CA SER A 359 41.22 -24.85 16.85
C SER A 359 41.97 -24.01 15.84
N ASN A 360 41.25 -23.03 15.28
CA ASN A 360 41.81 -22.07 14.32
C ASN A 360 42.45 -22.77 13.12
N CYS A 361 41.74 -23.76 12.59
CA CYS A 361 42.23 -24.50 11.43
C CYS A 361 41.04 -25.13 10.72
N VAL A 362 41.35 -26.07 9.81
CA VAL A 362 40.33 -26.75 9.01
C VAL A 362 40.49 -28.25 9.21
N ALA A 363 39.36 -28.93 9.41
CA ALA A 363 39.34 -30.39 9.58
C ALA A 363 39.42 -31.06 8.20
N ASP A 364 40.63 -31.10 7.67
CA ASP A 364 40.89 -31.69 6.35
C ASP A 364 41.04 -33.19 6.51
N TYR A 365 39.92 -33.84 6.83
CA TYR A 365 39.88 -35.29 6.99
C TYR A 365 39.45 -36.02 5.73
N SER A 366 39.12 -35.31 4.66
CA SER A 366 38.72 -35.97 3.42
C SER A 366 39.89 -36.67 2.73
N VAL A 367 41.12 -36.21 2.95
CA VAL A 367 42.28 -36.86 2.34
C VAL A 367 42.48 -38.26 2.90
N LEU A 368 42.17 -38.48 4.18
CA LEU A 368 42.33 -39.78 4.81
C LEU A 368 41.06 -40.61 4.81
N TYR A 369 39.89 -39.98 4.62
CA TYR A 369 38.64 -40.73 4.62
C TYR A 369 38.57 -41.70 3.45
N ASN A 370 38.96 -41.25 2.26
CA ASN A 370 38.91 -42.10 1.07
C ASN A 370 40.12 -43.01 0.93
N SER A 371 41.15 -42.82 1.76
CA SER A 371 42.33 -43.68 1.68
C SER A 371 42.03 -45.10 2.13
N ALA A 372 41.04 -45.28 3.00
CA ALA A 372 40.64 -46.59 3.52
C ALA A 372 41.81 -47.32 4.19
N SER A 373 42.67 -46.57 4.88
CA SER A 373 43.81 -47.13 5.58
C SER A 373 43.51 -47.40 7.05
N PHE A 374 42.28 -47.17 7.50
CA PHE A 374 41.89 -47.36 8.88
C PHE A 374 40.85 -48.48 8.97
N SER A 375 41.06 -49.41 9.90
CA SER A 375 40.15 -50.54 10.05
C SER A 375 38.76 -50.11 10.48
N THR A 376 38.65 -49.17 11.41
CA THR A 376 37.34 -48.74 11.91
C THR A 376 37.19 -47.24 11.69
N PHE A 377 36.08 -46.85 11.08
CA PHE A 377 35.75 -45.45 10.85
C PHE A 377 34.28 -45.19 11.15
N LYS A 378 33.78 -45.77 12.24
CA LYS A 378 32.38 -45.66 12.60
C LYS A 378 32.11 -44.28 13.20
N CYS A 379 31.02 -43.65 12.77
CA CYS A 379 30.60 -42.35 13.28
C CYS A 379 29.28 -42.49 14.04
N TYR A 380 29.21 -41.82 15.18
CA TYR A 380 28.04 -41.90 16.06
C TYR A 380 27.32 -40.55 16.06
N GLY A 381 26.03 -40.59 15.72
CA GLY A 381 25.18 -39.42 15.78
C GLY A 381 25.28 -38.47 14.61
N VAL A 382 26.13 -38.75 13.63
CA VAL A 382 26.29 -37.88 12.47
C VAL A 382 26.96 -38.68 11.36
N SER A 383 26.61 -38.36 10.12
CA SER A 383 27.25 -39.00 8.98
C SER A 383 28.71 -38.55 8.87
N PRO A 384 29.61 -39.44 8.45
CA PRO A 384 31.03 -39.03 8.32
C PRO A 384 31.24 -37.89 7.34
N THR A 385 30.47 -37.83 6.27
CA THR A 385 30.64 -36.77 5.27
C THR A 385 29.75 -35.56 5.51
N LYS A 386 28.69 -35.70 6.31
CA LYS A 386 27.80 -34.57 6.55
C LYS A 386 28.50 -33.45 7.31
N LEU A 387 29.35 -33.80 8.28
CA LEU A 387 30.04 -32.80 9.08
C LEU A 387 31.13 -32.06 8.32
N ASN A 388 31.48 -32.51 7.12
CA ASN A 388 32.51 -31.84 6.33
C ASN A 388 32.09 -30.42 5.96
N ASP A 389 30.83 -30.24 5.57
CA ASP A 389 30.32 -28.93 5.17
C ASP A 389 29.69 -28.20 6.36
N LEU A 390 30.45 -28.07 7.45
CA LEU A 390 29.97 -27.40 8.65
C LEU A 390 31.18 -26.96 9.46
N CYS A 391 31.05 -25.84 10.16
CA CYS A 391 32.14 -25.29 10.95
C CYS A 391 31.90 -25.56 12.43
N PHE A 392 32.90 -26.16 13.09
CA PHE A 392 32.81 -26.52 14.50
C PHE A 392 33.70 -25.61 15.32
N THR A 393 33.16 -25.13 16.44
CA THR A 393 33.90 -24.18 17.28
C THR A 393 35.04 -24.86 18.04
N ASN A 394 34.78 -26.02 18.63
CA ASN A 394 35.77 -26.69 19.48
C ASN A 394 35.95 -28.13 19.01
N VAL A 395 37.21 -28.52 18.84
CA VAL A 395 37.59 -29.89 18.45
C VAL A 395 38.72 -30.34 19.34
N TYR A 396 38.63 -31.56 19.86
CA TYR A 396 39.67 -32.15 20.69
C TYR A 396 40.09 -33.49 20.10
N ALA A 397 41.38 -33.80 20.21
CA ALA A 397 41.96 -35.03 19.69
C ALA A 397 42.52 -35.85 20.84
N ASP A 398 42.10 -37.11 20.93
CA ASP A 398 42.58 -38.04 21.94
C ASP A 398 43.15 -39.27 21.24
N SER A 399 44.37 -39.65 21.61
CA SER A 399 45.06 -40.78 21.00
C SER A 399 45.50 -41.77 22.07
N PHE A 400 45.31 -43.05 21.80
CA PHE A 400 45.73 -44.11 22.71
C PHE A 400 45.86 -45.40 21.91
N VAL A 401 46.55 -46.37 22.51
CA VAL A 401 46.79 -47.67 21.90
C VAL A 401 46.10 -48.73 22.75
N ILE A 402 45.24 -49.53 22.13
CA ILE A 402 44.52 -50.60 22.80
C ILE A 402 44.59 -51.86 21.94
N ARG A 403 44.10 -52.96 22.50
CA ARG A 403 44.07 -54.22 21.78
C ARG A 403 43.05 -54.18 20.65
N GLY A 404 43.21 -55.11 19.70
CA GLY A 404 42.28 -55.16 18.58
C GLY A 404 40.86 -55.48 19.00
N ASP A 405 40.70 -56.41 19.95
CA ASP A 405 39.38 -56.78 20.42
C ASP A 405 38.77 -55.74 21.34
N GLU A 406 39.56 -54.78 21.82
CA GLU A 406 39.10 -53.76 22.74
C GLU A 406 38.57 -52.52 22.03
N VAL A 407 38.57 -52.49 20.69
CA VAL A 407 38.08 -51.32 19.97
C VAL A 407 36.57 -51.14 20.15
N ARG A 408 35.85 -52.21 20.48
CA ARG A 408 34.41 -52.09 20.69
C ARG A 408 34.09 -51.35 21.99
N GLN A 409 35.00 -51.40 22.96
CA GLN A 409 34.76 -50.75 24.24
C GLN A 409 34.73 -49.22 24.11
N ILE A 410 35.30 -48.67 23.04
CA ILE A 410 35.29 -47.21 22.83
C ILE A 410 33.98 -46.91 22.09
N ALA A 411 32.91 -46.77 22.86
CA ALA A 411 31.59 -46.49 22.33
C ALA A 411 30.86 -45.59 23.31
N PRO A 412 29.91 -44.78 22.84
CA PRO A 412 29.14 -43.92 23.75
C PRO A 412 28.28 -44.76 24.69
N GLY A 413 28.52 -44.61 25.98
CA GLY A 413 27.78 -45.36 26.98
C GLY A 413 28.21 -46.80 27.16
N GLN A 414 29.31 -47.21 26.54
CA GLN A 414 29.78 -48.58 26.66
C GLN A 414 30.27 -48.85 28.08
N THR A 415 30.05 -50.08 28.53
CA THR A 415 30.46 -50.53 29.86
C THR A 415 31.38 -51.74 29.74
N GLY A 416 32.45 -51.74 30.52
CA GLY A 416 33.39 -52.83 30.49
C GLY A 416 34.58 -52.54 31.39
N LYS A 417 35.53 -53.47 31.36
CA LYS A 417 36.75 -53.32 32.16
C LYS A 417 37.62 -52.16 31.68
N ILE A 418 37.55 -51.81 30.41
CA ILE A 418 38.33 -50.71 29.86
C ILE A 418 37.50 -49.43 29.75
N ALA A 419 36.23 -49.55 29.33
CA ALA A 419 35.39 -48.38 29.16
C ALA A 419 35.13 -47.68 30.49
N ASP A 420 34.90 -48.43 31.55
CA ASP A 420 34.57 -47.86 32.85
C ASP A 420 35.81 -47.54 33.69
N TYR A 421 37.01 -47.89 33.22
CA TYR A 421 38.23 -47.66 33.99
C TYR A 421 39.33 -46.94 33.25
N ASN A 422 39.32 -46.94 31.91
CA ASN A 422 40.38 -46.29 31.14
C ASN A 422 39.86 -45.15 30.28
N TYR A 423 38.82 -45.38 29.47
CA TYR A 423 38.30 -44.36 28.57
C TYR A 423 36.79 -44.47 28.56
N LYS A 424 36.11 -43.46 29.11
CA LYS A 424 34.66 -43.44 29.21
C LYS A 424 34.11 -42.40 28.24
N LEU A 425 33.08 -42.80 27.48
CA LEU A 425 32.46 -41.91 26.52
C LEU A 425 31.04 -41.57 26.97
N PRO A 426 30.63 -40.30 26.90
CA PRO A 426 29.29 -39.93 27.35
C PRO A 426 28.23 -40.35 26.33
N ASP A 427 26.97 -40.16 26.74
CA ASP A 427 25.86 -40.41 25.83
C ASP A 427 25.90 -39.46 24.65
N ASP A 428 26.40 -38.24 24.85
CA ASP A 428 26.52 -37.24 23.78
C ASP A 428 27.88 -37.40 23.13
N PHE A 429 27.97 -38.25 22.12
CA PHE A 429 29.20 -38.48 21.37
C PHE A 429 28.93 -38.15 19.90
N THR A 430 29.25 -36.91 19.52
CA THR A 430 29.05 -36.47 18.14
C THR A 430 30.24 -36.79 17.24
N GLY A 431 31.32 -37.32 17.78
CA GLY A 431 32.51 -37.64 17.02
C GLY A 431 32.48 -39.04 16.46
N CYS A 432 33.64 -39.45 15.95
CA CYS A 432 33.81 -40.77 15.35
C CYS A 432 35.04 -41.44 15.94
N VAL A 433 35.03 -42.77 15.98
CA VAL A 433 36.14 -43.55 16.49
C VAL A 433 36.93 -44.09 15.31
N ILE A 434 38.22 -43.78 15.27
CA ILE A 434 39.11 -44.19 14.18
C ILE A 434 40.20 -45.08 14.76
N ALA A 435 40.38 -46.25 14.16
CA ALA A 435 41.40 -47.20 14.60
C ALA A 435 42.03 -47.87 13.40
N TRP A 436 43.29 -48.31 13.57
CA TRP A 436 44.02 -48.99 12.52
C TRP A 436 45.10 -49.83 13.15
N ASN A 437 45.62 -50.77 12.37
CA ASN A 437 46.66 -51.68 12.86
C ASN A 437 47.94 -50.92 13.16
N SER A 438 48.64 -51.35 14.20
CA SER A 438 49.90 -50.74 14.63
C SER A 438 50.94 -51.79 14.98
N ASN A 439 50.84 -52.98 14.37
CA ASN A 439 51.78 -54.05 14.67
C ASN A 439 53.18 -53.71 14.18
N ASN A 440 53.28 -53.01 13.04
CA ASN A 440 54.57 -52.69 12.46
C ASN A 440 55.37 -51.71 13.31
N LEU A 441 54.72 -50.99 14.22
CA LEU A 441 55.40 -50.00 15.04
C LEU A 441 55.34 -50.29 16.53
N ASP A 442 54.28 -50.94 17.01
CA ASP A 442 54.14 -51.24 18.44
C ASP A 442 54.50 -52.68 18.76
N SER A 443 55.45 -53.26 18.05
CA SER A 443 55.89 -54.62 18.29
C SER A 443 57.34 -54.78 17.84
N LYS A 444 58.05 -55.67 18.52
CA LYS A 444 59.45 -55.93 18.21
C LYS A 444 59.80 -57.33 18.71
N VAL A 445 61.05 -57.72 18.47
CA VAL A 445 61.52 -59.02 18.94
C VAL A 445 61.60 -59.01 20.46
N GLY A 446 60.99 -60.02 21.08
CA GLY A 446 60.92 -60.12 22.52
C GLY A 446 59.71 -59.47 23.14
N GLY A 447 58.89 -58.77 22.37
CA GLY A 447 57.70 -58.14 22.89
C GLY A 447 57.96 -56.77 23.47
N ASN A 448 56.87 -56.10 23.83
CA ASN A 448 56.92 -54.77 24.43
C ASN A 448 56.19 -54.77 25.76
N TYR A 449 56.68 -53.94 26.70
CA TYR A 449 56.08 -53.83 28.02
C TYR A 449 56.02 -52.38 28.48
N ASN A 450 55.85 -51.44 27.55
CA ASN A 450 55.81 -50.02 27.88
C ASN A 450 54.40 -49.49 28.05
N TYR A 451 53.39 -50.34 27.98
CA TYR A 451 52.00 -49.91 28.10
C TYR A 451 51.42 -50.33 29.45
N LEU A 452 50.52 -49.49 29.96
CA LEU A 452 49.85 -49.73 31.23
C LEU A 452 48.38 -49.40 31.09
N TYR A 453 47.57 -50.01 31.96
CA TYR A 453 46.13 -49.78 31.95
C TYR A 453 45.61 -49.89 33.37
N ARG A 454 44.42 -49.31 33.59
CA ARG A 454 43.78 -49.28 34.90
C ARG A 454 42.60 -50.25 34.90
N LEU A 455 42.50 -51.05 35.96
CA LEU A 455 41.45 -52.05 36.09
C LEU A 455 40.61 -51.90 37.35
N PHE A 456 41.20 -51.48 38.46
CA PHE A 456 40.50 -51.37 39.74
C PHE A 456 40.42 -49.91 40.15
N ARG A 457 39.23 -49.49 40.57
CA ARG A 457 39.02 -48.12 41.02
C ARG A 457 37.89 -48.12 42.04
N LYS A 458 37.85 -47.05 42.84
CA LYS A 458 36.81 -46.90 43.85
C LYS A 458 35.42 -46.77 43.26
N SER A 459 35.28 -46.03 42.16
CA SER A 459 33.98 -45.84 41.53
C SER A 459 34.16 -45.73 40.03
N ASN A 460 33.06 -45.89 39.30
CA ASN A 460 33.09 -45.80 37.85
C ASN A 460 33.49 -44.40 37.40
N LEU A 461 34.31 -44.34 36.36
CA LEU A 461 34.81 -43.06 35.86
C LEU A 461 33.68 -42.24 35.25
N LYS A 462 33.71 -40.93 35.50
CA LYS A 462 32.78 -40.02 34.88
C LYS A 462 33.12 -39.88 33.39
N PRO A 463 32.14 -39.50 32.57
CA PRO A 463 32.41 -39.32 31.13
C PRO A 463 33.54 -38.34 30.86
N PHE A 464 34.52 -38.77 30.07
CA PHE A 464 35.71 -37.99 29.74
C PHE A 464 36.44 -37.49 30.98
N GLU A 465 36.57 -38.32 32.01
CA GLU A 465 37.28 -37.97 33.23
C GLU A 465 38.53 -38.81 33.35
N ARG A 466 39.67 -38.15 33.57
CA ARG A 466 40.96 -38.82 33.68
C ARG A 466 41.59 -38.48 35.02
N ASP A 467 42.06 -39.51 35.73
CA ASP A 467 42.72 -39.31 37.01
C ASP A 467 43.82 -40.35 37.15
N ILE A 468 44.99 -39.90 37.59
CA ILE A 468 46.16 -40.76 37.77
C ILE A 468 46.59 -40.67 39.23
N SER A 469 46.68 -41.82 39.89
CA SER A 469 47.09 -41.87 41.30
C SER A 469 47.76 -43.21 41.56
N THR A 470 48.60 -43.23 42.60
CA THR A 470 49.32 -44.42 43.00
C THR A 470 48.68 -45.11 44.19
N GLU A 471 47.52 -44.65 44.63
CA GLU A 471 46.85 -45.27 45.77
C GLU A 471 46.38 -46.67 45.41
N ILE A 472 46.58 -47.61 46.33
CA ILE A 472 46.19 -49.00 46.10
C ILE A 472 44.71 -49.18 46.44
N TYR A 473 43.96 -49.74 45.51
CA TYR A 473 42.54 -49.98 45.75
C TYR A 473 42.36 -51.05 46.81
N GLN A 474 41.50 -50.77 47.79
CA GLN A 474 41.25 -51.67 48.90
C GLN A 474 39.75 -51.96 48.98
N ALA A 475 39.42 -53.24 49.10
CA ALA A 475 38.03 -53.65 49.23
C ALA A 475 37.48 -53.22 50.59
N GLY A 476 36.18 -52.88 50.60
CA GLY A 476 35.55 -52.48 51.84
C GLY A 476 35.44 -53.60 52.85
N SER A 477 35.18 -54.82 52.37
CA SER A 477 35.05 -55.96 53.27
C SER A 477 36.36 -56.28 53.98
N THR A 478 37.48 -56.20 53.28
CA THR A 478 38.81 -56.51 53.84
C THR A 478 39.73 -55.34 53.55
N PRO A 479 39.66 -54.28 54.35
CA PRO A 479 40.56 -53.13 54.14
C PRO A 479 42.01 -53.51 54.43
N CYS A 480 42.92 -52.83 53.72
CA CYS A 480 44.34 -53.05 53.88
C CYS A 480 45.06 -51.97 54.66
N ASN A 481 44.50 -50.76 54.72
CA ASN A 481 45.08 -49.63 55.45
C ASN A 481 46.49 -49.28 54.94
N GLY A 482 46.69 -49.30 53.64
CA GLY A 482 47.92 -48.80 53.05
C GLY A 482 48.98 -49.84 52.71
N VAL A 483 48.62 -51.12 52.76
CA VAL A 483 49.53 -52.20 52.39
C VAL A 483 48.92 -53.00 51.26
N GLU A 484 49.74 -53.87 50.67
CA GLU A 484 49.31 -54.74 49.58
C GLU A 484 48.97 -56.11 50.16
N GLY A 485 47.82 -56.17 50.82
CA GLY A 485 47.34 -57.38 51.45
C GLY A 485 46.28 -58.09 50.64
N PHE A 486 45.45 -58.87 51.32
CA PHE A 486 44.38 -59.60 50.66
C PHE A 486 43.31 -58.65 50.16
N ASN A 487 42.72 -58.99 49.00
CA ASN A 487 41.67 -58.20 48.37
C ASN A 487 42.12 -56.77 48.05
N CYS A 488 43.41 -56.58 47.79
CA CYS A 488 43.96 -55.27 47.45
C CYS A 488 44.91 -55.43 46.28
N TYR A 489 44.55 -54.82 45.15
CA TYR A 489 45.35 -54.90 43.93
C TYR A 489 45.67 -53.50 43.44
N PHE A 490 46.87 -53.36 42.87
CA PHE A 490 47.28 -52.07 42.33
C PHE A 490 46.42 -51.71 41.12
N PRO A 491 45.95 -50.47 41.01
CA PRO A 491 45.12 -50.10 39.84
C PRO A 491 45.84 -50.29 38.51
N LEU A 492 47.15 -50.05 38.46
CA LEU A 492 47.90 -50.18 37.22
C LEU A 492 48.44 -51.60 37.09
N GLN A 493 48.33 -52.15 35.87
CA GLN A 493 48.80 -53.48 35.56
C GLN A 493 49.61 -53.46 34.27
N SER A 494 50.51 -54.43 34.15
CA SER A 494 51.35 -54.51 32.96
C SER A 494 50.52 -54.84 31.72
N TYR A 495 50.80 -54.10 30.65
CA TYR A 495 50.13 -54.32 29.37
C TYR A 495 51.19 -54.42 28.28
N GLY A 496 51.10 -55.45 27.45
CA GLY A 496 52.09 -55.64 26.41
C GLY A 496 51.55 -56.49 25.28
N PHE A 497 52.32 -56.51 24.18
CA PHE A 497 51.98 -57.28 22.99
C PHE A 497 53.21 -57.98 22.47
N GLN A 498 53.00 -59.09 21.77
CA GLN A 498 54.08 -59.86 21.17
C GLN A 498 53.73 -60.16 19.72
N PRO A 499 54.75 -60.38 18.87
CA PRO A 499 54.47 -60.67 17.45
C PRO A 499 53.67 -61.94 17.24
N THR A 500 53.68 -62.87 18.19
CA THR A 500 52.94 -64.11 18.05
C THR A 500 51.45 -63.95 18.34
N ASN A 501 51.02 -62.77 18.77
CA ASN A 501 49.60 -62.55 19.05
C ASN A 501 48.77 -62.62 17.78
N GLY A 502 47.50 -62.96 17.94
CA GLY A 502 46.59 -63.05 16.82
C GLY A 502 46.16 -61.68 16.33
N VAL A 503 45.28 -61.69 15.33
CA VAL A 503 44.80 -60.45 14.73
C VAL A 503 44.05 -59.62 15.76
N GLY A 504 43.19 -60.26 16.55
CA GLY A 504 42.43 -59.53 17.56
C GLY A 504 43.23 -59.13 18.77
N TYR A 505 44.46 -59.64 18.91
CA TYR A 505 45.32 -59.31 20.04
C TYR A 505 46.42 -58.33 19.69
N GLN A 506 46.60 -58.01 18.42
CA GLN A 506 47.63 -57.05 18.03
C GLN A 506 47.25 -55.65 18.50
N PRO A 507 48.24 -54.83 18.85
CA PRO A 507 47.94 -53.45 19.26
C PRO A 507 47.35 -52.64 18.11
N TYR A 508 46.45 -51.74 18.45
CA TYR A 508 45.77 -50.90 17.48
C TYR A 508 45.86 -49.44 17.92
N ARG A 509 46.29 -48.58 17.01
CA ARG A 509 46.34 -47.14 17.29
C ARG A 509 44.95 -46.54 17.09
N VAL A 510 44.40 -45.95 18.14
CA VAL A 510 43.05 -45.39 18.12
C VAL A 510 43.13 -43.90 18.39
N VAL A 511 42.53 -43.11 17.51
CA VAL A 511 42.44 -41.66 17.66
C VAL A 511 40.98 -41.28 17.65
N VAL A 512 40.55 -40.55 18.68
CA VAL A 512 39.16 -40.15 18.85
C VAL A 512 39.06 -38.66 18.51
N LEU A 513 38.28 -38.35 17.48
CA LEU A 513 38.05 -36.97 17.05
C LEU A 513 36.57 -36.66 17.26
N SER A 514 36.30 -35.58 17.99
CA SER A 514 34.94 -35.16 18.29
C SER A 514 34.72 -33.72 17.83
N PHE A 515 33.54 -33.47 17.29
CA PHE A 515 33.17 -32.16 16.78
C PHE A 515 31.88 -31.71 17.45
N GLU A 516 31.91 -30.52 18.06
CA GLU A 516 30.76 -29.98 18.76
C GLU A 516 30.66 -28.49 18.46
N LEU A 517 29.48 -27.93 18.71
CA LEU A 517 29.14 -26.57 18.31
C LEU A 517 28.99 -25.65 19.52
N LEU A 518 29.49 -24.42 19.38
CA LEU A 518 29.33 -23.38 20.37
C LEU A 518 28.81 -22.12 19.71
N HIS A 519 28.15 -21.27 20.50
CA HIS A 519 27.68 -19.99 19.98
C HIS A 519 28.81 -19.03 19.68
N ALA A 520 30.02 -19.28 20.20
CA ALA A 520 31.17 -18.47 19.88
C ALA A 520 31.55 -18.66 18.41
N PRO A 521 32.27 -17.70 17.82
CA PRO A 521 32.69 -17.85 16.42
C PRO A 521 33.47 -19.13 16.20
N ALA A 522 33.19 -19.78 15.08
CA ALA A 522 33.78 -21.09 14.80
C ALA A 522 35.28 -20.99 14.56
N THR A 523 35.99 -22.02 14.98
CA THR A 523 37.44 -22.11 14.81
C THR A 523 37.87 -23.23 13.88
N VAL A 524 37.08 -24.31 13.81
CA VAL A 524 37.42 -25.44 12.90
C VAL A 524 36.33 -25.56 11.84
N CYS A 525 36.70 -25.87 10.60
CA CYS A 525 35.71 -26.02 9.50
C CYS A 525 36.08 -27.22 8.62
N GLY A 526 35.50 -27.31 7.41
CA GLY A 526 35.79 -28.44 6.51
C GLY A 526 36.59 -27.99 5.30
N PRO A 527 37.35 -28.91 4.63
CA PRO A 527 38.11 -28.56 3.44
C PRO A 527 37.32 -27.65 2.49
N LYS A 528 37.95 -26.60 1.98
CA LYS A 528 37.27 -25.65 1.05
C LYS A 528 37.50 -26.12 -0.39
N LYS A 529 36.50 -25.96 -1.26
CA LYS A 529 36.64 -26.36 -2.69
C LYS A 529 36.79 -25.10 -3.55
N SER A 530 37.57 -25.18 -4.63
CA SER A 530 37.79 -24.02 -5.49
C SER A 530 37.69 -24.44 -6.94
N THR A 531 36.83 -23.75 -7.70
CA THR A 531 36.65 -24.06 -9.11
C THR A 531 37.54 -23.15 -9.96
N ASN A 532 37.55 -23.43 -11.27
CA ASN A 532 38.34 -22.63 -12.19
C ASN A 532 37.70 -21.26 -12.40
N LEU A 533 38.52 -20.30 -12.82
CA LEU A 533 38.08 -18.93 -13.04
C LEU A 533 37.97 -18.67 -14.54
N VAL A 534 36.84 -18.14 -14.97
CA VAL A 534 36.59 -17.82 -16.36
C VAL A 534 36.40 -16.31 -16.48
N LYS A 535 36.57 -15.78 -17.68
CA LYS A 535 36.45 -14.36 -17.95
C LYS A 535 35.63 -14.11 -19.20
N ASN A 536 35.03 -12.92 -19.27
CA ASN A 536 34.24 -12.49 -20.42
C ASN A 536 33.06 -13.42 -20.69
N LYS A 537 32.50 -14.01 -19.64
CA LYS A 537 31.35 -14.90 -19.77
C LYS A 537 30.38 -14.62 -18.64
N CYS A 538 29.09 -14.50 -18.98
CA CYS A 538 28.06 -14.29 -17.97
C CYS A 538 27.82 -15.59 -17.21
N VAL A 539 28.04 -15.56 -15.89
CA VAL A 539 28.00 -16.76 -15.07
C VAL A 539 27.84 -16.34 -13.61
N ASN A 540 27.13 -17.15 -12.84
CA ASN A 540 27.00 -16.92 -11.41
C ASN A 540 28.37 -17.05 -10.73
N PHE A 541 28.58 -16.24 -9.71
CA PHE A 541 29.85 -16.24 -8.98
C PHE A 541 29.56 -16.29 -7.49
N ASN A 542 30.49 -16.91 -6.76
CA ASN A 542 30.41 -17.02 -5.30
C ASN A 542 31.81 -16.76 -4.76
N PHE A 543 32.07 -15.50 -4.39
CA PHE A 543 33.38 -15.07 -3.91
C PHE A 543 33.31 -14.89 -2.40
N ASN A 544 33.84 -15.87 -1.66
CA ASN A 544 33.88 -15.83 -0.20
C ASN A 544 32.49 -15.60 0.39
N GLY A 545 31.50 -16.31 -0.16
CA GLY A 545 30.14 -16.21 0.30
C GLY A 545 29.30 -15.13 -0.36
N LEU A 546 29.90 -14.32 -1.24
CA LEU A 546 29.17 -13.26 -1.94
C LEU A 546 28.59 -13.83 -3.22
N THR A 547 27.27 -14.01 -3.25
CA THR A 547 26.58 -14.55 -4.42
C THR A 547 26.15 -13.43 -5.36
N GLY A 548 26.06 -13.75 -6.63
CA GLY A 548 25.64 -12.78 -7.62
C GLY A 548 25.77 -13.34 -9.01
N THR A 549 25.24 -12.58 -9.97
CA THR A 549 25.27 -12.95 -11.37
C THR A 549 25.82 -11.79 -12.19
N GLY A 550 26.73 -12.09 -13.10
CA GLY A 550 27.33 -11.07 -13.93
C GLY A 550 28.51 -11.62 -14.71
N VAL A 551 29.25 -10.71 -15.34
CA VAL A 551 30.41 -11.04 -16.15
C VAL A 551 31.65 -10.53 -15.43
N LEU A 552 32.63 -11.41 -15.22
CA LEU A 552 33.87 -11.06 -14.54
C LEU A 552 34.94 -10.84 -15.59
N THR A 553 35.34 -9.58 -15.78
CA THR A 553 36.35 -9.21 -16.74
C THR A 553 37.53 -8.54 -16.02
N GLU A 554 38.65 -8.40 -16.73
CA GLU A 554 39.83 -7.75 -16.19
C GLU A 554 39.57 -6.27 -15.98
N SER A 555 40.28 -5.68 -15.02
CA SER A 555 40.11 -4.28 -14.66
C SER A 555 41.47 -3.62 -14.46
N ASN A 556 41.48 -2.30 -14.59
CA ASN A 556 42.69 -1.52 -14.39
C ASN A 556 42.76 -0.88 -13.01
N LYS A 557 41.64 -0.85 -12.28
CA LYS A 557 41.64 -0.25 -10.95
C LYS A 557 42.44 -1.12 -9.98
N LYS A 558 43.10 -0.45 -9.04
CA LYS A 558 43.93 -1.11 -8.04
C LYS A 558 43.30 -0.95 -6.67
N PHE A 559 43.12 -2.07 -5.97
CA PHE A 559 42.52 -2.05 -4.64
C PHE A 559 43.59 -1.82 -3.59
N LEU A 560 43.17 -1.46 -2.39
CA LEU A 560 44.10 -1.42 -1.27
C LEU A 560 44.40 -2.84 -0.79
N PRO A 561 45.54 -3.04 -0.11
CA PRO A 561 45.93 -4.39 0.30
C PRO A 561 44.90 -5.09 1.18
N PHE A 562 44.12 -4.35 1.93
CA PHE A 562 43.12 -4.92 2.83
C PHE A 562 41.71 -4.93 2.24
N GLN A 563 41.43 -4.10 1.24
CA GLN A 563 40.10 -4.04 0.67
C GLN A 563 39.78 -5.33 -0.09
N GLN A 564 38.53 -5.78 0.04
CA GLN A 564 38.08 -7.00 -0.61
C GLN A 564 37.01 -6.73 -1.67
N PHE A 565 35.93 -6.03 -1.30
CA PHE A 565 34.83 -5.78 -2.22
C PHE A 565 34.87 -4.34 -2.72
N GLY A 566 34.00 -4.03 -3.68
CA GLY A 566 33.90 -2.69 -4.21
C GLY A 566 32.48 -2.32 -4.56
N ARG A 567 32.10 -1.06 -4.30
CA ARG A 567 30.74 -0.61 -4.54
C ARG A 567 30.76 0.75 -5.23
N ASP A 568 29.71 1.01 -6.00
CA ASP A 568 29.55 2.25 -6.75
C ASP A 568 28.69 3.24 -5.95
N ILE A 569 28.25 4.31 -6.61
CA ILE A 569 27.39 5.30 -5.97
C ILE A 569 26.08 4.64 -5.53
N ALA A 570 25.58 3.70 -6.33
CA ALA A 570 24.35 2.98 -6.03
C ALA A 570 24.58 1.75 -5.18
N ASP A 571 25.64 1.75 -4.37
CA ASP A 571 26.01 0.71 -3.39
C ASP A 571 25.64 -0.69 -3.88
N THR A 572 26.14 -1.02 -5.07
CA THR A 572 26.01 -2.34 -5.66
C THR A 572 27.40 -2.87 -5.98
N THR A 573 27.62 -4.16 -5.72
CA THR A 573 28.94 -4.73 -5.94
C THR A 573 29.27 -4.76 -7.43
N ASP A 574 30.45 -4.24 -7.77
CA ASP A 574 30.88 -4.18 -9.16
C ASP A 574 32.35 -4.52 -9.35
N ALA A 575 33.06 -4.89 -8.28
CA ALA A 575 34.47 -5.22 -8.38
C ALA A 575 34.86 -6.08 -7.18
N VAL A 576 35.26 -7.32 -7.46
CA VAL A 576 35.65 -8.26 -6.41
C VAL A 576 37.01 -8.83 -6.77
N ARG A 577 37.95 -8.78 -5.82
CA ARG A 577 39.28 -9.32 -6.04
C ARG A 577 39.25 -10.84 -6.11
N ASP A 578 40.21 -11.40 -6.82
CA ASP A 578 40.35 -12.84 -6.90
C ASP A 578 40.99 -13.37 -5.62
N PRO A 579 40.35 -14.30 -4.92
CA PRO A 579 40.96 -14.84 -3.70
C PRO A 579 42.28 -15.57 -3.94
N GLN A 580 42.43 -16.20 -5.12
CA GLN A 580 43.65 -16.96 -5.39
C GLN A 580 44.85 -16.04 -5.60
N THR A 581 44.78 -15.18 -6.63
CA THR A 581 45.87 -14.29 -6.98
C THR A 581 45.39 -12.85 -6.89
N LEU A 582 46.34 -11.92 -6.76
CA LEU A 582 46.00 -10.53 -6.52
C LEU A 582 45.72 -9.76 -7.81
N GLU A 583 44.51 -9.89 -8.33
CA GLU A 583 44.02 -9.04 -9.41
C GLU A 583 42.57 -8.65 -9.13
N ILE A 584 42.12 -7.59 -9.79
CA ILE A 584 40.78 -7.05 -9.57
C ILE A 584 39.93 -7.32 -10.79
N LEU A 585 38.78 -7.95 -10.57
CA LEU A 585 37.85 -8.29 -11.64
C LEU A 585 36.55 -7.52 -11.45
N ASP A 586 36.14 -6.79 -12.50
CA ASP A 586 34.90 -6.05 -12.45
C ASP A 586 33.70 -6.99 -12.62
N ILE A 587 32.55 -6.55 -12.13
CA ILE A 587 31.30 -7.27 -12.26
C ILE A 587 30.34 -6.40 -13.08
N THR A 588 29.85 -6.95 -14.19
CA THR A 588 28.98 -6.22 -15.09
C THR A 588 27.76 -7.05 -15.43
N PRO A 589 26.63 -6.39 -15.72
CA PRO A 589 25.43 -7.14 -16.15
C PRO A 589 25.67 -7.82 -17.49
N CYS A 590 24.92 -8.89 -17.72
CA CYS A 590 25.15 -9.70 -18.93
C CYS A 590 24.54 -9.04 -20.16
N SER A 591 23.21 -8.95 -20.20
CA SER A 591 22.62 -8.28 -21.36
C SER A 591 21.56 -7.25 -21.00
N PHE A 592 20.71 -7.52 -20.01
CA PHE A 592 19.48 -6.75 -19.76
C PHE A 592 18.78 -6.51 -21.11
N GLY A 593 18.23 -5.32 -21.29
CA GLY A 593 17.65 -4.94 -22.56
C GLY A 593 16.26 -5.51 -22.77
N GLY A 594 15.65 -5.16 -23.90
CA GLY A 594 14.34 -5.66 -24.24
C GLY A 594 14.25 -5.94 -25.73
N VAL A 595 13.22 -6.68 -26.10
CA VAL A 595 12.99 -7.08 -27.49
C VAL A 595 11.91 -6.18 -28.08
N SER A 596 12.23 -5.51 -29.17
CA SER A 596 11.30 -4.65 -29.88
C SER A 596 11.19 -5.11 -31.33
N VAL A 597 9.97 -5.11 -31.86
CA VAL A 597 9.69 -5.57 -33.21
C VAL A 597 9.35 -4.35 -34.07
N ILE A 598 10.07 -4.19 -35.16
CA ILE A 598 9.83 -3.09 -36.10
C ILE A 598 9.22 -3.66 -37.37
N THR A 599 8.02 -3.20 -37.73
CA THR A 599 7.34 -3.69 -38.90
C THR A 599 6.31 -2.69 -39.38
N PRO A 600 6.02 -2.64 -40.68
CA PRO A 600 4.88 -1.84 -41.15
C PRO A 600 3.57 -2.52 -40.88
N GLY A 601 2.47 -1.97 -41.39
CA GLY A 601 1.17 -2.56 -41.16
C GLY A 601 1.04 -3.93 -41.83
N THR A 602 0.08 -4.70 -41.32
CA THR A 602 -0.15 -6.03 -41.86
C THR A 602 -0.59 -5.98 -43.32
N ASN A 603 -1.21 -4.87 -43.74
CA ASN A 603 -1.57 -4.71 -45.14
C ASN A 603 -0.35 -4.29 -45.96
N THR A 604 -0.23 -4.88 -47.14
CA THR A 604 0.79 -4.66 -48.15
C THR A 604 2.18 -5.14 -47.70
N SER A 605 2.32 -5.71 -46.51
CA SER A 605 3.61 -6.20 -46.04
C SER A 605 3.37 -7.25 -44.97
N ASN A 606 4.27 -8.23 -44.92
CA ASN A 606 4.19 -9.32 -43.95
C ASN A 606 5.45 -9.52 -43.13
N GLN A 607 6.63 -9.26 -43.67
CA GLN A 607 7.88 -9.48 -42.96
C GLN A 607 8.04 -8.46 -41.82
N VAL A 608 8.88 -8.81 -40.85
CA VAL A 608 9.11 -7.98 -39.67
C VAL A 608 10.61 -7.84 -39.44
N ALA A 609 10.96 -6.85 -38.62
CA ALA A 609 12.32 -6.64 -38.17
C ALA A 609 12.35 -6.56 -36.65
N VAL A 610 13.38 -7.15 -36.05
CA VAL A 610 13.49 -7.27 -34.60
C VAL A 610 14.67 -6.44 -34.13
N LEU A 611 14.43 -5.60 -33.13
CA LEU A 611 15.47 -4.77 -32.53
C LEU A 611 15.67 -5.18 -31.07
N TYR A 612 16.91 -5.44 -30.71
CA TYR A 612 17.29 -5.78 -29.34
C TYR A 612 18.02 -4.59 -28.73
N GLN A 613 17.61 -4.20 -27.52
CA GLN A 613 18.11 -2.98 -26.91
C GLN A 613 19.31 -3.27 -26.01
N ASP A 614 20.34 -2.44 -26.12
CA ASP A 614 21.51 -2.49 -25.24
C ASP A 614 22.17 -3.86 -25.22
N VAL A 615 22.33 -4.45 -26.41
CA VAL A 615 23.06 -5.70 -26.55
C VAL A 615 23.96 -5.58 -27.77
N ASN A 616 25.06 -6.33 -27.74
CA ASN A 616 26.01 -6.40 -28.85
C ASN A 616 25.53 -7.46 -29.84
N CYS A 617 25.79 -7.23 -31.12
CA CYS A 617 25.35 -8.16 -32.15
C CYS A 617 26.02 -9.53 -32.03
N THR A 618 27.16 -9.61 -31.35
CA THR A 618 27.83 -10.90 -31.17
C THR A 618 27.11 -11.76 -30.13
N GLU A 619 26.45 -11.14 -29.16
CA GLU A 619 25.79 -11.87 -28.09
C GLU A 619 24.31 -12.12 -28.36
N VAL A 620 23.80 -11.70 -29.51
CA VAL A 620 22.38 -11.93 -29.83
C VAL A 620 22.00 -13.40 -29.91
N PRO A 621 22.80 -14.31 -30.52
CA PRO A 621 22.29 -15.67 -30.71
C PRO A 621 22.06 -16.43 -29.41
N VAL A 622 22.67 -15.99 -28.30
CA VAL A 622 22.51 -16.67 -27.02
C VAL A 622 21.57 -15.94 -26.07
N ALA A 623 20.88 -14.91 -26.54
CA ALA A 623 19.95 -14.14 -25.71
C ALA A 623 18.56 -14.75 -25.84
N ILE A 624 18.31 -15.75 -24.99
CA ILE A 624 17.03 -16.47 -24.96
C ILE A 624 16.74 -17.04 -26.34
N HIS A 625 17.47 -18.08 -26.73
CA HIS A 625 17.30 -18.71 -28.03
C HIS A 625 17.59 -20.20 -27.87
N ALA A 626 17.77 -20.89 -29.00
CA ALA A 626 18.09 -22.31 -29.04
C ALA A 626 16.96 -23.16 -28.44
N ASP A 627 15.79 -22.55 -28.27
CA ASP A 627 14.61 -23.25 -27.75
C ASP A 627 13.34 -22.94 -28.52
N GLN A 628 13.33 -21.91 -29.37
CA GLN A 628 12.14 -21.56 -30.11
C GLN A 628 12.03 -22.41 -31.37
N LEU A 629 10.99 -22.11 -32.17
CA LEU A 629 10.77 -22.82 -33.42
C LEU A 629 11.77 -22.31 -34.44
N THR A 630 12.61 -23.21 -34.96
CA THR A 630 13.82 -22.87 -35.70
C THR A 630 13.58 -22.06 -36.98
N PRO A 631 12.74 -22.51 -37.92
CA PRO A 631 12.75 -21.90 -39.26
C PRO A 631 12.45 -20.41 -39.29
N THR A 632 11.53 -19.93 -38.45
CA THR A 632 11.14 -18.53 -38.47
C THR A 632 11.70 -17.72 -37.31
N TRP A 633 12.61 -18.30 -36.52
CA TRP A 633 13.28 -17.58 -35.44
C TRP A 633 14.79 -17.50 -35.59
N ARG A 634 15.43 -18.49 -36.21
CA ARG A 634 16.86 -18.36 -36.49
C ARG A 634 17.12 -17.33 -37.58
N VAL A 635 16.14 -17.10 -38.47
CA VAL A 635 16.31 -16.11 -39.52
C VAL A 635 16.31 -14.71 -38.94
N TYR A 636 15.59 -14.48 -37.84
CA TYR A 636 15.54 -13.19 -37.19
C TYR A 636 16.51 -13.07 -36.02
N SER A 637 17.38 -14.06 -35.82
CA SER A 637 18.36 -14.03 -34.76
C SER A 637 19.79 -14.07 -35.25
N THR A 638 20.06 -14.73 -36.39
CA THR A 638 21.40 -14.83 -36.95
C THR A 638 21.31 -14.56 -38.45
N GLY A 639 22.41 -14.82 -39.15
CA GLY A 639 22.45 -14.64 -40.58
C GLY A 639 22.87 -13.24 -40.99
N SER A 640 22.44 -12.85 -42.18
CA SER A 640 22.78 -11.54 -42.72
C SER A 640 21.81 -10.49 -42.16
N ASN A 641 21.89 -9.29 -42.76
CA ASN A 641 21.05 -8.15 -42.36
C ASN A 641 21.20 -7.84 -40.87
N VAL A 642 22.45 -7.84 -40.41
CA VAL A 642 22.78 -7.54 -39.02
C VAL A 642 23.41 -6.16 -38.98
N PHE A 643 22.75 -5.23 -38.28
CA PHE A 643 23.23 -3.86 -38.16
C PHE A 643 23.31 -3.49 -36.68
N GLN A 644 24.44 -2.92 -36.26
CA GLN A 644 24.66 -2.50 -34.89
C GLN A 644 24.41 -1.00 -34.80
N THR A 645 23.43 -0.61 -33.99
CA THR A 645 23.08 0.79 -33.78
C THR A 645 23.44 1.22 -32.37
N ARG A 646 23.29 2.52 -32.11
CA ARG A 646 23.54 3.05 -30.78
C ARG A 646 22.56 2.49 -29.76
N ALA A 647 21.29 2.35 -30.14
CA ALA A 647 20.26 1.83 -29.25
C ALA A 647 20.31 0.31 -29.09
N GLY A 648 21.09 -0.38 -29.90
CA GLY A 648 21.21 -1.82 -29.79
C GLY A 648 21.50 -2.43 -31.15
N CYS A 649 21.25 -3.74 -31.25
CA CYS A 649 21.48 -4.49 -32.47
C CYS A 649 20.17 -4.67 -33.21
N LEU A 650 20.19 -4.41 -34.51
CA LEU A 650 19.02 -4.50 -35.38
C LEU A 650 19.19 -5.68 -36.32
N ILE A 651 18.19 -6.55 -36.39
CA ILE A 651 18.22 -7.76 -37.20
C ILE A 651 17.06 -7.72 -38.17
N GLY A 652 17.33 -8.10 -39.43
CA GLY A 652 16.31 -8.14 -40.46
C GLY A 652 16.16 -6.88 -41.27
N ALA A 653 16.89 -5.82 -40.95
CA ALA A 653 16.85 -4.57 -41.68
C ALA A 653 18.21 -4.30 -42.31
N GLU A 654 18.21 -3.98 -43.59
CA GLU A 654 19.45 -3.71 -44.33
C GLU A 654 19.82 -2.24 -44.19
N HIS A 655 21.05 -1.98 -43.75
CA HIS A 655 21.51 -0.60 -43.60
C HIS A 655 21.67 0.06 -44.96
N VAL A 656 21.16 1.29 -45.07
CA VAL A 656 21.22 2.07 -46.30
C VAL A 656 21.91 3.40 -46.01
N ASN A 657 22.91 3.73 -46.83
CA ASN A 657 23.65 4.98 -46.65
C ASN A 657 22.83 6.21 -46.99
N ASN A 658 21.74 6.07 -47.74
CA ASN A 658 20.90 7.20 -48.08
C ASN A 658 20.09 7.65 -46.88
N SER A 659 19.66 8.91 -46.89
CA SER A 659 18.90 9.48 -45.79
C SER A 659 17.51 9.84 -46.29
N TYR A 660 16.49 9.38 -45.58
CA TYR A 660 15.10 9.66 -45.92
C TYR A 660 14.37 10.19 -44.70
N GLU A 661 13.13 10.63 -44.91
CA GLU A 661 12.29 11.11 -43.83
C GLU A 661 11.91 9.95 -42.91
N CYS A 662 11.91 10.22 -41.61
CA CYS A 662 11.71 9.16 -40.62
C CYS A 662 10.32 8.55 -40.74
N ASP A 663 10.28 7.22 -40.77
CA ASP A 663 9.03 6.48 -40.87
C ASP A 663 8.69 5.74 -39.58
N ILE A 664 9.60 4.92 -39.06
CA ILE A 664 9.43 4.21 -37.81
C ILE A 664 10.54 4.63 -36.87
N PRO A 665 10.23 5.28 -35.74
CA PRO A 665 11.29 5.71 -34.82
C PRO A 665 12.00 4.53 -34.18
N ILE A 666 13.32 4.60 -34.08
CA ILE A 666 14.12 3.57 -33.44
C ILE A 666 15.00 4.16 -32.35
N GLY A 667 15.77 5.18 -32.66
CA GLY A 667 16.65 5.83 -31.71
C GLY A 667 17.95 6.26 -32.36
N ALA A 668 18.56 7.31 -31.79
CA ALA A 668 19.83 7.86 -32.28
C ALA A 668 19.74 8.25 -33.75
N GLY A 669 18.59 8.78 -34.16
CA GLY A 669 18.40 9.23 -35.51
C GLY A 669 18.27 8.14 -36.55
N ILE A 670 17.98 6.91 -36.13
CA ILE A 670 17.82 5.79 -37.05
C ILE A 670 16.34 5.49 -37.20
N CYS A 671 15.89 5.33 -38.44
CA CYS A 671 14.50 5.02 -38.72
C CYS A 671 14.43 3.91 -39.77
N ALA A 672 13.32 3.17 -39.75
CA ALA A 672 13.11 2.04 -40.64
C ALA A 672 11.89 2.28 -41.51
N SER A 673 12.02 1.95 -42.79
CA SER A 673 10.92 2.09 -43.74
C SER A 673 10.85 0.85 -44.62
N TYR A 674 9.64 0.53 -45.07
CA TYR A 674 9.42 -0.64 -45.93
C TYR A 674 9.76 -0.39 -47.38
N GLN A 675 9.91 0.86 -47.79
CA GLN A 675 10.19 1.17 -49.19
C GLN A 675 11.58 0.67 -49.59
N THR A 676 11.70 0.29 -50.85
CA THR A 676 12.96 -0.22 -51.38
C THR A 676 14.00 0.88 -51.48
N SER A 689 11.62 -8.40 -53.31
CA SER A 689 11.80 -7.06 -53.84
C SER A 689 11.88 -6.04 -52.71
N GLN A 690 10.71 -5.58 -52.25
CA GLN A 690 10.65 -4.61 -51.17
C GLN A 690 11.15 -5.25 -49.87
N SER A 691 11.96 -4.49 -49.12
CA SER A 691 12.53 -5.00 -47.89
C SER A 691 12.59 -3.87 -46.87
N ILE A 692 12.57 -4.25 -45.60
CA ILE A 692 12.70 -3.29 -44.51
C ILE A 692 14.16 -2.87 -44.42
N ILE A 693 14.41 -1.56 -44.44
CA ILE A 693 15.76 -1.02 -44.46
C ILE A 693 15.93 -0.06 -43.29
N ALA A 694 17.18 0.11 -42.88
CA ALA A 694 17.54 1.03 -41.81
C ALA A 694 18.40 2.15 -42.39
N TYR A 695 18.08 3.38 -41.98
CA TYR A 695 18.78 4.55 -42.52
C TYR A 695 18.78 5.65 -41.47
N THR A 696 19.71 6.59 -41.65
CA THR A 696 19.77 7.76 -40.78
C THR A 696 18.75 8.78 -41.24
N MET A 697 17.90 9.24 -40.32
CA MET A 697 16.84 10.18 -40.69
C MET A 697 17.43 11.52 -41.09
N SER A 698 16.74 12.19 -42.03
CA SER A 698 17.15 13.50 -42.49
C SER A 698 16.27 14.56 -41.85
N LEU A 699 16.90 15.64 -41.40
CA LEU A 699 16.15 16.73 -40.75
C LEU A 699 15.15 17.36 -41.70
N GLY A 700 15.53 17.57 -42.95
CA GLY A 700 14.63 18.16 -43.92
C GLY A 700 15.34 18.39 -45.23
N ALA A 701 14.57 18.96 -46.17
CA ALA A 701 15.13 19.27 -47.49
C ALA A 701 16.13 20.40 -47.38
N GLU A 702 17.29 20.22 -48.02
CA GLU A 702 18.32 21.24 -47.99
C GLU A 702 17.88 22.46 -48.80
N ASN A 703 18.13 23.65 -48.24
CA ASN A 703 17.78 24.90 -48.89
C ASN A 703 18.90 25.91 -48.67
N SER A 704 19.03 26.82 -49.63
CA SER A 704 20.04 27.89 -49.56
C SER A 704 19.41 29.15 -50.12
N VAL A 705 18.97 30.04 -49.22
CA VAL A 705 18.35 31.29 -49.64
C VAL A 705 19.40 32.19 -50.26
N ALA A 706 19.09 32.77 -51.42
CA ALA A 706 20.01 33.66 -52.10
C ALA A 706 20.07 35.01 -51.40
N TYR A 707 20.69 35.04 -50.22
CA TYR A 707 20.74 36.26 -49.44
C TYR A 707 21.63 37.30 -50.12
N SER A 708 21.20 38.55 -50.07
CA SER A 708 21.98 39.67 -50.58
C SER A 708 21.65 40.90 -49.74
N ASN A 709 22.58 41.85 -49.75
CA ASN A 709 22.43 43.07 -48.97
C ASN A 709 21.57 44.12 -49.67
N ASN A 710 21.16 43.87 -50.92
CA ASN A 710 20.34 44.82 -51.66
C ASN A 710 19.24 44.13 -52.45
N SER A 711 18.75 42.99 -51.98
CA SER A 711 17.73 42.23 -52.68
C SER A 711 16.70 41.72 -51.69
N ILE A 712 15.43 42.01 -51.95
CA ILE A 712 14.31 41.51 -51.15
C ILE A 712 13.32 40.84 -52.09
N ALA A 713 12.80 39.69 -51.67
CA ALA A 713 11.84 38.94 -52.47
C ALA A 713 10.42 39.33 -52.04
N ILE A 714 9.66 39.88 -52.97
CA ILE A 714 8.29 40.31 -52.73
C ILE A 714 7.36 39.35 -53.46
N PRO A 715 6.37 38.76 -52.79
CA PRO A 715 5.49 37.80 -53.46
C PRO A 715 4.60 38.49 -54.50
N THR A 716 4.54 37.89 -55.69
CA THR A 716 3.67 38.36 -56.76
C THR A 716 2.34 37.61 -56.79
N ASN A 717 2.16 36.61 -55.95
CA ASN A 717 0.94 35.81 -55.90
C ASN A 717 0.84 35.18 -54.52
N PHE A 718 -0.35 34.70 -54.20
CA PHE A 718 -0.61 34.12 -52.89
C PHE A 718 -1.46 32.86 -53.07
N THR A 719 -1.83 32.25 -51.96
CA THR A 719 -2.65 31.04 -51.97
C THR A 719 -3.35 30.92 -50.63
N ILE A 720 -4.67 30.80 -50.66
CA ILE A 720 -5.47 30.65 -49.44
C ILE A 720 -5.35 29.20 -48.99
N SER A 721 -4.73 29.00 -47.82
CA SER A 721 -4.49 27.68 -47.28
C SER A 721 -5.33 27.47 -46.02
N VAL A 722 -5.95 26.30 -45.92
CA VAL A 722 -6.77 25.93 -44.76
C VAL A 722 -6.12 24.74 -44.09
N THR A 723 -5.91 24.85 -42.78
CA THR A 723 -5.28 23.80 -41.98
C THR A 723 -6.22 23.39 -40.85
N THR A 724 -6.07 22.15 -40.40
CA THR A 724 -6.91 21.59 -39.35
C THR A 724 -6.09 21.28 -38.11
N GLU A 725 -6.62 21.68 -36.96
CA GLU A 725 -6.03 21.34 -35.67
C GLU A 725 -7.12 20.79 -34.77
N ILE A 726 -6.85 19.64 -34.16
CA ILE A 726 -7.80 18.95 -33.30
C ILE A 726 -7.24 18.89 -31.89
N LEU A 727 -8.01 19.36 -30.92
CA LEU A 727 -7.60 19.38 -29.52
C LEU A 727 -8.72 18.78 -28.69
N PRO A 728 -8.45 17.78 -27.84
CA PRO A 728 -9.49 17.25 -26.96
C PRO A 728 -9.97 18.31 -25.99
N VAL A 729 -11.27 18.26 -25.68
CA VAL A 729 -11.89 19.26 -24.81
C VAL A 729 -12.33 18.59 -23.52
N SER A 730 -12.70 17.32 -23.59
CA SER A 730 -13.16 16.59 -22.42
C SER A 730 -13.07 15.10 -22.69
N MET A 731 -13.17 14.31 -21.62
CA MET A 731 -13.19 12.87 -21.69
C MET A 731 -14.46 12.33 -21.05
N THR A 732 -14.59 11.02 -21.03
CA THR A 732 -15.75 10.38 -20.44
C THR A 732 -15.76 10.61 -18.93
N LYS A 733 -16.90 11.07 -18.41
CA LYS A 733 -17.06 11.35 -16.98
C LYS A 733 -17.32 10.03 -16.27
N THR A 734 -16.26 9.44 -15.73
CA THR A 734 -16.35 8.13 -15.10
C THR A 734 -16.57 8.25 -13.60
N SER A 735 -17.60 7.57 -13.12
CA SER A 735 -17.89 7.49 -11.69
C SER A 735 -17.91 6.03 -11.27
N VAL A 736 -17.00 5.66 -10.38
CA VAL A 736 -16.85 4.29 -9.91
C VAL A 736 -17.10 4.27 -8.41
N ASP A 737 -18.01 3.40 -7.98
CA ASP A 737 -18.31 3.26 -6.56
C ASP A 737 -17.21 2.42 -5.90
N CYS A 738 -16.54 3.00 -4.90
CA CYS A 738 -15.48 2.29 -4.21
C CYS A 738 -16.02 1.06 -3.48
N THR A 739 -17.16 1.21 -2.81
CA THR A 739 -17.75 0.09 -2.08
C THR A 739 -18.14 -1.03 -3.04
N MET A 740 -18.76 -0.69 -4.17
CA MET A 740 -19.14 -1.70 -5.14
C MET A 740 -17.92 -2.38 -5.74
N TYR A 741 -16.88 -1.60 -6.06
CA TYR A 741 -15.70 -2.17 -6.71
C TYR A 741 -14.94 -3.09 -5.76
N ILE A 742 -14.69 -2.63 -4.53
CA ILE A 742 -13.89 -3.41 -3.60
C ILE A 742 -14.65 -4.64 -3.13
N CYS A 743 -15.93 -4.47 -2.79
CA CYS A 743 -16.73 -5.55 -2.22
C CYS A 743 -17.98 -5.75 -3.05
N GLY A 744 -18.25 -7.00 -3.43
CA GLY A 744 -19.47 -7.32 -4.14
C GLY A 744 -20.59 -7.78 -3.23
N ASP A 745 -21.49 -6.86 -2.89
CA ASP A 745 -22.65 -7.10 -2.03
C ASP A 745 -22.34 -7.98 -0.83
N SER A 746 -21.17 -7.78 -0.22
CA SER A 746 -20.73 -8.55 0.94
C SER A 746 -20.72 -7.66 2.16
N THR A 747 -21.46 -8.07 3.20
CA THR A 747 -21.52 -7.28 4.43
C THR A 747 -20.20 -7.33 5.19
N GLU A 748 -19.58 -8.52 5.27
CA GLU A 748 -18.32 -8.65 5.98
C GLU A 748 -17.22 -7.84 5.30
N CYS A 749 -17.17 -7.87 3.97
CA CYS A 749 -16.18 -7.08 3.25
C CYS A 749 -16.37 -5.59 3.49
N SER A 750 -17.63 -5.14 3.49
CA SER A 750 -17.91 -3.74 3.77
C SER A 750 -17.50 -3.36 5.19
N ASN A 751 -17.76 -4.25 6.15
CA ASN A 751 -17.36 -3.98 7.53
C ASN A 751 -15.84 -3.89 7.66
N LEU A 752 -15.11 -4.78 6.98
CA LEU A 752 -13.66 -4.72 7.01
C LEU A 752 -13.14 -3.45 6.33
N LEU A 753 -13.77 -3.05 5.23
CA LEU A 753 -13.35 -1.84 4.53
C LEU A 753 -13.63 -0.58 5.34
N LEU A 754 -14.69 -0.59 6.14
CA LEU A 754 -15.03 0.59 6.94
C LEU A 754 -13.92 0.92 7.94
N GLN A 755 -13.18 -0.09 8.39
CA GLN A 755 -12.08 0.13 9.34
C GLN A 755 -10.87 0.80 8.72
N TYR A 756 -10.83 0.94 7.39
CA TYR A 756 -9.68 1.50 6.70
C TYR A 756 -9.72 3.02 6.60
N GLY A 757 -10.77 3.66 7.10
CA GLY A 757 -10.85 5.11 7.09
C GLY A 757 -11.86 5.61 6.07
N SER A 758 -11.50 6.67 5.35
CA SER A 758 -12.37 7.31 4.37
C SER A 758 -11.70 7.39 3.01
N PHE A 759 -10.98 6.33 2.63
CA PHE A 759 -10.35 6.29 1.31
C PHE A 759 -11.40 6.31 0.20
N CYS A 760 -12.47 5.53 0.37
CA CYS A 760 -13.51 5.46 -0.65
C CYS A 760 -14.20 6.81 -0.83
N THR A 761 -14.43 7.53 0.26
CA THR A 761 -15.00 8.87 0.15
C THR A 761 -14.08 9.80 -0.61
N GLN A 762 -12.77 9.70 -0.36
CA GLN A 762 -11.81 10.53 -1.08
C GLN A 762 -11.82 10.21 -2.57
N LEU A 763 -11.86 8.92 -2.92
CA LEU A 763 -11.89 8.54 -4.33
C LEU A 763 -13.17 9.02 -5.01
N ASN A 764 -14.31 8.88 -4.33
CA ASN A 764 -15.57 9.36 -4.89
C ASN A 764 -15.55 10.87 -5.09
N ARG A 765 -15.01 11.60 -4.11
CA ARG A 765 -14.90 13.05 -4.24
C ARG A 765 -13.99 13.42 -5.41
N ALA A 766 -12.87 12.70 -5.57
CA ALA A 766 -11.97 12.98 -6.69
C ALA A 766 -12.65 12.72 -8.02
N LEU A 767 -13.40 11.63 -8.13
CA LEU A 767 -14.10 11.33 -9.38
C LEU A 767 -15.18 12.37 -9.68
N THR A 768 -15.93 12.79 -8.66
CA THR A 768 -16.93 13.82 -8.86
C THR A 768 -16.29 15.14 -9.28
N GLY A 769 -15.15 15.49 -8.66
CA GLY A 769 -14.44 16.68 -9.06
C GLY A 769 -13.94 16.61 -10.49
N ILE A 770 -13.47 15.44 -10.90
CA ILE A 770 -13.02 15.26 -12.28
C ILE A 770 -14.18 15.45 -13.25
N ALA A 771 -15.34 14.87 -12.94
CA ALA A 771 -16.50 15.02 -13.81
C ALA A 771 -16.94 16.48 -13.89
N VAL A 772 -16.98 17.16 -12.75
CA VAL A 772 -17.36 18.58 -12.74
C VAL A 772 -16.35 19.41 -13.52
N GLU A 773 -15.07 19.05 -13.41
CA GLU A 773 -14.03 19.76 -14.15
C GLU A 773 -14.20 19.56 -15.66
N GLN A 774 -14.53 18.34 -16.09
CA GLN A 774 -14.78 18.09 -17.50
C GLN A 774 -15.96 18.91 -18.00
N ASP A 775 -17.05 18.95 -17.22
CA ASP A 775 -18.22 19.73 -17.60
C ASP A 775 -17.88 21.22 -17.70
N LYS A 776 -17.12 21.73 -16.72
CA LYS A 776 -16.71 23.13 -16.77
C LYS A 776 -15.83 23.41 -17.99
N ASN A 777 -14.93 22.48 -18.31
CA ASN A 777 -14.06 22.67 -19.45
C ASN A 777 -14.85 22.74 -20.75
N THR A 778 -15.79 21.81 -20.94
CA THR A 778 -16.57 21.82 -22.18
C THR A 778 -17.45 23.06 -22.26
N GLN A 779 -18.03 23.48 -21.13
CA GLN A 779 -18.83 24.69 -21.11
C GLN A 779 -17.98 25.92 -21.46
N GLU A 780 -16.77 26.00 -20.89
CA GLU A 780 -15.89 27.14 -21.16
C GLU A 780 -15.46 27.16 -22.61
N VAL A 781 -15.14 25.99 -23.18
CA VAL A 781 -14.66 25.92 -24.56
C VAL A 781 -15.78 26.28 -25.53
N PHE A 782 -16.96 25.70 -25.34
CA PHE A 782 -18.03 25.82 -26.33
C PHE A 782 -18.96 27.00 -26.07
N ALA A 783 -19.41 27.20 -24.82
CA ALA A 783 -20.36 28.26 -24.51
C ALA A 783 -19.65 29.59 -24.24
N GLN A 784 -19.07 30.13 -25.31
CA GLN A 784 -18.41 31.43 -25.25
C GLN A 784 -19.27 32.56 -25.80
N VAL A 785 -20.48 32.25 -26.27
CA VAL A 785 -21.37 33.27 -26.83
C VAL A 785 -22.75 33.08 -26.21
N LYS A 786 -23.42 34.20 -25.91
CA LYS A 786 -24.75 34.16 -25.30
C LYS A 786 -25.83 33.97 -26.36
N GLN A 787 -25.93 34.90 -27.30
CA GLN A 787 -26.96 34.83 -28.32
C GLN A 787 -26.63 33.77 -29.35
N ILE A 788 -27.67 33.10 -29.86
CA ILE A 788 -27.52 32.09 -30.90
C ILE A 788 -27.78 32.79 -32.24
N TYR A 789 -26.70 33.12 -32.94
CA TYR A 789 -26.83 33.77 -34.24
C TYR A 789 -27.18 32.76 -35.32
N LYS A 790 -28.03 33.19 -36.25
CA LYS A 790 -28.49 32.33 -37.35
C LYS A 790 -28.17 32.99 -38.67
N THR A 791 -27.72 32.19 -39.64
CA THR A 791 -27.41 32.70 -40.95
C THR A 791 -28.69 33.09 -41.70
N PRO A 792 -28.62 34.08 -42.58
CA PRO A 792 -29.81 34.47 -43.35
C PRO A 792 -30.26 33.34 -44.25
N PRO A 793 -31.55 33.26 -44.58
CA PRO A 793 -32.01 32.20 -45.49
C PRO A 793 -31.34 32.23 -46.85
N ILE A 794 -31.02 33.42 -47.36
CA ILE A 794 -30.32 33.56 -48.63
C ILE A 794 -28.83 33.67 -48.34
N LYS A 795 -28.05 32.75 -48.92
CA LYS A 795 -26.61 32.68 -48.70
C LYS A 795 -25.91 33.26 -49.93
N ASP A 796 -25.63 34.57 -49.86
CA ASP A 796 -24.91 35.29 -50.92
C ASP A 796 -23.76 36.07 -50.28
N PHE A 797 -22.63 35.40 -50.10
CA PHE A 797 -21.46 35.98 -49.44
C PHE A 797 -20.39 36.39 -50.45
N GLY A 798 -20.79 36.86 -51.62
CA GLY A 798 -19.83 37.26 -52.63
C GLY A 798 -19.09 36.12 -53.29
N GLY A 799 -19.69 34.93 -53.33
CA GLY A 799 -19.08 33.76 -53.92
C GLY A 799 -18.52 32.78 -52.91
N PHE A 800 -18.35 33.19 -51.65
CA PHE A 800 -17.84 32.29 -50.63
C PHE A 800 -18.87 31.20 -50.32
N ASN A 801 -18.38 29.98 -50.11
CA ASN A 801 -19.21 28.82 -49.86
C ASN A 801 -18.95 28.32 -48.45
N PHE A 802 -20.00 28.18 -47.66
CA PHE A 802 -19.91 27.68 -46.29
C PHE A 802 -20.82 26.49 -46.05
N SER A 803 -21.21 25.78 -47.11
CA SER A 803 -22.12 24.65 -46.97
C SER A 803 -21.50 23.54 -46.13
N GLN A 804 -20.20 23.28 -46.31
CA GLN A 804 -19.54 22.21 -45.59
C GLN A 804 -19.39 22.49 -44.11
N ILE A 805 -19.47 23.76 -43.70
CA ILE A 805 -19.33 24.12 -42.29
C ILE A 805 -20.65 24.56 -41.66
N LEU A 806 -21.61 25.03 -42.45
CA LEU A 806 -22.91 25.39 -41.90
C LEU A 806 -23.75 24.15 -41.68
N PRO A 807 -24.63 24.15 -40.67
CA PRO A 807 -25.48 22.98 -40.41
C PRO A 807 -26.40 22.70 -41.59
N ASP A 808 -26.66 21.41 -41.83
CA ASP A 808 -27.52 20.99 -42.92
C ASP A 808 -28.90 20.62 -42.35
N PRO A 809 -29.95 21.38 -42.66
CA PRO A 809 -31.28 21.03 -42.13
C PRO A 809 -31.85 19.75 -42.71
N SER A 810 -31.32 19.26 -43.84
CA SER A 810 -31.84 18.05 -44.44
C SER A 810 -31.63 16.85 -43.52
N LYS A 811 -30.45 16.75 -42.91
CA LYS A 811 -30.16 15.65 -42.02
C LYS A 811 -30.98 15.77 -40.73
N PRO A 812 -31.32 14.64 -40.10
CA PRO A 812 -32.07 14.72 -38.84
C PRO A 812 -31.34 15.50 -37.75
N SER A 813 -30.01 15.41 -37.71
CA SER A 813 -29.20 16.14 -36.74
C SER A 813 -28.72 17.43 -37.41
N LYS A 814 -28.92 18.56 -36.74
CA LYS A 814 -28.53 19.85 -37.29
C LYS A 814 -27.02 20.06 -37.17
N ARG A 815 -26.25 19.34 -37.97
CA ARG A 815 -24.79 19.44 -37.97
C ARG A 815 -24.29 19.51 -39.40
N SER A 816 -23.10 20.10 -39.57
CA SER A 816 -22.53 20.30 -40.88
C SER A 816 -22.02 18.97 -41.44
N PHE A 817 -21.65 18.98 -42.72
CA PHE A 817 -21.09 17.79 -43.35
C PHE A 817 -19.78 17.39 -42.70
N ILE A 818 -18.91 18.37 -42.41
CA ILE A 818 -17.65 18.08 -41.75
C ILE A 818 -17.90 17.58 -40.34
N GLU A 819 -18.85 18.18 -39.63
CA GLU A 819 -19.18 17.71 -38.28
C GLU A 819 -19.72 16.29 -38.31
N ASP A 820 -20.58 15.98 -39.29
CA ASP A 820 -21.10 14.63 -39.41
C ASP A 820 -19.98 13.64 -39.72
N LEU A 821 -19.05 14.02 -40.59
CA LEU A 821 -17.93 13.14 -40.90
C LEU A 821 -17.06 12.89 -39.66
N LEU A 822 -16.80 13.95 -38.89
CA LEU A 822 -16.02 13.79 -37.67
C LEU A 822 -16.73 12.89 -36.66
N PHE A 823 -18.05 13.06 -36.53
CA PHE A 823 -18.81 12.21 -35.61
C PHE A 823 -18.79 10.76 -36.06
N ASN A 824 -18.92 10.51 -37.36
CA ASN A 824 -18.91 9.14 -37.86
C ASN A 824 -17.53 8.50 -37.76
N LYS A 825 -16.47 9.29 -37.90
CA LYS A 825 -15.11 8.75 -37.86
C LYS A 825 -14.68 8.28 -36.47
N VAL A 826 -15.43 8.64 -35.42
CA VAL A 826 -15.12 8.25 -34.06
C VAL A 826 -16.08 7.17 -33.63
N THR A 827 -15.54 6.02 -33.21
CA THR A 827 -16.36 4.90 -32.76
C THR A 827 -16.00 4.49 -31.35
N LEU A 849 -19.29 0.62 -26.75
CA LEU A 849 -18.75 -0.55 -26.05
C LEU A 849 -18.39 -0.22 -24.61
N ILE A 850 -18.53 1.06 -24.25
CA ILE A 850 -18.20 1.49 -22.90
C ILE A 850 -19.26 1.03 -21.89
N CYS A 851 -20.43 0.61 -22.35
CA CYS A 851 -21.49 0.15 -21.47
C CYS A 851 -21.39 -1.34 -21.16
N ALA A 852 -20.48 -2.07 -21.81
CA ALA A 852 -20.35 -3.50 -21.56
C ALA A 852 -19.63 -3.79 -20.26
N GLN A 853 -18.92 -2.80 -19.71
CA GLN A 853 -18.17 -2.98 -18.47
C GLN A 853 -19.00 -2.72 -17.23
N LYS A 854 -20.28 -2.38 -17.37
CA LYS A 854 -21.13 -2.11 -16.22
C LYS A 854 -21.49 -3.40 -15.51
N PHE A 855 -20.59 -3.90 -14.67
CA PHE A 855 -20.85 -5.12 -13.91
C PHE A 855 -20.56 -4.93 -12.42
N ASN A 856 -19.54 -4.15 -12.12
CA ASN A 856 -19.08 -3.93 -10.74
C ASN A 856 -19.04 -2.45 -10.42
N GLY A 857 -20.11 -1.74 -10.73
CA GLY A 857 -20.19 -0.32 -10.46
C GLY A 857 -19.53 0.58 -11.48
N LEU A 858 -19.81 0.38 -12.76
CA LEU A 858 -19.16 1.11 -13.83
C LEU A 858 -20.21 1.72 -14.75
N THR A 859 -20.69 2.91 -14.38
CA THR A 859 -21.67 3.64 -15.19
C THR A 859 -21.05 4.96 -15.59
N VAL A 860 -20.93 5.21 -16.89
CA VAL A 860 -20.32 6.42 -17.42
C VAL A 860 -21.29 7.00 -18.44
N LEU A 861 -22.20 7.86 -17.98
CA LEU A 861 -23.04 8.65 -18.87
C LEU A 861 -23.71 9.82 -18.14
N PRO A 862 -22.97 10.78 -17.59
CA PRO A 862 -23.56 12.06 -17.19
C PRO A 862 -23.36 13.14 -18.25
N PRO A 863 -24.08 13.11 -19.37
CA PRO A 863 -23.86 14.14 -20.39
C PRO A 863 -24.55 15.44 -20.01
N LEU A 864 -23.76 16.44 -19.59
CA LEU A 864 -24.33 17.74 -19.28
C LEU A 864 -24.73 18.47 -20.55
N LEU A 865 -23.85 18.46 -21.55
CA LEU A 865 -24.13 19.08 -22.84
C LEU A 865 -24.19 18.01 -23.92
N THR A 866 -25.34 17.86 -24.56
CA THR A 866 -25.50 16.89 -25.62
C THR A 866 -24.80 17.36 -26.88
N ASP A 867 -24.64 16.43 -27.83
CA ASP A 867 -24.00 16.78 -29.09
C ASP A 867 -24.83 17.78 -29.89
N GLU A 868 -26.16 17.73 -29.74
CA GLU A 868 -27.01 18.67 -30.46
C GLU A 868 -26.74 20.10 -30.03
N MET A 869 -26.61 20.34 -28.73
CA MET A 869 -26.35 21.69 -28.25
C MET A 869 -24.93 22.15 -28.59
N ILE A 870 -23.96 21.24 -28.60
CA ILE A 870 -22.62 21.60 -29.03
C ILE A 870 -22.62 22.00 -30.51
N ALA A 871 -23.35 21.25 -31.33
CA ALA A 871 -23.48 21.61 -32.74
C ALA A 871 -24.19 22.96 -32.90
N GLN A 872 -25.21 23.21 -32.07
CA GLN A 872 -25.90 24.50 -32.12
C GLN A 872 -24.96 25.64 -31.75
N TYR A 873 -24.14 25.44 -30.73
CA TYR A 873 -23.17 26.46 -30.32
C TYR A 873 -22.16 26.72 -31.44
N THR A 874 -21.67 25.66 -32.08
CA THR A 874 -20.72 25.83 -33.17
C THR A 874 -21.36 26.56 -34.34
N SER A 875 -22.61 26.22 -34.67
CA SER A 875 -23.32 26.90 -35.74
C SER A 875 -23.54 28.37 -35.42
N ALA A 876 -23.89 28.68 -34.17
CA ALA A 876 -24.07 30.07 -33.77
C ALA A 876 -22.76 30.84 -33.87
N LEU A 877 -21.65 30.23 -33.45
CA LEU A 877 -20.35 30.88 -33.57
C LEU A 877 -19.99 31.12 -35.03
N LEU A 878 -20.25 30.14 -35.89
CA LEU A 878 -19.98 30.30 -37.31
C LEU A 878 -20.81 31.41 -37.92
N ALA A 879 -22.10 31.46 -37.58
CA ALA A 879 -22.97 32.52 -38.09
C ALA A 879 -22.50 33.88 -37.60
N GLY A 880 -22.10 33.98 -36.34
CA GLY A 880 -21.61 35.25 -35.82
C GLY A 880 -20.34 35.71 -36.52
N THR A 881 -19.38 34.79 -36.67
CA THR A 881 -18.12 35.15 -37.31
C THR A 881 -18.27 35.36 -38.81
N ILE A 882 -19.37 34.89 -39.40
CA ILE A 882 -19.59 35.12 -40.83
C ILE A 882 -20.29 36.44 -41.06
N THR A 883 -21.37 36.70 -40.32
CA THR A 883 -22.19 37.88 -40.55
C THR A 883 -21.74 39.11 -39.75
N SER A 884 -20.78 38.96 -38.84
CA SER A 884 -20.36 40.10 -38.03
C SER A 884 -18.84 40.16 -37.82
N GLY A 885 -18.07 39.25 -38.41
CA GLY A 885 -16.64 39.26 -38.18
C GLY A 885 -16.29 39.06 -36.72
N TRP A 886 -15.42 39.92 -36.22
CA TRP A 886 -15.02 39.88 -34.82
C TRP A 886 -15.83 40.83 -33.94
N THR A 887 -16.79 41.55 -34.51
CA THR A 887 -17.57 42.51 -33.72
C THR A 887 -18.41 41.81 -32.66
N PHE A 888 -19.00 40.66 -33.00
CA PHE A 888 -19.84 39.95 -32.04
C PHE A 888 -19.04 39.34 -30.89
N GLY A 889 -17.73 39.21 -31.04
CA GLY A 889 -16.88 38.70 -29.98
C GLY A 889 -16.42 39.73 -28.98
N ALA A 890 -16.84 40.99 -29.15
CA ALA A 890 -16.46 42.06 -28.24
C ALA A 890 -17.63 42.89 -27.74
N GLY A 891 -18.85 42.65 -28.24
CA GLY A 891 -20.01 43.41 -27.82
C GLY A 891 -21.23 43.15 -28.68
N ALA A 892 -21.91 44.21 -29.09
CA ALA A 892 -23.07 44.06 -29.95
C ALA A 892 -22.66 43.62 -31.35
N ALA A 893 -23.37 42.65 -31.90
CA ALA A 893 -23.08 42.16 -33.24
C ALA A 893 -23.40 43.24 -34.27
N LEU A 894 -22.52 43.37 -35.26
CA LEU A 894 -22.65 44.38 -36.30
C LEU A 894 -22.64 43.70 -37.67
N GLN A 895 -23.71 43.90 -38.44
CA GLN A 895 -23.78 43.30 -39.77
C GLN A 895 -22.73 43.89 -40.68
N ILE A 896 -22.16 43.04 -41.53
CA ILE A 896 -21.10 43.44 -42.45
C ILE A 896 -21.02 42.43 -43.59
N PRO A 897 -20.86 42.89 -44.84
CA PRO A 897 -20.64 41.95 -45.94
C PRO A 897 -19.34 41.17 -45.75
N PHE A 898 -19.34 39.92 -46.22
CA PHE A 898 -18.17 39.07 -46.03
C PHE A 898 -16.97 39.57 -46.81
N ALA A 899 -17.19 40.22 -47.96
CA ALA A 899 -16.07 40.80 -48.70
C ALA A 899 -15.39 41.89 -47.90
N MET A 900 -16.16 42.73 -47.21
CA MET A 900 -15.57 43.77 -46.39
C MET A 900 -14.85 43.18 -45.18
N GLN A 901 -15.36 42.09 -44.62
CA GLN A 901 -14.66 41.42 -43.53
C GLN A 901 -13.33 40.84 -44.01
N MET A 902 -13.33 40.22 -45.19
CA MET A 902 -12.09 39.81 -45.83
C MET A 902 -11.12 40.97 -46.01
N ALA A 903 -11.63 42.13 -46.45
CA ALA A 903 -10.75 43.28 -46.65
C ALA A 903 -10.15 43.76 -45.34
N TYR A 904 -10.97 43.82 -44.28
CA TYR A 904 -10.47 44.26 -42.99
C TYR A 904 -9.43 43.29 -42.45
N ARG A 905 -9.65 41.99 -42.64
CA ARG A 905 -8.67 41.02 -42.15
C ARG A 905 -7.39 41.05 -42.97
N PHE A 906 -7.50 41.30 -44.28
CA PHE A 906 -6.30 41.50 -45.10
C PHE A 906 -5.53 42.71 -44.64
N ASN A 907 -6.22 43.80 -44.31
CA ASN A 907 -5.56 44.97 -43.75
C ASN A 907 -4.89 44.63 -42.42
N GLY A 908 -5.56 43.79 -41.61
CA GLY A 908 -4.97 43.36 -40.35
C GLY A 908 -3.70 42.56 -40.53
N ILE A 909 -3.62 41.78 -41.61
CA ILE A 909 -2.40 41.02 -41.89
C ILE A 909 -1.49 41.85 -42.80
N GLY A 910 -1.77 43.15 -42.91
CA GLY A 910 -0.91 44.05 -43.64
C GLY A 910 -0.99 43.95 -45.15
N VAL A 911 -2.18 43.67 -45.68
CA VAL A 911 -2.40 43.60 -47.12
C VAL A 911 -3.54 44.54 -47.49
N THR A 912 -3.34 45.34 -48.53
CA THR A 912 -4.35 46.30 -48.94
C THR A 912 -5.59 45.59 -49.48
N GLN A 913 -6.73 46.28 -49.40
CA GLN A 913 -7.99 45.68 -49.81
C GLN A 913 -8.15 45.64 -51.33
N ASN A 914 -7.30 46.39 -52.06
CA ASN A 914 -7.45 46.45 -53.51
C ASN A 914 -7.15 45.11 -54.16
N VAL A 915 -6.17 44.37 -53.65
CA VAL A 915 -5.88 43.05 -54.20
C VAL A 915 -7.04 42.09 -53.95
N LEU A 916 -7.72 42.22 -52.81
CA LEU A 916 -8.95 41.46 -52.58
C LEU A 916 -10.02 41.82 -53.60
N TYR A 917 -10.31 43.12 -53.73
CA TYR A 917 -11.45 43.54 -54.54
C TYR A 917 -11.19 43.32 -56.03
N GLU A 918 -9.91 43.21 -56.43
CA GLU A 918 -9.57 42.85 -57.79
C GLU A 918 -9.45 41.35 -58.01
N ASN A 919 -9.46 40.56 -56.93
CA ASN A 919 -9.36 39.10 -57.02
C ASN A 919 -10.34 38.42 -56.08
N GLN A 920 -11.54 38.97 -55.92
CA GLN A 920 -12.52 38.40 -55.01
C GLN A 920 -12.98 37.03 -55.47
N LYS A 921 -13.26 36.89 -56.78
CA LYS A 921 -13.72 35.61 -57.30
C LYS A 921 -12.65 34.54 -57.18
N LEU A 922 -11.40 34.89 -57.51
CA LEU A 922 -10.31 33.93 -57.40
C LEU A 922 -10.11 33.48 -55.96
N ILE A 923 -10.17 34.42 -55.01
CA ILE A 923 -9.97 34.08 -53.61
C ILE A 923 -11.12 33.21 -53.11
N ALA A 924 -12.34 33.51 -53.51
CA ALA A 924 -13.48 32.68 -53.13
C ALA A 924 -13.35 31.27 -53.69
N ASN A 925 -12.93 31.16 -54.95
CA ASN A 925 -12.72 29.84 -55.54
C ASN A 925 -11.62 29.08 -54.82
N GLN A 926 -10.54 29.77 -54.46
CA GLN A 926 -9.46 29.11 -53.72
C GLN A 926 -9.94 28.63 -52.36
N PHE A 927 -10.75 29.44 -51.67
CA PHE A 927 -11.27 29.04 -50.37
C PHE A 927 -12.18 27.82 -50.50
N ASN A 928 -13.05 27.82 -51.52
CA ASN A 928 -13.93 26.67 -51.74
C ASN A 928 -13.12 25.41 -52.05
N SER A 929 -12.10 25.55 -52.90
CA SER A 929 -11.26 24.40 -53.23
C SER A 929 -10.53 23.89 -52.00
N ALA A 930 -10.04 24.80 -51.15
CA ALA A 930 -9.37 24.38 -49.92
C ALA A 930 -10.32 23.64 -48.99
N ILE A 931 -11.56 24.13 -48.86
CA ILE A 931 -12.54 23.46 -48.02
C ILE A 931 -12.84 22.07 -48.56
N GLY A 932 -13.00 21.95 -49.88
CA GLY A 932 -13.21 20.65 -50.47
C GLY A 932 -12.05 19.71 -50.26
N LYS A 933 -10.83 20.23 -50.35
CA LYS A 933 -9.65 19.41 -50.11
C LYS A 933 -9.59 18.94 -48.67
N ILE A 934 -9.94 19.81 -47.72
CA ILE A 934 -10.00 19.41 -46.31
C ILE A 934 -11.02 18.31 -46.11
N GLN A 935 -12.20 18.45 -46.71
CA GLN A 935 -13.23 17.43 -46.57
C GLN A 935 -12.76 16.10 -47.15
N ASP A 936 -12.14 16.14 -48.33
CA ASP A 936 -11.65 14.91 -48.96
C ASP A 936 -10.56 14.26 -48.12
N SER A 937 -9.64 15.05 -47.57
CA SER A 937 -8.58 14.51 -46.74
C SER A 937 -9.14 13.89 -45.47
N LEU A 938 -10.13 14.54 -44.85
CA LEU A 938 -10.76 13.99 -43.66
C LEU A 938 -11.47 12.68 -43.98
N SER A 939 -12.15 12.61 -45.12
CA SER A 939 -12.86 11.39 -45.49
C SER A 939 -11.90 10.25 -45.81
N SER A 940 -10.80 10.54 -46.51
CA SER A 940 -9.91 9.52 -47.01
C SER A 940 -8.80 9.13 -46.04
N THR A 941 -8.65 9.83 -44.93
CA THR A 941 -7.61 9.54 -43.94
C THR A 941 -8.24 9.22 -42.61
N ALA A 942 -7.88 8.07 -42.03
CA ALA A 942 -8.39 7.65 -40.74
C ALA A 942 -7.52 8.08 -39.57
N SER A 943 -6.35 8.66 -39.83
CA SER A 943 -5.44 9.09 -38.78
C SER A 943 -5.51 10.60 -38.52
N ALA A 944 -6.45 11.30 -39.16
CA ALA A 944 -6.58 12.73 -38.93
C ALA A 944 -7.13 13.03 -37.54
N LEU A 945 -7.96 12.14 -37.01
CA LEU A 945 -8.58 12.30 -35.69
C LEU A 945 -7.84 11.50 -34.64
N GLY A 946 -6.51 11.42 -34.75
CA GLY A 946 -5.74 10.55 -33.88
C GLY A 946 -5.81 10.91 -32.41
N LYS A 947 -5.90 12.20 -32.10
CA LYS A 947 -5.85 12.62 -30.69
C LYS A 947 -7.06 12.14 -29.91
N LEU A 948 -8.26 12.40 -30.42
CA LEU A 948 -9.47 12.00 -29.72
C LEU A 948 -9.58 10.48 -29.62
N GLN A 949 -9.27 9.77 -30.71
CA GLN A 949 -9.32 8.32 -30.69
C GLN A 949 -8.31 7.75 -29.71
N ASP A 950 -7.11 8.34 -29.65
CA ASP A 950 -6.08 7.88 -28.72
C ASP A 950 -6.52 8.12 -27.28
N VAL A 951 -7.13 9.26 -27.01
CA VAL A 951 -7.61 9.54 -25.65
C VAL A 951 -8.69 8.53 -25.26
N VAL A 952 -9.63 8.27 -26.17
CA VAL A 952 -10.68 7.29 -25.90
C VAL A 952 -10.08 5.91 -25.68
N ASN A 953 -9.07 5.55 -26.47
CA ASN A 953 -8.42 4.25 -26.33
C ASN A 953 -7.74 4.13 -24.97
N GLN A 954 -7.04 5.17 -24.53
CA GLN A 954 -6.39 5.14 -23.23
C GLN A 954 -7.41 5.02 -22.11
N ASN A 955 -8.51 5.78 -22.20
CA ASN A 955 -9.54 5.71 -21.17
C ASN A 955 -10.16 4.32 -21.12
N ALA A 956 -10.48 3.74 -22.28
CA ALA A 956 -11.07 2.42 -22.33
C ALA A 956 -10.12 1.36 -21.80
N GLN A 957 -8.83 1.47 -22.16
CA GLN A 957 -7.85 0.49 -21.69
C GLN A 957 -7.66 0.59 -20.18
N ALA A 958 -7.62 1.80 -19.64
CA ALA A 958 -7.51 1.96 -18.19
C ALA A 958 -8.73 1.39 -17.48
N LEU A 959 -9.92 1.64 -18.02
CA LEU A 959 -11.13 1.08 -17.41
C LEU A 959 -11.13 -0.44 -17.47
N ASN A 960 -10.71 -1.01 -18.61
CA ASN A 960 -10.66 -2.45 -18.75
C ASN A 960 -9.65 -3.07 -17.79
N THR A 961 -8.49 -2.43 -17.62
CA THR A 961 -7.52 -2.93 -16.66
C THR A 961 -8.07 -2.85 -15.23
N LEU A 962 -8.77 -1.75 -14.91
CA LEU A 962 -9.34 -1.62 -13.58
C LEU A 962 -10.38 -2.70 -13.29
N VAL A 963 -11.24 -2.99 -14.28
CA VAL A 963 -12.26 -4.02 -14.04
C VAL A 963 -11.65 -5.41 -14.06
N LYS A 964 -10.54 -5.61 -14.81
CA LYS A 964 -9.90 -6.91 -14.83
C LYS A 964 -9.08 -7.17 -13.57
N GLN A 965 -8.67 -6.10 -12.88
CA GLN A 965 -7.89 -6.28 -11.65
C GLN A 965 -8.70 -6.99 -10.56
N LEU A 966 -10.02 -7.05 -10.68
CA LEU A 966 -10.85 -7.75 -9.71
C LEU A 966 -10.64 -9.26 -9.73
N SER A 967 -10.06 -9.80 -10.81
CA SER A 967 -9.82 -11.22 -10.92
C SER A 967 -8.45 -11.63 -10.39
N SER A 968 -7.68 -10.69 -9.86
CA SER A 968 -6.36 -10.98 -9.33
C SER A 968 -6.44 -11.39 -7.87
N ASN A 969 -5.71 -12.45 -7.51
CA ASN A 969 -5.74 -12.95 -6.15
C ASN A 969 -5.09 -11.99 -5.16
N PHE A 970 -4.03 -11.29 -5.57
CA PHE A 970 -3.28 -10.39 -4.70
C PHE A 970 -2.78 -11.11 -3.45
N GLY A 971 -2.31 -12.35 -3.64
CA GLY A 971 -1.83 -13.15 -2.55
C GLY A 971 -2.88 -13.97 -1.83
N ALA A 972 -4.14 -13.82 -2.19
CA ALA A 972 -5.21 -14.59 -1.58
C ALA A 972 -5.40 -15.93 -2.29
N ILE A 973 -6.25 -16.78 -1.71
CA ILE A 973 -6.51 -18.09 -2.30
C ILE A 973 -7.31 -17.94 -3.60
N SER A 974 -8.25 -17.01 -3.64
CA SER A 974 -9.12 -16.85 -4.80
C SER A 974 -9.55 -15.39 -4.91
N SER A 975 -10.09 -15.05 -6.07
CA SER A 975 -10.52 -13.68 -6.36
C SER A 975 -12.03 -13.48 -6.20
N VAL A 976 -12.76 -14.48 -5.70
CA VAL A 976 -14.20 -14.40 -5.54
C VAL A 976 -14.52 -14.41 -4.04
N LEU A 977 -15.38 -13.50 -3.62
CA LEU A 977 -15.68 -13.34 -2.19
C LEU A 977 -16.54 -14.49 -1.67
N ASN A 978 -17.59 -14.84 -2.41
CA ASN A 978 -18.57 -15.79 -1.90
C ASN A 978 -17.95 -17.16 -1.64
N ASP A 979 -17.14 -17.64 -2.58
CA ASP A 979 -16.51 -18.95 -2.43
C ASP A 979 -15.56 -18.95 -1.24
N ILE A 980 -14.79 -17.87 -1.07
CA ILE A 980 -13.85 -17.77 0.04
C ILE A 980 -14.59 -17.79 1.37
N LEU A 981 -15.68 -17.03 1.48
CA LEU A 981 -16.47 -17.04 2.70
C LEU A 981 -17.09 -18.41 2.96
N SER A 982 -17.53 -19.09 1.90
CA SER A 982 -18.17 -20.39 2.06
C SER A 982 -17.19 -21.44 2.54
N ARG A 983 -16.02 -21.55 1.89
CA ARG A 983 -15.07 -22.60 2.21
C ARG A 983 -14.29 -22.37 3.49
N LEU A 984 -13.91 -21.13 3.80
CA LEU A 984 -12.98 -20.87 4.88
C LEU A 984 -13.69 -20.20 6.05
N ASP A 985 -13.24 -20.53 7.25
CA ASP A 985 -13.80 -20.00 8.48
C ASP A 985 -13.45 -18.52 8.66
N PRO A 986 -14.22 -17.80 9.46
CA PRO A 986 -13.95 -16.36 9.68
C PRO A 986 -12.56 -16.07 10.20
N PRO A 987 -11.98 -16.91 11.09
CA PRO A 987 -10.63 -16.55 11.61
C PRO A 987 -9.58 -16.33 10.54
N GLU A 988 -9.58 -17.11 9.46
CA GLU A 988 -8.65 -16.87 8.37
C GLU A 988 -9.28 -16.06 7.24
N ALA A 989 -10.61 -16.07 7.14
CA ALA A 989 -11.29 -15.20 6.19
C ALA A 989 -10.98 -13.74 6.47
N GLU A 990 -10.81 -13.38 7.75
CA GLU A 990 -10.46 -12.00 8.06
C GLU A 990 -9.22 -11.56 7.30
N VAL A 991 -8.13 -12.35 7.40
CA VAL A 991 -6.90 -11.95 6.73
C VAL A 991 -7.00 -12.10 5.22
N GLN A 992 -7.74 -13.12 4.73
CA GLN A 992 -7.84 -13.30 3.29
C GLN A 992 -8.57 -12.14 2.62
N ILE A 993 -9.77 -11.82 3.11
CA ILE A 993 -10.50 -10.68 2.55
C ILE A 993 -9.80 -9.37 2.88
N ASP A 994 -9.04 -9.30 3.98
CA ASP A 994 -8.25 -8.11 4.24
C ASP A 994 -7.21 -7.88 3.15
N ARG A 995 -6.53 -8.96 2.75
CA ARG A 995 -5.62 -8.87 1.60
C ARG A 995 -6.39 -8.47 0.34
N LEU A 996 -7.63 -8.95 0.22
CA LEU A 996 -8.45 -8.57 -0.93
C LEU A 996 -8.67 -7.06 -0.99
N ILE A 997 -9.11 -6.45 0.12
CA ILE A 997 -9.26 -4.99 0.15
C ILE A 997 -7.92 -4.30 -0.09
N THR A 998 -6.83 -4.80 0.49
CA THR A 998 -5.55 -4.14 0.27
C THR A 998 -5.23 -4.07 -1.23
N GLY A 999 -5.31 -5.21 -1.91
CA GLY A 999 -5.01 -5.22 -3.34
C GLY A 999 -5.96 -4.37 -4.16
N ARG A 1000 -7.27 -4.51 -3.90
CA ARG A 1000 -8.25 -3.79 -4.70
C ARG A 1000 -8.16 -2.29 -4.46
N LEU A 1001 -7.92 -1.87 -3.22
CA LEU A 1001 -7.77 -0.46 -2.92
C LEU A 1001 -6.50 0.10 -3.54
N GLN A 1002 -5.41 -0.67 -3.54
CA GLN A 1002 -4.20 -0.21 -4.22
C GLN A 1002 -4.46 -0.01 -5.71
N SER A 1003 -5.15 -0.97 -6.34
CA SER A 1003 -5.48 -0.83 -7.75
C SER A 1003 -6.36 0.38 -8.01
N LEU A 1004 -7.36 0.59 -7.15
CA LEU A 1004 -8.26 1.73 -7.31
C LEU A 1004 -7.54 3.05 -7.14
N GLN A 1005 -6.63 3.13 -6.16
CA GLN A 1005 -5.87 4.37 -5.97
C GLN A 1005 -4.94 4.64 -7.15
N THR A 1006 -4.31 3.60 -7.70
CA THR A 1006 -3.49 3.79 -8.89
C THR A 1006 -4.33 4.28 -10.06
N TYR A 1007 -5.52 3.68 -10.25
CA TYR A 1007 -6.41 4.11 -11.32
C TYR A 1007 -6.85 5.55 -11.11
N VAL A 1008 -7.15 5.94 -9.88
CA VAL A 1008 -7.60 7.30 -9.59
C VAL A 1008 -6.47 8.30 -9.84
N THR A 1009 -5.24 7.95 -9.46
CA THR A 1009 -4.11 8.84 -9.74
C THR A 1009 -3.90 9.00 -11.25
N GLN A 1010 -3.98 7.89 -12.00
CA GLN A 1010 -3.85 7.99 -13.45
C GLN A 1010 -4.97 8.84 -14.05
N GLN A 1011 -6.19 8.69 -13.55
CA GLN A 1011 -7.31 9.49 -14.04
C GLN A 1011 -7.12 10.95 -13.71
N LEU A 1012 -6.57 11.26 -12.53
CA LEU A 1012 -6.32 12.65 -12.17
C LEU A 1012 -5.27 13.27 -13.08
N ILE A 1013 -4.21 12.52 -13.39
CA ILE A 1013 -3.18 13.03 -14.30
C ILE A 1013 -3.78 13.26 -15.69
N ARG A 1014 -4.57 12.30 -16.17
CA ARG A 1014 -5.21 12.47 -17.48
C ARG A 1014 -6.17 13.64 -17.48
N ALA A 1015 -6.89 13.86 -16.37
CA ALA A 1015 -7.80 14.98 -16.27
C ALA A 1015 -7.06 16.30 -16.28
N ALA A 1016 -5.91 16.37 -15.62
CA ALA A 1016 -5.09 17.58 -15.67
C ALA A 1016 -4.61 17.85 -17.09
N GLU A 1017 -4.16 16.81 -17.80
CA GLU A 1017 -3.74 16.98 -19.18
C GLU A 1017 -4.90 17.45 -20.06
N ILE A 1018 -6.08 16.86 -19.86
CA ILE A 1018 -7.25 17.26 -20.64
C ILE A 1018 -7.68 18.68 -20.31
N ARG A 1019 -7.53 19.08 -19.04
CA ARG A 1019 -7.81 20.46 -18.68
C ARG A 1019 -6.87 21.43 -19.37
N ALA A 1020 -5.58 21.09 -19.43
CA ALA A 1020 -4.63 21.94 -20.16
C ALA A 1020 -5.00 22.02 -21.63
N SER A 1021 -5.35 20.89 -22.24
CA SER A 1021 -5.73 20.88 -23.65
C SER A 1021 -6.99 21.70 -23.88
N ALA A 1022 -7.96 21.60 -22.98
CA ALA A 1022 -9.21 22.35 -23.11
C ALA A 1022 -8.98 23.85 -22.93
N ASN A 1023 -8.09 24.22 -22.01
CA ASN A 1023 -7.74 25.63 -21.86
C ASN A 1023 -7.07 26.16 -23.13
N LEU A 1024 -6.17 25.38 -23.72
CA LEU A 1024 -5.56 25.78 -24.98
C LEU A 1024 -6.59 25.91 -26.08
N ALA A 1025 -7.54 24.96 -26.15
CA ALA A 1025 -8.57 25.02 -27.17
C ALA A 1025 -9.48 26.24 -26.99
N ALA A 1026 -9.84 26.55 -25.74
CA ALA A 1026 -10.67 27.72 -25.48
C ALA A 1026 -9.93 29.00 -25.84
N THR A 1027 -8.64 29.09 -25.51
CA THR A 1027 -7.85 30.26 -25.90
C THR A 1027 -7.78 30.38 -27.41
N LYS A 1028 -7.59 29.25 -28.10
CA LYS A 1028 -7.53 29.28 -29.57
C LYS A 1028 -8.87 29.69 -30.17
N MET A 1029 -9.98 29.23 -29.60
CA MET A 1029 -11.28 29.66 -30.11
C MET A 1029 -11.51 31.15 -29.87
N SER A 1030 -11.08 31.65 -28.71
CA SER A 1030 -11.26 33.06 -28.40
C SER A 1030 -10.40 33.94 -29.32
N GLU A 1031 -9.17 33.53 -29.58
CA GLU A 1031 -8.22 34.37 -30.31
C GLU A 1031 -8.19 34.09 -31.81
N CYS A 1032 -8.85 33.03 -32.28
CA CYS A 1032 -8.85 32.67 -33.69
C CYS A 1032 -10.22 32.81 -34.33
N VAL A 1033 -11.29 32.43 -33.63
CA VAL A 1033 -12.63 32.51 -34.19
C VAL A 1033 -13.26 33.85 -33.87
N LEU A 1034 -13.23 34.25 -32.61
CA LEU A 1034 -13.81 35.52 -32.17
C LEU A 1034 -13.01 36.73 -32.62
N GLY A 1035 -11.81 36.53 -33.16
CA GLY A 1035 -11.00 37.64 -33.61
C GLY A 1035 -9.81 37.15 -34.40
N GLN A 1036 -8.99 38.11 -34.85
CA GLN A 1036 -7.80 37.84 -35.63
C GLN A 1036 -6.58 37.93 -34.71
N SER A 1037 -5.75 36.90 -34.71
CA SER A 1037 -4.58 36.83 -33.85
C SER A 1037 -3.32 37.08 -34.67
N LYS A 1038 -2.46 37.96 -34.18
CA LYS A 1038 -1.18 38.26 -34.82
C LYS A 1038 -0.07 37.31 -34.40
N ARG A 1039 -0.35 36.39 -33.48
CA ARG A 1039 0.66 35.43 -33.04
C ARG A 1039 1.03 34.50 -34.18
N VAL A 1040 2.33 34.24 -34.31
CA VAL A 1040 2.83 33.41 -35.42
C VAL A 1040 2.63 31.94 -35.09
N ASP A 1041 2.07 31.19 -36.03
CA ASP A 1041 1.84 29.76 -35.92
C ASP A 1041 0.93 29.40 -34.75
N PHE A 1042 0.05 30.30 -34.35
CA PHE A 1042 -0.93 29.98 -33.30
C PHE A 1042 -2.25 29.54 -33.91
N CYS A 1043 -2.83 30.38 -34.78
CA CYS A 1043 -4.07 30.06 -35.46
C CYS A 1043 -3.75 29.38 -36.80
N GLY A 1044 -2.99 28.30 -36.71
CA GLY A 1044 -2.53 27.58 -37.88
C GLY A 1044 -1.27 28.16 -38.48
N LYS A 1045 -0.78 27.50 -39.52
CA LYS A 1045 0.46 27.91 -40.17
C LYS A 1045 0.17 28.92 -41.27
N GLY A 1046 0.83 30.06 -41.20
CA GLY A 1046 0.66 31.14 -42.15
C GLY A 1046 0.00 32.36 -41.53
N TYR A 1047 -0.20 33.36 -42.37
CA TYR A 1047 -0.85 34.60 -41.94
C TYR A 1047 -2.31 34.32 -41.65
N HIS A 1048 -2.67 34.28 -40.38
CA HIS A 1048 -4.00 33.87 -39.96
C HIS A 1048 -5.06 34.86 -40.41
N LEU A 1049 -6.20 34.34 -40.88
CA LEU A 1049 -7.37 35.13 -41.19
C LEU A 1049 -8.53 34.84 -40.26
N MET A 1050 -9.00 33.59 -40.22
CA MET A 1050 -10.03 33.19 -39.27
C MET A 1050 -9.97 31.68 -39.09
N SER A 1051 -10.70 31.19 -38.11
CA SER A 1051 -10.83 29.77 -37.85
C SER A 1051 -12.31 29.41 -37.73
N PHE A 1052 -12.66 28.25 -38.28
CA PHE A 1052 -14.03 27.78 -38.26
C PHE A 1052 -14.16 26.62 -37.27
N PRO A 1053 -14.84 26.81 -36.14
CA PRO A 1053 -14.99 25.74 -35.16
C PRO A 1053 -15.96 24.67 -35.63
N GLN A 1054 -15.56 23.41 -35.39
CA GLN A 1054 -16.36 22.26 -35.77
C GLN A 1054 -16.48 21.33 -34.57
N SER A 1055 -17.71 20.91 -34.27
CA SER A 1055 -17.94 20.01 -33.14
C SER A 1055 -17.36 18.64 -33.45
N ALA A 1056 -16.73 18.04 -32.44
CA ALA A 1056 -16.13 16.72 -32.55
C ALA A 1056 -16.48 15.93 -31.29
N PRO A 1057 -16.51 14.60 -31.39
CA PRO A 1057 -16.76 13.78 -30.20
C PRO A 1057 -15.65 13.93 -29.16
N HIS A 1058 -16.00 14.50 -28.01
CA HIS A 1058 -15.05 14.72 -26.91
C HIS A 1058 -13.86 15.55 -27.37
N GLY A 1059 -14.13 16.56 -28.19
CA GLY A 1059 -13.06 17.42 -28.68
C GLY A 1059 -13.62 18.48 -29.61
N VAL A 1060 -12.72 19.30 -30.13
CA VAL A 1060 -13.07 20.36 -31.05
C VAL A 1060 -12.10 20.34 -32.23
N VAL A 1061 -12.58 20.76 -33.39
CA VAL A 1061 -11.78 20.82 -34.61
C VAL A 1061 -11.80 22.25 -35.12
N PHE A 1062 -10.62 22.80 -35.39
CA PHE A 1062 -10.46 24.16 -35.88
C PHE A 1062 -10.02 24.14 -37.34
N LEU A 1063 -10.70 24.91 -38.18
CA LEU A 1063 -10.37 25.04 -39.59
C LEU A 1063 -9.72 26.42 -39.77
N HIS A 1064 -8.40 26.47 -39.59
CA HIS A 1064 -7.68 27.72 -39.66
C HIS A 1064 -7.50 28.15 -41.11
N VAL A 1065 -8.00 29.32 -41.45
CA VAL A 1065 -7.83 29.90 -42.79
C VAL A 1065 -6.63 30.85 -42.72
N THR A 1066 -5.62 30.59 -43.54
CA THR A 1066 -4.37 31.34 -43.49
C THR A 1066 -4.02 31.88 -44.87
N TYR A 1067 -3.22 32.94 -44.86
CA TYR A 1067 -2.74 33.58 -46.09
C TYR A 1067 -1.28 33.18 -46.31
N VAL A 1068 -1.00 32.60 -47.48
CA VAL A 1068 0.32 32.07 -47.79
C VAL A 1068 0.77 32.62 -49.14
N PRO A 1069 1.94 33.26 -49.22
CA PRO A 1069 2.45 33.70 -50.52
C PRO A 1069 2.77 32.51 -51.42
N ALA A 1070 2.65 32.72 -52.73
CA ALA A 1070 2.82 31.64 -53.70
C ALA A 1070 4.03 31.83 -54.59
N GLN A 1071 4.15 32.96 -55.29
CA GLN A 1071 5.20 33.17 -56.29
C GLN A 1071 5.96 34.44 -55.96
N GLU A 1072 7.27 34.43 -56.16
CA GLU A 1072 8.11 35.58 -55.85
C GLU A 1072 9.19 35.77 -56.92
N LYS A 1073 9.92 36.87 -56.80
CA LYS A 1073 10.98 37.23 -57.73
C LYS A 1073 12.08 37.97 -56.98
N ASN A 1074 13.24 38.14 -57.62
CA ASN A 1074 14.42 38.71 -56.98
C ASN A 1074 14.19 40.14 -56.48
N PHE A 1075 13.73 41.03 -57.35
CA PHE A 1075 13.33 42.38 -56.95
C PHE A 1075 14.41 43.14 -56.18
N THR A 1076 15.51 43.48 -56.87
CA THR A 1076 16.57 44.28 -56.27
C THR A 1076 16.02 45.54 -55.60
N THR A 1077 16.51 45.82 -54.40
CA THR A 1077 15.94 46.85 -53.54
C THR A 1077 17.03 47.76 -53.01
N ALA A 1078 16.61 48.86 -52.39
CA ALA A 1078 17.47 49.82 -51.73
C ALA A 1078 16.83 50.26 -50.43
N PRO A 1079 17.61 50.65 -49.43
CA PRO A 1079 17.02 51.07 -48.15
C PRO A 1079 16.37 52.45 -48.21
N ALA A 1080 16.96 53.37 -48.98
CA ALA A 1080 16.48 54.74 -49.05
C ALA A 1080 16.76 55.29 -50.43
N ILE A 1081 16.08 56.38 -50.77
CA ILE A 1081 16.19 57.02 -52.08
C ILE A 1081 16.54 58.48 -51.89
N CYS A 1082 17.55 58.95 -52.60
CA CYS A 1082 18.00 60.34 -52.54
C CYS A 1082 17.50 61.06 -53.79
N HIS A 1083 16.78 62.17 -53.58
CA HIS A 1083 16.21 62.95 -54.68
C HIS A 1083 16.83 64.33 -54.80
N ASP A 1084 16.79 65.12 -53.72
CA ASP A 1084 17.30 66.50 -53.73
C ASP A 1084 18.15 66.74 -52.49
N GLY A 1085 19.07 65.82 -52.22
CA GLY A 1085 19.88 65.93 -51.01
C GLY A 1085 19.17 65.52 -49.75
N LYS A 1086 18.02 64.87 -49.86
CA LYS A 1086 17.25 64.42 -48.71
C LYS A 1086 16.95 62.94 -48.87
N ALA A 1087 16.86 62.24 -47.73
CA ALA A 1087 16.59 60.81 -47.70
C ALA A 1087 15.09 60.58 -47.58
N HIS A 1088 14.56 59.73 -48.45
CA HIS A 1088 13.14 59.40 -48.48
C HIS A 1088 12.96 57.95 -48.07
N PHE A 1089 12.09 57.73 -47.08
CA PHE A 1089 11.76 56.39 -46.62
C PHE A 1089 10.26 56.13 -46.81
N PRO A 1090 9.88 54.96 -47.29
CA PRO A 1090 8.45 54.68 -47.52
C PRO A 1090 7.66 54.76 -46.23
N ARG A 1091 6.46 55.33 -46.31
CA ARG A 1091 5.59 55.38 -45.14
C ARG A 1091 5.13 53.99 -44.74
N GLU A 1092 4.71 53.18 -45.72
CA GLU A 1092 4.30 51.80 -45.46
C GLU A 1092 4.51 51.03 -46.75
N GLY A 1093 5.61 50.29 -46.82
CA GLY A 1093 5.95 49.52 -48.01
C GLY A 1093 7.44 49.29 -48.09
N VAL A 1094 7.90 49.03 -49.30
CA VAL A 1094 9.31 48.73 -49.55
C VAL A 1094 9.67 49.22 -50.95
N PHE A 1095 10.87 49.78 -51.08
CA PHE A 1095 11.38 50.19 -52.38
C PHE A 1095 11.83 48.97 -53.16
N VAL A 1096 11.37 48.86 -54.40
CA VAL A 1096 11.74 47.74 -55.27
C VAL A 1096 12.16 48.28 -56.63
N SER A 1097 12.97 47.51 -57.34
CA SER A 1097 13.44 47.86 -58.67
C SER A 1097 13.34 46.65 -59.59
N ASN A 1098 12.91 46.90 -60.82
CA ASN A 1098 12.86 45.86 -61.85
C ASN A 1098 14.03 45.96 -62.81
N GLY A 1099 15.19 46.40 -62.33
CA GLY A 1099 16.36 46.57 -63.17
C GLY A 1099 16.52 47.98 -63.70
N THR A 1100 15.48 48.49 -64.35
CA THR A 1100 15.53 49.83 -64.95
C THR A 1100 14.95 50.89 -64.04
N HIS A 1101 13.69 50.74 -63.62
CA HIS A 1101 13.00 51.74 -62.83
C HIS A 1101 12.86 51.30 -61.38
N TRP A 1102 12.55 52.27 -60.52
CA TRP A 1102 12.36 52.03 -59.10
C TRP A 1102 10.91 52.28 -58.73
N PHE A 1103 10.38 51.44 -57.84
CA PHE A 1103 9.00 51.52 -57.40
C PHE A 1103 8.90 51.21 -55.91
N VAL A 1104 7.76 51.57 -55.34
CA VAL A 1104 7.44 51.28 -53.95
C VAL A 1104 6.19 50.40 -53.92
N THR A 1105 6.22 49.35 -53.09
CA THR A 1105 5.13 48.41 -53.00
C THR A 1105 5.02 47.88 -51.58
N GLN A 1106 3.86 47.32 -51.26
CA GLN A 1106 3.66 46.73 -49.96
C GLN A 1106 4.49 45.45 -49.81
N ARG A 1107 4.73 45.07 -48.55
CA ARG A 1107 5.67 44.00 -48.26
C ARG A 1107 5.11 42.62 -48.63
N ASN A 1108 3.83 42.38 -48.37
CA ASN A 1108 3.24 41.06 -48.50
C ASN A 1108 2.72 40.76 -49.89
N PHE A 1109 2.75 41.74 -50.81
CA PHE A 1109 2.25 41.52 -52.16
C PHE A 1109 2.93 42.51 -53.09
N TYR A 1110 3.08 42.13 -54.35
CA TYR A 1110 3.73 43.00 -55.32
C TYR A 1110 2.72 43.94 -55.96
N GLU A 1111 2.91 45.24 -55.76
CA GLU A 1111 2.04 46.26 -56.34
C GLU A 1111 2.87 47.49 -56.63
N PRO A 1112 3.58 47.51 -57.76
CA PRO A 1112 4.46 48.64 -58.07
C PRO A 1112 3.66 49.93 -58.23
N GLN A 1113 4.26 51.03 -57.75
CA GLN A 1113 3.64 52.34 -57.81
C GLN A 1113 4.73 53.40 -57.99
N ILE A 1114 4.34 54.53 -58.56
CA ILE A 1114 5.28 55.64 -58.74
C ILE A 1114 5.63 56.23 -57.38
N ILE A 1115 6.92 56.41 -57.14
CA ILE A 1115 7.41 56.95 -55.87
C ILE A 1115 7.07 58.44 -55.84
N THR A 1116 6.04 58.80 -55.09
CA THR A 1116 5.60 60.19 -54.95
C THR A 1116 5.92 60.69 -53.54
N THR A 1117 5.73 61.99 -53.35
CA THR A 1117 5.97 62.60 -52.05
C THR A 1117 4.98 62.12 -50.98
N ASP A 1118 3.82 61.59 -51.38
CA ASP A 1118 2.86 61.05 -50.43
C ASP A 1118 3.25 59.69 -49.89
N ASN A 1119 3.92 58.86 -50.70
CA ASN A 1119 4.30 57.52 -50.26
C ASN A 1119 5.48 57.54 -49.29
N THR A 1120 6.35 58.53 -49.40
CA THR A 1120 7.57 58.60 -48.60
C THR A 1120 7.56 59.86 -47.74
N PHE A 1121 8.54 59.93 -46.84
CA PHE A 1121 8.73 61.09 -45.99
C PHE A 1121 10.21 61.45 -45.95
N VAL A 1122 10.49 62.74 -45.70
CA VAL A 1122 11.84 63.26 -45.71
C VAL A 1122 12.41 63.20 -44.30
N SER A 1123 13.62 62.65 -44.17
CA SER A 1123 14.27 62.55 -42.87
C SER A 1123 15.78 62.52 -43.10
N GLY A 1124 16.44 63.63 -42.81
CA GLY A 1124 17.88 63.70 -42.92
C GLY A 1124 18.36 63.86 -44.35
N ASN A 1125 19.70 63.86 -44.49
CA ASN A 1125 20.34 63.99 -45.78
C ASN A 1125 20.68 62.59 -46.32
N CYS A 1126 21.41 62.54 -47.44
CA CYS A 1126 21.78 61.30 -48.08
C CYS A 1126 23.18 60.83 -47.73
N ASP A 1127 23.89 61.54 -46.86
CA ASP A 1127 25.25 61.19 -46.48
C ASP A 1127 25.32 60.38 -45.19
N VAL A 1128 24.18 60.02 -44.62
CA VAL A 1128 24.12 59.27 -43.37
C VAL A 1128 23.60 57.85 -43.59
N VAL A 1129 22.66 57.67 -44.50
CA VAL A 1129 22.07 56.36 -44.75
C VAL A 1129 23.01 55.56 -45.65
N ILE A 1130 23.34 54.34 -45.23
CA ILE A 1130 24.23 53.46 -45.99
C ILE A 1130 23.39 52.71 -47.02
N GLY A 1131 23.82 52.78 -48.28
CA GLY A 1131 23.12 52.11 -49.36
C GLY A 1131 22.07 52.93 -50.06
N ILE A 1132 21.95 54.22 -49.75
CA ILE A 1132 20.95 55.05 -50.40
C ILE A 1132 21.31 55.24 -51.88
N VAL A 1133 20.32 55.09 -52.75
CA VAL A 1133 20.52 55.18 -54.19
C VAL A 1133 19.93 56.51 -54.68
N ASN A 1134 20.21 56.83 -55.94
CA ASN A 1134 19.73 58.07 -56.53
C ASN A 1134 18.52 57.80 -57.42
N ASN A 1135 17.44 58.54 -57.15
CA ASN A 1135 16.22 58.43 -57.93
C ASN A 1135 15.44 59.72 -57.79
N THR A 1136 14.48 59.92 -58.68
CA THR A 1136 13.62 61.09 -58.67
C THR A 1136 12.29 60.74 -58.00
N VAL A 1137 11.67 61.73 -57.36
CA VAL A 1137 10.40 61.57 -56.67
C VAL A 1137 9.40 62.48 -57.37
N TYR A 1138 8.33 61.89 -57.90
CA TYR A 1138 7.32 62.66 -58.59
C TYR A 1138 6.50 63.48 -57.59
N ASP A 1139 6.27 64.74 -57.92
CA ASP A 1139 5.49 65.64 -57.07
C ASP A 1139 4.13 65.87 -57.70
N PRO A 1140 3.04 65.33 -57.13
CA PRO A 1140 1.71 65.57 -57.73
C PRO A 1140 1.23 66.99 -57.59
N LEU A 1141 1.89 67.81 -56.75
CA LEU A 1141 1.42 69.17 -56.53
C LEU A 1141 1.74 70.08 -57.71
N GLN A 1142 2.95 69.95 -58.30
CA GLN A 1142 3.38 70.89 -59.33
C GLN A 1142 2.52 70.86 -60.60
N PRO A 1143 2.10 69.69 -61.14
CA PRO A 1143 1.31 69.76 -62.39
C PRO A 1143 -0.09 70.31 -62.16
N GLU A 1144 -0.70 70.01 -61.01
CA GLU A 1144 -2.00 70.58 -60.70
C GLU A 1144 -1.90 72.09 -60.45
N LEU A 1145 -0.84 72.53 -59.78
CA LEU A 1145 -0.67 73.95 -59.52
C LEU A 1145 -0.40 74.73 -60.80
N ASP A 1146 0.46 74.20 -61.67
CA ASP A 1146 0.77 74.88 -62.92
C ASP A 1146 -0.46 74.96 -63.82
N SER A 1147 -1.24 73.88 -63.90
CA SER A 1147 -2.43 73.87 -64.73
C SER A 1147 -3.65 74.34 -63.96
N CYS B 15 -50.76 -5.19 45.50
CA CYS B 15 -50.91 -6.60 45.86
C CYS B 15 -52.30 -7.11 45.49
N VAL B 16 -53.12 -6.22 44.94
CA VAL B 16 -54.49 -6.55 44.53
C VAL B 16 -54.65 -6.19 43.06
N ASN B 17 -55.25 -7.09 42.29
CA ASN B 17 -55.47 -6.86 40.87
C ASN B 17 -56.67 -5.94 40.66
N LEU B 18 -56.54 -5.01 39.72
CA LEU B 18 -57.64 -4.12 39.39
C LEU B 18 -58.76 -4.89 38.70
N THR B 19 -59.99 -4.47 38.97
CA THR B 19 -61.18 -5.13 38.42
C THR B 19 -62.00 -4.14 37.61
N THR B 20 -62.49 -4.60 36.46
CA THR B 20 -63.34 -3.80 35.57
C THR B 20 -62.64 -2.51 35.14
N ARG B 21 -61.56 -2.70 34.40
CA ARG B 21 -60.77 -1.59 33.86
C ARG B 21 -61.16 -1.36 32.41
N THR B 22 -61.51 -0.12 32.08
CA THR B 22 -61.89 0.23 30.72
C THR B 22 -60.69 0.19 29.79
N GLN B 23 -60.92 -0.24 28.56
CA GLN B 23 -59.88 -0.33 27.54
C GLN B 23 -60.20 0.63 26.41
N LEU B 24 -59.22 1.45 26.04
CA LEU B 24 -59.36 2.42 24.96
C LEU B 24 -58.20 2.28 23.99
N PRO B 25 -58.42 2.60 22.71
CA PRO B 25 -57.33 2.53 21.74
C PRO B 25 -56.24 3.51 22.10
N PRO B 26 -54.97 3.16 21.86
CA PRO B 26 -53.87 4.07 22.17
C PRO B 26 -53.69 5.10 21.07
N ALA B 27 -53.62 6.38 21.45
CA ALA B 27 -53.43 7.45 20.50
C ALA B 27 -51.96 7.54 20.07
N TYR B 28 -51.74 8.16 18.91
CA TYR B 28 -50.42 8.33 18.36
C TYR B 28 -50.16 9.80 18.04
N THR B 29 -48.93 10.23 18.28
CA THR B 29 -48.55 11.62 18.05
C THR B 29 -47.11 11.64 17.54
N ASN B 30 -46.82 12.61 16.67
CA ASN B 30 -45.46 12.77 16.16
C ASN B 30 -44.53 13.19 17.29
N SER B 31 -43.28 12.71 17.23
CA SER B 31 -42.31 12.99 18.28
C SER B 31 -41.78 14.41 18.24
N PHE B 32 -42.04 15.16 17.17
CA PHE B 32 -41.56 16.55 17.01
C PHE B 32 -40.04 16.52 17.08
N THR B 33 -39.42 17.51 17.73
CA THR B 33 -37.97 17.58 17.86
C THR B 33 -37.47 16.98 19.17
N ARG B 34 -38.37 16.43 19.99
CA ARG B 34 -37.96 15.86 21.26
C ARG B 34 -37.26 14.52 21.05
N GLY B 35 -36.44 14.15 22.03
CA GLY B 35 -35.71 12.90 21.97
C GLY B 35 -34.25 13.00 21.62
N VAL B 36 -33.56 14.06 22.05
CA VAL B 36 -32.15 14.26 21.77
C VAL B 36 -31.40 14.34 23.09
N TYR B 37 -30.34 13.53 23.22
CA TYR B 37 -29.54 13.46 24.43
C TYR B 37 -28.07 13.52 24.07
N TYR B 38 -27.25 13.96 25.03
CA TYR B 38 -25.81 14.00 24.84
C TYR B 38 -25.25 12.58 24.78
N PRO B 39 -24.52 12.21 23.73
CA PRO B 39 -23.99 10.84 23.67
C PRO B 39 -22.73 10.63 24.47
N ASP B 40 -22.01 11.70 24.82
CA ASP B 40 -20.79 11.58 25.61
C ASP B 40 -20.53 12.89 26.32
N LYS B 41 -19.69 12.83 27.35
CA LYS B 41 -19.32 14.01 28.13
C LYS B 41 -18.13 14.74 27.50
N VAL B 42 -18.31 15.20 26.27
CA VAL B 42 -17.27 15.87 25.51
C VAL B 42 -17.73 17.26 25.14
N PHE B 43 -16.89 18.26 25.40
CA PHE B 43 -17.19 19.65 25.11
C PHE B 43 -16.78 19.98 23.68
N ARG B 44 -17.72 20.51 22.90
CA ARG B 44 -17.46 20.93 21.54
C ARG B 44 -18.05 22.31 21.32
N SER B 45 -17.29 23.18 20.65
CA SER B 45 -17.72 24.54 20.35
C SER B 45 -17.70 24.75 18.85
N SER B 46 -18.85 25.08 18.28
CA SER B 46 -19.00 25.31 16.85
C SER B 46 -18.51 24.12 16.04
N VAL B 47 -18.83 22.92 16.51
CA VAL B 47 -18.42 21.67 15.88
C VAL B 47 -19.67 20.89 15.49
N LEU B 48 -19.74 20.49 14.22
CA LEU B 48 -20.84 19.67 13.72
C LEU B 48 -20.36 18.22 13.74
N HIS B 49 -20.81 17.46 14.72
CA HIS B 49 -20.38 16.09 14.94
C HIS B 49 -21.50 15.12 14.59
N SER B 50 -21.16 14.09 13.83
CA SER B 50 -22.11 13.04 13.46
C SER B 50 -21.68 11.72 14.07
N THR B 51 -22.61 11.07 14.77
CA THR B 51 -22.33 9.82 15.46
C THR B 51 -23.47 8.84 15.24
N GLN B 52 -23.15 7.56 15.35
CA GLN B 52 -24.12 6.48 15.18
C GLN B 52 -24.38 5.84 16.55
N ASP B 53 -25.64 5.84 16.97
CA ASP B 53 -26.04 5.32 18.26
C ASP B 53 -27.56 5.21 18.25
N LEU B 54 -28.14 4.89 19.41
CA LEU B 54 -29.58 4.77 19.54
C LEU B 54 -30.20 6.15 19.80
N PHE B 55 -30.79 6.74 18.76
CA PHE B 55 -31.53 7.99 18.89
C PHE B 55 -32.97 7.77 18.49
N LEU B 56 -33.86 8.59 19.06
CA LEU B 56 -35.27 8.57 18.68
C LEU B 56 -35.46 9.33 17.38
N PRO B 57 -36.00 8.70 16.34
CA PRO B 57 -36.21 9.42 15.07
C PRO B 57 -37.19 10.56 15.24
N PHE B 58 -36.95 11.64 14.48
CA PHE B 58 -37.83 12.80 14.54
C PHE B 58 -39.17 12.50 13.87
N PHE B 59 -40.22 13.14 14.39
CA PHE B 59 -41.58 12.97 13.86
C PHE B 59 -42.00 11.51 13.89
N SER B 60 -41.61 10.81 14.95
CA SER B 60 -41.94 9.40 15.10
C SER B 60 -43.17 9.24 16.00
N ASN B 61 -43.84 8.09 15.84
CA ASN B 61 -45.04 7.81 16.61
C ASN B 61 -44.67 7.50 18.06
N VAL B 62 -45.35 8.16 18.99
CA VAL B 62 -45.21 7.90 20.42
C VAL B 62 -46.58 7.56 20.98
N THR B 63 -46.64 6.50 21.78
CA THR B 63 -47.92 6.05 22.33
C THR B 63 -48.41 7.02 23.39
N TRP B 64 -49.67 7.43 23.29
CA TRP B 64 -50.28 8.33 24.25
C TRP B 64 -51.09 7.52 25.25
N PHE B 65 -50.71 7.62 26.52
CA PHE B 65 -51.41 6.93 27.60
C PHE B 65 -52.09 7.95 28.50
N HIS B 66 -53.39 7.75 28.73
CA HIS B 66 -54.19 8.65 29.55
C HIS B 66 -54.36 8.07 30.95
N ALA B 67 -54.31 8.93 31.96
CA ALA B 67 -54.50 8.55 33.35
C ALA B 67 -55.38 9.62 34.00
N ILE B 68 -56.69 9.42 33.96
CA ILE B 68 -57.63 10.38 34.51
C ILE B 68 -58.92 9.64 34.83
N HIS B 69 -59.70 10.19 35.76
CA HIS B 69 -60.99 9.63 36.17
C HIS B 69 -62.05 10.68 35.91
N VAL B 70 -62.68 10.61 34.74
CA VAL B 70 -63.72 11.57 34.38
C VAL B 70 -65.01 11.20 35.10
N SER B 71 -65.61 12.18 35.79
CA SER B 71 -66.83 11.95 36.53
C SER B 71 -68.01 11.76 35.59
N GLY B 72 -69.02 11.05 36.07
CA GLY B 72 -70.22 10.80 35.31
C GLY B 72 -70.18 9.49 34.53
N THR B 73 -71.37 9.05 34.12
CA THR B 73 -71.47 7.81 33.35
C THR B 73 -70.78 7.95 31.99
N ASN B 74 -70.95 9.10 31.34
CA ASN B 74 -70.32 9.31 30.03
C ASN B 74 -68.80 9.35 30.15
N GLY B 75 -68.28 9.80 31.30
CA GLY B 75 -66.84 9.83 31.50
C GLY B 75 -66.24 8.45 31.65
N THR B 76 -64.95 8.36 31.34
CA THR B 76 -64.21 7.10 31.38
C THR B 76 -62.97 7.27 32.24
N LYS B 77 -62.79 6.32 33.17
CA LYS B 77 -61.62 6.28 34.04
C LYS B 77 -60.50 5.57 33.28
N ARG B 78 -59.29 6.11 33.38
CA ARG B 78 -58.15 5.57 32.66
C ARG B 78 -57.02 5.25 33.63
N PHE B 79 -56.55 4.01 33.61
CA PHE B 79 -55.47 3.53 34.46
C PHE B 79 -54.48 2.71 33.64
N ASP B 80 -54.05 3.27 32.50
CA ASP B 80 -53.15 2.58 31.58
C ASP B 80 -51.86 2.17 32.27
N ASN B 81 -51.60 0.87 32.29
CA ASN B 81 -50.38 0.32 32.87
C ASN B 81 -50.02 -1.00 32.20
N PRO B 82 -49.61 -0.99 30.93
CA PRO B 82 -49.29 -2.25 30.25
C PRO B 82 -47.83 -2.64 30.40
N VAL B 83 -47.49 -3.87 30.03
CA VAL B 83 -46.09 -4.33 30.07
C VAL B 83 -45.50 -4.01 28.69
N LEU B 84 -45.02 -2.78 28.57
CA LEU B 84 -44.44 -2.33 27.31
C LEU B 84 -43.05 -2.91 27.11
N PRO B 85 -42.77 -3.53 25.97
CA PRO B 85 -41.41 -4.04 25.73
C PRO B 85 -40.40 -2.91 25.64
N PHE B 86 -39.16 -3.22 26.04
CA PHE B 86 -38.09 -2.23 26.02
C PHE B 86 -37.33 -2.20 24.70
N ASN B 87 -37.17 -3.34 24.05
CA ASN B 87 -36.43 -3.47 22.79
C ASN B 87 -35.01 -2.96 23.03
N ASP B 88 -34.54 -1.94 22.31
CA ASP B 88 -33.19 -1.42 22.47
C ASP B 88 -33.18 -0.01 23.03
N GLY B 89 -34.23 0.37 23.74
CA GLY B 89 -34.33 1.69 24.35
C GLY B 89 -35.76 2.20 24.30
N VAL B 90 -36.15 2.91 25.36
CA VAL B 90 -37.49 3.49 25.46
C VAL B 90 -37.36 4.95 25.85
N TYR B 91 -38.02 5.83 25.10
CA TYR B 91 -38.05 7.26 25.40
C TYR B 91 -39.33 7.57 26.17
N PHE B 92 -39.19 8.31 27.26
CA PHE B 92 -40.31 8.65 28.12
C PHE B 92 -40.44 10.16 28.24
N ALA B 93 -41.68 10.65 28.16
CA ALA B 93 -41.99 12.05 28.35
C ALA B 93 -43.15 12.17 29.33
N SER B 94 -43.02 13.11 30.27
CA SER B 94 -44.02 13.32 31.30
C SER B 94 -44.48 14.77 31.25
N THR B 95 -45.76 14.98 31.00
CA THR B 95 -46.37 16.31 30.97
C THR B 95 -47.31 16.40 32.17
N GLU B 96 -46.85 17.05 33.23
CA GLU B 96 -47.61 17.13 34.48
C GLU B 96 -47.14 18.33 35.27
N LYS B 97 -47.95 18.70 36.27
CA LYS B 97 -47.61 19.80 37.17
C LYS B 97 -47.71 19.44 38.64
N SER B 98 -48.47 18.40 39.00
CA SER B 98 -48.61 17.97 40.39
C SER B 98 -47.73 16.78 40.72
N ASN B 99 -46.84 16.40 39.79
CA ASN B 99 -45.91 15.28 39.98
C ASN B 99 -46.66 13.98 40.28
N ILE B 100 -47.64 13.66 39.43
CA ILE B 100 -48.39 12.42 39.59
C ILE B 100 -47.48 11.22 39.39
N ILE B 101 -46.63 11.26 38.37
CA ILE B 101 -45.69 10.17 38.13
C ILE B 101 -44.54 10.27 39.11
N ARG B 102 -44.29 9.19 39.85
CA ARG B 102 -43.23 9.15 40.85
C ARG B 102 -42.12 8.18 40.48
N GLY B 103 -42.43 6.92 40.18
CA GLY B 103 -41.44 5.94 39.82
C GLY B 103 -42.04 4.87 38.95
N TRP B 104 -41.19 3.97 38.47
CA TRP B 104 -41.62 2.91 37.56
C TRP B 104 -41.05 1.58 38.03
N ILE B 105 -41.25 0.56 37.20
CA ILE B 105 -40.80 -0.80 37.47
C ILE B 105 -40.05 -1.31 36.25
N PHE B 106 -38.87 -1.88 36.47
CA PHE B 106 -38.03 -2.40 35.41
C PHE B 106 -37.59 -3.82 35.76
N GLY B 107 -37.26 -4.60 34.74
CA GLY B 107 -36.78 -5.95 34.97
C GLY B 107 -36.97 -6.80 33.73
N THR B 108 -36.55 -8.06 33.86
CA THR B 108 -36.68 -9.02 32.76
C THR B 108 -38.08 -9.61 32.72
N THR B 109 -38.48 -10.31 33.78
CA THR B 109 -39.80 -10.92 33.87
C THR B 109 -40.72 -10.22 34.87
N LEU B 110 -40.25 -9.14 35.50
CA LEU B 110 -41.02 -8.41 36.50
C LEU B 110 -41.50 -9.34 37.62
N ASP B 111 -40.59 -10.19 38.09
CA ASP B 111 -40.90 -11.14 39.16
C ASP B 111 -39.62 -11.46 39.91
N SER B 112 -39.79 -12.16 41.04
CA SER B 112 -38.67 -12.53 41.88
C SER B 112 -37.76 -13.58 41.24
N LYS B 113 -38.18 -14.20 40.14
CA LYS B 113 -37.36 -15.21 39.50
C LYS B 113 -36.07 -14.60 38.95
N THR B 114 -36.16 -13.41 38.36
CA THR B 114 -35.01 -12.72 37.78
C THR B 114 -34.82 -11.39 38.46
N GLN B 115 -33.55 -10.98 38.59
CA GLN B 115 -33.23 -9.69 39.20
C GLN B 115 -33.84 -8.55 38.39
N SER B 116 -34.33 -7.54 39.10
CA SER B 116 -35.09 -6.47 38.48
C SER B 116 -34.58 -5.12 38.97
N LEU B 117 -34.79 -4.10 38.15
CA LEU B 117 -34.44 -2.72 38.47
C LEU B 117 -35.67 -1.98 38.98
N LEU B 118 -35.53 -1.34 40.14
CA LEU B 118 -36.63 -0.60 40.74
C LEU B 118 -36.19 0.84 40.98
N ILE B 119 -36.90 1.78 40.36
CA ILE B 119 -36.69 3.21 40.57
C ILE B 119 -38.03 3.84 40.93
N VAL B 120 -38.14 4.38 42.14
CA VAL B 120 -39.38 4.97 42.61
C VAL B 120 -39.03 6.11 43.55
N ASN B 121 -39.96 7.05 43.70
CA ASN B 121 -39.79 8.20 44.58
C ASN B 121 -40.76 8.07 45.75
N ASN B 122 -40.22 8.13 46.97
CA ASN B 122 -41.02 8.10 48.19
C ASN B 122 -41.63 9.45 48.52
N ALA B 123 -41.62 10.39 47.57
CA ALA B 123 -42.03 11.78 47.77
C ALA B 123 -41.08 12.50 48.72
N THR B 124 -40.07 11.79 49.22
CA THR B 124 -39.02 12.37 50.06
C THR B 124 -37.62 11.97 49.66
N ASN B 125 -37.42 10.83 48.98
CA ASN B 125 -36.10 10.37 48.61
C ASN B 125 -36.14 9.78 47.21
N VAL B 126 -35.09 10.04 46.44
CA VAL B 126 -34.93 9.44 45.10
C VAL B 126 -34.14 8.16 45.32
N VAL B 127 -34.85 7.07 45.58
CA VAL B 127 -34.26 5.79 45.95
C VAL B 127 -34.27 4.84 44.76
N ILE B 128 -33.15 4.17 44.53
CA ILE B 128 -33.02 3.16 43.49
C ILE B 128 -32.67 1.84 44.16
N LYS B 129 -33.47 0.81 43.88
CA LYS B 129 -33.31 -0.50 44.49
C LYS B 129 -33.14 -1.55 43.41
N VAL B 130 -32.26 -2.51 43.66
CA VAL B 130 -31.97 -3.60 42.72
C VAL B 130 -32.11 -4.89 43.50
N CYS B 131 -33.29 -5.51 43.45
CA CYS B 131 -33.56 -6.75 44.15
C CYS B 131 -34.50 -7.60 43.31
N GLU B 132 -34.72 -8.83 43.76
CA GLU B 132 -35.65 -9.75 43.12
C GLU B 132 -37.04 -9.55 43.70
N PHE B 133 -37.64 -8.40 43.37
CA PHE B 133 -38.93 -8.03 43.90
C PHE B 133 -40.03 -8.92 43.35
N GLN B 134 -40.99 -9.27 44.21
CA GLN B 134 -42.17 -10.03 43.80
C GLN B 134 -43.24 -9.03 43.34
N PHE B 135 -43.06 -8.55 42.11
CA PHE B 135 -43.97 -7.55 41.57
C PHE B 135 -45.34 -8.16 41.30
N CYS B 136 -46.39 -7.40 41.61
CA CYS B 136 -47.75 -7.83 41.35
C CYS B 136 -48.19 -7.37 39.95
N ASN B 137 -49.38 -7.80 39.56
CA ASN B 137 -49.88 -7.50 38.23
C ASN B 137 -50.10 -6.01 38.01
N ASP B 138 -50.69 -5.32 38.99
CA ASP B 138 -51.02 -3.90 38.87
C ASP B 138 -50.50 -3.14 40.07
N PRO B 139 -49.18 -2.92 40.16
CA PRO B 139 -48.64 -2.11 41.24
C PRO B 139 -48.99 -0.64 41.07
N PHE B 140 -49.07 0.06 42.19
CA PHE B 140 -49.40 1.48 42.19
C PHE B 140 -48.89 2.10 43.49
N LEU B 141 -48.82 3.43 43.51
CA LEU B 141 -48.43 4.18 44.69
C LEU B 141 -49.65 4.92 45.21
N GLY B 142 -50.13 4.56 46.39
CA GLY B 142 -51.33 5.15 46.96
C GLY B 142 -51.01 6.29 47.90
N VAL B 143 -51.81 7.35 47.81
CA VAL B 143 -51.68 8.52 48.68
C VAL B 143 -52.97 8.65 49.49
N TYR B 144 -52.83 8.89 50.79
CA TYR B 144 -53.96 8.98 51.70
C TYR B 144 -54.17 10.41 52.15
N TYR B 145 -55.42 10.87 52.05
CA TYR B 145 -55.81 12.19 52.54
C TYR B 145 -56.11 12.08 54.04
N HIS B 146 -55.05 12.13 54.83
CA HIS B 146 -55.17 11.98 56.28
C HIS B 146 -55.76 13.26 56.86
N LYS B 147 -56.97 13.17 57.42
CA LYS B 147 -57.66 14.34 57.91
C LYS B 147 -57.09 14.86 59.22
N ASN B 148 -56.61 13.97 60.09
CA ASN B 148 -56.10 14.41 61.39
C ASN B 148 -54.87 15.30 61.24
N ASN B 149 -53.95 14.91 60.36
CA ASN B 149 -52.74 15.69 60.11
C ASN B 149 -52.94 16.82 59.11
N LYS B 150 -54.03 16.80 58.35
CA LYS B 150 -54.34 17.83 57.35
C LYS B 150 -53.18 18.02 56.38
N SER B 151 -52.66 16.89 55.87
CA SER B 151 -51.53 16.92 54.97
C SER B 151 -51.62 15.74 54.02
N TRP B 152 -50.83 15.81 52.94
CA TRP B 152 -50.78 14.75 51.93
C TRP B 152 -49.52 13.93 52.13
N MET B 153 -49.67 12.61 52.15
CA MET B 153 -48.53 11.72 52.31
C MET B 153 -48.86 10.37 51.70
N GLU B 154 -47.81 9.59 51.45
CA GLU B 154 -47.97 8.25 50.89
C GLU B 154 -48.18 7.24 52.01
N SER B 155 -49.24 6.44 51.89
CA SER B 155 -49.54 5.44 52.91
C SER B 155 -49.96 4.10 52.32
N GLU B 156 -49.72 3.85 51.04
CA GLU B 156 -50.09 2.59 50.39
C GLU B 156 -48.96 2.20 49.44
N PHE B 157 -48.11 1.29 49.87
CA PHE B 157 -46.97 0.82 49.08
C PHE B 157 -47.26 -0.62 48.64
N ARG B 158 -47.79 -0.76 47.42
CA ARG B 158 -48.11 -2.06 46.85
C ARG B 158 -47.27 -2.37 45.61
N VAL B 159 -46.07 -1.79 45.55
CA VAL B 159 -45.20 -2.00 44.40
C VAL B 159 -44.76 -3.47 44.31
N TYR B 160 -44.37 -4.05 45.44
CA TYR B 160 -43.88 -5.42 45.47
C TYR B 160 -44.23 -6.04 46.82
N SER B 161 -44.13 -7.38 46.87
CA SER B 161 -44.41 -8.12 48.09
C SER B 161 -43.16 -8.27 48.96
N SER B 162 -42.05 -8.72 48.38
CA SER B 162 -40.82 -8.92 49.12
C SER B 162 -39.63 -8.66 48.21
N ALA B 163 -38.48 -8.39 48.82
CA ALA B 163 -37.25 -8.09 48.11
C ALA B 163 -36.21 -9.14 48.46
N ASN B 164 -35.52 -9.66 47.44
CA ASN B 164 -34.50 -10.69 47.63
C ASN B 164 -33.29 -10.36 46.76
N ASN B 165 -32.13 -10.81 47.23
CA ASN B 165 -30.85 -10.63 46.52
C ASN B 165 -30.57 -9.16 46.21
N CYS B 166 -30.44 -8.38 47.28
CA CYS B 166 -30.07 -6.97 47.12
C CYS B 166 -28.61 -6.86 46.71
N THR B 167 -28.35 -6.00 45.72
CA THR B 167 -26.99 -5.83 45.21
C THR B 167 -26.56 -4.38 45.23
N PHE B 168 -27.48 -3.46 44.95
CA PHE B 168 -27.16 -2.04 44.89
C PHE B 168 -28.20 -1.25 45.68
N GLU B 169 -27.72 -0.24 46.39
CA GLU B 169 -28.58 0.64 47.17
C GLU B 169 -28.19 2.09 46.91
N TYR B 170 -29.19 2.97 46.95
CA TYR B 170 -28.95 4.40 46.74
C TYR B 170 -30.10 5.17 47.36
N VAL B 171 -29.82 5.91 48.43
CA VAL B 171 -30.83 6.70 49.14
C VAL B 171 -30.35 8.15 49.19
N SER B 172 -31.21 9.07 48.80
CA SER B 172 -30.90 10.48 48.80
C SER B 172 -31.38 11.14 50.11
N GLN B 173 -31.06 12.42 50.24
CA GLN B 173 -31.47 13.16 51.43
C GLN B 173 -32.97 13.42 51.42
N PRO B 174 -33.60 13.49 52.58
CA PRO B 174 -35.04 13.77 52.63
C PRO B 174 -35.35 15.18 52.13
N PHE B 175 -36.52 15.32 51.50
CA PHE B 175 -37.01 16.61 51.05
C PHE B 175 -38.53 16.60 51.05
N LEU B 176 -39.12 17.79 51.06
CA LEU B 176 -40.56 17.96 51.05
C LEU B 176 -40.97 18.64 49.75
N MET B 177 -41.77 17.94 48.94
CA MET B 177 -42.24 18.44 47.67
C MET B 177 -43.69 18.91 47.79
N ASP B 178 -44.26 19.34 46.67
CA ASP B 178 -45.64 19.79 46.60
C ASP B 178 -46.51 18.61 46.18
N LEU B 179 -47.28 18.09 47.12
CA LEU B 179 -48.14 16.94 46.88
C LEU B 179 -49.57 17.33 46.53
N GLU B 180 -49.86 18.62 46.43
CA GLU B 180 -51.22 19.07 46.11
C GLU B 180 -51.58 18.69 44.68
N GLY B 181 -52.79 18.17 44.50
CA GLY B 181 -53.25 17.78 43.19
C GLY B 181 -54.02 18.87 42.47
N LYS B 182 -53.35 19.98 42.18
CA LYS B 182 -54.01 21.08 41.49
C LYS B 182 -54.34 20.70 40.05
N GLN B 183 -55.51 21.16 39.59
CA GLN B 183 -55.97 20.89 38.24
C GLN B 183 -55.78 22.13 37.37
N GLY B 184 -55.57 21.89 36.08
CA GLY B 184 -55.37 22.95 35.11
C GLY B 184 -54.35 22.53 34.06
N ASN B 185 -53.84 23.51 33.34
CA ASN B 185 -52.85 23.24 32.30
C ASN B 185 -51.51 22.89 32.92
N PHE B 186 -50.85 21.88 32.36
CA PHE B 186 -49.55 21.44 32.86
C PHE B 186 -48.49 22.50 32.57
N LYS B 187 -47.52 22.62 33.48
CA LYS B 187 -46.47 23.61 33.36
C LYS B 187 -45.08 23.04 33.59
N ASN B 188 -44.92 21.72 33.54
CA ASN B 188 -43.61 21.08 33.72
C ASN B 188 -43.53 19.87 32.81
N LEU B 189 -42.34 19.68 32.22
CA LEU B 189 -42.08 18.55 31.34
C LEU B 189 -40.87 17.78 31.83
N ARG B 190 -41.00 16.45 31.90
CA ARG B 190 -39.92 15.56 32.31
C ARG B 190 -39.73 14.53 31.21
N GLU B 191 -38.73 14.75 30.35
CA GLU B 191 -38.43 13.85 29.25
C GLU B 191 -37.24 12.98 29.64
N PHE B 192 -37.43 11.66 29.56
CA PHE B 192 -36.40 10.70 29.95
C PHE B 192 -36.08 9.78 28.77
N VAL B 193 -34.80 9.49 28.59
CA VAL B 193 -34.33 8.54 27.59
C VAL B 193 -33.52 7.47 28.31
N PHE B 194 -33.77 6.21 27.98
CA PHE B 194 -33.12 5.08 28.62
C PHE B 194 -32.50 4.19 27.55
N LYS B 195 -31.29 3.68 27.84
CA LYS B 195 -30.56 2.84 26.90
C LYS B 195 -30.05 1.60 27.62
N ASN B 196 -29.81 0.55 26.84
CA ASN B 196 -29.36 -0.72 27.38
C ASN B 196 -28.41 -1.38 26.39
N ILE B 197 -27.12 -1.38 26.72
CA ILE B 197 -26.11 -2.02 25.88
C ILE B 197 -24.91 -2.36 26.76
N ASP B 198 -24.42 -3.59 26.61
CA ASP B 198 -23.25 -4.09 27.34
C ASP B 198 -23.40 -3.93 28.85
N GLY B 199 -24.63 -4.00 29.34
CA GLY B 199 -24.88 -3.82 30.77
C GLY B 199 -24.46 -2.46 31.28
N TYR B 200 -24.73 -1.40 30.53
CA TYR B 200 -24.31 -0.05 30.88
C TYR B 200 -25.52 0.87 30.76
N PHE B 201 -26.24 1.05 31.86
CA PHE B 201 -27.51 1.79 31.88
C PHE B 201 -27.25 3.29 31.90
N LYS B 202 -28.12 4.04 31.24
CA LYS B 202 -28.03 5.49 31.18
C LYS B 202 -29.37 6.12 31.51
N ILE B 203 -29.32 7.28 32.15
CA ILE B 203 -30.51 8.06 32.49
C ILE B 203 -30.28 9.49 32.06
N TYR B 204 -31.20 10.02 31.27
CA TYR B 204 -31.15 11.40 30.79
C TYR B 204 -32.40 12.14 31.22
N SER B 205 -32.24 13.42 31.57
CA SER B 205 -33.36 14.19 32.07
C SER B 205 -33.16 15.67 31.75
N LYS B 206 -34.27 16.40 31.72
CA LYS B 206 -34.28 17.85 31.55
C LYS B 206 -35.69 18.33 31.85
N HIS B 207 -35.77 19.53 32.43
CA HIS B 207 -37.04 20.12 32.82
C HIS B 207 -37.17 21.51 32.19
N THR B 208 -38.37 21.81 31.69
CA THR B 208 -38.68 23.11 31.10
C THR B 208 -40.16 23.39 31.26
N PRO B 209 -40.54 24.64 31.50
CA PRO B 209 -41.97 24.97 31.64
C PRO B 209 -42.61 25.40 30.32
N ILE B 210 -43.85 24.97 30.13
CA ILE B 210 -44.64 25.31 28.96
C ILE B 210 -45.99 25.84 29.42
N ASN B 211 -46.78 26.34 28.46
CA ASN B 211 -48.11 26.86 28.75
C ASN B 211 -49.19 26.14 27.94
N LEU B 212 -48.87 24.98 27.38
CA LEU B 212 -49.83 24.20 26.61
C LEU B 212 -50.59 23.24 27.51
N VAL B 213 -51.61 22.60 26.95
CA VAL B 213 -52.45 21.68 27.72
C VAL B 213 -52.31 20.27 27.17
N ARG B 214 -52.01 20.16 25.87
CA ARG B 214 -51.92 18.86 25.21
C ARG B 214 -50.72 18.86 24.27
N ASP B 215 -50.32 17.64 23.88
CA ASP B 215 -49.23 17.41 22.95
C ASP B 215 -47.92 18.00 23.47
N LEU B 216 -46.96 18.23 22.56
CA LEU B 216 -45.65 18.75 22.93
C LEU B 216 -45.31 19.98 22.09
N PRO B 217 -44.53 20.91 22.64
CA PRO B 217 -44.13 22.08 21.86
C PRO B 217 -43.14 21.72 20.77
N GLN B 218 -43.00 22.64 19.81
CA GLN B 218 -42.09 22.45 18.69
C GLN B 218 -40.66 22.85 19.02
N GLY B 219 -40.40 23.32 20.24
CA GLY B 219 -39.05 23.71 20.61
C GLY B 219 -38.12 22.52 20.76
N PHE B 220 -36.83 22.84 20.79
CA PHE B 220 -35.77 21.85 20.87
C PHE B 220 -35.06 21.93 22.22
N SER B 221 -34.80 20.78 22.81
CA SER B 221 -34.10 20.72 24.10
C SER B 221 -33.27 19.44 24.15
N ALA B 222 -32.07 19.54 24.73
CA ALA B 222 -31.18 18.40 24.86
C ALA B 222 -31.21 17.87 26.29
N LEU B 223 -31.50 16.59 26.43
CA LEU B 223 -31.64 15.95 27.74
C LEU B 223 -30.26 15.78 28.36
N GLU B 224 -30.17 15.95 29.68
CA GLU B 224 -28.91 15.91 30.39
C GLU B 224 -28.76 14.61 31.17
N PRO B 225 -27.63 13.92 31.01
CA PRO B 225 -27.42 12.66 31.75
C PRO B 225 -27.31 12.90 33.25
N LEU B 226 -28.00 12.07 34.02
CA LEU B 226 -28.00 12.20 35.48
C LEU B 226 -27.39 11.00 36.18
N VAL B 227 -27.88 9.79 35.91
CA VAL B 227 -27.49 8.60 36.67
C VAL B 227 -27.00 7.52 35.71
N ASP B 228 -25.90 6.87 36.08
CA ASP B 228 -25.35 5.75 35.33
C ASP B 228 -25.32 4.52 36.23
N LEU B 229 -25.70 3.37 35.66
CA LEU B 229 -25.77 2.14 36.43
C LEU B 229 -25.18 0.98 35.64
N PRO B 230 -23.92 0.63 35.88
CA PRO B 230 -23.26 -0.46 35.10
C PRO B 230 -23.49 -1.84 35.69
N ILE B 231 -24.69 -2.37 35.52
CA ILE B 231 -25.04 -3.71 35.97
C ILE B 231 -25.67 -4.46 34.79
N GLY B 232 -25.18 -5.67 34.55
CA GLY B 232 -25.66 -6.48 33.44
C GLY B 232 -26.92 -7.27 33.74
N ILE B 233 -28.06 -6.59 33.77
CA ILE B 233 -29.36 -7.20 34.04
C ILE B 233 -30.27 -6.92 32.86
N ASN B 234 -30.96 -7.96 32.37
CA ASN B 234 -31.89 -7.79 31.26
C ASN B 234 -33.10 -6.98 31.71
N ILE B 235 -33.41 -5.92 30.96
CA ILE B 235 -34.49 -5.01 31.29
C ILE B 235 -35.48 -4.96 30.12
N THR B 236 -35.66 -6.10 29.45
CA THR B 236 -36.48 -6.15 28.24
C THR B 236 -37.91 -5.70 28.47
N ARG B 237 -38.40 -5.73 29.71
CA ARG B 237 -39.74 -5.26 30.02
C ARG B 237 -39.68 -4.17 31.08
N PHE B 238 -40.70 -3.32 31.09
CA PHE B 238 -40.80 -2.25 32.08
C PHE B 238 -42.25 -1.86 32.25
N GLN B 239 -42.53 -1.18 33.35
CA GLN B 239 -43.89 -0.74 33.68
C GLN B 239 -43.86 0.74 34.05
N THR B 240 -45.01 1.22 34.52
CA THR B 240 -45.17 2.61 34.92
C THR B 240 -46.11 2.71 36.11
N LEU B 241 -45.67 3.43 37.13
CA LEU B 241 -46.47 3.64 38.34
C LEU B 241 -46.72 5.14 38.52
N LEU B 242 -47.87 5.47 39.11
CA LEU B 242 -48.27 6.84 39.34
C LEU B 242 -48.76 6.98 40.77
N ALA B 243 -48.84 8.23 41.25
CA ALA B 243 -49.34 8.53 42.59
C ALA B 243 -50.86 8.36 42.58
N LEU B 244 -51.28 7.10 42.57
CA LEU B 244 -52.71 6.80 42.51
C LEU B 244 -53.41 7.23 43.80
N HIS B 245 -54.63 7.74 43.66
CA HIS B 245 -55.43 8.17 44.80
C HIS B 245 -56.36 7.03 45.20
N ARG B 246 -56.13 6.48 46.39
CA ARG B 246 -56.97 5.40 46.91
C ARG B 246 -58.31 5.96 47.36
N SER B 247 -59.40 5.48 46.75
CA SER B 247 -60.72 6.03 47.03
C SER B 247 -61.18 5.78 48.46
N TYR B 248 -60.50 4.91 49.21
CA TYR B 248 -60.90 4.63 50.58
C TYR B 248 -60.76 5.86 51.47
N LEU B 249 -59.68 6.62 51.30
CA LEU B 249 -59.35 7.74 52.18
C LEU B 249 -59.08 9.01 51.38
N THR B 250 -59.98 9.33 50.45
CA THR B 250 -59.91 10.58 49.72
C THR B 250 -61.27 11.26 49.71
N PRO B 251 -61.30 12.59 49.69
CA PRO B 251 -62.58 13.30 49.66
C PRO B 251 -63.31 13.10 48.33
N GLY B 252 -64.61 13.25 48.38
CA GLY B 252 -65.46 13.09 47.20
C GLY B 252 -66.03 11.70 47.00
N ASP B 253 -65.16 10.69 47.00
CA ASP B 253 -65.58 9.31 46.84
C ASP B 253 -65.05 8.50 48.02
N SER B 254 -65.92 7.71 48.64
CA SER B 254 -65.54 6.88 49.78
C SER B 254 -65.72 5.39 49.53
N SER B 255 -66.35 4.99 48.43
CA SER B 255 -66.54 3.59 48.13
C SER B 255 -65.23 2.97 47.63
N SER B 256 -65.20 1.64 47.58
CA SER B 256 -64.01 0.94 47.11
C SER B 256 -63.78 1.22 45.63
N GLY B 257 -62.52 1.45 45.28
CA GLY B 257 -62.18 1.74 43.90
C GLY B 257 -60.86 2.49 43.84
N TRP B 258 -60.54 2.95 42.63
CA TRP B 258 -59.31 3.68 42.36
C TRP B 258 -59.60 4.90 41.52
N THR B 259 -58.82 5.96 41.73
CA THR B 259 -58.94 7.19 40.96
C THR B 259 -57.57 7.85 40.85
N ALA B 260 -57.39 8.65 39.82
CA ALA B 260 -56.13 9.32 39.56
C ALA B 260 -56.40 10.76 39.13
N GLY B 261 -55.42 11.64 39.37
CA GLY B 261 -55.55 13.02 38.97
C GLY B 261 -55.29 13.20 37.48
N ALA B 262 -55.57 14.42 37.01
CA ALA B 262 -55.38 14.74 35.60
C ALA B 262 -53.91 14.75 35.24
N ALA B 263 -53.47 13.72 34.51
CA ALA B 263 -52.09 13.62 34.08
C ALA B 263 -52.01 12.73 32.85
N ALA B 264 -50.91 12.86 32.12
CA ALA B 264 -50.66 12.08 30.92
C ALA B 264 -49.17 11.96 30.69
N TYR B 265 -48.77 10.96 29.91
CA TYR B 265 -47.37 10.73 29.58
C TYR B 265 -47.26 10.09 28.22
N TYR B 266 -46.08 10.20 27.61
CA TYR B 266 -45.81 9.67 26.28
C TYR B 266 -44.66 8.67 26.34
N VAL B 267 -44.74 7.63 25.52
CA VAL B 267 -43.74 6.57 25.47
C VAL B 267 -43.17 6.51 24.06
N GLY B 268 -41.85 6.57 23.95
CA GLY B 268 -41.18 6.47 22.67
C GLY B 268 -40.25 5.26 22.65
N TYR B 269 -39.77 4.95 21.45
CA TYR B 269 -38.91 3.80 21.23
C TYR B 269 -37.63 4.25 20.52
N LEU B 270 -36.49 3.74 20.98
CA LEU B 270 -35.22 4.09 20.38
C LEU B 270 -34.92 3.19 19.18
N GLN B 271 -34.29 3.78 18.17
CA GLN B 271 -33.94 3.11 16.94
C GLN B 271 -32.51 3.44 16.58
N PRO B 272 -31.76 2.49 16.02
CA PRO B 272 -30.38 2.79 15.60
C PRO B 272 -30.35 3.71 14.39
N ARG B 273 -29.96 4.96 14.61
CA ARG B 273 -29.93 5.97 13.57
C ARG B 273 -28.69 6.85 13.73
N THR B 274 -28.43 7.66 12.71
CA THR B 274 -27.32 8.61 12.72
C THR B 274 -27.86 10.02 12.81
N PHE B 275 -27.32 10.81 13.74
CA PHE B 275 -27.73 12.19 13.93
C PHE B 275 -26.56 13.12 13.64
N LEU B 276 -26.88 14.33 13.20
CA LEU B 276 -25.91 15.39 12.99
C LEU B 276 -26.11 16.42 14.10
N LEU B 277 -25.24 16.38 15.11
CA LEU B 277 -25.35 17.22 16.28
C LEU B 277 -24.68 18.57 16.03
N LYS B 278 -25.35 19.64 16.46
CA LYS B 278 -24.83 21.00 16.34
C LYS B 278 -24.51 21.51 17.75
N TYR B 279 -23.28 21.99 17.93
CA TYR B 279 -22.83 22.50 19.22
C TYR B 279 -22.57 24.00 19.11
N ASN B 280 -23.10 24.76 20.06
CA ASN B 280 -22.92 26.21 20.08
C ASN B 280 -21.57 26.55 20.71
N GLU B 281 -21.34 27.84 20.94
CA GLU B 281 -20.10 28.28 21.56
C GLU B 281 -20.02 27.87 23.03
N ASN B 282 -21.15 27.62 23.68
CA ASN B 282 -21.18 27.24 25.08
C ASN B 282 -21.15 25.73 25.28
N GLY B 283 -21.10 24.95 24.22
CA GLY B 283 -21.00 23.51 24.33
C GLY B 283 -22.31 22.77 24.51
N THR B 284 -23.44 23.47 24.51
CA THR B 284 -24.75 22.85 24.64
C THR B 284 -25.36 22.64 23.26
N ILE B 285 -26.16 21.60 23.13
CA ILE B 285 -26.79 21.28 21.85
C ILE B 285 -27.98 22.20 21.64
N THR B 286 -27.94 22.99 20.56
CA THR B 286 -29.03 23.91 20.24
C THR B 286 -29.95 23.38 19.15
N ASP B 287 -29.47 22.48 18.30
CA ASP B 287 -30.30 21.91 17.25
C ASP B 287 -29.70 20.57 16.84
N ALA B 288 -30.55 19.71 16.29
CA ALA B 288 -30.13 18.42 15.79
C ALA B 288 -31.01 18.02 14.62
N VAL B 289 -30.47 17.20 13.73
CA VAL B 289 -31.17 16.75 12.53
C VAL B 289 -31.04 15.24 12.45
N ASP B 290 -32.18 14.55 12.44
CA ASP B 290 -32.20 13.12 12.17
C ASP B 290 -31.87 12.88 10.71
N CYS B 291 -30.88 12.03 10.45
CA CYS B 291 -30.48 11.79 9.06
C CYS B 291 -31.29 10.68 8.42
N ALA B 292 -32.61 10.72 8.63
CA ALA B 292 -33.52 9.84 7.93
C ALA B 292 -34.86 10.51 7.59
N LEU B 293 -35.01 11.80 7.88
CA LEU B 293 -36.32 12.45 7.72
C LEU B 293 -36.66 12.66 6.26
N ASP B 294 -35.71 13.16 5.47
CA ASP B 294 -35.96 13.51 4.08
C ASP B 294 -34.62 13.55 3.35
N PRO B 295 -34.63 13.53 2.02
CA PRO B 295 -33.35 13.66 1.29
C PRO B 295 -32.61 14.96 1.60
N LEU B 296 -33.32 16.00 2.04
CA LEU B 296 -32.63 17.21 2.48
C LEU B 296 -31.75 16.93 3.68
N SER B 297 -32.23 16.10 4.61
CA SER B 297 -31.41 15.72 5.76
C SER B 297 -30.17 14.95 5.32
N GLU B 298 -30.32 14.05 4.35
CA GLU B 298 -29.16 13.31 3.85
C GLU B 298 -28.17 14.23 3.16
N THR B 299 -28.67 15.21 2.42
CA THR B 299 -27.79 16.21 1.81
C THR B 299 -27.04 17.00 2.87
N LYS B 300 -27.74 17.36 3.95
CA LYS B 300 -27.08 18.05 5.06
C LYS B 300 -26.00 17.19 5.69
N CYS B 301 -26.28 15.89 5.85
CA CYS B 301 -25.29 14.98 6.42
C CYS B 301 -24.06 14.89 5.52
N THR B 302 -24.28 14.78 4.21
CA THR B 302 -23.15 14.70 3.29
C THR B 302 -22.34 15.99 3.30
N LEU B 303 -23.02 17.14 3.37
CA LEU B 303 -22.34 18.43 3.45
C LEU B 303 -21.86 18.75 4.86
N LYS B 304 -22.32 18.01 5.87
CA LYS B 304 -21.93 18.23 7.27
C LYS B 304 -22.23 19.66 7.71
N SER B 305 -23.38 20.17 7.29
CA SER B 305 -23.80 21.52 7.65
C SER B 305 -25.32 21.57 7.73
N PHE B 306 -25.82 22.55 8.48
CA PHE B 306 -27.26 22.73 8.63
C PHE B 306 -27.89 23.54 7.50
N THR B 307 -27.06 24.13 6.63
CA THR B 307 -27.55 24.87 5.48
C THR B 307 -27.00 24.26 4.21
N VAL B 308 -27.81 24.27 3.16
CA VAL B 308 -27.44 23.69 1.86
C VAL B 308 -27.62 24.74 0.79
N GLU B 309 -26.57 24.97 0.01
CA GLU B 309 -26.64 25.93 -1.09
C GLU B 309 -27.35 25.30 -2.30
N LYS B 310 -27.73 26.16 -3.23
CA LYS B 310 -28.42 25.70 -4.43
C LYS B 310 -27.48 24.86 -5.29
N GLY B 311 -27.98 23.73 -5.77
CA GLY B 311 -27.18 22.86 -6.60
C GLY B 311 -27.66 21.41 -6.49
N ILE B 312 -26.86 20.52 -7.04
CA ILE B 312 -27.13 19.09 -7.03
C ILE B 312 -25.99 18.38 -6.33
N TYR B 313 -26.33 17.50 -5.38
CA TYR B 313 -25.34 16.78 -4.59
C TYR B 313 -25.71 15.30 -4.56
N GLN B 314 -24.73 14.45 -4.85
CA GLN B 314 -24.90 13.01 -4.73
C GLN B 314 -24.76 12.62 -3.27
N THR B 315 -25.84 12.12 -2.67
CA THR B 315 -25.87 11.91 -1.23
C THR B 315 -25.74 10.44 -0.82
N SER B 316 -26.11 9.51 -1.69
CA SER B 316 -26.06 8.08 -1.35
C SER B 316 -26.20 7.27 -2.63
N ASN B 317 -26.32 5.96 -2.47
CA ASN B 317 -26.51 5.04 -3.59
C ASN B 317 -27.60 4.05 -3.22
N PHE B 318 -28.26 3.53 -4.25
CA PHE B 318 -29.36 2.58 -4.07
C PHE B 318 -29.09 1.34 -4.91
N ARG B 319 -29.60 0.21 -4.43
CA ARG B 319 -29.32 -1.09 -5.04
C ARG B 319 -30.60 -1.91 -5.04
N VAL B 320 -30.72 -2.85 -5.97
CA VAL B 320 -31.85 -3.76 -6.01
C VAL B 320 -31.40 -5.15 -5.60
N GLN B 321 -32.05 -5.73 -4.60
CA GLN B 321 -31.69 -7.03 -4.09
C GLN B 321 -32.56 -8.11 -4.72
N PRO B 322 -32.05 -9.34 -4.82
CA PRO B 322 -32.88 -10.44 -5.30
C PRO B 322 -34.07 -10.67 -4.38
N THR B 323 -35.19 -11.08 -4.98
CA THR B 323 -36.43 -11.20 -4.22
C THR B 323 -36.31 -12.23 -3.11
N GLU B 324 -36.22 -13.51 -3.45
CA GLU B 324 -35.83 -14.50 -2.46
C GLU B 324 -34.60 -15.30 -2.92
N SER B 325 -34.70 -15.94 -4.09
CA SER B 325 -33.67 -16.78 -4.66
C SER B 325 -34.21 -17.34 -5.98
N ILE B 326 -33.34 -18.08 -6.69
CA ILE B 326 -33.77 -18.91 -7.80
C ILE B 326 -32.78 -20.05 -7.93
N VAL B 327 -33.28 -21.23 -8.30
CA VAL B 327 -32.49 -22.45 -8.37
C VAL B 327 -32.69 -23.08 -9.74
N ARG B 328 -31.59 -23.45 -10.39
CA ARG B 328 -31.63 -24.08 -11.71
C ARG B 328 -30.52 -25.11 -11.80
N PHE B 329 -30.91 -26.37 -12.00
CA PHE B 329 -30.03 -27.49 -12.27
C PHE B 329 -30.54 -28.26 -13.48
N PRO B 330 -29.68 -29.04 -14.16
CA PRO B 330 -30.13 -29.81 -15.32
C PRO B 330 -31.26 -30.78 -15.02
N ASN B 331 -31.87 -31.34 -16.05
CA ASN B 331 -32.87 -32.38 -15.84
C ASN B 331 -32.28 -33.55 -15.05
N ILE B 332 -33.13 -34.24 -14.32
CA ILE B 332 -32.71 -35.42 -13.58
C ILE B 332 -32.20 -36.45 -14.59
N THR B 333 -31.03 -37.01 -14.32
CA THR B 333 -30.42 -37.92 -15.29
C THR B 333 -31.18 -39.26 -15.29
N ASN B 334 -30.69 -40.18 -16.12
CA ASN B 334 -31.28 -41.51 -16.19
C ASN B 334 -31.22 -42.18 -14.82
N LEU B 335 -32.35 -42.74 -14.39
CA LEU B 335 -32.42 -43.35 -13.08
C LEU B 335 -31.48 -44.55 -12.99
N CYS B 336 -30.90 -44.74 -11.81
CA CYS B 336 -30.03 -45.89 -11.60
C CYS B 336 -30.85 -47.17 -11.75
N PRO B 337 -30.25 -48.26 -12.25
CA PRO B 337 -31.04 -49.47 -12.49
C PRO B 337 -31.47 -50.16 -11.21
N PHE B 338 -32.11 -49.41 -10.31
CA PHE B 338 -32.70 -50.01 -9.12
C PHE B 338 -33.99 -50.74 -9.47
N GLY B 339 -34.79 -50.16 -10.37
CA GLY B 339 -35.98 -50.85 -10.84
C GLY B 339 -35.66 -52.13 -11.57
N GLU B 340 -34.56 -52.15 -12.31
CA GLU B 340 -34.10 -53.40 -12.92
C GLU B 340 -33.78 -54.44 -11.86
N VAL B 341 -33.37 -54.01 -10.67
CA VAL B 341 -33.13 -54.93 -9.56
C VAL B 341 -34.37 -55.12 -8.71
N PHE B 342 -35.09 -54.02 -8.40
CA PHE B 342 -36.30 -54.12 -7.61
C PHE B 342 -37.39 -54.91 -8.33
N ASN B 343 -37.57 -54.67 -9.64
CA ASN B 343 -38.59 -55.33 -10.43
C ASN B 343 -37.99 -56.37 -11.36
N ALA B 344 -36.93 -57.05 -10.91
CA ALA B 344 -36.29 -58.06 -11.75
C ALA B 344 -37.20 -59.25 -11.97
N THR B 345 -37.27 -59.70 -13.23
CA THR B 345 -38.08 -60.87 -13.56
C THR B 345 -37.57 -62.13 -12.89
N ARG B 346 -36.26 -62.34 -12.85
CA ARG B 346 -35.66 -63.50 -12.21
C ARG B 346 -34.74 -63.04 -11.08
N PHE B 347 -34.85 -63.70 -9.94
CA PHE B 347 -34.06 -63.37 -8.76
C PHE B 347 -33.12 -64.53 -8.43
N ALA B 348 -31.86 -64.20 -8.19
CA ALA B 348 -30.86 -65.21 -7.87
C ALA B 348 -31.00 -65.66 -6.42
N SER B 349 -30.35 -66.77 -6.12
CA SER B 349 -30.40 -67.34 -4.78
C SER B 349 -29.54 -66.51 -3.82
N VAL B 350 -29.72 -66.78 -2.52
CA VAL B 350 -29.00 -66.03 -1.50
C VAL B 350 -27.51 -66.36 -1.53
N TYR B 351 -27.17 -67.62 -1.79
CA TYR B 351 -25.76 -68.00 -1.86
C TYR B 351 -25.09 -67.53 -3.14
N ALA B 352 -25.87 -67.18 -4.16
CA ALA B 352 -25.35 -66.71 -5.44
C ALA B 352 -25.99 -65.37 -5.80
N TRP B 353 -26.01 -64.45 -4.84
CA TRP B 353 -26.63 -63.14 -5.06
C TRP B 353 -25.92 -62.38 -6.17
N ASN B 354 -26.71 -61.79 -7.06
CA ASN B 354 -26.16 -61.04 -8.19
C ASN B 354 -25.72 -59.66 -7.74
N ARG B 355 -24.58 -59.22 -8.27
CA ARG B 355 -24.03 -57.90 -7.99
C ARG B 355 -23.99 -57.09 -9.28
N LYS B 356 -24.51 -55.87 -9.23
CA LYS B 356 -24.56 -54.99 -10.38
C LYS B 356 -23.89 -53.67 -10.04
N ARG B 357 -22.97 -53.24 -10.90
CA ARG B 357 -22.27 -51.98 -10.69
C ARG B 357 -23.18 -50.82 -11.07
N ILE B 358 -23.25 -49.82 -10.18
CA ILE B 358 -24.13 -48.66 -10.36
C ILE B 358 -23.25 -47.42 -10.49
N SER B 359 -23.38 -46.71 -11.61
CA SER B 359 -22.60 -45.51 -11.83
C SER B 359 -23.27 -44.68 -12.93
N ASN B 360 -22.92 -43.39 -12.97
CA ASN B 360 -23.41 -42.45 -13.98
C ASN B 360 -24.94 -42.42 -14.02
N CYS B 361 -25.53 -42.21 -12.85
CA CYS B 361 -26.99 -42.12 -12.72
C CYS B 361 -27.29 -41.41 -11.40
N VAL B 362 -28.56 -41.40 -11.01
CA VAL B 362 -29.02 -40.73 -9.80
C VAL B 362 -29.77 -41.74 -8.94
N ALA B 363 -29.50 -41.73 -7.64
CA ALA B 363 -30.17 -42.62 -6.69
C ALA B 363 -31.52 -42.00 -6.30
N ASP B 364 -32.43 -42.00 -7.26
CA ASP B 364 -33.77 -41.42 -7.06
C ASP B 364 -34.68 -42.46 -6.41
N TYR B 365 -34.43 -42.70 -5.13
CA TYR B 365 -35.22 -43.64 -4.34
C TYR B 365 -36.38 -42.98 -3.61
N SER B 366 -36.57 -41.67 -3.77
CA SER B 366 -37.66 -40.99 -3.09
C SER B 366 -39.02 -41.40 -3.64
N VAL B 367 -39.06 -41.85 -4.90
CA VAL B 367 -40.32 -42.28 -5.49
C VAL B 367 -40.84 -43.55 -4.81
N LEU B 368 -39.93 -44.43 -4.39
CA LEU B 368 -40.31 -45.66 -3.71
C LEU B 368 -40.23 -45.58 -2.20
N TYR B 369 -39.52 -44.58 -1.67
CA TYR B 369 -39.39 -44.46 -0.21
C TYR B 369 -40.72 -44.08 0.43
N ASN B 370 -41.45 -43.14 -0.17
CA ASN B 370 -42.71 -42.68 0.40
C ASN B 370 -43.87 -43.63 0.13
N SER B 371 -43.69 -44.62 -0.74
CA SER B 371 -44.76 -45.56 -1.04
C SER B 371 -45.10 -46.44 0.16
N ALA B 372 -44.14 -46.67 1.07
CA ALA B 372 -44.34 -47.50 2.25
C ALA B 372 -44.83 -48.90 1.88
N SER B 373 -44.31 -49.43 0.79
CA SER B 373 -44.66 -50.78 0.32
C SER B 373 -43.66 -51.83 0.77
N PHE B 374 -42.67 -51.47 1.59
CA PHE B 374 -41.65 -52.39 2.05
C PHE B 374 -41.92 -52.79 3.49
N SER B 375 -41.81 -54.10 3.75
CA SER B 375 -42.00 -54.61 5.10
C SER B 375 -40.83 -54.30 6.02
N THR B 376 -39.67 -53.94 5.46
CA THR B 376 -38.50 -53.60 6.27
C THR B 376 -37.65 -52.59 5.52
N PHE B 377 -37.42 -51.44 6.14
CA PHE B 377 -36.61 -50.38 5.56
C PHE B 377 -35.62 -49.86 6.59
N LYS B 378 -34.97 -50.79 7.29
CA LYS B 378 -34.03 -50.41 8.35
C LYS B 378 -32.75 -49.84 7.75
N CYS B 379 -32.29 -48.72 8.29
CA CYS B 379 -31.05 -48.08 7.86
C CYS B 379 -30.07 -48.07 9.02
N TYR B 380 -28.84 -48.49 8.76
CA TYR B 380 -27.81 -48.61 9.78
C TYR B 380 -26.77 -47.51 9.61
N GLY B 381 -26.58 -46.71 10.66
CA GLY B 381 -25.54 -45.71 10.68
C GLY B 381 -25.87 -44.40 10.00
N VAL B 382 -27.04 -44.29 9.37
CA VAL B 382 -27.42 -43.06 8.68
C VAL B 382 -28.92 -43.07 8.48
N SER B 383 -29.54 -41.91 8.64
CA SER B 383 -30.97 -41.78 8.40
C SER B 383 -31.28 -41.99 6.92
N PRO B 384 -32.42 -42.61 6.59
CA PRO B 384 -32.76 -42.81 5.17
C PRO B 384 -32.89 -41.52 4.39
N THR B 385 -33.35 -40.44 5.01
CA THR B 385 -33.51 -39.16 4.32
C THR B 385 -32.24 -38.33 4.34
N LYS B 386 -31.35 -38.55 5.31
CA LYS B 386 -30.11 -37.76 5.37
C LYS B 386 -29.18 -38.10 4.21
N LEU B 387 -29.12 -39.37 3.81
CA LEU B 387 -28.23 -39.78 2.73
C LEU B 387 -28.73 -39.33 1.36
N ASN B 388 -29.95 -38.81 1.27
CA ASN B 388 -30.46 -38.35 -0.02
C ASN B 388 -29.63 -37.20 -0.58
N ASP B 389 -29.25 -36.26 0.28
CA ASP B 389 -28.49 -35.08 -0.14
C ASP B 389 -26.98 -35.33 -0.01
N LEU B 390 -26.51 -36.34 -0.75
CA LEU B 390 -25.10 -36.69 -0.76
C LEU B 390 -24.78 -37.42 -2.04
N CYS B 391 -23.57 -37.21 -2.56
CA CYS B 391 -23.14 -37.84 -3.80
C CYS B 391 -22.17 -38.97 -3.50
N PHE B 392 -22.46 -40.16 -3.99
CA PHE B 392 -21.65 -41.35 -3.73
C PHE B 392 -21.03 -41.85 -5.01
N THR B 393 -19.71 -42.03 -5.00
CA THR B 393 -18.99 -42.45 -6.20
C THR B 393 -19.31 -43.90 -6.56
N ASN B 394 -19.28 -44.80 -5.58
CA ASN B 394 -19.48 -46.22 -5.83
C ASN B 394 -20.78 -46.68 -5.18
N VAL B 395 -21.63 -47.31 -5.97
CA VAL B 395 -22.90 -47.86 -5.50
C VAL B 395 -23.03 -49.28 -6.03
N TYR B 396 -23.41 -50.21 -5.16
CA TYR B 396 -23.62 -51.60 -5.54
C TYR B 396 -24.97 -52.08 -5.03
N ALA B 397 -25.62 -52.93 -5.82
CA ALA B 397 -26.93 -53.47 -5.49
C ALA B 397 -26.84 -54.99 -5.41
N ASP B 398 -27.31 -55.55 -4.30
CA ASP B 398 -27.33 -57.00 -4.09
C ASP B 398 -28.78 -57.44 -4.00
N SER B 399 -29.14 -58.42 -4.82
CA SER B 399 -30.50 -58.94 -4.87
C SER B 399 -30.49 -60.44 -4.55
N PHE B 400 -31.36 -60.85 -3.63
CA PHE B 400 -31.49 -62.25 -3.25
C PHE B 400 -32.85 -62.46 -2.63
N VAL B 401 -33.27 -63.73 -2.57
CA VAL B 401 -34.56 -64.11 -2.02
C VAL B 401 -34.31 -64.99 -0.80
N ILE B 402 -34.86 -64.57 0.35
CA ILE B 402 -34.73 -65.31 1.60
C ILE B 402 -36.10 -65.42 2.24
N ARG B 403 -36.15 -66.20 3.31
CA ARG B 403 -37.40 -66.39 4.05
C ARG B 403 -37.78 -65.11 4.79
N GLY B 404 -39.06 -64.99 5.13
CA GLY B 404 -39.54 -63.82 5.84
C GLY B 404 -38.91 -63.67 7.22
N ASP B 405 -38.75 -64.78 7.93
CA ASP B 405 -38.15 -64.75 9.26
C ASP B 405 -36.63 -64.61 9.22
N GLU B 406 -36.01 -64.75 8.05
CA GLU B 406 -34.57 -64.66 7.91
C GLU B 406 -34.08 -63.26 7.57
N VAL B 407 -34.99 -62.28 7.50
CA VAL B 407 -34.57 -60.91 7.19
C VAL B 407 -33.73 -60.33 8.31
N ARG B 408 -33.91 -60.81 9.54
CA ARG B 408 -33.12 -60.31 10.66
C ARG B 408 -31.65 -60.73 10.55
N GLN B 409 -31.39 -61.87 9.89
CA GLN B 409 -30.01 -62.34 9.76
C GLN B 409 -29.16 -61.44 8.88
N ILE B 410 -29.78 -60.62 8.03
CA ILE B 410 -29.04 -59.70 7.17
C ILE B 410 -28.86 -58.42 7.98
N ALA B 411 -27.83 -58.41 8.82
CA ALA B 411 -27.50 -57.28 9.68
C ALA B 411 -26.00 -57.14 9.76
N PRO B 412 -25.50 -55.92 10.00
CA PRO B 412 -24.04 -55.73 10.15
C PRO B 412 -23.53 -56.42 11.41
N GLY B 413 -22.58 -57.32 11.24
CA GLY B 413 -22.02 -58.06 12.34
C GLY B 413 -22.85 -59.23 12.82
N GLN B 414 -23.98 -59.53 12.18
CA GLN B 414 -24.82 -60.64 12.59
C GLN B 414 -24.15 -61.97 12.29
N THR B 415 -24.38 -62.93 13.17
CA THR B 415 -23.83 -64.28 13.04
C THR B 415 -24.97 -65.29 13.03
N GLY B 416 -24.87 -66.27 12.13
CA GLY B 416 -25.90 -67.28 12.04
C GLY B 416 -25.58 -68.27 10.93
N LYS B 417 -26.50 -69.21 10.74
CA LYS B 417 -26.33 -70.24 9.72
C LYS B 417 -26.42 -69.68 8.30
N ILE B 418 -27.04 -68.52 8.14
CA ILE B 418 -27.19 -67.88 6.82
C ILE B 418 -26.21 -66.74 6.65
N ALA B 419 -26.03 -65.91 7.68
CA ALA B 419 -25.14 -64.77 7.57
C ALA B 419 -23.69 -65.20 7.39
N ASP B 420 -23.27 -66.22 8.11
CA ASP B 420 -21.88 -66.68 8.06
C ASP B 420 -21.59 -67.63 6.91
N TYR B 421 -22.60 -68.00 6.11
CA TYR B 421 -22.41 -68.94 5.02
C TYR B 421 -22.96 -68.47 3.68
N ASN B 422 -23.91 -67.55 3.65
CA ASN B 422 -24.51 -67.09 2.39
C ASN B 422 -24.24 -65.62 2.12
N TYR B 423 -24.53 -64.73 3.07
CA TYR B 423 -24.32 -63.30 2.87
C TYR B 423 -23.85 -62.71 4.19
N LYS B 424 -22.59 -62.30 4.23
CA LYS B 424 -21.96 -61.76 5.42
C LYS B 424 -21.82 -60.25 5.29
N LEU B 425 -22.26 -59.52 6.32
CA LEU B 425 -22.14 -58.07 6.34
C LEU B 425 -21.06 -57.64 7.33
N PRO B 426 -20.19 -56.71 6.93
CA PRO B 426 -19.13 -56.27 7.85
C PRO B 426 -19.68 -55.35 8.92
N ASP B 427 -18.76 -54.91 9.80
CA ASP B 427 -19.13 -53.97 10.84
C ASP B 427 -19.59 -52.63 10.25
N ASP B 428 -18.95 -52.20 9.16
CA ASP B 428 -19.33 -50.97 8.47
C ASP B 428 -20.40 -51.30 7.44
N PHE B 429 -21.61 -50.78 7.65
CA PHE B 429 -22.73 -50.97 6.73
C PHE B 429 -23.44 -49.63 6.58
N THR B 430 -23.01 -48.84 5.59
CA THR B 430 -23.58 -47.53 5.34
C THR B 430 -24.92 -47.61 4.61
N GLY B 431 -25.27 -48.76 4.04
CA GLY B 431 -26.50 -48.92 3.31
C GLY B 431 -27.67 -49.28 4.19
N CYS B 432 -28.78 -49.64 3.55
CA CYS B 432 -30.01 -50.02 4.22
C CYS B 432 -30.51 -51.34 3.67
N VAL B 433 -31.23 -52.09 4.50
CA VAL B 433 -31.80 -53.37 4.11
C VAL B 433 -33.27 -53.14 3.74
N ILE B 434 -33.62 -53.45 2.50
CA ILE B 434 -34.97 -53.27 1.99
C ILE B 434 -35.54 -54.64 1.63
N ALA B 435 -36.72 -54.94 2.18
CA ALA B 435 -37.37 -56.21 1.93
C ALA B 435 -38.87 -56.00 1.77
N TRP B 436 -39.50 -56.88 0.99
CA TRP B 436 -40.95 -56.84 0.80
C TRP B 436 -41.43 -58.23 0.45
N ASN B 437 -42.74 -58.44 0.62
CA ASN B 437 -43.33 -59.75 0.37
C ASN B 437 -43.26 -60.10 -1.11
N SER B 438 -42.93 -61.36 -1.39
CA SER B 438 -42.84 -61.86 -2.75
C SER B 438 -43.74 -63.07 -2.99
N ASN B 439 -44.81 -63.20 -2.20
CA ASN B 439 -45.70 -64.35 -2.35
C ASN B 439 -46.42 -64.34 -3.69
N ASN B 440 -46.68 -63.16 -4.26
CA ASN B 440 -47.41 -63.06 -5.51
C ASN B 440 -46.59 -63.50 -6.72
N LEU B 441 -45.28 -63.70 -6.58
CA LEU B 441 -44.44 -64.07 -7.70
C LEU B 441 -43.61 -65.31 -7.41
N ASP B 442 -43.30 -65.54 -6.14
CA ASP B 442 -42.46 -66.66 -5.73
C ASP B 442 -43.27 -67.79 -5.09
N SER B 443 -44.51 -67.99 -5.54
CA SER B 443 -45.35 -69.05 -5.01
C SER B 443 -46.31 -69.51 -6.11
N LYS B 444 -46.57 -70.81 -6.14
CA LYS B 444 -47.48 -71.40 -7.12
C LYS B 444 -47.96 -72.74 -6.59
N VAL B 445 -48.92 -73.32 -7.31
CA VAL B 445 -49.47 -74.62 -6.93
C VAL B 445 -48.40 -75.69 -7.11
N GLY B 446 -48.21 -76.52 -6.07
CA GLY B 446 -47.20 -77.55 -6.09
C GLY B 446 -45.87 -77.18 -5.47
N GLY B 447 -45.66 -75.91 -5.17
CA GLY B 447 -44.42 -75.46 -4.54
C GLY B 447 -43.32 -75.20 -5.55
N ASN B 448 -42.24 -74.62 -5.05
CA ASN B 448 -41.08 -74.29 -5.86
C ASN B 448 -39.83 -74.94 -5.28
N TYR B 449 -38.96 -75.43 -6.16
CA TYR B 449 -37.71 -76.07 -5.76
C TYR B 449 -36.55 -75.57 -6.61
N ASN B 450 -36.59 -74.28 -6.97
CA ASN B 450 -35.58 -73.67 -7.82
C ASN B 450 -34.57 -72.84 -7.02
N TYR B 451 -34.60 -72.92 -5.70
CA TYR B 451 -33.70 -72.15 -4.85
C TYR B 451 -32.83 -73.07 -4.01
N LEU B 452 -31.59 -72.65 -3.81
CA LEU B 452 -30.63 -73.41 -3.01
C LEU B 452 -29.89 -72.45 -2.08
N TYR B 453 -29.40 -73.00 -0.97
CA TYR B 453 -28.65 -72.22 0.01
C TYR B 453 -27.45 -73.04 0.48
N ARG B 454 -26.42 -72.34 0.93
CA ARG B 454 -25.20 -72.96 1.43
C ARG B 454 -25.20 -72.94 2.95
N LEU B 455 -24.88 -74.08 3.55
CA LEU B 455 -24.88 -74.23 5.00
C LEU B 455 -23.55 -74.68 5.59
N PHE B 456 -22.79 -75.50 4.87
CA PHE B 456 -21.54 -76.04 5.38
C PHE B 456 -20.38 -75.46 4.59
N ARG B 457 -19.34 -75.02 5.29
CA ARG B 457 -18.15 -74.47 4.65
C ARG B 457 -16.95 -74.72 5.56
N LYS B 458 -15.76 -74.65 4.95
CA LYS B 458 -14.53 -74.87 5.71
C LYS B 458 -14.32 -73.81 6.78
N SER B 459 -14.64 -72.55 6.47
CA SER B 459 -14.46 -71.46 7.42
C SER B 459 -15.54 -70.42 7.16
N ASN B 460 -15.70 -69.52 8.13
CA ASN B 460 -16.69 -68.46 8.02
C ASN B 460 -16.37 -67.55 6.84
N LEU B 461 -17.40 -67.23 6.04
CA LEU B 461 -17.21 -66.41 4.86
C LEU B 461 -16.87 -64.97 5.26
N LYS B 462 -15.94 -64.37 4.52
CA LYS B 462 -15.59 -62.99 4.73
C LYS B 462 -16.75 -62.09 4.29
N PRO B 463 -16.89 -60.90 4.87
CA PRO B 463 -17.96 -59.99 4.47
C PRO B 463 -17.87 -59.63 3.00
N PHE B 464 -19.03 -59.59 2.34
CA PHE B 464 -19.13 -59.26 0.92
C PHE B 464 -18.24 -60.16 0.07
N GLU B 465 -18.17 -61.44 0.43
CA GLU B 465 -17.41 -62.44 -0.30
C GLU B 465 -18.31 -63.60 -0.68
N ARG B 466 -18.24 -64.01 -1.95
CA ARG B 466 -19.07 -65.09 -2.46
C ARG B 466 -18.19 -66.10 -3.19
N ASP B 467 -18.43 -67.39 -2.92
CA ASP B 467 -17.70 -68.46 -3.57
C ASP B 467 -18.62 -69.64 -3.80
N ILE B 468 -18.54 -70.25 -4.98
CA ILE B 468 -19.35 -71.39 -5.35
C ILE B 468 -18.43 -72.54 -5.73
N SER B 469 -18.62 -73.68 -5.08
CA SER B 469 -17.82 -74.86 -5.36
C SER B 469 -18.63 -76.11 -5.09
N THR B 470 -18.24 -77.21 -5.72
CA THR B 470 -18.90 -78.50 -5.55
C THR B 470 -18.14 -79.44 -4.64
N GLU B 471 -17.10 -78.96 -3.97
CA GLU B 471 -16.34 -79.81 -3.06
C GLU B 471 -17.18 -80.20 -1.85
N ILE B 472 -17.09 -81.47 -1.47
CA ILE B 472 -17.85 -81.97 -0.34
C ILE B 472 -17.12 -81.63 0.95
N TYR B 473 -17.84 -80.99 1.87
CA TYR B 473 -17.26 -80.64 3.17
C TYR B 473 -17.00 -81.91 3.99
N GLN B 474 -15.79 -82.01 4.53
CA GLN B 474 -15.37 -83.17 5.30
C GLN B 474 -14.99 -82.74 6.72
N ALA B 475 -15.49 -83.47 7.70
CA ALA B 475 -15.15 -83.18 9.10
C ALA B 475 -13.68 -83.53 9.35
N GLY B 476 -13.05 -82.74 10.22
CA GLY B 476 -11.65 -82.98 10.55
C GLY B 476 -11.42 -84.31 11.23
N SER B 477 -12.30 -84.66 12.17
CA SER B 477 -12.17 -85.92 12.90
C SER B 477 -12.65 -87.12 12.10
N THR B 478 -13.45 -86.90 11.04
CA THR B 478 -13.98 -87.97 10.21
C THR B 478 -13.72 -87.65 8.75
N PRO B 479 -12.49 -87.88 8.27
CA PRO B 479 -12.19 -87.60 6.86
C PRO B 479 -12.96 -88.52 5.93
N CYS B 480 -13.28 -88.01 4.75
CA CYS B 480 -14.01 -88.76 3.74
C CYS B 480 -13.18 -89.11 2.51
N ASN B 481 -12.09 -88.39 2.26
CA ASN B 481 -11.20 -88.64 1.12
C ASN B 481 -11.94 -88.58 -0.21
N GLY B 482 -12.88 -87.63 -0.34
CA GLY B 482 -13.55 -87.38 -1.60
C GLY B 482 -14.85 -88.13 -1.84
N VAL B 483 -15.42 -88.79 -0.83
CA VAL B 483 -16.69 -89.50 -1.00
C VAL B 483 -17.70 -88.93 -0.02
N GLU B 484 -18.96 -89.30 -0.24
CA GLU B 484 -20.06 -88.86 0.64
C GLU B 484 -20.28 -89.90 1.72
N GLY B 485 -19.40 -89.84 2.73
CA GLY B 485 -19.44 -90.77 3.85
C GLY B 485 -20.03 -90.13 5.09
N PHE B 486 -19.64 -90.69 6.24
CA PHE B 486 -20.12 -90.19 7.52
C PHE B 486 -19.53 -88.81 7.81
N ASN B 487 -20.34 -87.95 8.44
CA ASN B 487 -19.95 -86.60 8.80
C ASN B 487 -19.52 -85.79 7.58
N CYS B 488 -20.14 -86.04 6.43
CA CYS B 488 -19.86 -85.33 5.20
C CYS B 488 -21.18 -84.98 4.53
N TYR B 489 -21.44 -83.68 4.39
CA TYR B 489 -22.68 -83.19 3.80
C TYR B 489 -22.38 -82.24 2.66
N PHE B 490 -23.21 -82.29 1.63
CA PHE B 490 -23.05 -81.39 0.49
C PHE B 490 -23.31 -79.95 0.92
N PRO B 491 -22.51 -78.99 0.44
CA PRO B 491 -22.75 -77.58 0.82
C PRO B 491 -24.11 -77.07 0.40
N LEU B 492 -24.65 -77.54 -0.73
CA LEU B 492 -25.94 -77.08 -1.24
C LEU B 492 -27.06 -77.95 -0.68
N GLN B 493 -28.17 -77.30 -0.31
CA GLN B 493 -29.33 -77.98 0.21
C GLN B 493 -30.59 -77.42 -0.44
N SER B 494 -31.64 -78.23 -0.45
CA SER B 494 -32.90 -77.81 -1.05
C SER B 494 -33.53 -76.68 -0.26
N TYR B 495 -34.11 -75.72 -0.97
CA TYR B 495 -34.75 -74.55 -0.37
C TYR B 495 -35.97 -74.20 -1.20
N GLY B 496 -37.16 -74.28 -0.59
CA GLY B 496 -38.38 -74.01 -1.30
C GLY B 496 -39.43 -73.41 -0.40
N PHE B 497 -40.50 -72.92 -1.02
CA PHE B 497 -41.62 -72.32 -0.31
C PHE B 497 -42.93 -72.86 -0.87
N GLN B 498 -43.96 -72.87 -0.04
CA GLN B 498 -45.27 -73.37 -0.40
C GLN B 498 -46.33 -72.37 0.03
N PRO B 499 -47.47 -72.33 -0.66
CA PRO B 499 -48.56 -71.43 -0.22
C PRO B 499 -49.06 -71.72 1.19
N THR B 500 -49.01 -72.98 1.62
CA THR B 500 -49.48 -73.35 2.95
C THR B 500 -48.57 -72.86 4.06
N ASN B 501 -47.38 -72.34 3.73
CA ASN B 501 -46.47 -71.84 4.74
C ASN B 501 -47.03 -70.62 5.43
N GLY B 502 -46.56 -70.38 6.66
CA GLY B 502 -47.03 -69.26 7.45
C GLY B 502 -46.50 -67.94 6.95
N VAL B 503 -46.90 -66.88 7.66
CA VAL B 503 -46.51 -65.53 7.29
C VAL B 503 -44.99 -65.37 7.35
N GLY B 504 -44.37 -65.87 8.41
CA GLY B 504 -42.93 -65.76 8.55
C GLY B 504 -42.15 -66.66 7.61
N TYR B 505 -42.78 -67.72 7.10
CA TYR B 505 -42.12 -68.64 6.18
C TYR B 505 -42.29 -68.25 4.72
N GLN B 506 -43.06 -67.22 4.42
CA GLN B 506 -43.24 -66.80 3.04
C GLN B 506 -41.95 -66.21 2.48
N PRO B 507 -41.67 -66.45 1.19
CA PRO B 507 -40.46 -65.87 0.59
C PRO B 507 -40.54 -64.35 0.54
N TYR B 508 -39.38 -63.72 0.69
CA TYR B 508 -39.28 -62.27 0.67
C TYR B 508 -38.14 -61.84 -0.24
N ARG B 509 -38.40 -60.82 -1.05
CA ARG B 509 -37.39 -60.27 -1.94
C ARG B 509 -36.63 -59.16 -1.21
N VAL B 510 -35.31 -59.31 -1.11
CA VAL B 510 -34.47 -58.38 -0.38
C VAL B 510 -33.47 -57.76 -1.35
N VAL B 511 -33.42 -56.43 -1.37
CA VAL B 511 -32.46 -55.68 -2.18
C VAL B 511 -31.64 -54.79 -1.26
N VAL B 512 -30.33 -54.89 -1.35
CA VAL B 512 -29.41 -54.15 -0.50
C VAL B 512 -28.77 -53.05 -1.34
N LEU B 513 -28.92 -51.81 -0.89
CA LEU B 513 -28.35 -50.64 -1.56
C LEU B 513 -27.39 -49.96 -0.60
N SER B 514 -26.09 -50.02 -0.91
CA SER B 514 -25.05 -49.46 -0.06
C SER B 514 -24.44 -48.24 -0.73
N PHE B 515 -24.36 -47.14 0.02
CA PHE B 515 -23.82 -45.88 -0.48
C PHE B 515 -22.54 -45.56 0.30
N GLU B 516 -21.45 -45.32 -0.43
CA GLU B 516 -20.17 -45.03 0.19
C GLU B 516 -19.48 -43.90 -0.58
N LEU B 517 -18.55 -43.23 0.10
CA LEU B 517 -17.89 -42.05 -0.43
C LEU B 517 -16.47 -42.38 -0.87
N LEU B 518 -16.03 -41.70 -1.93
CA LEU B 518 -14.68 -41.83 -2.45
C LEU B 518 -14.12 -40.46 -2.77
N HIS B 519 -12.78 -40.36 -2.76
CA HIS B 519 -12.12 -39.11 -3.15
C HIS B 519 -12.29 -38.80 -4.62
N ALA B 520 -12.50 -39.82 -5.45
CA ALA B 520 -12.72 -39.61 -6.87
C ALA B 520 -14.06 -38.90 -7.09
N PRO B 521 -14.22 -38.21 -8.22
CA PRO B 521 -15.50 -37.54 -8.49
C PRO B 521 -16.65 -38.54 -8.48
N ALA B 522 -17.75 -38.13 -7.88
CA ALA B 522 -18.88 -39.02 -7.68
C ALA B 522 -19.58 -39.34 -9.00
N THR B 523 -20.02 -40.59 -9.13
CA THR B 523 -20.78 -41.03 -10.29
C THR B 523 -22.27 -41.09 -10.04
N VAL B 524 -22.69 -41.26 -8.78
CA VAL B 524 -24.10 -41.31 -8.41
C VAL B 524 -24.36 -40.19 -7.41
N CYS B 525 -25.40 -39.39 -7.69
CA CYS B 525 -25.75 -38.27 -6.78
C CYS B 525 -27.22 -38.40 -6.36
N GLY B 526 -27.73 -37.43 -5.59
CA GLY B 526 -29.14 -37.45 -5.15
C GLY B 526 -30.02 -36.61 -6.06
N PRO B 527 -31.36 -36.81 -6.04
CA PRO B 527 -32.26 -36.00 -6.87
C PRO B 527 -31.89 -34.51 -6.80
N LYS B 528 -31.71 -33.88 -7.96
CA LYS B 528 -31.31 -32.44 -7.99
C LYS B 528 -32.55 -31.54 -7.83
N LYS B 529 -32.37 -30.35 -7.27
CA LYS B 529 -33.50 -29.41 -7.08
C LYS B 529 -33.85 -28.77 -8.43
N SER B 530 -35.15 -28.51 -8.68
CA SER B 530 -35.57 -27.90 -9.94
C SER B 530 -36.69 -26.91 -9.61
N THR B 531 -36.45 -25.64 -9.94
CA THR B 531 -37.44 -24.59 -9.70
C THR B 531 -37.77 -23.87 -11.00
N ASN B 532 -38.94 -23.24 -11.02
CA ASN B 532 -39.39 -22.52 -12.19
C ASN B 532 -38.50 -21.30 -12.46
N LEU B 533 -38.23 -21.07 -13.74
CA LEU B 533 -37.40 -19.95 -14.16
C LEU B 533 -38.15 -18.64 -13.99
N VAL B 534 -37.41 -17.58 -13.66
CA VAL B 534 -37.95 -16.24 -13.48
C VAL B 534 -37.23 -15.31 -14.46
N LYS B 535 -38.02 -14.55 -15.22
CA LYS B 535 -37.49 -13.64 -16.22
C LYS B 535 -37.81 -12.20 -15.85
N ASN B 536 -36.94 -11.29 -16.27
CA ASN B 536 -37.10 -9.85 -16.04
C ASN B 536 -37.25 -9.54 -14.55
N LYS B 537 -36.39 -10.16 -13.75
CA LYS B 537 -36.41 -9.94 -12.31
C LYS B 537 -35.01 -10.20 -11.75
N CYS B 538 -34.62 -9.40 -10.76
CA CYS B 538 -33.32 -9.56 -10.13
C CYS B 538 -33.37 -10.74 -9.17
N VAL B 539 -32.57 -11.78 -9.45
CA VAL B 539 -32.55 -13.00 -8.65
C VAL B 539 -31.12 -13.49 -8.52
N ASN B 540 -30.90 -14.36 -7.53
CA ASN B 540 -29.61 -15.02 -7.32
C ASN B 540 -29.63 -16.36 -8.03
N PHE B 541 -28.94 -16.44 -9.16
CA PHE B 541 -29.01 -17.61 -10.03
C PHE B 541 -27.77 -18.49 -9.87
N ASN B 542 -27.99 -19.80 -9.97
CA ASN B 542 -26.92 -20.80 -9.96
C ASN B 542 -27.11 -21.67 -11.20
N PHE B 543 -26.01 -21.91 -11.92
CA PHE B 543 -26.03 -22.69 -13.16
C PHE B 543 -24.81 -23.61 -13.17
N ASN B 544 -25.01 -24.85 -12.72
CA ASN B 544 -23.97 -25.87 -12.70
C ASN B 544 -22.74 -25.41 -11.91
N GLY B 545 -22.99 -24.75 -10.78
CA GLY B 545 -21.94 -24.38 -9.85
C GLY B 545 -21.54 -22.92 -9.85
N LEU B 546 -21.91 -22.15 -10.87
CA LEU B 546 -21.56 -20.73 -10.91
C LEU B 546 -22.57 -19.96 -10.08
N THR B 547 -22.09 -19.03 -9.26
CA THR B 547 -22.95 -18.22 -8.41
C THR B 547 -22.85 -16.75 -8.82
N GLY B 548 -23.99 -16.11 -8.99
CA GLY B 548 -24.01 -14.71 -9.37
C GLY B 548 -25.40 -14.13 -9.22
N THR B 549 -25.45 -12.80 -9.31
CA THR B 549 -26.70 -12.05 -9.21
C THR B 549 -26.94 -11.30 -10.51
N GLY B 550 -28.14 -11.39 -11.03
CA GLY B 550 -28.46 -10.72 -12.28
C GLY B 550 -29.92 -10.89 -12.62
N VAL B 551 -30.29 -10.32 -13.78
CA VAL B 551 -31.66 -10.36 -14.29
C VAL B 551 -31.66 -11.27 -15.50
N LEU B 552 -32.54 -12.27 -15.49
CA LEU B 552 -32.64 -13.20 -16.60
C LEU B 552 -33.56 -12.63 -17.68
N THR B 553 -33.02 -12.45 -18.88
CA THR B 553 -33.78 -11.94 -20.01
C THR B 553 -33.54 -12.85 -21.20
N GLU B 554 -34.59 -13.01 -22.03
CA GLU B 554 -34.47 -13.84 -23.22
C GLU B 554 -33.49 -13.22 -24.20
N SER B 555 -32.70 -14.06 -24.87
CA SER B 555 -31.67 -13.60 -25.78
C SER B 555 -31.85 -14.28 -27.15
N ASN B 556 -31.38 -13.58 -28.18
CA ASN B 556 -31.46 -14.06 -29.55
C ASN B 556 -30.18 -14.77 -30.00
N LYS B 557 -29.22 -14.96 -29.10
CA LYS B 557 -27.98 -15.62 -29.46
C LYS B 557 -28.22 -17.09 -29.75
N LYS B 558 -27.26 -17.70 -30.45
CA LYS B 558 -27.33 -19.10 -30.85
C LYS B 558 -26.14 -19.83 -30.24
N PHE B 559 -26.36 -20.47 -29.09
CA PHE B 559 -25.30 -21.20 -28.43
C PHE B 559 -24.94 -22.47 -29.21
N LEU B 560 -23.67 -22.83 -29.14
CA LEU B 560 -23.22 -24.09 -29.72
C LEU B 560 -23.76 -25.26 -28.88
N PRO B 561 -23.95 -26.43 -29.49
CA PRO B 561 -24.42 -27.59 -28.70
C PRO B 561 -23.52 -27.94 -27.53
N PHE B 562 -22.21 -27.78 -27.68
CA PHE B 562 -21.26 -28.06 -26.61
C PHE B 562 -20.99 -26.86 -25.72
N GLN B 563 -21.52 -25.69 -26.07
CA GLN B 563 -21.25 -24.46 -25.33
C GLN B 563 -22.39 -24.20 -24.35
N GLN B 564 -22.03 -23.91 -23.10
CA GLN B 564 -23.01 -23.66 -22.05
C GLN B 564 -22.85 -22.28 -21.41
N PHE B 565 -21.63 -21.77 -21.33
CA PHE B 565 -21.36 -20.51 -20.66
C PHE B 565 -21.31 -19.37 -21.67
N GLY B 566 -20.90 -18.19 -21.20
CA GLY B 566 -20.78 -17.03 -22.04
C GLY B 566 -20.06 -15.89 -21.34
N ARG B 567 -19.14 -15.24 -22.04
CA ARG B 567 -18.33 -14.18 -21.47
C ARG B 567 -18.22 -13.02 -22.46
N ASP B 568 -17.72 -11.90 -21.95
CA ASP B 568 -17.58 -10.66 -22.71
C ASP B 568 -16.12 -10.23 -22.74
N ILE B 569 -15.87 -9.01 -23.22
CA ILE B 569 -14.51 -8.49 -23.29
C ILE B 569 -13.89 -8.43 -21.91
N ALA B 570 -14.65 -7.98 -20.91
CA ALA B 570 -14.15 -7.84 -19.55
C ALA B 570 -14.04 -9.17 -18.81
N ASP B 571 -14.19 -10.30 -19.51
CA ASP B 571 -14.09 -11.63 -18.92
C ASP B 571 -15.08 -11.80 -17.76
N THR B 572 -16.30 -11.32 -17.96
CA THR B 572 -17.37 -11.45 -16.99
C THR B 572 -18.54 -12.21 -17.60
N THR B 573 -19.22 -13.00 -16.78
CA THR B 573 -20.35 -13.77 -17.27
C THR B 573 -21.51 -12.85 -17.63
N ASP B 574 -21.99 -12.96 -18.87
CA ASP B 574 -23.10 -12.15 -19.34
C ASP B 574 -24.20 -12.97 -20.00
N ALA B 575 -23.88 -14.13 -20.57
CA ALA B 575 -24.88 -14.98 -21.19
C ALA B 575 -24.74 -16.38 -20.62
N VAL B 576 -25.88 -17.02 -20.34
CA VAL B 576 -25.90 -18.36 -19.78
C VAL B 576 -27.06 -19.14 -20.40
N ARG B 577 -26.85 -20.44 -20.56
CA ARG B 577 -27.85 -21.35 -21.10
C ARG B 577 -28.35 -22.25 -19.98
N ASP B 578 -29.66 -22.27 -19.77
CA ASP B 578 -30.23 -23.14 -18.76
C ASP B 578 -30.10 -24.59 -19.21
N PRO B 579 -29.49 -25.46 -18.39
CA PRO B 579 -29.31 -26.85 -18.83
C PRO B 579 -30.61 -27.62 -19.00
N GLN B 580 -31.71 -27.14 -18.42
CA GLN B 580 -32.97 -27.86 -18.50
C GLN B 580 -33.49 -27.89 -19.95
N THR B 581 -33.55 -26.73 -20.59
CA THR B 581 -34.07 -26.62 -21.95
C THR B 581 -33.17 -25.73 -22.77
N LEU B 582 -33.21 -25.91 -24.10
CA LEU B 582 -32.36 -25.14 -25.02
C LEU B 582 -32.92 -23.73 -25.13
N GLU B 583 -32.66 -22.93 -24.10
CA GLU B 583 -33.07 -21.54 -24.04
C GLU B 583 -31.86 -20.66 -23.81
N ILE B 584 -31.81 -19.53 -24.51
CA ILE B 584 -30.68 -18.61 -24.45
C ILE B 584 -31.10 -17.40 -23.62
N LEU B 585 -30.35 -17.11 -22.57
CA LEU B 585 -30.66 -16.04 -21.64
C LEU B 585 -29.41 -15.21 -21.38
N ASP B 586 -29.61 -13.96 -20.96
CA ASP B 586 -28.51 -13.04 -20.65
C ASP B 586 -28.51 -12.67 -19.18
N ILE B 587 -27.36 -12.18 -18.72
CA ILE B 587 -27.17 -11.77 -17.33
C ILE B 587 -26.75 -10.31 -17.32
N THR B 588 -27.49 -9.50 -16.58
CA THR B 588 -27.22 -8.07 -16.43
C THR B 588 -27.44 -7.65 -14.98
N PRO B 589 -26.76 -6.59 -14.52
CA PRO B 589 -27.01 -6.08 -13.18
C PRO B 589 -28.46 -5.63 -13.04
N CYS B 590 -28.99 -5.78 -11.82
CA CYS B 590 -30.42 -5.61 -11.60
C CYS B 590 -30.87 -4.18 -11.92
N SER B 591 -30.46 -3.20 -11.12
CA SER B 591 -30.70 -1.81 -11.50
C SER B 591 -29.46 -0.95 -11.34
N PHE B 592 -28.73 -1.16 -10.24
CA PHE B 592 -27.60 -0.32 -9.85
C PHE B 592 -28.06 1.14 -9.74
N GLY B 593 -27.14 2.06 -9.53
CA GLY B 593 -27.44 3.49 -9.59
C GLY B 593 -27.13 4.20 -8.28
N GLY B 594 -27.04 5.52 -8.36
CA GLY B 594 -26.83 6.36 -7.20
C GLY B 594 -28.02 7.27 -6.94
N VAL B 595 -27.89 8.07 -5.88
CA VAL B 595 -28.92 9.00 -5.46
C VAL B 595 -28.35 10.40 -5.47
N SER B 596 -29.02 11.31 -6.19
CA SER B 596 -28.64 12.72 -6.25
C SER B 596 -29.83 13.57 -5.85
N VAL B 597 -29.55 14.62 -5.07
CA VAL B 597 -30.58 15.50 -4.54
C VAL B 597 -30.42 16.86 -5.21
N ILE B 598 -31.51 17.37 -5.79
CA ILE B 598 -31.53 18.70 -6.39
C ILE B 598 -32.37 19.60 -5.51
N THR B 599 -31.80 20.72 -5.08
CA THR B 599 -32.50 21.63 -4.19
C THR B 599 -31.92 23.03 -4.29
N PRO B 600 -32.74 24.07 -4.13
CA PRO B 600 -32.20 25.42 -4.02
C PRO B 600 -31.64 25.66 -2.62
N GLY B 601 -31.25 26.90 -2.37
CA GLY B 601 -30.73 27.25 -1.06
C GLY B 601 -31.79 27.09 0.00
N THR B 602 -31.35 26.70 1.21
CA THR B 602 -32.29 26.50 2.31
C THR B 602 -32.96 27.79 2.74
N ASN B 603 -32.35 28.95 2.45
CA ASN B 603 -32.98 30.23 2.75
C ASN B 603 -34.22 30.47 1.91
N THR B 604 -34.36 29.77 0.77
CA THR B 604 -35.50 29.94 -0.12
C THR B 604 -36.65 29.00 0.22
N SER B 605 -36.40 27.69 0.25
CA SER B 605 -37.44 26.72 0.54
C SER B 605 -36.79 25.45 1.06
N ASN B 606 -37.64 24.50 1.48
CA ASN B 606 -37.17 23.24 2.03
C ASN B 606 -37.45 22.04 1.13
N GLN B 607 -38.38 22.17 0.18
CA GLN B 607 -38.67 21.06 -0.74
C GLN B 607 -37.48 20.82 -1.67
N VAL B 608 -37.24 19.55 -1.96
CA VAL B 608 -36.07 19.13 -2.73
C VAL B 608 -36.53 18.25 -3.89
N ALA B 609 -35.56 17.74 -4.64
CA ALA B 609 -35.83 16.80 -5.72
C ALA B 609 -34.82 15.65 -5.64
N VAL B 610 -35.23 14.49 -6.13
CA VAL B 610 -34.41 13.28 -6.08
C VAL B 610 -34.18 12.79 -7.50
N LEU B 611 -32.92 12.50 -7.82
CA LEU B 611 -32.54 11.97 -9.13
C LEU B 611 -31.86 10.63 -8.93
N TYR B 612 -32.22 9.65 -9.75
CA TYR B 612 -31.62 8.32 -9.72
C TYR B 612 -30.81 8.11 -10.99
N GLN B 613 -29.68 7.43 -10.86
CA GLN B 613 -28.70 7.37 -11.95
C GLN B 613 -29.00 6.21 -12.89
N ASP B 614 -29.54 6.53 -14.06
CA ASP B 614 -29.66 5.59 -15.19
C ASP B 614 -30.44 4.34 -14.81
N VAL B 615 -31.67 4.54 -14.33
CA VAL B 615 -32.57 3.44 -14.01
C VAL B 615 -33.96 3.78 -14.53
N ASN B 616 -34.78 2.76 -14.77
CA ASN B 616 -36.16 2.95 -15.15
C ASN B 616 -36.98 3.50 -14.00
N CYS B 617 -37.90 4.42 -14.30
CA CYS B 617 -38.69 5.06 -13.27
C CYS B 617 -39.64 4.09 -12.59
N THR B 618 -39.95 2.95 -13.22
CA THR B 618 -40.90 2.01 -12.64
C THR B 618 -40.29 1.24 -11.48
N GLU B 619 -38.97 1.04 -11.49
CA GLU B 619 -38.31 0.25 -10.46
C GLU B 619 -37.85 1.08 -9.27
N VAL B 620 -38.11 2.39 -9.26
CA VAL B 620 -37.67 3.23 -8.14
C VAL B 620 -38.33 2.84 -6.82
N PRO B 621 -39.65 2.68 -6.72
CA PRO B 621 -40.25 2.36 -5.41
C PRO B 621 -39.74 1.07 -4.80
N VAL B 622 -39.48 0.05 -5.61
CA VAL B 622 -39.01 -1.22 -5.08
C VAL B 622 -37.51 -1.20 -4.78
N ALA B 623 -36.77 -0.24 -5.33
CA ALA B 623 -35.32 -0.17 -5.17
C ALA B 623 -34.94 0.47 -3.83
N ILE B 624 -35.96 1.02 -3.17
CA ILE B 624 -35.76 1.68 -1.88
C ILE B 624 -36.41 0.83 -0.79
N HIS B 625 -37.15 -0.21 -1.21
CA HIS B 625 -37.77 -1.19 -0.33
C HIS B 625 -38.90 -0.59 0.51
N ALA B 626 -39.11 0.72 0.39
CA ALA B 626 -40.21 1.43 1.04
C ALA B 626 -40.20 1.29 2.56
N ASP B 627 -39.10 0.80 3.12
CA ASP B 627 -38.98 0.61 4.57
C ASP B 627 -38.22 1.79 5.18
N GLN B 628 -38.82 2.97 5.08
CA GLN B 628 -38.21 4.20 5.56
C GLN B 628 -39.25 5.00 6.36
N LEU B 629 -38.87 6.23 6.72
CA LEU B 629 -39.76 7.13 7.42
C LEU B 629 -40.96 7.49 6.53
N THR B 630 -42.16 7.32 7.08
CA THR B 630 -43.35 7.26 6.24
C THR B 630 -43.64 8.54 5.45
N PRO B 631 -43.60 9.76 6.01
CA PRO B 631 -43.70 10.93 5.13
C PRO B 631 -42.39 11.25 4.44
N THR B 632 -42.41 12.27 3.57
CA THR B 632 -41.23 12.71 2.83
C THR B 632 -40.68 11.62 1.91
N TRP B 633 -40.20 10.52 2.50
CA TRP B 633 -39.60 9.46 1.70
C TRP B 633 -40.61 8.79 0.77
N ARG B 634 -41.76 8.38 1.31
CA ARG B 634 -42.73 7.64 0.51
C ARG B 634 -43.33 8.51 -0.59
N VAL B 635 -43.64 9.77 -0.29
CA VAL B 635 -44.21 10.65 -1.32
C VAL B 635 -43.17 10.95 -2.39
N TYR B 636 -41.90 10.95 -2.02
CA TYR B 636 -40.82 11.17 -2.97
C TYR B 636 -40.34 9.89 -3.64
N SER B 637 -40.89 8.73 -3.26
CA SER B 637 -40.55 7.47 -3.89
C SER B 637 -41.48 7.13 -5.06
N THR B 638 -42.53 7.91 -5.26
CA THR B 638 -43.51 7.68 -6.32
C THR B 638 -44.26 8.99 -6.55
N GLY B 639 -45.35 8.93 -7.30
CA GLY B 639 -46.18 10.11 -7.51
C GLY B 639 -46.41 10.44 -8.97
N SER B 640 -47.30 11.40 -9.23
CA SER B 640 -47.58 11.81 -10.59
C SER B 640 -46.42 12.59 -11.19
N ASN B 641 -45.70 13.36 -10.37
CA ASN B 641 -44.60 14.19 -10.84
C ASN B 641 -43.34 13.33 -10.95
N VAL B 642 -43.35 12.43 -11.93
CA VAL B 642 -42.22 11.56 -12.23
C VAL B 642 -41.82 11.81 -13.67
N PHE B 643 -40.54 12.14 -13.88
CA PHE B 643 -40.01 12.43 -15.20
C PHE B 643 -38.83 11.52 -15.48
N GLN B 644 -38.82 10.89 -16.65
CA GLN B 644 -37.75 9.98 -17.05
C GLN B 644 -36.84 10.72 -18.02
N THR B 645 -35.55 10.76 -17.70
CA THR B 645 -34.56 11.42 -18.54
C THR B 645 -33.49 10.41 -18.97
N ARG B 646 -32.67 10.83 -19.95
CA ARG B 646 -31.55 9.99 -20.36
C ARG B 646 -30.52 9.82 -19.24
N ALA B 647 -30.25 10.88 -18.48
CA ALA B 647 -29.32 10.79 -17.36
C ALA B 647 -29.87 9.95 -16.22
N GLY B 648 -31.18 9.71 -16.18
CA GLY B 648 -31.77 8.89 -15.15
C GLY B 648 -33.20 9.31 -14.90
N CYS B 649 -33.74 8.85 -13.77
CA CYS B 649 -35.11 9.14 -13.38
C CYS B 649 -35.13 10.28 -12.36
N LEU B 650 -35.97 11.27 -12.61
CA LEU B 650 -36.10 12.43 -11.75
C LEU B 650 -37.50 12.42 -11.12
N ILE B 651 -37.55 12.52 -9.80
CA ILE B 651 -38.79 12.51 -9.05
C ILE B 651 -38.83 13.73 -8.14
N GLY B 652 -39.97 14.41 -8.12
CA GLY B 652 -40.13 15.63 -7.35
C GLY B 652 -40.09 16.91 -8.14
N ALA B 653 -39.86 16.85 -9.44
CA ALA B 653 -39.84 18.01 -10.30
C ALA B 653 -40.88 17.85 -11.40
N GLU B 654 -41.50 18.97 -11.77
CA GLU B 654 -42.54 18.99 -12.80
C GLU B 654 -41.92 19.36 -14.13
N HIS B 655 -42.02 18.47 -15.10
CA HIS B 655 -41.46 18.71 -16.42
C HIS B 655 -42.30 19.75 -17.16
N VAL B 656 -41.63 20.70 -17.80
CA VAL B 656 -42.28 21.76 -18.57
C VAL B 656 -41.67 21.81 -19.95
N ASN B 657 -42.44 22.32 -20.91
CA ASN B 657 -42.00 22.41 -22.30
C ASN B 657 -41.24 23.70 -22.59
N ASN B 658 -41.10 24.58 -21.62
CA ASN B 658 -40.37 25.83 -21.82
C ASN B 658 -38.86 25.57 -21.79
N SER B 659 -38.08 26.63 -21.92
CA SER B 659 -36.63 26.52 -21.93
C SER B 659 -36.05 27.82 -21.38
N TYR B 660 -35.48 27.75 -20.18
CA TYR B 660 -34.84 28.90 -19.53
C TYR B 660 -33.36 28.61 -19.37
N GLU B 661 -32.65 29.57 -18.80
CA GLU B 661 -31.23 29.41 -18.51
C GLU B 661 -31.03 28.33 -17.45
N CYS B 662 -29.97 27.56 -17.61
CA CYS B 662 -29.69 26.47 -16.67
C CYS B 662 -29.32 27.03 -15.31
N ASP B 663 -29.94 26.49 -14.27
CA ASP B 663 -29.65 26.87 -12.89
C ASP B 663 -28.98 25.74 -12.12
N ILE B 664 -29.60 24.57 -12.09
CA ILE B 664 -29.03 23.38 -11.45
C ILE B 664 -28.88 22.31 -12.52
N PRO B 665 -27.67 22.11 -13.04
CA PRO B 665 -27.47 21.08 -14.07
C PRO B 665 -27.76 19.69 -13.53
N ILE B 666 -28.33 18.84 -14.36
CA ILE B 666 -28.66 17.46 -14.00
C ILE B 666 -28.02 16.47 -14.95
N GLY B 667 -28.22 16.66 -16.25
CA GLY B 667 -27.67 15.77 -17.27
C GLY B 667 -28.62 15.66 -18.44
N ALA B 668 -28.10 15.20 -19.58
CA ALA B 668 -28.87 15.04 -20.81
C ALA B 668 -29.50 16.36 -21.24
N GLY B 669 -28.82 17.46 -20.95
CA GLY B 669 -29.31 18.78 -21.33
C GLY B 669 -30.54 19.25 -20.60
N ILE B 670 -30.78 18.76 -19.38
CA ILE B 670 -31.96 19.13 -18.61
C ILE B 670 -31.52 19.71 -17.27
N CYS B 671 -32.07 20.86 -16.91
CA CYS B 671 -31.74 21.55 -15.69
C CYS B 671 -33.00 21.81 -14.86
N ALA B 672 -32.81 21.99 -13.56
CA ALA B 672 -33.90 22.23 -12.63
C ALA B 672 -33.77 23.62 -12.05
N SER B 673 -34.92 24.25 -11.78
CA SER B 673 -34.97 25.59 -11.23
C SER B 673 -36.20 25.71 -10.34
N TYR B 674 -36.21 26.73 -9.49
CA TYR B 674 -37.30 26.98 -8.57
C TYR B 674 -38.40 27.85 -9.16
N GLN B 675 -38.26 28.26 -10.42
CA GLN B 675 -39.29 29.09 -11.05
C GLN B 675 -40.61 28.34 -11.15
N THR B 676 -41.70 29.05 -10.87
CA THR B 676 -43.03 28.45 -10.91
C THR B 676 -43.51 28.29 -12.35
N SER B 689 -47.56 29.83 -6.47
CA SER B 689 -47.03 28.63 -5.82
C SER B 689 -45.75 28.16 -6.50
N GLN B 690 -44.61 28.62 -5.97
CA GLN B 690 -43.32 28.23 -6.53
C GLN B 690 -43.05 26.75 -6.27
N SER B 691 -42.47 26.08 -7.26
CA SER B 691 -42.16 24.66 -7.15
C SER B 691 -40.97 24.34 -8.04
N ILE B 692 -40.31 23.22 -7.75
CA ILE B 692 -39.17 22.78 -8.53
C ILE B 692 -39.66 22.20 -9.85
N ILE B 693 -39.09 22.67 -10.95
CA ILE B 693 -39.49 22.24 -12.28
C ILE B 693 -38.25 21.74 -13.03
N ALA B 694 -38.49 20.89 -14.02
CA ALA B 694 -37.44 20.32 -14.86
C ALA B 694 -37.67 20.76 -16.30
N TYR B 695 -36.60 21.22 -16.95
CA TYR B 695 -36.70 21.72 -18.31
C TYR B 695 -35.34 21.59 -18.98
N THR B 696 -35.35 21.62 -20.32
CA THR B 696 -34.13 21.61 -21.10
C THR B 696 -33.49 23.00 -21.07
N MET B 697 -32.17 23.03 -20.92
CA MET B 697 -31.46 24.30 -20.83
C MET B 697 -31.59 25.07 -22.14
N SER B 698 -31.63 26.40 -22.03
CA SER B 698 -31.67 27.28 -23.19
C SER B 698 -30.31 27.93 -23.37
N LEU B 699 -29.74 27.80 -24.56
CA LEU B 699 -28.41 28.33 -24.84
C LEU B 699 -28.48 29.82 -25.19
N GLY B 700 -29.09 30.62 -24.32
CA GLY B 700 -29.24 32.04 -24.53
C GLY B 700 -30.47 32.35 -25.38
N ALA B 701 -30.60 33.63 -25.70
CA ALA B 701 -31.72 34.13 -26.48
C ALA B 701 -31.39 34.09 -27.96
N GLU B 702 -32.40 33.73 -28.76
CA GLU B 702 -32.21 33.65 -30.20
C GLU B 702 -31.99 35.04 -30.79
N ASN B 703 -31.02 35.13 -31.70
CA ASN B 703 -30.70 36.39 -32.36
C ASN B 703 -30.52 36.14 -33.85
N SER B 704 -30.91 37.12 -34.66
CA SER B 704 -30.79 37.04 -36.11
C SER B 704 -30.24 38.36 -36.62
N VAL B 705 -28.96 38.37 -37.00
CA VAL B 705 -28.35 39.57 -37.52
C VAL B 705 -28.86 39.84 -38.93
N ALA B 706 -29.30 41.07 -39.18
CA ALA B 706 -29.82 41.45 -40.49
C ALA B 706 -28.68 41.61 -41.48
N TYR B 707 -28.03 40.51 -41.84
CA TYR B 707 -26.91 40.56 -42.77
C TYR B 707 -27.40 40.88 -44.18
N SER B 708 -26.73 41.84 -44.82
CA SER B 708 -27.01 42.21 -46.19
C SER B 708 -25.70 42.36 -46.94
N ASN B 709 -25.76 42.18 -48.26
CA ASN B 709 -24.56 42.21 -49.08
C ASN B 709 -24.03 43.63 -49.28
N ASN B 710 -24.79 44.66 -48.93
CA ASN B 710 -24.34 46.03 -49.10
C ASN B 710 -24.73 46.91 -47.90
N SER B 711 -24.84 46.32 -46.72
CA SER B 711 -25.21 47.06 -45.52
C SER B 711 -24.23 46.77 -44.40
N ILE B 712 -23.86 47.81 -43.65
CA ILE B 712 -22.97 47.70 -42.51
C ILE B 712 -23.56 48.49 -41.36
N ALA B 713 -23.16 48.13 -40.14
CA ALA B 713 -23.60 48.80 -38.93
C ALA B 713 -22.38 49.38 -38.21
N ILE B 714 -22.40 50.67 -37.98
CA ILE B 714 -21.30 51.39 -37.32
C ILE B 714 -21.83 51.95 -36.01
N PRO B 715 -21.21 51.63 -34.87
CA PRO B 715 -21.70 52.15 -33.59
C PRO B 715 -21.59 53.67 -33.51
N THR B 716 -22.54 54.28 -32.80
CA THR B 716 -22.55 55.71 -32.57
C THR B 716 -22.23 56.08 -31.13
N ASN B 717 -22.16 55.11 -30.23
CA ASN B 717 -21.87 55.37 -28.82
C ASN B 717 -21.12 54.17 -28.26
N PHE B 718 -20.41 54.39 -27.16
CA PHE B 718 -19.61 53.37 -26.51
C PHE B 718 -19.94 53.31 -25.03
N THR B 719 -19.39 52.30 -24.36
CA THR B 719 -19.59 52.11 -22.93
C THR B 719 -18.32 51.50 -22.33
N ILE B 720 -17.80 52.14 -21.29
CA ILE B 720 -16.61 51.67 -20.59
C ILE B 720 -17.06 50.67 -19.54
N SER B 721 -16.68 49.41 -19.73
CA SER B 721 -17.08 48.33 -18.83
C SER B 721 -15.85 47.76 -18.12
N VAL B 722 -16.02 47.43 -16.85
CA VAL B 722 -14.96 46.84 -16.03
C VAL B 722 -15.42 45.47 -15.59
N THR B 723 -14.58 44.46 -15.80
CA THR B 723 -14.90 43.08 -15.44
C THR B 723 -13.82 42.55 -14.51
N THR B 724 -14.25 41.81 -13.49
CA THR B 724 -13.33 41.24 -12.52
C THR B 724 -12.83 39.88 -12.98
N GLU B 725 -11.60 39.55 -12.59
CA GLU B 725 -11.00 38.26 -12.91
C GLU B 725 -10.12 37.85 -11.74
N ILE B 726 -10.48 36.76 -11.08
CA ILE B 726 -9.77 36.27 -9.90
C ILE B 726 -9.07 34.96 -10.26
N LEU B 727 -7.77 34.89 -10.00
CA LEU B 727 -6.98 33.71 -10.30
C LEU B 727 -6.20 33.31 -9.05
N PRO B 728 -6.29 32.07 -8.60
CA PRO B 728 -5.44 31.63 -7.48
C PRO B 728 -3.97 31.70 -7.86
N VAL B 729 -3.14 32.06 -6.88
CA VAL B 729 -1.71 32.25 -7.14
C VAL B 729 -0.90 31.29 -6.28
N SER B 730 -1.43 30.96 -5.10
CA SER B 730 -0.70 30.10 -4.18
C SER B 730 -1.67 29.48 -3.18
N MET B 731 -1.19 28.45 -2.49
CA MET B 731 -1.91 27.81 -1.40
C MET B 731 -1.09 27.94 -0.13
N THR B 732 -1.57 27.28 0.92
CA THR B 732 -0.81 27.21 2.15
C THR B 732 0.31 26.17 2.03
N LYS B 733 1.54 26.61 2.31
CA LYS B 733 2.71 25.73 2.20
C LYS B 733 2.71 24.80 3.41
N THR B 734 2.41 23.53 3.16
CA THR B 734 2.24 22.55 4.22
C THR B 734 3.45 21.63 4.32
N SER B 735 3.98 21.51 5.54
CA SER B 735 5.08 20.60 5.83
C SER B 735 4.62 19.57 6.85
N VAL B 736 4.85 18.29 6.54
CA VAL B 736 4.42 17.18 7.38
C VAL B 736 5.66 16.40 7.81
N ASP B 737 5.78 16.16 9.12
CA ASP B 737 6.88 15.36 9.65
C ASP B 737 6.47 13.90 9.60
N CYS B 738 6.94 13.18 8.58
CA CYS B 738 6.51 11.81 8.36
C CYS B 738 6.88 10.91 9.54
N THR B 739 8.14 10.97 9.98
CA THR B 739 8.60 10.08 11.02
C THR B 739 7.89 10.34 12.35
N MET B 740 7.31 11.53 12.52
CA MET B 740 6.57 11.85 13.72
C MET B 740 5.06 11.75 13.52
N TYR B 741 4.57 12.03 12.31
CA TYR B 741 3.14 11.85 12.04
C TYR B 741 2.76 10.38 12.11
N ILE B 742 3.55 9.51 11.48
CA ILE B 742 3.23 8.09 11.48
C ILE B 742 3.47 7.49 12.87
N CYS B 743 4.57 7.87 13.52
CA CYS B 743 4.96 7.31 14.81
C CYS B 743 4.98 8.43 15.84
N GLY B 744 4.10 8.33 16.85
CA GLY B 744 4.04 9.32 17.90
C GLY B 744 4.86 8.94 19.12
N ASP B 745 5.99 9.62 19.29
CA ASP B 745 6.91 9.45 20.42
C ASP B 745 7.09 7.98 20.81
N SER B 746 7.32 7.15 19.79
CA SER B 746 7.53 5.72 20.00
C SER B 746 8.84 5.33 19.32
N THR B 747 9.82 4.92 20.13
CA THR B 747 11.12 4.55 19.58
C THR B 747 11.02 3.29 18.72
N GLU B 748 10.26 2.29 19.19
CA GLU B 748 10.12 1.06 18.43
C GLU B 748 9.41 1.30 17.10
N CYS B 749 8.42 2.21 17.09
CA CYS B 749 7.76 2.55 15.84
C CYS B 749 8.73 3.17 14.85
N SER B 750 9.60 4.07 15.32
CA SER B 750 10.60 4.66 14.45
C SER B 750 11.58 3.61 13.95
N ASN B 751 11.98 2.67 14.81
CA ASN B 751 12.88 1.61 14.40
C ASN B 751 12.26 0.74 13.31
N LEU B 752 10.98 0.39 13.47
CA LEU B 752 10.30 -0.39 12.45
C LEU B 752 10.14 0.40 11.15
N LEU B 753 9.84 1.70 11.26
CA LEU B 753 9.67 2.52 10.07
C LEU B 753 10.98 2.70 9.32
N LEU B 754 12.11 2.69 10.04
CA LEU B 754 13.41 2.84 9.40
C LEU B 754 13.71 1.71 8.42
N GLN B 755 13.04 0.56 8.56
CA GLN B 755 13.27 -0.55 7.65
C GLN B 755 12.58 -0.35 6.31
N TYR B 756 11.73 0.68 6.18
CA TYR B 756 10.98 0.92 4.96
C TYR B 756 11.75 1.76 3.95
N GLY B 757 12.96 2.19 4.28
CA GLY B 757 13.76 2.96 3.35
C GLY B 757 13.67 4.46 3.63
N SER B 758 13.58 5.25 2.57
CA SER B 758 13.54 6.70 2.67
C SER B 758 12.23 7.27 2.12
N PHE B 759 11.11 6.61 2.42
CA PHE B 759 9.81 7.12 1.99
C PHE B 759 9.51 8.46 2.65
N CYS B 760 9.76 8.57 3.95
CA CYS B 760 9.51 9.83 4.64
C CYS B 760 10.41 10.94 4.13
N THR B 761 11.67 10.61 3.83
CA THR B 761 12.56 11.61 3.23
C THR B 761 12.04 12.08 1.88
N GLN B 762 11.53 11.15 1.06
CA GLN B 762 10.96 11.53 -0.22
C GLN B 762 9.74 12.44 -0.04
N LEU B 763 8.87 12.11 0.91
CA LEU B 763 7.70 12.96 1.16
C LEU B 763 8.11 14.35 1.63
N ASN B 764 9.10 14.42 2.52
CA ASN B 764 9.58 15.72 2.99
C ASN B 764 10.18 16.53 1.85
N ARG B 765 10.96 15.88 0.98
CA ARG B 765 11.53 16.57 -0.16
C ARG B 765 10.44 17.08 -1.10
N ALA B 766 9.42 16.26 -1.34
CA ALA B 766 8.32 16.68 -2.19
C ALA B 766 7.58 17.88 -1.62
N LEU B 767 7.32 17.85 -0.30
CA LEU B 767 6.63 18.97 0.33
C LEU B 767 7.47 20.24 0.30
N THR B 768 8.78 20.12 0.54
CA THR B 768 9.66 21.28 0.46
C THR B 768 9.70 21.85 -0.96
N GLY B 769 9.75 20.97 -1.96
CA GLY B 769 9.70 21.44 -3.33
C GLY B 769 8.39 22.12 -3.66
N ILE B 770 7.28 21.60 -3.14
CA ILE B 770 5.98 22.23 -3.35
C ILE B 770 5.97 23.63 -2.75
N ALA B 771 6.48 23.76 -1.52
CA ALA B 771 6.50 25.07 -0.87
C ALA B 771 7.38 26.06 -1.64
N VAL B 772 8.56 25.61 -2.08
CA VAL B 772 9.45 26.48 -2.85
C VAL B 772 8.80 26.89 -4.16
N GLU B 773 8.13 25.95 -4.83
CA GLU B 773 7.44 26.26 -6.07
C GLU B 773 6.32 27.28 -5.85
N GLN B 774 5.56 27.13 -4.76
CA GLN B 774 4.49 28.07 -4.47
C GLN B 774 5.04 29.47 -4.22
N ASP B 775 6.14 29.55 -3.46
CA ASP B 775 6.79 30.84 -3.25
C ASP B 775 7.28 31.44 -4.56
N LYS B 776 7.84 30.61 -5.43
CA LYS B 776 8.32 31.09 -6.73
C LYS B 776 7.17 31.61 -7.58
N ASN B 777 6.04 30.91 -7.59
CA ASN B 777 4.88 31.38 -8.35
C ASN B 777 4.36 32.70 -7.79
N THR B 778 4.31 32.82 -6.46
CA THR B 778 3.87 34.08 -5.86
C THR B 778 4.80 35.23 -6.26
N GLN B 779 6.12 35.00 -6.20
CA GLN B 779 7.07 36.02 -6.57
C GLN B 779 6.94 36.40 -8.05
N GLU B 780 6.76 35.40 -8.92
CA GLU B 780 6.62 35.68 -10.34
C GLU B 780 5.34 36.46 -10.63
N VAL B 781 4.26 36.13 -9.94
CA VAL B 781 2.99 36.81 -10.18
C VAL B 781 3.04 38.25 -9.71
N PHE B 782 3.56 38.48 -8.50
CA PHE B 782 3.47 39.80 -7.88
C PHE B 782 4.71 40.66 -8.09
N ALA B 783 5.91 40.10 -7.94
CA ALA B 783 7.14 40.88 -8.08
C ALA B 783 7.54 41.00 -9.55
N GLN B 784 6.78 41.82 -10.28
CA GLN B 784 7.03 42.07 -11.68
C GLN B 784 7.52 43.49 -11.96
N VAL B 785 7.77 44.28 -10.92
CA VAL B 785 8.21 45.66 -11.07
C VAL B 785 9.59 45.81 -10.44
N LYS B 786 10.47 46.55 -11.13
CA LYS B 786 11.84 46.69 -10.67
C LYS B 786 11.94 47.59 -9.45
N GLN B 787 11.13 48.65 -9.41
CA GLN B 787 11.17 49.64 -8.34
C GLN B 787 9.78 49.78 -7.70
N ILE B 788 9.65 50.78 -6.85
CA ILE B 788 8.39 51.10 -6.18
C ILE B 788 7.96 52.46 -6.68
N TYR B 789 6.76 52.54 -7.23
CA TYR B 789 6.23 53.80 -7.74
C TYR B 789 5.14 54.33 -6.82
N LYS B 790 5.15 55.65 -6.60
CA LYS B 790 4.20 56.30 -5.72
C LYS B 790 3.41 57.33 -6.51
N THR B 791 2.10 57.35 -6.28
CA THR B 791 1.24 58.31 -6.95
C THR B 791 1.50 59.72 -6.41
N PRO B 792 1.30 60.75 -7.22
CA PRO B 792 1.49 62.12 -6.77
C PRO B 792 0.48 62.48 -5.68
N PRO B 793 0.82 63.40 -4.79
CA PRO B 793 -0.12 63.76 -3.70
C PRO B 793 -1.45 64.29 -4.21
N ILE B 794 -1.46 64.98 -5.34
CA ILE B 794 -2.69 65.52 -5.93
C ILE B 794 -3.15 64.54 -7.01
N LYS B 795 -4.44 64.19 -6.97
CA LYS B 795 -5.01 63.24 -7.93
C LYS B 795 -5.68 64.00 -9.06
N ASP B 796 -4.86 64.73 -9.82
CA ASP B 796 -5.32 65.48 -10.98
C ASP B 796 -5.12 64.63 -12.22
N PHE B 797 -6.03 63.67 -12.41
CA PHE B 797 -5.97 62.73 -13.53
C PHE B 797 -6.99 63.05 -14.62
N GLY B 798 -7.35 64.33 -14.77
CA GLY B 798 -8.31 64.73 -15.79
C GLY B 798 -9.71 64.18 -15.59
N GLY B 799 -10.17 64.14 -14.34
CA GLY B 799 -11.50 63.67 -14.01
C GLY B 799 -11.55 62.20 -13.61
N PHE B 800 -10.53 61.43 -13.95
CA PHE B 800 -10.50 60.02 -13.57
C PHE B 800 -10.27 59.87 -12.07
N ASN B 801 -10.98 58.94 -11.46
CA ASN B 801 -10.95 58.71 -10.02
C ASN B 801 -10.45 57.30 -9.75
N PHE B 802 -9.41 57.18 -8.92
CA PHE B 802 -8.84 55.89 -8.56
C PHE B 802 -8.84 55.66 -7.06
N SER B 803 -9.78 56.27 -6.33
CA SER B 803 -9.79 56.13 -4.87
C SER B 803 -10.10 54.70 -4.45
N GLN B 804 -10.89 53.97 -5.24
CA GLN B 804 -11.26 52.61 -4.87
C GLN B 804 -10.09 51.64 -5.06
N ILE B 805 -9.10 52.00 -5.86
CA ILE B 805 -7.96 51.13 -6.12
C ILE B 805 -6.67 51.66 -5.53
N LEU B 806 -6.57 52.95 -5.24
CA LEU B 806 -5.37 53.48 -4.62
C LEU B 806 -5.36 53.18 -3.12
N PRO B 807 -4.18 53.01 -2.52
CA PRO B 807 -4.13 52.74 -1.08
C PRO B 807 -4.69 53.89 -0.27
N ASP B 808 -5.29 53.54 0.87
CA ASP B 808 -5.87 54.52 1.78
C ASP B 808 -4.97 54.68 3.00
N PRO B 809 -4.27 55.80 3.16
CA PRO B 809 -3.42 55.99 4.35
C PRO B 809 -4.20 56.03 5.65
N SER B 810 -5.51 56.32 5.61
CA SER B 810 -6.28 56.39 6.84
C SER B 810 -6.35 55.03 7.53
N LYS B 811 -6.54 53.96 6.77
CA LYS B 811 -6.62 52.63 7.35
C LYS B 811 -5.25 52.21 7.89
N PRO B 812 -5.23 51.41 8.96
CA PRO B 812 -3.93 50.94 9.49
C PRO B 812 -3.12 50.14 8.48
N SER B 813 -3.79 49.38 7.62
CA SER B 813 -3.13 48.61 6.57
C SER B 813 -3.23 49.38 5.27
N LYS B 814 -2.10 49.52 4.57
CA LYS B 814 -2.07 50.27 3.31
C LYS B 814 -2.71 49.47 2.20
N ARG B 815 -4.04 49.36 2.22
CA ARG B 815 -4.80 48.63 1.22
C ARG B 815 -5.95 49.48 0.71
N SER B 816 -6.32 49.28 -0.54
CA SER B 816 -7.42 50.01 -1.14
C SER B 816 -8.76 49.46 -0.63
N PHE B 817 -9.83 50.20 -0.96
CA PHE B 817 -11.17 49.76 -0.56
C PHE B 817 -11.51 48.41 -1.16
N ILE B 818 -11.24 48.24 -2.46
CA ILE B 818 -11.51 46.97 -3.11
C ILE B 818 -10.66 45.86 -2.50
N GLU B 819 -9.38 46.15 -2.25
CA GLU B 819 -8.51 45.17 -1.61
C GLU B 819 -8.99 44.85 -0.20
N ASP B 820 -9.46 45.86 0.52
CA ASP B 820 -9.98 45.62 1.88
C ASP B 820 -11.20 44.70 1.83
N LEU B 821 -12.13 44.95 0.91
CA LEU B 821 -13.29 44.08 0.79
C LEU B 821 -12.90 42.67 0.37
N LEU B 822 -11.93 42.55 -0.54
CA LEU B 822 -11.47 41.21 -0.94
C LEU B 822 -10.86 40.46 0.24
N PHE B 823 -10.06 41.15 1.05
CA PHE B 823 -9.47 40.52 2.23
C PHE B 823 -10.55 40.12 3.24
N ASN B 824 -11.55 40.98 3.44
CA ASN B 824 -12.59 40.70 4.42
C ASN B 824 -13.48 39.55 3.97
N LYS B 825 -13.73 39.42 2.67
CA LYS B 825 -14.62 38.38 2.18
C LYS B 825 -14.04 36.99 2.43
N VAL B 826 -12.73 36.82 2.23
CA VAL B 826 -12.08 35.53 2.43
C VAL B 826 -11.99 35.27 3.92
N THR B 827 -12.50 34.12 4.35
CA THR B 827 -12.47 33.74 5.76
C THR B 827 -11.91 32.33 5.94
N LEU B 849 -9.72 26.44 12.40
CA LEU B 849 -9.59 25.40 11.38
C LEU B 849 -8.13 25.18 11.00
N ILE B 850 -7.55 26.17 10.32
CA ILE B 850 -6.14 26.06 9.92
C ILE B 850 -5.23 26.09 11.13
N CYS B 851 -5.60 26.87 12.16
CA CYS B 851 -4.80 26.95 13.37
C CYS B 851 -5.21 25.92 14.41
N ALA B 852 -6.28 25.17 14.17
CA ALA B 852 -6.76 24.15 15.09
C ALA B 852 -6.35 22.74 14.69
N GLN B 853 -5.49 22.60 13.68
CA GLN B 853 -5.06 21.30 13.20
C GLN B 853 -3.55 21.12 13.36
N LYS B 854 -2.89 21.99 14.10
CA LYS B 854 -1.44 21.91 14.30
C LYS B 854 -1.11 21.10 15.56
N PHE B 855 -1.69 19.90 15.63
CA PHE B 855 -1.49 19.00 16.75
C PHE B 855 -0.63 17.79 16.44
N ASN B 856 -0.42 17.47 15.17
CA ASN B 856 0.42 16.34 14.77
C ASN B 856 1.67 16.87 14.05
N GLY B 857 2.20 17.99 14.55
CA GLY B 857 3.34 18.63 13.94
C GLY B 857 3.07 19.38 12.66
N LEU B 858 1.82 19.79 12.42
CA LEU B 858 1.45 20.50 11.21
C LEU B 858 1.68 21.99 11.40
N THR B 859 2.95 22.38 11.54
CA THR B 859 3.33 23.78 11.67
C THR B 859 3.41 24.36 10.26
N VAL B 860 2.39 25.11 9.86
CA VAL B 860 2.26 25.61 8.49
C VAL B 860 2.06 27.13 8.55
N LEU B 861 3.17 27.87 8.53
CA LEU B 861 3.15 29.32 8.40
C LEU B 861 4.44 29.87 7.82
N PRO B 862 4.86 29.45 6.62
CA PRO B 862 5.96 30.15 5.94
C PRO B 862 5.48 31.16 4.90
N PRO B 863 4.95 32.33 5.29
CA PRO B 863 4.75 33.36 4.26
C PRO B 863 6.08 34.02 3.90
N LEU B 864 6.59 33.72 2.69
CA LEU B 864 7.79 34.40 2.23
C LEU B 864 7.51 35.88 1.99
N LEU B 865 6.36 36.19 1.41
CA LEU B 865 5.93 37.57 1.19
C LEU B 865 4.66 37.81 1.99
N THR B 866 4.69 38.81 2.87
CA THR B 866 3.52 39.12 3.68
C THR B 866 2.47 39.86 2.85
N ASP B 867 1.28 39.99 3.43
CA ASP B 867 0.20 40.69 2.75
C ASP B 867 0.54 42.16 2.54
N GLU B 868 1.28 42.76 3.47
CA GLU B 868 1.69 44.16 3.32
C GLU B 868 2.59 44.34 2.10
N MET B 869 3.54 43.42 1.90
CA MET B 869 4.44 43.54 0.77
C MET B 869 3.71 43.29 -0.55
N ILE B 870 2.75 42.36 -0.55
CA ILE B 870 1.94 42.13 -1.75
C ILE B 870 1.13 43.38 -2.08
N ALA B 871 0.54 44.01 -1.06
CA ALA B 871 -0.21 45.24 -1.28
C ALA B 871 0.70 46.35 -1.80
N GLN B 872 1.93 46.43 -1.26
CA GLN B 872 2.88 47.42 -1.76
C GLN B 872 3.24 47.17 -3.21
N TYR B 873 3.44 45.91 -3.59
CA TYR B 873 3.72 45.59 -5.00
C TYR B 873 2.55 45.98 -5.90
N THR B 874 1.33 45.67 -5.47
CA THR B 874 0.16 46.03 -6.26
C THR B 874 0.03 47.55 -6.39
N SER B 875 0.29 48.27 -5.29
CA SER B 875 0.22 49.73 -5.34
C SER B 875 1.29 50.30 -6.28
N ALA B 876 2.50 49.74 -6.24
CA ALA B 876 3.55 50.19 -7.14
C ALA B 876 3.17 49.94 -8.60
N LEU B 877 2.60 48.76 -8.88
CA LEU B 877 2.17 48.46 -10.24
C LEU B 877 1.07 49.41 -10.70
N LEU B 878 0.11 49.71 -9.81
CA LEU B 878 -0.97 50.63 -10.15
C LEU B 878 -0.42 52.03 -10.42
N ALA B 879 0.49 52.51 -9.57
CA ALA B 879 1.07 53.82 -9.77
C ALA B 879 1.86 53.88 -11.08
N GLY B 880 2.61 52.83 -11.38
CA GLY B 880 3.34 52.79 -12.64
C GLY B 880 2.44 52.82 -13.85
N THR B 881 1.39 51.99 -13.84
CA THR B 881 0.51 51.92 -15.00
C THR B 881 -0.39 53.15 -15.10
N ILE B 882 -0.49 53.93 -14.01
CA ILE B 882 -1.28 55.15 -14.05
C ILE B 882 -0.44 56.33 -14.55
N THR B 883 0.75 56.49 -13.99
CA THR B 883 1.57 57.67 -14.28
C THR B 883 2.55 57.45 -15.43
N SER B 884 2.68 56.23 -15.95
CA SER B 884 3.65 55.99 -17.03
C SER B 884 3.11 55.10 -18.14
N GLY B 885 1.88 54.60 -18.04
CA GLY B 885 1.38 53.71 -19.08
C GLY B 885 2.13 52.40 -19.08
N TRP B 886 2.47 51.92 -20.28
CA TRP B 886 3.25 50.70 -20.44
C TRP B 886 4.73 50.95 -20.53
N THR B 887 5.16 52.21 -20.41
CA THR B 887 6.58 52.53 -20.53
C THR B 887 7.40 51.93 -19.39
N PHE B 888 6.88 51.94 -18.17
CA PHE B 888 7.62 51.41 -17.03
C PHE B 888 7.76 49.90 -17.10
N GLY B 889 6.87 49.22 -17.81
CA GLY B 889 6.95 47.77 -17.96
C GLY B 889 7.89 47.29 -19.03
N ALA B 890 8.52 48.20 -19.78
CA ALA B 890 9.45 47.81 -20.83
C ALA B 890 10.70 48.70 -20.86
N GLY B 891 11.01 49.36 -19.77
CA GLY B 891 12.16 50.24 -19.70
C GLY B 891 11.97 51.29 -18.62
N ALA B 892 12.63 52.42 -18.82
CA ALA B 892 12.52 53.52 -17.86
C ALA B 892 11.12 54.10 -17.87
N ALA B 893 10.61 54.41 -16.68
CA ALA B 893 9.27 54.98 -16.55
C ALA B 893 9.25 56.40 -17.10
N LEU B 894 8.26 56.70 -17.95
CA LEU B 894 8.12 58.01 -18.56
C LEU B 894 6.78 58.59 -18.15
N GLN B 895 6.81 59.80 -17.57
CA GLN B 895 5.58 60.44 -17.14
C GLN B 895 4.72 60.81 -18.34
N ILE B 896 3.40 60.72 -18.15
CA ILE B 896 2.44 61.02 -19.21
C ILE B 896 1.08 61.31 -18.57
N PRO B 897 0.37 62.34 -19.03
CA PRO B 897 -0.98 62.58 -18.51
C PRO B 897 -1.90 61.40 -18.79
N PHE B 898 -2.81 61.14 -17.86
CA PHE B 898 -3.70 59.99 -18.01
C PHE B 898 -4.64 60.15 -19.20
N ALA B 899 -5.02 61.40 -19.53
CA ALA B 899 -5.84 61.62 -20.72
C ALA B 899 -5.10 61.21 -21.98
N MET B 900 -3.81 61.55 -22.07
CA MET B 900 -3.04 61.16 -23.24
C MET B 900 -2.80 59.65 -23.27
N GLN B 901 -2.67 59.03 -22.09
CA GLN B 901 -2.60 57.58 -22.02
C GLN B 901 -3.88 56.93 -22.57
N MET B 902 -5.04 57.47 -22.17
CA MET B 902 -6.31 56.95 -22.67
C MET B 902 -6.44 57.16 -24.17
N ALA B 903 -5.97 58.31 -24.68
CA ALA B 903 -5.98 58.54 -26.12
C ALA B 903 -5.07 57.54 -26.84
N TYR B 904 -3.90 57.26 -26.26
CA TYR B 904 -2.99 56.28 -26.85
C TYR B 904 -3.65 54.91 -26.92
N ARG B 905 -4.36 54.51 -25.86
CA ARG B 905 -4.98 53.20 -25.87
C ARG B 905 -6.20 53.14 -26.79
N PHE B 906 -6.93 54.26 -26.93
CA PHE B 906 -7.98 54.33 -27.94
C PHE B 906 -7.40 54.19 -29.34
N ASN B 907 -6.27 54.84 -29.61
CA ASN B 907 -5.60 54.65 -30.89
C ASN B 907 -5.17 53.20 -31.07
N GLY B 908 -4.70 52.57 -29.99
CA GLY B 908 -4.28 51.18 -30.08
C GLY B 908 -5.44 50.23 -30.40
N ILE B 909 -6.63 50.52 -29.87
CA ILE B 909 -7.78 49.66 -30.12
C ILE B 909 -8.46 50.07 -31.42
N GLY B 910 -7.83 50.97 -32.17
CA GLY B 910 -8.31 51.35 -33.49
C GLY B 910 -9.32 52.47 -33.53
N VAL B 911 -9.40 53.30 -32.50
CA VAL B 911 -10.33 54.42 -32.45
C VAL B 911 -9.51 55.71 -32.40
N THR B 912 -9.86 56.68 -33.24
CA THR B 912 -9.14 57.94 -33.28
C THR B 912 -9.22 58.64 -31.94
N GLN B 913 -8.12 59.29 -31.55
CA GLN B 913 -8.03 59.91 -30.23
C GLN B 913 -8.93 61.13 -30.09
N ASN B 914 -9.50 61.63 -31.19
CA ASN B 914 -10.35 62.82 -31.11
C ASN B 914 -11.63 62.54 -30.34
N VAL B 915 -12.12 61.30 -30.36
CA VAL B 915 -13.36 60.97 -29.67
C VAL B 915 -13.22 61.08 -28.16
N LEU B 916 -12.00 60.93 -27.62
CA LEU B 916 -11.82 61.01 -26.18
C LEU B 916 -11.80 62.46 -25.71
N TYR B 917 -11.01 63.30 -26.37
CA TYR B 917 -10.91 64.69 -25.95
C TYR B 917 -12.23 65.43 -26.08
N GLU B 918 -13.09 65.00 -26.99
CA GLU B 918 -14.42 65.59 -27.12
C GLU B 918 -15.43 64.96 -26.16
N ASN B 919 -15.09 63.85 -25.50
CA ASN B 919 -15.97 63.19 -24.55
C ASN B 919 -15.20 62.76 -23.30
N GLN B 920 -14.21 63.55 -22.89
CA GLN B 920 -13.39 63.18 -21.75
C GLN B 920 -14.22 63.11 -20.47
N LYS B 921 -15.10 64.08 -20.25
CA LYS B 921 -15.92 64.09 -19.04
C LYS B 921 -16.84 62.89 -18.99
N LEU B 922 -17.49 62.57 -20.11
CA LEU B 922 -18.40 61.43 -20.14
C LEU B 922 -17.67 60.12 -19.92
N ILE B 923 -16.50 59.95 -20.54
CA ILE B 923 -15.73 58.72 -20.38
C ILE B 923 -15.24 58.59 -18.94
N ALA B 924 -14.77 59.70 -18.35
CA ALA B 924 -14.34 59.66 -16.96
C ALA B 924 -15.49 59.31 -16.02
N ASN B 925 -16.66 59.89 -16.26
CA ASN B 925 -17.83 59.57 -15.43
C ASN B 925 -18.22 58.11 -15.57
N GLN B 926 -18.19 57.58 -16.80
CA GLN B 926 -18.52 56.17 -17.00
C GLN B 926 -17.51 55.27 -16.30
N PHE B 927 -16.23 55.60 -16.39
CA PHE B 927 -15.20 54.81 -15.72
C PHE B 927 -15.38 54.83 -14.21
N ASN B 928 -15.67 56.01 -13.65
CA ASN B 928 -15.87 56.12 -12.21
C ASN B 928 -17.11 55.33 -11.77
N SER B 929 -18.19 55.40 -12.56
CA SER B 929 -19.39 54.64 -12.23
C SER B 929 -19.13 53.15 -12.28
N ALA B 930 -18.38 52.68 -13.29
CA ALA B 930 -18.05 51.27 -13.39
C ALA B 930 -17.20 50.83 -12.21
N ILE B 931 -16.20 51.64 -11.83
CA ILE B 931 -15.34 51.30 -10.70
C ILE B 931 -16.16 51.21 -9.42
N GLY B 932 -17.08 52.17 -9.22
CA GLY B 932 -17.95 52.10 -8.05
C GLY B 932 -18.84 50.87 -8.07
N LYS B 933 -19.33 50.49 -9.26
CA LYS B 933 -20.19 49.32 -9.36
C LYS B 933 -19.43 48.03 -9.09
N ILE B 934 -18.11 48.01 -9.38
CA ILE B 934 -17.32 46.82 -9.09
C ILE B 934 -17.34 46.50 -7.61
N GLN B 935 -17.18 47.54 -6.76
CA GLN B 935 -17.18 47.30 -5.32
C GLN B 935 -18.52 46.76 -4.85
N ASP B 936 -19.62 47.33 -5.35
CA ASP B 936 -20.95 46.84 -4.97
C ASP B 936 -21.17 45.41 -5.43
N SER B 937 -20.74 45.07 -6.64
CA SER B 937 -20.88 43.70 -7.13
C SER B 937 -20.06 42.73 -6.30
N LEU B 938 -18.84 43.11 -5.93
CA LEU B 938 -18.00 42.25 -5.11
C LEU B 938 -18.60 42.05 -3.73
N SER B 939 -19.15 43.11 -3.14
CA SER B 939 -19.72 43.01 -1.80
C SER B 939 -21.03 42.23 -1.82
N SER B 940 -21.91 42.53 -2.79
CA SER B 940 -23.21 41.87 -2.83
C SER B 940 -23.09 40.38 -3.14
N THR B 941 -22.21 40.00 -4.05
CA THR B 941 -22.08 38.61 -4.46
C THR B 941 -21.11 37.89 -3.55
N ALA B 942 -21.60 36.86 -2.85
CA ALA B 942 -20.74 36.08 -1.96
C ALA B 942 -19.95 35.03 -2.74
N SER B 943 -20.36 34.77 -3.99
CA SER B 943 -19.69 33.77 -4.83
C SER B 943 -18.71 34.41 -5.82
N ALA B 944 -18.46 35.71 -5.67
CA ALA B 944 -17.51 36.39 -6.56
C ALA B 944 -16.10 35.84 -6.37
N LEU B 945 -15.72 35.55 -5.13
CA LEU B 945 -14.39 35.03 -4.80
C LEU B 945 -14.40 33.51 -4.64
N GLY B 946 -15.19 32.83 -5.47
CA GLY B 946 -15.36 31.40 -5.33
C GLY B 946 -14.09 30.59 -5.52
N LYS B 947 -13.20 31.06 -6.40
CA LYS B 947 -11.98 30.30 -6.69
C LYS B 947 -11.08 30.20 -5.47
N LEU B 948 -10.76 31.33 -4.85
CA LEU B 948 -9.89 31.31 -3.67
C LEU B 948 -10.56 30.56 -2.52
N GLN B 949 -11.85 30.79 -2.32
CA GLN B 949 -12.57 30.14 -1.22
C GLN B 949 -12.58 28.62 -1.41
N ASP B 950 -12.84 28.15 -2.63
CA ASP B 950 -12.94 26.70 -2.82
C ASP B 950 -11.56 26.05 -2.81
N VAL B 951 -10.52 26.77 -3.25
CA VAL B 951 -9.16 26.25 -3.12
C VAL B 951 -8.79 26.09 -1.64
N VAL B 952 -9.09 27.11 -0.84
CA VAL B 952 -8.80 27.03 0.60
C VAL B 952 -9.60 25.91 1.23
N ASN B 953 -10.87 25.76 0.83
CA ASN B 953 -11.70 24.69 1.37
C ASN B 953 -11.14 23.32 1.01
N GLN B 954 -10.65 23.17 -0.23
CA GLN B 954 -10.07 21.89 -0.65
C GLN B 954 -8.83 21.57 0.16
N ASN B 955 -7.96 22.55 0.36
CA ASN B 955 -6.76 22.31 1.16
C ASN B 955 -7.12 21.95 2.60
N ALA B 956 -8.08 22.68 3.18
CA ALA B 956 -8.49 22.40 4.55
C ALA B 956 -9.10 21.02 4.68
N GLN B 957 -9.93 20.62 3.71
CA GLN B 957 -10.55 19.30 3.74
C GLN B 957 -9.50 18.20 3.59
N ALA B 958 -8.52 18.41 2.71
CA ALA B 958 -7.46 17.42 2.56
C ALA B 958 -6.66 17.28 3.85
N LEU B 959 -6.32 18.40 4.49
CA LEU B 959 -5.58 18.34 5.75
C LEU B 959 -6.40 17.67 6.84
N ASN B 960 -7.70 17.98 6.91
CA ASN B 960 -8.56 17.37 7.92
C ASN B 960 -8.68 15.87 7.69
N THR B 961 -8.81 15.44 6.44
CA THR B 961 -8.86 14.01 6.15
C THR B 961 -7.55 13.32 6.52
N LEU B 962 -6.42 13.96 6.22
CA LEU B 962 -5.13 13.38 6.59
C LEU B 962 -5.01 13.24 8.10
N VAL B 963 -5.44 14.24 8.85
CA VAL B 963 -5.40 14.16 10.31
C VAL B 963 -6.34 13.06 10.81
N LYS B 964 -7.55 12.97 10.24
CA LYS B 964 -8.52 11.99 10.69
C LYS B 964 -8.06 10.56 10.35
N GLN B 965 -7.22 10.41 9.34
CA GLN B 965 -6.74 9.09 8.97
C GLN B 965 -5.95 8.42 10.09
N LEU B 966 -5.45 9.20 11.06
CA LEU B 966 -4.74 8.62 12.19
C LEU B 966 -5.64 7.82 13.12
N SER B 967 -6.97 7.97 12.99
CA SER B 967 -7.92 7.27 13.86
C SER B 967 -8.43 5.98 13.22
N SER B 968 -7.80 5.53 12.13
CA SER B 968 -8.20 4.32 11.44
C SER B 968 -7.38 3.12 11.93
N ASN B 969 -8.07 2.01 12.19
CA ASN B 969 -7.38 0.82 12.69
C ASN B 969 -6.47 0.22 11.63
N PHE B 970 -6.88 0.29 10.36
CA PHE B 970 -6.13 -0.33 9.25
C PHE B 970 -5.91 -1.81 9.47
N GLY B 971 -6.90 -2.50 10.03
CA GLY B 971 -6.81 -3.91 10.32
C GLY B 971 -6.25 -4.25 11.68
N ALA B 972 -5.74 -3.26 12.42
CA ALA B 972 -5.22 -3.52 13.76
C ALA B 972 -6.34 -3.52 14.78
N ILE B 973 -6.01 -3.97 15.99
CA ILE B 973 -7.00 -4.01 17.06
C ILE B 973 -7.39 -2.60 17.49
N SER B 974 -6.44 -1.67 17.51
CA SER B 974 -6.71 -0.30 17.92
C SER B 974 -5.76 0.64 17.19
N SER B 975 -6.15 1.91 17.13
CA SER B 975 -5.36 2.94 16.46
C SER B 975 -4.42 3.66 17.41
N VAL B 976 -4.36 3.26 18.68
CA VAL B 976 -3.50 3.88 19.67
C VAL B 976 -2.29 2.99 19.87
N LEU B 977 -1.09 3.56 19.75
CA LEU B 977 0.13 2.78 19.91
C LEU B 977 0.29 2.29 21.35
N ASN B 978 -0.11 3.10 22.33
CA ASN B 978 0.03 2.71 23.73
C ASN B 978 -0.83 1.48 24.04
N ASP B 979 -2.04 1.43 23.50
CA ASP B 979 -2.91 0.28 23.73
C ASP B 979 -2.29 -0.99 23.16
N ILE B 980 -1.71 -0.92 21.96
CA ILE B 980 -1.06 -2.08 21.38
C ILE B 980 0.15 -2.49 22.21
N LEU B 981 0.93 -1.51 22.67
CA LEU B 981 2.11 -1.81 23.47
C LEU B 981 1.73 -2.50 24.78
N SER B 982 0.68 -2.03 25.44
CA SER B 982 0.34 -2.54 26.76
C SER B 982 -0.41 -3.87 26.67
N ARG B 983 -1.45 -3.93 25.84
CA ARG B 983 -2.29 -5.13 25.77
C ARG B 983 -1.52 -6.32 25.20
N LEU B 984 -0.71 -6.08 24.17
CA LEU B 984 -0.05 -7.16 23.46
C LEU B 984 1.46 -7.11 23.68
N ASP B 985 2.06 -8.28 23.79
CA ASP B 985 3.51 -8.42 23.87
C ASP B 985 4.14 -8.13 22.51
N PRO B 986 5.44 -7.85 22.48
CA PRO B 986 6.11 -7.49 21.22
C PRO B 986 5.92 -8.51 20.11
N PRO B 987 5.85 -9.83 20.39
CA PRO B 987 5.62 -10.80 19.30
C PRO B 987 4.59 -10.40 18.26
N GLU B 988 3.36 -10.09 18.65
CA GLU B 988 2.37 -9.60 17.70
C GLU B 988 2.24 -8.09 17.69
N ALA B 989 2.77 -7.39 18.70
CA ALA B 989 2.81 -5.93 18.64
C ALA B 989 3.62 -5.46 17.45
N GLU B 990 4.66 -6.21 17.06
CA GLU B 990 5.45 -5.84 15.90
C GLU B 990 4.62 -5.86 14.63
N VAL B 991 3.81 -6.92 14.44
CA VAL B 991 3.01 -7.00 13.22
C VAL B 991 1.87 -5.99 13.25
N GLN B 992 1.32 -5.71 14.44
CA GLN B 992 0.30 -4.67 14.54
C GLN B 992 0.87 -3.31 14.16
N ILE B 993 2.07 -3.00 14.68
CA ILE B 993 2.73 -1.75 14.35
C ILE B 993 3.07 -1.70 12.86
N ASP B 994 3.44 -2.84 12.28
CA ASP B 994 3.73 -2.90 10.85
C ASP B 994 2.48 -2.58 10.03
N ARG B 995 1.34 -3.14 10.42
CA ARG B 995 0.09 -2.84 9.73
C ARG B 995 -0.25 -1.36 9.84
N LEU B 996 -0.08 -0.79 11.03
CA LEU B 996 -0.34 0.63 11.21
C LEU B 996 0.61 1.47 10.37
N ILE B 997 1.88 1.06 10.28
CA ILE B 997 2.85 1.75 9.45
C ILE B 997 2.42 1.74 7.99
N THR B 998 2.00 0.57 7.51
CA THR B 998 1.56 0.46 6.12
C THR B 998 0.36 1.37 5.85
N GLY B 999 -0.62 1.35 6.76
CA GLY B 999 -1.80 2.18 6.56
C GLY B 999 -1.49 3.67 6.56
N ARG B 1000 -0.69 4.11 7.53
CA ARG B 1000 -0.37 5.53 7.62
C ARG B 1000 0.53 5.97 6.47
N LEU B 1001 1.44 5.10 6.03
CA LEU B 1001 2.29 5.43 4.88
C LEU B 1001 1.45 5.54 3.60
N GLN B 1002 0.48 4.65 3.43
CA GLN B 1002 -0.40 4.76 2.27
C GLN B 1002 -1.21 6.04 2.32
N SER B 1003 -1.72 6.40 3.50
CA SER B 1003 -2.47 7.65 3.64
C SER B 1003 -1.59 8.85 3.31
N LEU B 1004 -0.36 8.86 3.81
CA LEU B 1004 0.56 9.97 3.53
C LEU B 1004 0.90 10.04 2.05
N GLN B 1005 1.11 8.89 1.41
CA GLN B 1005 1.42 8.88 -0.01
C GLN B 1005 0.25 9.42 -0.83
N THR B 1006 -0.97 9.01 -0.49
CA THR B 1006 -2.14 9.53 -1.20
C THR B 1006 -2.27 11.04 -1.00
N TYR B 1007 -2.07 11.50 0.23
CA TYR B 1007 -2.15 12.95 0.50
C TYR B 1007 -1.08 13.71 -0.26
N VAL B 1008 0.14 13.17 -0.32
CA VAL B 1008 1.22 13.85 -1.02
C VAL B 1008 0.95 13.89 -2.51
N THR B 1009 0.42 12.80 -3.09
CA THR B 1009 0.08 12.80 -4.51
C THR B 1009 -1.00 13.83 -4.81
N GLN B 1010 -2.04 13.88 -3.96
CA GLN B 1010 -3.10 14.87 -4.16
C GLN B 1010 -2.57 16.29 -4.05
N GLN B 1011 -1.69 16.53 -3.07
CA GLN B 1011 -1.10 17.84 -2.91
C GLN B 1011 -0.23 18.22 -4.10
N LEU B 1012 0.50 17.24 -4.65
CA LEU B 1012 1.32 17.51 -5.83
C LEU B 1012 0.45 17.87 -7.03
N ILE B 1013 -0.66 17.15 -7.22
CA ILE B 1013 -1.56 17.47 -8.33
C ILE B 1013 -2.14 18.86 -8.16
N ARG B 1014 -2.59 19.18 -6.94
CA ARG B 1014 -3.13 20.52 -6.67
C ARG B 1014 -2.06 21.59 -6.86
N ALA B 1015 -0.82 21.30 -6.48
CA ALA B 1015 0.27 22.26 -6.67
C ALA B 1015 0.55 22.48 -8.14
N ALA B 1016 0.48 21.42 -8.95
CA ALA B 1016 0.65 21.59 -10.40
C ALA B 1016 -0.46 22.45 -10.98
N GLU B 1017 -1.70 22.21 -10.55
CA GLU B 1017 -2.81 23.03 -11.04
C GLU B 1017 -2.64 24.48 -10.64
N ILE B 1018 -2.23 24.73 -9.39
CA ILE B 1018 -2.02 26.08 -8.91
C ILE B 1018 -0.84 26.73 -9.63
N ARG B 1019 0.19 25.95 -9.97
CA ARG B 1019 1.30 26.51 -10.74
C ARG B 1019 0.85 26.93 -12.13
N ALA B 1020 0.00 26.13 -12.77
CA ALA B 1020 -0.54 26.52 -14.08
C ALA B 1020 -1.37 27.79 -13.95
N SER B 1021 -2.22 27.87 -12.91
CA SER B 1021 -3.03 29.05 -12.70
C SER B 1021 -2.17 30.28 -12.44
N ALA B 1022 -1.09 30.12 -11.67
CA ALA B 1022 -0.20 31.23 -11.38
C ALA B 1022 0.60 31.66 -12.61
N ASN B 1023 0.97 30.71 -13.46
CA ASN B 1023 1.61 31.08 -14.73
C ASN B 1023 0.66 31.89 -15.60
N LEU B 1024 -0.61 31.47 -15.65
CA LEU B 1024 -1.60 32.25 -16.39
C LEU B 1024 -1.77 33.64 -15.78
N ALA B 1025 -1.79 33.73 -14.45
CA ALA B 1025 -1.92 35.02 -13.78
C ALA B 1025 -0.71 35.91 -14.05
N ALA B 1026 0.48 35.33 -14.06
CA ALA B 1026 1.68 36.10 -14.38
C ALA B 1026 1.66 36.60 -15.82
N THR B 1027 1.20 35.76 -16.74
CA THR B 1027 1.05 36.22 -18.13
C THR B 1027 0.04 37.36 -18.23
N LYS B 1028 -1.06 37.25 -17.50
CA LYS B 1028 -2.05 38.32 -17.49
C LYS B 1028 -1.47 39.60 -16.89
N MET B 1029 -0.67 39.48 -15.83
CA MET B 1029 -0.01 40.65 -15.26
C MET B 1029 0.95 41.29 -16.25
N SER B 1030 1.69 40.47 -16.99
CA SER B 1030 2.68 41.01 -17.93
C SER B 1030 2.00 41.67 -19.12
N GLU B 1031 0.91 41.10 -19.61
CA GLU B 1031 0.27 41.60 -20.83
C GLU B 1031 -0.85 42.59 -20.56
N CYS B 1032 -1.88 42.18 -19.80
CA CYS B 1032 -3.04 43.04 -19.57
C CYS B 1032 -2.65 44.31 -18.80
N VAL B 1033 -1.80 44.18 -17.79
CA VAL B 1033 -1.51 45.29 -16.89
C VAL B 1033 -0.35 46.12 -17.42
N LEU B 1034 0.78 45.47 -17.69
CA LEU B 1034 1.99 46.16 -18.11
C LEU B 1034 1.95 46.58 -19.58
N GLY B 1035 0.80 46.50 -20.23
CA GLY B 1035 0.70 46.90 -21.62
C GLY B 1035 -0.72 46.70 -22.12
N GLN B 1036 -0.88 46.81 -23.43
CA GLN B 1036 -2.15 46.61 -24.09
C GLN B 1036 -2.12 45.31 -24.88
N SER B 1037 -3.12 44.46 -24.66
CA SER B 1037 -3.18 43.14 -25.29
C SER B 1037 -4.24 43.15 -26.38
N LYS B 1038 -3.85 42.68 -27.57
CA LYS B 1038 -4.77 42.56 -28.70
C LYS B 1038 -5.47 41.21 -28.73
N ARG B 1039 -5.17 40.32 -27.79
CA ARG B 1039 -5.79 39.00 -27.76
C ARG B 1039 -7.26 39.14 -27.37
N VAL B 1040 -8.14 38.48 -28.14
CA VAL B 1040 -9.57 38.60 -27.90
C VAL B 1040 -9.97 37.73 -26.71
N ASP B 1041 -10.79 38.30 -25.83
CA ASP B 1041 -11.33 37.64 -24.64
C ASP B 1041 -10.24 37.21 -23.66
N PHE B 1042 -9.07 37.85 -23.70
CA PHE B 1042 -8.02 37.54 -22.74
C PHE B 1042 -8.10 38.45 -21.53
N CYS B 1043 -8.07 39.77 -21.74
CA CYS B 1043 -8.19 40.74 -20.66
C CYS B 1043 -9.65 41.20 -20.61
N GLY B 1044 -10.51 40.30 -20.16
CA GLY B 1044 -11.93 40.58 -20.05
C GLY B 1044 -12.65 40.46 -21.39
N LYS B 1045 -13.91 40.90 -21.38
CA LYS B 1045 -14.76 40.82 -22.56
C LYS B 1045 -14.83 42.18 -23.23
N GLY B 1046 -14.52 42.22 -24.52
CA GLY B 1046 -14.53 43.44 -25.29
C GLY B 1046 -13.12 43.89 -25.66
N TYR B 1047 -13.06 45.05 -26.31
CA TYR B 1047 -11.79 45.64 -26.70
C TYR B 1047 -11.03 46.08 -25.46
N HIS B 1048 -9.99 45.33 -25.09
CA HIS B 1048 -9.25 45.61 -23.87
C HIS B 1048 -8.54 46.95 -23.95
N LEU B 1049 -8.61 47.71 -22.84
CA LEU B 1049 -7.93 48.98 -22.72
C LEU B 1049 -6.82 48.93 -21.68
N MET B 1050 -7.13 48.53 -20.45
CA MET B 1050 -6.12 48.41 -19.41
C MET B 1050 -6.70 47.58 -18.27
N SER B 1051 -5.82 47.15 -17.37
CA SER B 1051 -6.20 46.28 -16.26
C SER B 1051 -5.62 46.83 -14.96
N PHE B 1052 -6.37 46.63 -13.88
CA PHE B 1052 -5.98 47.09 -12.55
C PHE B 1052 -5.64 45.88 -11.69
N PRO B 1053 -4.39 45.69 -11.31
CA PRO B 1053 -4.06 44.60 -10.37
C PRO B 1053 -4.55 44.90 -8.97
N GLN B 1054 -5.10 43.87 -8.33
CA GLN B 1054 -5.60 43.99 -6.96
C GLN B 1054 -5.13 42.80 -6.15
N SER B 1055 -4.58 43.07 -4.96
CA SER B 1055 -4.13 42.01 -4.09
C SER B 1055 -5.31 41.24 -3.52
N ALA B 1056 -5.16 39.92 -3.45
CA ALA B 1056 -6.19 39.04 -2.93
C ALA B 1056 -5.52 38.00 -2.04
N PRO B 1057 -6.25 37.46 -1.05
CA PRO B 1057 -5.68 36.39 -0.22
C PRO B 1057 -5.39 35.13 -1.03
N HIS B 1058 -4.10 34.79 -1.15
CA HIS B 1058 -3.65 33.62 -1.92
C HIS B 1058 -4.15 33.68 -3.36
N GLY B 1059 -4.11 34.87 -3.94
CA GLY B 1059 -4.57 35.04 -5.30
C GLY B 1059 -4.42 36.47 -5.74
N VAL B 1060 -4.84 36.74 -6.98
CA VAL B 1060 -4.79 38.07 -7.56
C VAL B 1060 -6.14 38.36 -8.22
N VAL B 1061 -6.50 39.64 -8.25
CA VAL B 1061 -7.74 40.10 -8.85
C VAL B 1061 -7.43 41.15 -9.90
N PHE B 1062 -7.97 40.96 -11.10
CA PHE B 1062 -7.74 41.87 -12.21
C PHE B 1062 -9.03 42.62 -12.55
N LEU B 1063 -8.92 43.93 -12.71
CA LEU B 1063 -10.04 44.78 -13.10
C LEU B 1063 -9.79 45.23 -14.55
N HIS B 1064 -10.30 44.45 -15.49
CA HIS B 1064 -10.07 44.71 -16.91
C HIS B 1064 -11.03 45.81 -17.38
N VAL B 1065 -10.47 46.89 -17.90
CA VAL B 1065 -11.25 47.98 -18.48
C VAL B 1065 -11.33 47.74 -19.98
N THR B 1066 -12.55 47.64 -20.50
CA THR B 1066 -12.76 47.29 -21.89
C THR B 1066 -13.62 48.34 -22.57
N TYR B 1067 -13.45 48.43 -23.89
CA TYR B 1067 -14.21 49.36 -24.73
C TYR B 1067 -15.32 48.59 -25.43
N VAL B 1068 -16.56 48.85 -25.04
CA VAL B 1068 -17.71 48.13 -25.58
C VAL B 1068 -18.69 49.13 -26.21
N PRO B 1069 -18.94 49.04 -27.52
CA PRO B 1069 -19.94 49.90 -28.14
C PRO B 1069 -21.33 49.62 -27.57
N ALA B 1070 -22.15 50.66 -27.50
CA ALA B 1070 -23.48 50.56 -26.91
C ALA B 1070 -24.58 50.79 -27.93
N GLN B 1071 -24.57 51.91 -28.63
CA GLN B 1071 -25.61 52.28 -29.59
C GLN B 1071 -25.04 52.10 -30.99
N GLU B 1072 -25.78 51.39 -31.84
CA GLU B 1072 -25.34 51.15 -33.21
C GLU B 1072 -26.45 51.47 -34.20
N LYS B 1073 -26.04 51.91 -35.39
CA LYS B 1073 -26.97 52.22 -36.47
C LYS B 1073 -26.43 51.65 -37.76
N ASN B 1074 -27.32 51.13 -38.60
CA ASN B 1074 -26.94 50.53 -39.85
C ASN B 1074 -26.96 51.56 -40.98
N PHE B 1075 -25.97 51.49 -41.86
CA PHE B 1075 -25.86 52.40 -42.99
C PHE B 1075 -25.55 51.62 -44.25
N THR B 1076 -25.91 52.20 -45.40
CA THR B 1076 -25.57 51.61 -46.68
C THR B 1076 -24.08 51.79 -46.95
N THR B 1077 -23.42 50.71 -47.35
CA THR B 1077 -21.98 50.70 -47.53
C THR B 1077 -21.63 50.15 -48.90
N ALA B 1078 -20.45 50.53 -49.39
CA ALA B 1078 -19.92 50.06 -50.66
C ALA B 1078 -18.46 49.68 -50.50
N PRO B 1079 -18.01 48.62 -51.20
CA PRO B 1079 -16.61 48.23 -51.11
C PRO B 1079 -15.66 49.30 -51.63
N ALA B 1080 -16.10 50.05 -52.64
CA ALA B 1080 -15.27 51.07 -53.27
C ALA B 1080 -16.18 52.10 -53.93
N ILE B 1081 -15.58 53.23 -54.30
CA ILE B 1081 -16.29 54.33 -54.95
C ILE B 1081 -15.55 54.72 -56.22
N CYS B 1082 -16.28 54.81 -57.32
CA CYS B 1082 -15.70 55.23 -58.60
C CYS B 1082 -16.09 56.68 -58.87
N HIS B 1083 -15.11 57.53 -59.10
CA HIS B 1083 -15.33 58.96 -59.33
C HIS B 1083 -14.96 59.38 -60.74
N ASP B 1084 -13.74 59.12 -61.17
CA ASP B 1084 -13.26 59.47 -62.51
C ASP B 1084 -12.81 58.24 -63.27
N GLY B 1085 -13.61 57.18 -63.22
CA GLY B 1085 -13.24 55.94 -63.85
C GLY B 1085 -12.21 55.12 -63.09
N LYS B 1086 -11.93 55.50 -61.85
CA LYS B 1086 -10.95 54.81 -61.01
C LYS B 1086 -11.58 54.49 -59.67
N ALA B 1087 -11.30 53.29 -59.16
CA ALA B 1087 -11.85 52.84 -57.90
C ALA B 1087 -11.12 53.51 -56.74
N HIS B 1088 -11.88 53.98 -55.76
CA HIS B 1088 -11.33 54.64 -54.57
C HIS B 1088 -11.64 53.77 -53.36
N PHE B 1089 -10.59 53.45 -52.58
CA PHE B 1089 -10.75 52.67 -51.37
C PHE B 1089 -10.35 53.51 -50.16
N PRO B 1090 -11.02 53.33 -49.02
CA PRO B 1090 -10.68 54.12 -47.84
C PRO B 1090 -9.29 53.77 -47.32
N ARG B 1091 -8.53 54.80 -46.97
CA ARG B 1091 -7.21 54.57 -46.37
C ARG B 1091 -7.34 53.89 -45.01
N GLU B 1092 -8.24 54.40 -44.17
CA GLU B 1092 -8.53 53.77 -42.88
C GLU B 1092 -9.95 54.20 -42.49
N GLY B 1093 -10.91 53.31 -42.69
CA GLY B 1093 -12.29 53.60 -42.37
C GLY B 1093 -13.23 52.80 -43.23
N VAL B 1094 -14.50 53.16 -43.15
CA VAL B 1094 -15.57 52.48 -43.89
C VAL B 1094 -16.45 53.53 -44.57
N PHE B 1095 -16.83 53.23 -45.82
CA PHE B 1095 -17.76 54.08 -46.54
C PHE B 1095 -19.17 53.82 -46.03
N VAL B 1096 -19.89 54.90 -45.71
CA VAL B 1096 -21.25 54.82 -45.19
C VAL B 1096 -22.14 55.79 -45.97
N SER B 1097 -23.43 55.53 -45.92
CA SER B 1097 -24.42 56.37 -46.60
C SER B 1097 -25.68 56.42 -45.76
N ASN B 1098 -26.10 57.64 -45.40
CA ASN B 1098 -27.35 57.84 -44.66
C ASN B 1098 -28.46 58.09 -45.67
N GLY B 1099 -28.56 57.20 -46.64
CA GLY B 1099 -29.54 57.34 -47.70
C GLY B 1099 -28.96 57.98 -48.95
N THR B 1100 -29.18 59.29 -49.11
CA THR B 1100 -28.73 59.97 -50.32
C THR B 1100 -27.22 60.22 -50.28
N HIS B 1101 -26.75 60.95 -49.26
CA HIS B 1101 -25.35 61.33 -49.18
C HIS B 1101 -24.48 60.12 -48.82
N TRP B 1102 -23.21 60.22 -49.19
CA TRP B 1102 -22.21 59.19 -48.91
C TRP B 1102 -21.09 59.80 -48.08
N PHE B 1103 -20.64 59.06 -47.07
CA PHE B 1103 -19.59 59.53 -46.17
C PHE B 1103 -18.66 58.38 -45.82
N VAL B 1104 -17.56 58.73 -45.15
CA VAL B 1104 -16.57 57.76 -44.69
C VAL B 1104 -16.34 58.00 -43.20
N THR B 1105 -16.21 56.92 -42.44
CA THR B 1105 -16.04 56.99 -41.00
C THR B 1105 -15.20 55.81 -40.53
N GLN B 1106 -14.68 55.93 -39.30
CA GLN B 1106 -13.90 54.85 -38.71
C GLN B 1106 -14.80 53.66 -38.41
N ARG B 1107 -14.18 52.48 -38.33
CA ARG B 1107 -14.94 51.25 -38.17
C ARG B 1107 -15.62 51.18 -36.81
N ASN B 1108 -14.94 51.63 -35.75
CA ASN B 1108 -15.41 51.43 -34.38
C ASN B 1108 -16.24 52.60 -33.86
N PHE B 1109 -16.44 53.65 -34.64
CA PHE B 1109 -17.22 54.80 -34.18
C PHE B 1109 -17.81 55.51 -35.39
N TYR B 1110 -18.98 56.13 -35.19
CA TYR B 1110 -19.66 56.85 -36.27
C TYR B 1110 -19.16 58.29 -36.30
N GLU B 1111 -18.14 58.55 -37.11
CA GLU B 1111 -17.60 59.90 -37.31
C GLU B 1111 -17.52 60.15 -38.81
N PRO B 1112 -18.65 60.45 -39.44
CA PRO B 1112 -18.65 60.62 -40.90
C PRO B 1112 -17.78 61.79 -41.33
N GLN B 1113 -17.10 61.60 -42.46
CA GLN B 1113 -16.21 62.62 -43.02
C GLN B 1113 -16.45 62.71 -44.52
N ILE B 1114 -16.12 63.88 -45.08
CA ILE B 1114 -16.26 64.09 -46.52
C ILE B 1114 -15.23 63.24 -47.24
N ILE B 1115 -15.68 62.49 -48.24
CA ILE B 1115 -14.80 61.60 -49.00
C ILE B 1115 -13.91 62.45 -49.89
N THR B 1116 -12.64 62.56 -49.54
CA THR B 1116 -11.65 63.31 -50.30
C THR B 1116 -10.49 62.39 -50.67
N THR B 1117 -9.47 62.97 -51.30
CA THR B 1117 -8.28 62.21 -51.68
C THR B 1117 -7.31 62.01 -50.53
N ASP B 1118 -7.46 62.75 -49.44
CA ASP B 1118 -6.57 62.58 -48.30
C ASP B 1118 -6.75 61.21 -47.65
N ASN B 1119 -8.00 60.77 -47.47
CA ASN B 1119 -8.30 59.52 -46.80
C ASN B 1119 -8.67 58.40 -47.76
N THR B 1120 -8.45 58.59 -49.05
CA THR B 1120 -8.71 57.56 -50.06
C THR B 1120 -7.51 57.43 -50.98
N PHE B 1121 -7.27 56.20 -51.44
CA PHE B 1121 -6.17 55.92 -52.36
C PHE B 1121 -6.71 55.27 -53.62
N VAL B 1122 -6.12 55.61 -54.76
CA VAL B 1122 -6.57 55.14 -56.06
C VAL B 1122 -5.66 54.01 -56.53
N SER B 1123 -6.28 52.91 -56.97
CA SER B 1123 -5.54 51.76 -57.47
C SER B 1123 -6.40 51.07 -58.54
N GLY B 1124 -6.10 51.37 -59.80
CA GLY B 1124 -6.80 50.75 -60.91
C GLY B 1124 -8.13 51.44 -61.21
N ASN B 1125 -8.81 50.92 -62.21
CA ASN B 1125 -10.09 51.46 -62.63
C ASN B 1125 -11.22 50.87 -61.78
N CYS B 1126 -12.46 51.22 -62.16
CA CYS B 1126 -13.65 50.87 -61.38
C CYS B 1126 -14.59 49.94 -62.14
N ASP B 1127 -14.05 48.97 -62.89
CA ASP B 1127 -14.86 48.00 -63.60
C ASP B 1127 -14.58 46.57 -63.15
N VAL B 1128 -13.70 46.38 -62.18
CA VAL B 1128 -13.34 45.06 -61.68
C VAL B 1128 -13.93 44.80 -60.30
N VAL B 1129 -14.02 45.82 -59.46
CA VAL B 1129 -14.57 45.65 -58.13
C VAL B 1129 -16.06 45.39 -58.21
N ILE B 1130 -16.53 44.34 -57.55
CA ILE B 1130 -17.93 43.96 -57.56
C ILE B 1130 -18.63 44.72 -56.44
N GLY B 1131 -19.67 45.48 -56.80
CA GLY B 1131 -20.42 46.25 -55.84
C GLY B 1131 -20.03 47.72 -55.74
N ILE B 1132 -19.18 48.22 -56.63
CA ILE B 1132 -18.77 49.61 -56.58
C ILE B 1132 -19.94 50.51 -56.93
N VAL B 1133 -20.01 51.67 -56.28
CA VAL B 1133 -21.08 52.64 -56.50
C VAL B 1133 -20.47 53.90 -57.10
N ASN B 1134 -21.34 54.83 -57.48
CA ASN B 1134 -20.91 56.07 -58.10
C ASN B 1134 -21.02 57.23 -57.12
N ASN B 1135 -19.92 57.96 -56.95
CA ASN B 1135 -19.88 59.11 -56.05
C ASN B 1135 -18.75 60.02 -56.50
N THR B 1136 -18.77 61.24 -55.99
CA THR B 1136 -17.77 62.24 -56.32
C THR B 1136 -16.78 62.41 -55.17
N VAL B 1137 -15.49 62.36 -55.51
CA VAL B 1137 -14.41 62.52 -54.54
C VAL B 1137 -13.87 63.94 -54.73
N TYR B 1138 -14.21 64.83 -53.80
CA TYR B 1138 -13.78 66.22 -53.91
C TYR B 1138 -12.29 66.35 -53.65
N ASP B 1139 -11.65 67.21 -54.44
CA ASP B 1139 -10.22 67.46 -54.30
C ASP B 1139 -10.00 68.62 -53.34
N PRO B 1140 -9.31 68.41 -52.21
CA PRO B 1140 -9.11 69.52 -51.26
C PRO B 1140 -8.26 70.66 -51.79
N LEU B 1141 -7.48 70.43 -52.86
CA LEU B 1141 -6.62 71.49 -53.38
C LEU B 1141 -7.40 72.52 -54.18
N GLN B 1142 -8.59 72.16 -54.66
CA GLN B 1142 -9.35 73.07 -55.52
C GLN B 1142 -9.73 74.39 -54.85
N PRO B 1143 -10.21 74.43 -53.60
CA PRO B 1143 -10.52 75.74 -53.00
C PRO B 1143 -9.34 76.69 -52.96
N GLU B 1144 -8.13 76.20 -52.69
CA GLU B 1144 -6.96 77.07 -52.68
C GLU B 1144 -6.52 77.41 -54.10
N LEU B 1145 -6.65 76.46 -55.03
CA LEU B 1145 -6.28 76.73 -56.41
C LEU B 1145 -7.15 77.82 -57.02
N ASP B 1146 -8.46 77.79 -56.76
CA ASP B 1146 -9.35 78.82 -57.26
C ASP B 1146 -9.05 80.18 -56.64
N SER B 1147 -8.77 80.20 -55.33
CA SER B 1147 -8.47 81.43 -54.63
C SER B 1147 -6.97 81.61 -54.44
N CYS C 15 55.25 -9.88 40.78
CA CYS C 15 56.09 -8.82 41.34
C CYS C 15 55.45 -8.23 42.60
N VAL C 16 55.86 -7.01 42.95
CA VAL C 16 55.34 -6.32 44.12
C VAL C 16 54.92 -4.91 43.72
N ASN C 17 54.46 -4.13 44.70
CA ASN C 17 54.07 -2.74 44.44
C ASN C 17 55.28 -1.94 43.98
N LEU C 18 55.09 -1.14 42.93
CA LEU C 18 56.15 -0.28 42.42
C LEU C 18 56.36 0.91 43.34
N THR C 19 57.61 1.31 43.50
CA THR C 19 57.95 2.45 44.34
C THR C 19 57.98 3.73 43.50
N THR C 20 58.04 4.86 44.20
CA THR C 20 58.07 6.20 43.59
C THR C 20 56.87 6.38 42.66
N ARG C 21 55.69 6.37 43.28
CA ARG C 21 54.41 6.50 42.58
C ARG C 21 53.84 7.88 42.91
N THR C 22 54.20 8.86 42.09
CA THR C 22 53.69 10.23 42.24
C THR C 22 52.44 10.39 41.41
N GLN C 23 51.36 10.84 42.05
CA GLN C 23 50.06 10.98 41.40
C GLN C 23 49.70 12.46 41.29
N LEU C 24 49.32 12.86 40.08
CA LEU C 24 48.89 14.21 39.77
C LEU C 24 47.59 14.16 38.99
N PRO C 25 46.77 15.19 39.07
CA PRO C 25 45.50 15.20 38.31
C PRO C 25 45.76 15.07 36.83
N PRO C 26 44.94 14.28 36.12
CA PRO C 26 45.15 14.09 34.69
C PRO C 26 44.87 15.35 33.90
N ALA C 27 45.58 15.49 32.78
CA ALA C 27 45.38 16.60 31.86
C ALA C 27 44.54 16.14 30.66
N TYR C 28 44.26 17.09 29.77
CA TYR C 28 43.46 16.82 28.59
C TYR C 28 43.97 17.66 27.43
N THR C 29 43.68 17.20 26.21
CA THR C 29 44.09 17.90 25.01
C THR C 29 43.08 17.60 23.90
N ASN C 30 43.11 18.45 22.87
CA ASN C 30 42.19 18.30 21.75
C ASN C 30 42.61 17.13 20.88
N SER C 31 41.64 16.27 20.55
CA SER C 31 41.91 15.11 19.71
C SER C 31 41.85 15.43 18.23
N PHE C 32 41.34 16.60 17.86
CA PHE C 32 41.22 17.02 16.46
C PHE C 32 40.42 16.02 15.64
N THR C 33 40.82 15.82 14.39
CA THR C 33 40.13 14.90 13.48
C THR C 33 40.71 13.49 13.51
N ARG C 34 41.70 13.25 14.36
CA ARG C 34 42.30 11.92 14.45
C ARG C 34 41.31 10.92 15.04
N GLY C 35 41.46 9.66 14.64
CA GLY C 35 40.61 8.60 15.16
C GLY C 35 39.57 8.12 14.17
N VAL C 36 39.94 8.02 12.89
CA VAL C 36 39.05 7.58 11.83
C VAL C 36 39.61 6.29 11.24
N TYR C 37 38.75 5.27 11.15
CA TYR C 37 39.13 3.97 10.62
C TYR C 37 38.13 3.55 9.55
N TYR C 38 38.54 2.60 8.71
CA TYR C 38 37.68 2.09 7.66
C TYR C 38 36.53 1.29 8.27
N PRO C 39 35.27 1.66 8.03
CA PRO C 39 34.16 0.87 8.60
C PRO C 39 34.10 -0.56 8.10
N ASP C 40 34.50 -0.81 6.86
CA ASP C 40 34.44 -2.15 6.29
C ASP C 40 35.46 -2.25 5.17
N LYS C 41 35.77 -3.49 4.80
CA LYS C 41 36.73 -3.76 3.72
C LYS C 41 36.03 -3.72 2.36
N VAL C 42 35.52 -2.54 2.03
CA VAL C 42 34.83 -2.29 0.76
C VAL C 42 35.51 -1.13 0.07
N PHE C 43 35.91 -1.34 -1.18
CA PHE C 43 36.57 -0.28 -1.95
C PHE C 43 35.55 0.73 -2.46
N ARG C 44 35.89 2.01 -2.33
CA ARG C 44 35.06 3.09 -2.82
C ARG C 44 35.95 4.13 -3.47
N SER C 45 35.55 4.61 -4.65
CA SER C 45 36.35 5.52 -5.45
C SER C 45 35.56 6.77 -5.77
N SER C 46 36.03 7.91 -5.25
CA SER C 46 35.47 9.23 -5.58
C SER C 46 33.97 9.29 -5.29
N VAL C 47 33.57 8.73 -4.16
CA VAL C 47 32.18 8.74 -3.73
C VAL C 47 32.12 9.19 -2.27
N LEU C 48 30.96 9.69 -1.87
CA LEU C 48 30.73 10.07 -0.48
C LEU C 48 29.78 9.06 0.17
N HIS C 49 30.24 8.42 1.24
CA HIS C 49 29.49 7.37 1.91
C HIS C 49 29.18 7.81 3.33
N SER C 50 27.92 7.64 3.74
CA SER C 50 27.48 7.93 5.09
C SER C 50 27.25 6.62 5.82
N THR C 51 27.91 6.45 6.97
CA THR C 51 27.82 5.22 7.74
C THR C 51 27.64 5.55 9.22
N GLN C 52 27.01 4.62 9.94
CA GLN C 52 26.79 4.74 11.38
C GLN C 52 27.59 3.64 12.06
N ASP C 53 28.60 4.05 12.83
CA ASP C 53 29.47 3.09 13.52
C ASP C 53 30.13 3.80 14.69
N LEU C 54 30.70 3.01 15.58
CA LEU C 54 31.39 3.53 16.76
C LEU C 54 32.62 4.30 16.31
N PHE C 55 32.57 5.63 16.42
CA PHE C 55 33.66 6.51 16.02
C PHE C 55 33.99 7.48 17.15
N LEU C 56 35.23 7.95 17.14
CA LEU C 56 35.67 8.95 18.09
C LEU C 56 35.14 10.31 17.68
N PRO C 57 34.38 11.02 18.52
CA PRO C 57 33.86 12.33 18.14
C PRO C 57 34.97 13.31 17.84
N PHE C 58 34.74 14.16 16.84
CA PHE C 58 35.73 15.14 16.45
C PHE C 58 35.93 16.20 17.54
N PHE C 59 37.17 16.65 17.68
CA PHE C 59 37.54 17.68 18.65
C PHE C 59 37.14 17.27 20.07
N SER C 60 37.34 16.00 20.37
CA SER C 60 37.04 15.44 21.69
C SER C 60 38.19 15.75 22.65
N ASN C 61 37.88 15.67 23.94
CA ASN C 61 38.85 15.95 25.00
C ASN C 61 39.50 14.64 25.42
N VAL C 62 40.41 14.14 24.58
CA VAL C 62 41.12 12.88 24.81
C VAL C 62 42.00 13.05 26.04
N THR C 63 42.09 11.98 26.84
CA THR C 63 42.88 12.02 28.06
C THR C 63 44.37 12.12 27.75
N TRP C 64 45.07 12.91 28.54
CA TRP C 64 46.50 13.16 28.38
C TRP C 64 47.30 12.25 29.31
N PHE C 65 48.29 11.56 28.74
CA PHE C 65 49.23 10.76 29.51
C PHE C 65 50.63 11.01 28.97
N HIS C 66 51.62 11.00 29.85
CA HIS C 66 53.00 11.23 29.47
C HIS C 66 53.93 10.53 30.44
N ALA C 67 55.07 10.06 29.93
CA ALA C 67 56.11 9.44 30.74
C ALA C 67 57.44 10.11 30.39
N ILE C 68 58.03 10.79 31.39
CA ILE C 68 59.28 11.50 31.19
C ILE C 68 59.91 11.73 32.55
N HIS C 69 61.24 11.91 32.56
CA HIS C 69 61.99 12.20 33.78
C HIS C 69 62.66 13.56 33.61
N VAL C 70 62.23 14.53 34.42
CA VAL C 70 62.80 15.87 34.35
C VAL C 70 64.22 15.85 34.88
N SER C 71 65.14 16.50 34.16
CA SER C 71 66.54 16.54 34.57
C SER C 71 66.68 17.26 35.90
N GLY C 72 67.59 16.76 36.73
CA GLY C 72 67.84 17.31 38.04
C GLY C 72 67.14 16.52 39.14
N THR C 73 67.64 16.70 40.36
CA THR C 73 67.10 16.03 41.53
C THR C 73 65.67 16.42 41.83
N ASN C 74 65.31 17.69 41.71
CA ASN C 74 63.96 18.15 41.98
C ASN C 74 62.93 17.70 40.95
N GLY C 75 63.35 17.22 39.79
CA GLY C 75 62.42 16.75 38.78
C GLY C 75 61.65 15.53 39.21
N THR C 76 60.41 15.41 38.75
CA THR C 76 59.56 14.29 39.15
C THR C 76 59.31 13.35 37.97
N LYS C 77 59.81 12.12 38.08
CA LYS C 77 59.58 11.08 37.10
C LYS C 77 58.22 10.46 37.32
N ARG C 78 57.52 10.15 36.22
CA ARG C 78 56.17 9.62 36.27
C ARG C 78 56.17 8.18 35.77
N PHE C 79 55.48 7.31 36.50
CA PHE C 79 55.32 5.90 36.15
C PHE C 79 53.86 5.56 35.84
N ASP C 80 53.18 6.41 35.09
CA ASP C 80 51.74 6.27 34.85
C ASP C 80 51.39 4.95 34.20
N ASN C 81 50.60 4.14 34.89
CA ASN C 81 50.08 2.88 34.36
C ASN C 81 48.76 2.55 35.05
N PRO C 82 47.71 3.33 34.84
CA PRO C 82 46.44 3.05 35.52
C PRO C 82 45.54 2.15 34.70
N VAL C 83 44.43 1.76 35.30
CA VAL C 83 43.42 0.96 34.62
C VAL C 83 42.25 1.84 34.24
N LEU C 84 41.77 1.70 33.01
CA LEU C 84 40.69 2.53 32.50
C LEU C 84 39.58 1.67 31.92
N PRO C 85 38.33 2.12 31.97
CA PRO C 85 37.23 1.34 31.40
C PRO C 85 37.34 1.26 29.88
N PHE C 86 36.78 0.18 29.35
CA PHE C 86 36.77 -0.05 27.90
C PHE C 86 35.52 0.47 27.22
N ASN C 87 34.35 0.26 27.82
CA ASN C 87 33.06 0.72 27.28
C ASN C 87 32.87 0.06 25.90
N ASP C 88 32.30 0.78 24.93
CA ASP C 88 32.02 0.22 23.61
C ASP C 88 33.14 0.46 22.62
N GLY C 89 34.23 1.11 23.04
CA GLY C 89 35.34 1.36 22.14
C GLY C 89 36.40 2.24 22.75
N VAL C 90 37.67 1.94 22.47
CA VAL C 90 38.80 2.68 23.02
C VAL C 90 39.73 3.07 21.87
N TYR C 91 40.06 4.36 21.80
CA TYR C 91 41.01 4.86 20.81
C TYR C 91 42.34 5.12 21.50
N PHE C 92 43.41 4.53 20.98
CA PHE C 92 44.73 4.63 21.57
C PHE C 92 45.68 5.30 20.59
N ALA C 93 46.38 6.34 21.05
CA ALA C 93 47.37 7.03 20.25
C ALA C 93 48.62 7.23 21.08
N SER C 94 49.77 7.22 20.41
CA SER C 94 51.05 7.39 21.09
C SER C 94 52.15 7.78 20.12
N THR C 95 52.90 8.83 20.45
CA THR C 95 54.06 9.27 19.67
C THR C 95 55.31 9.09 20.52
N GLU C 96 56.36 8.57 19.91
CA GLU C 96 57.60 8.26 20.63
C GLU C 96 58.77 8.39 19.66
N LYS C 97 59.98 8.23 20.21
CA LYS C 97 61.19 8.23 19.40
C LYS C 97 62.17 7.15 19.81
N SER C 98 61.89 6.36 20.84
CA SER C 98 62.78 5.30 21.29
C SER C 98 62.06 3.96 21.45
N ASN C 99 60.84 3.84 20.95
CA ASN C 99 60.07 2.59 21.00
C ASN C 99 59.88 2.11 22.45
N ILE C 100 59.17 2.92 23.22
CA ILE C 100 58.88 2.59 24.61
C ILE C 100 57.62 1.74 24.72
N ILE C 101 56.53 2.16 24.06
CA ILE C 101 55.30 1.39 24.09
C ILE C 101 55.43 0.17 23.19
N ARG C 102 55.07 -1.00 23.73
CA ARG C 102 55.17 -2.24 22.98
C ARG C 102 53.96 -3.15 23.09
N GLY C 103 53.00 -2.86 23.97
CA GLY C 103 51.84 -3.72 24.09
C GLY C 103 50.86 -3.15 25.09
N TRP C 104 49.72 -3.83 25.19
CA TRP C 104 48.64 -3.41 26.08
C TRP C 104 48.00 -4.65 26.72
N ILE C 105 47.29 -4.42 27.82
CA ILE C 105 46.60 -5.46 28.55
C ILE C 105 45.11 -5.23 28.41
N PHE C 106 44.36 -6.28 28.08
CA PHE C 106 42.92 -6.21 27.96
C PHE C 106 42.28 -7.36 28.74
N GLY C 107 41.13 -7.07 29.35
CA GLY C 107 40.44 -8.06 30.13
C GLY C 107 39.24 -7.45 30.83
N THR C 108 38.67 -8.23 31.74
CA THR C 108 37.52 -7.81 32.54
C THR C 108 37.84 -7.68 34.02
N THR C 109 38.34 -8.74 34.64
CA THR C 109 38.68 -8.72 36.06
C THR C 109 40.18 -8.62 36.31
N LEU C 110 41.01 -8.66 35.27
CA LEU C 110 42.46 -8.49 35.38
C LEU C 110 43.09 -9.50 36.32
N ASP C 111 42.65 -10.75 36.27
CA ASP C 111 43.24 -11.81 37.07
C ASP C 111 42.99 -13.14 36.37
N SER C 112 43.31 -14.24 37.06
CA SER C 112 43.14 -15.57 36.50
C SER C 112 41.71 -16.08 36.61
N LYS C 113 40.83 -15.37 37.31
CA LYS C 113 39.44 -15.83 37.44
C LYS C 113 38.73 -15.81 36.09
N THR C 114 38.96 -14.78 35.29
CA THR C 114 38.32 -14.63 33.99
C THR C 114 39.37 -14.57 32.89
N GLN C 115 39.00 -15.09 31.72
CA GLN C 115 39.90 -15.08 30.58
C GLN C 115 40.15 -13.67 30.08
N SER C 116 41.36 -13.43 29.58
CA SER C 116 41.75 -12.13 29.07
C SER C 116 42.69 -12.32 27.89
N LEU C 117 43.08 -11.21 27.27
CA LEU C 117 44.01 -11.24 26.15
C LEU C 117 45.11 -10.21 26.39
N LEU C 118 46.31 -10.53 25.93
CA LEU C 118 47.50 -9.73 26.19
C LEU C 118 48.34 -9.65 24.93
N ILE C 119 48.90 -8.47 24.66
CA ILE C 119 49.80 -8.25 23.54
C ILE C 119 51.13 -7.77 24.09
N VAL C 120 52.21 -8.45 23.70
CA VAL C 120 53.55 -8.13 24.18
C VAL C 120 54.47 -8.04 22.98
N ASN C 121 55.48 -7.19 23.08
CA ASN C 121 56.55 -7.10 22.09
C ASN C 121 57.88 -6.99 22.83
N ASN C 122 58.57 -8.12 22.96
CA ASN C 122 59.84 -8.14 23.71
C ASN C 122 61.01 -7.70 22.81
N ALA C 123 60.84 -6.54 22.19
CA ALA C 123 61.80 -5.93 21.27
C ALA C 123 61.94 -6.74 19.99
N THR C 124 61.25 -7.88 19.90
CA THR C 124 61.28 -8.72 18.72
C THR C 124 59.91 -9.34 18.53
N ASN C 125 59.55 -9.57 17.26
CA ASN C 125 58.32 -10.25 16.88
C ASN C 125 57.07 -9.54 17.39
N VAL C 126 55.91 -10.18 17.19
CA VAL C 126 54.63 -9.68 17.71
C VAL C 126 53.92 -10.83 18.39
N VAL C 127 53.41 -10.59 19.59
CA VAL C 127 52.80 -11.62 20.42
C VAL C 127 51.34 -11.26 20.66
N ILE C 128 50.44 -12.21 20.40
CA ILE C 128 49.03 -12.10 20.76
C ILE C 128 48.65 -13.36 21.52
N LYS C 129 48.32 -13.20 22.80
CA LYS C 129 47.98 -14.32 23.66
C LYS C 129 46.66 -14.06 24.35
N VAL C 130 45.82 -15.10 24.42
CA VAL C 130 44.55 -15.02 25.10
C VAL C 130 44.49 -16.08 26.19
N CYS C 131 44.85 -15.69 27.41
CA CYS C 131 44.87 -16.61 28.54
C CYS C 131 44.41 -15.88 29.79
N GLU C 132 44.20 -16.66 30.85
CA GLU C 132 43.81 -16.10 32.15
C GLU C 132 45.05 -15.78 32.98
N PHE C 133 45.82 -14.81 32.48
CA PHE C 133 47.03 -14.40 33.15
C PHE C 133 46.72 -13.78 34.51
N GLN C 134 47.64 -13.98 35.45
CA GLN C 134 47.58 -13.36 36.77
C GLN C 134 48.39 -12.07 36.69
N PHE C 135 47.75 -11.03 36.16
CA PHE C 135 48.44 -9.75 35.96
C PHE C 135 48.82 -9.12 37.30
N CYS C 136 50.03 -8.57 37.35
CA CYS C 136 50.46 -7.84 38.52
C CYS C 136 49.89 -6.43 38.51
N ASN C 137 49.98 -5.75 39.65
CA ASN C 137 49.48 -4.40 39.77
C ASN C 137 50.28 -3.39 38.96
N ASP C 138 51.58 -3.63 38.74
CA ASP C 138 52.43 -2.72 37.97
C ASP C 138 53.21 -3.53 36.95
N PRO C 139 52.57 -3.93 35.85
CA PRO C 139 53.27 -4.66 34.80
C PRO C 139 54.10 -3.73 33.93
N PHE C 140 55.34 -4.12 33.68
CA PHE C 140 56.25 -3.34 32.85
C PHE C 140 57.37 -4.27 32.39
N LEU C 141 58.15 -3.79 31.42
CA LEU C 141 59.31 -4.51 30.91
C LEU C 141 60.58 -3.73 31.24
N GLY C 142 61.54 -4.42 31.84
CA GLY C 142 62.79 -3.79 32.24
C GLY C 142 63.77 -3.64 31.09
N VAL C 143 64.66 -2.67 31.23
CA VAL C 143 65.74 -2.41 30.27
C VAL C 143 67.06 -2.56 31.00
N TYR C 144 67.96 -3.35 30.42
CA TYR C 144 69.23 -3.69 31.05
C TYR C 144 70.36 -3.36 30.07
N TYR C 145 71.54 -3.10 30.59
CA TYR C 145 72.68 -2.65 29.78
C TYR C 145 73.94 -3.36 30.28
N HIS C 146 74.25 -4.49 29.65
CA HIS C 146 75.44 -5.26 30.01
C HIS C 146 76.70 -4.46 29.76
N LYS C 147 77.70 -4.64 30.62
CA LYS C 147 79.01 -4.03 30.40
C LYS C 147 79.81 -4.73 29.32
N ASN C 148 79.52 -6.00 29.04
CA ASN C 148 80.19 -6.75 28.00
C ASN C 148 79.28 -7.02 26.80
N ASN C 149 78.03 -6.59 26.84
CA ASN C 149 77.09 -6.70 25.72
C ASN C 149 76.52 -5.32 25.43
N LYS C 150 77.42 -4.35 25.22
CA LYS C 150 77.08 -2.92 25.34
C LYS C 150 76.13 -2.54 24.22
N SER C 151 74.85 -2.85 24.43
CA SER C 151 73.77 -2.51 23.53
C SER C 151 72.50 -2.39 24.37
N TRP C 152 71.35 -2.33 23.69
CA TRP C 152 70.06 -2.22 24.36
C TRP C 152 69.27 -3.51 24.16
N MET C 153 68.81 -4.08 25.27
CA MET C 153 68.03 -5.31 25.24
C MET C 153 67.18 -5.40 26.50
N GLU C 154 66.20 -6.30 26.46
CA GLU C 154 65.29 -6.52 27.58
C GLU C 154 65.65 -7.81 28.31
N SER C 155 65.72 -7.73 29.64
CA SER C 155 66.05 -8.89 30.45
C SER C 155 65.11 -9.11 31.63
N GLU C 156 64.17 -8.21 31.89
CA GLU C 156 63.23 -8.33 33.01
C GLU C 156 61.83 -8.52 32.43
N PHE C 157 61.16 -9.59 32.86
CA PHE C 157 59.81 -9.91 32.39
C PHE C 157 58.96 -10.28 33.61
N ARG C 158 58.27 -9.28 34.15
CA ARG C 158 57.44 -9.45 35.33
C ARG C 158 56.03 -8.89 35.13
N VAL C 159 55.48 -9.06 33.93
CA VAL C 159 54.12 -8.59 33.66
C VAL C 159 53.10 -9.39 34.46
N TYR C 160 53.24 -10.71 34.44
CA TYR C 160 52.33 -11.60 35.15
C TYR C 160 53.14 -12.63 35.93
N SER C 161 52.58 -13.07 37.06
CA SER C 161 53.26 -14.06 37.89
C SER C 161 53.40 -15.38 37.16
N SER C 162 52.36 -15.82 36.45
CA SER C 162 52.39 -17.09 35.74
C SER C 162 51.36 -17.04 34.61
N ALA C 163 51.52 -17.96 33.66
CA ALA C 163 50.62 -18.09 32.52
C ALA C 163 50.16 -19.53 32.40
N ASN C 164 48.87 -19.70 32.10
CA ASN C 164 48.28 -21.03 31.94
C ASN C 164 47.01 -20.91 31.13
N ASN C 165 46.42 -22.06 30.82
CA ASN C 165 45.17 -22.15 30.06
C ASN C 165 45.31 -21.47 28.69
N CYS C 166 46.19 -22.03 27.87
CA CYS C 166 46.44 -21.47 26.55
C CYS C 166 45.27 -21.74 25.62
N THR C 167 44.83 -20.69 24.93
CA THR C 167 43.76 -20.78 23.95
C THR C 167 44.16 -20.21 22.59
N PHE C 168 44.94 -19.13 22.57
CA PHE C 168 45.39 -18.51 21.34
C PHE C 168 46.87 -18.20 21.43
N GLU C 169 47.55 -18.28 20.29
CA GLU C 169 48.98 -18.02 20.24
C GLU C 169 49.35 -17.58 18.82
N TYR C 170 50.20 -16.57 18.73
CA TYR C 170 50.65 -16.07 17.44
C TYR C 170 52.05 -15.50 17.58
N VAL C 171 52.86 -15.67 16.53
CA VAL C 171 54.22 -15.17 16.49
C VAL C 171 54.44 -14.47 15.16
N SER C 172 55.47 -13.62 15.12
CA SER C 172 55.81 -12.85 13.93
C SER C 172 57.31 -12.90 13.70
N GLN C 173 57.71 -12.41 12.53
CA GLN C 173 59.13 -12.36 12.18
C GLN C 173 59.85 -11.33 13.04
N PRO C 174 61.17 -11.50 13.24
CA PRO C 174 61.93 -10.52 14.03
C PRO C 174 61.81 -9.10 13.50
N PHE C 175 61.25 -8.21 14.32
CA PHE C 175 61.01 -6.82 13.93
C PHE C 175 61.48 -5.94 15.09
N LEU C 176 62.66 -5.35 14.96
CA LEU C 176 63.28 -4.58 16.02
C LEU C 176 63.75 -3.22 15.50
N MET C 177 63.72 -2.24 16.39
CA MET C 177 64.21 -0.90 16.09
C MET C 177 65.25 -0.51 17.12
N ASP C 178 65.89 0.63 16.88
CA ASP C 178 66.88 1.14 17.83
C ASP C 178 66.20 1.58 19.12
N LEU C 179 66.75 1.15 20.25
CA LEU C 179 66.21 1.47 21.57
C LEU C 179 66.99 2.57 22.28
N GLU C 180 67.89 3.25 21.57
CA GLU C 180 68.67 4.32 22.18
C GLU C 180 67.75 5.48 22.57
N GLY C 181 67.96 6.01 23.77
CA GLY C 181 67.16 7.12 24.26
C GLY C 181 67.65 8.47 23.76
N LYS C 182 67.69 8.65 22.45
CA LYS C 182 68.14 9.91 21.87
C LYS C 182 67.10 11.01 22.13
N GLN C 183 67.59 12.23 22.19
CA GLN C 183 66.75 13.40 22.43
C GLN C 183 66.44 14.09 21.11
N GLY C 184 65.61 15.13 21.19
CA GLY C 184 65.24 15.89 20.01
C GLY C 184 63.76 15.80 19.67
N ASN C 185 63.41 16.11 18.43
CA ASN C 185 62.02 16.07 18.00
C ASN C 185 61.56 14.63 17.84
N PHE C 186 60.27 14.40 18.10
CA PHE C 186 59.70 13.07 17.92
C PHE C 186 59.69 12.71 16.44
N LYS C 187 59.93 11.43 16.16
CA LYS C 187 60.06 10.95 14.78
C LYS C 187 58.77 10.37 14.22
N ASN C 188 58.14 9.42 14.91
CA ASN C 188 56.96 8.74 14.40
C ASN C 188 55.85 8.75 15.44
N LEU C 189 54.62 8.59 14.95
CA LEU C 189 53.44 8.55 15.79
C LEU C 189 52.62 7.32 15.42
N ARG C 190 52.08 6.64 16.43
CA ARG C 190 51.31 5.42 16.25
C ARG C 190 49.93 5.58 16.87
N GLU C 191 48.91 5.08 16.19
CA GLU C 191 47.53 5.15 16.65
C GLU C 191 46.90 3.77 16.59
N PHE C 192 45.97 3.52 17.51
CA PHE C 192 45.31 2.22 17.60
C PHE C 192 43.86 2.42 18.01
N VAL C 193 42.97 1.65 17.38
CA VAL C 193 41.55 1.65 17.71
C VAL C 193 41.15 0.23 18.05
N PHE C 194 40.57 0.03 19.23
CA PHE C 194 40.17 -1.29 19.71
C PHE C 194 38.65 -1.34 19.83
N LYS C 195 38.04 -2.32 19.17
CA LYS C 195 36.61 -2.55 19.23
C LYS C 195 36.34 -4.02 19.51
N ASN C 196 35.33 -4.28 20.34
CA ASN C 196 34.94 -5.65 20.69
C ASN C 196 33.42 -5.73 20.61
N ILE C 197 32.92 -6.44 19.60
CA ILE C 197 31.48 -6.60 19.41
C ILE C 197 31.26 -7.88 18.62
N ASP C 198 30.14 -8.56 18.91
CA ASP C 198 29.75 -9.78 18.21
C ASP C 198 30.85 -10.85 18.29
N GLY C 199 31.53 -10.91 19.43
CA GLY C 199 32.59 -11.90 19.61
C GLY C 199 33.80 -11.68 18.74
N TYR C 200 33.98 -10.48 18.20
CA TYR C 200 35.11 -10.15 17.34
C TYR C 200 35.86 -8.97 17.95
N PHE C 201 37.18 -9.09 18.02
CA PHE C 201 38.05 -8.03 18.53
C PHE C 201 38.86 -7.48 17.36
N LYS C 202 38.43 -6.34 16.83
CA LYS C 202 39.07 -5.72 15.69
C LYS C 202 40.01 -4.62 16.15
N ILE C 203 41.19 -4.55 15.51
CA ILE C 203 42.20 -3.55 15.82
C ILE C 203 42.58 -2.83 14.52
N TYR C 204 42.83 -1.54 14.65
CA TYR C 204 43.26 -0.70 13.53
C TYR C 204 44.53 0.05 13.91
N SER C 205 45.35 0.36 12.92
CA SER C 205 46.61 1.03 13.18
C SER C 205 46.99 1.87 11.96
N LYS C 206 47.84 2.87 12.21
CA LYS C 206 48.36 3.73 11.16
C LYS C 206 49.67 4.34 11.64
N HIS C 207 50.70 4.23 10.81
CA HIS C 207 52.02 4.74 11.12
C HIS C 207 52.34 5.91 10.21
N THR C 208 52.64 7.07 10.80
CA THR C 208 52.98 8.26 10.04
C THR C 208 54.16 8.97 10.69
N PRO C 209 55.02 9.62 9.90
CA PRO C 209 56.12 10.39 10.48
C PRO C 209 55.73 11.83 10.77
N ILE C 210 56.19 12.32 11.93
CA ILE C 210 55.91 13.68 12.37
C ILE C 210 57.22 14.32 12.83
N ASN C 211 57.18 15.65 12.92
CA ASN C 211 58.33 16.43 13.38
C ASN C 211 58.00 17.30 14.59
N LEU C 212 56.77 17.25 15.08
CA LEU C 212 56.35 18.06 16.21
C LEU C 212 56.80 17.41 17.52
N VAL C 213 56.68 18.17 18.61
CA VAL C 213 57.04 17.69 19.94
C VAL C 213 55.89 17.78 20.94
N ARG C 214 54.83 18.51 20.63
CA ARG C 214 53.73 18.70 21.57
C ARG C 214 52.41 18.61 20.81
N ASP C 215 51.38 18.17 21.52
CA ASP C 215 50.02 18.04 20.98
C ASP C 215 49.96 17.06 19.82
N LEU C 216 48.85 17.09 19.06
CA LEU C 216 48.63 16.19 17.94
C LEU C 216 48.71 16.95 16.62
N PRO C 217 49.15 16.29 15.55
CA PRO C 217 49.18 16.95 14.24
C PRO C 217 47.79 17.25 13.72
N GLN C 218 47.70 18.30 12.92
CA GLN C 218 46.43 18.71 12.34
C GLN C 218 46.05 17.92 11.11
N GLY C 219 46.92 17.04 10.62
CA GLY C 219 46.62 16.26 9.44
C GLY C 219 45.58 15.18 9.71
N PHE C 220 45.13 14.57 8.61
CA PHE C 220 44.11 13.52 8.65
C PHE C 220 44.68 12.26 8.02
N SER C 221 44.47 11.13 8.70
CA SER C 221 44.94 9.83 8.20
C SER C 221 44.02 8.74 8.71
N ALA C 222 43.49 7.93 7.80
CA ALA C 222 42.62 6.83 8.19
C ALA C 222 43.43 5.69 8.78
N LEU C 223 42.75 4.87 9.58
CA LEU C 223 43.38 3.73 10.26
C LEU C 223 42.93 2.45 9.57
N GLU C 224 43.86 1.80 8.89
CA GLU C 224 43.54 0.55 8.21
C GLU C 224 43.51 -0.61 9.21
N PRO C 225 42.66 -1.60 9.01
CA PRO C 225 42.66 -2.78 9.88
C PRO C 225 43.94 -3.58 9.71
N LEU C 226 44.37 -4.20 10.81
CA LEU C 226 45.58 -5.03 10.80
C LEU C 226 45.25 -6.50 11.08
N VAL C 227 44.63 -6.82 12.20
CA VAL C 227 44.34 -8.20 12.59
C VAL C 227 42.93 -8.27 13.15
N ASP C 228 42.18 -9.27 12.72
CA ASP C 228 40.86 -9.57 13.28
C ASP C 228 40.95 -10.79 14.17
N LEU C 229 40.62 -10.60 15.46
CA LEU C 229 40.71 -11.65 16.45
C LEU C 229 39.32 -12.18 16.77
N PRO C 230 39.00 -13.43 16.43
CA PRO C 230 37.68 -13.99 16.75
C PRO C 230 37.60 -14.52 18.18
N ILE C 231 37.67 -13.60 19.15
CA ILE C 231 37.61 -13.93 20.56
C ILE C 231 36.32 -13.37 21.14
N GLY C 232 35.53 -14.24 21.76
CA GLY C 232 34.26 -13.87 22.33
C GLY C 232 34.30 -13.37 23.76
N ILE C 233 35.49 -13.18 24.33
CA ILE C 233 35.59 -12.70 25.71
C ILE C 233 35.15 -11.25 25.78
N ASN C 234 34.63 -10.85 26.94
CA ASN C 234 34.19 -9.49 27.18
C ASN C 234 35.34 -8.68 27.77
N ILE C 235 35.54 -7.47 27.25
CA ILE C 235 36.58 -6.57 27.72
C ILE C 235 35.92 -5.34 28.31
N THR C 236 36.19 -5.08 29.60
CA THR C 236 35.66 -3.91 30.29
C THR C 236 36.74 -2.96 30.78
N ARG C 237 37.97 -3.42 30.98
CA ARG C 237 39.07 -2.58 31.42
C ARG C 237 40.32 -2.93 30.64
N PHE C 238 41.24 -1.98 30.57
CA PHE C 238 42.49 -2.19 29.85
C PHE C 238 43.60 -1.40 30.51
N GLN C 239 44.84 -1.82 30.24
CA GLN C 239 46.03 -1.17 30.77
C GLN C 239 47.01 -0.92 29.63
N THR C 240 48.21 -0.49 29.99
CA THR C 240 49.25 -0.16 29.03
C THR C 240 50.62 -0.57 29.56
N LEU C 241 51.38 -1.27 28.72
CA LEU C 241 52.73 -1.70 29.05
C LEU C 241 53.69 -0.54 28.88
N LEU C 242 54.63 -0.41 29.82
CA LEU C 242 55.63 0.64 29.80
C LEU C 242 57.02 0.01 29.91
N ALA C 243 58.00 0.72 29.37
CA ALA C 243 59.40 0.30 29.40
C ALA C 243 60.12 1.15 30.45
N LEU C 244 60.69 0.49 31.45
CA LEU C 244 61.41 1.19 32.51
C LEU C 244 62.89 0.81 32.47
N HIS C 245 63.76 1.82 32.43
CA HIS C 245 65.19 1.57 32.43
C HIS C 245 65.71 1.44 33.85
N ARG C 246 66.75 0.63 34.03
CA ARG C 246 67.35 0.42 35.35
C ARG C 246 68.22 1.63 35.69
N SER C 247 67.76 2.43 36.65
CA SER C 247 68.49 3.64 37.02
C SER C 247 69.86 3.32 37.61
N TYR C 248 69.94 2.26 38.42
CA TYR C 248 71.21 1.91 39.04
C TYR C 248 72.23 1.44 38.01
N LEU C 249 71.77 1.02 36.85
CA LEU C 249 72.63 0.46 35.81
C LEU C 249 72.29 1.09 34.46
N THR C 250 72.22 2.41 34.45
CA THR C 250 72.00 3.23 33.27
C THR C 250 73.23 4.08 32.99
N PRO C 251 73.66 4.18 31.72
CA PRO C 251 74.80 5.04 31.40
C PRO C 251 74.60 6.46 31.90
N GLY C 252 75.53 6.91 32.75
CA GLY C 252 75.40 8.21 33.38
C GLY C 252 74.73 8.15 34.74
N ASP C 253 73.53 7.56 34.80
CA ASP C 253 72.81 7.44 36.05
C ASP C 253 73.48 6.43 36.97
N SER C 254 73.41 6.71 38.27
CA SER C 254 73.99 5.82 39.28
C SER C 254 73.06 5.51 40.45
N SER C 255 72.06 6.33 40.72
CA SER C 255 71.17 6.08 41.84
C SER C 255 70.28 4.87 41.57
N SER C 256 70.06 4.07 42.61
CA SER C 256 69.21 2.90 42.47
C SER C 256 67.74 3.31 42.32
N GLY C 257 67.04 2.62 41.44
CA GLY C 257 65.64 2.90 41.20
C GLY C 257 65.27 2.53 39.77
N TRP C 258 64.25 3.21 39.26
CA TRP C 258 63.74 2.99 37.92
C TRP C 258 63.60 4.32 37.20
N THR C 259 63.85 4.29 35.89
CA THR C 259 63.76 5.48 35.06
C THR C 259 62.96 5.15 33.79
N ALA C 260 62.23 6.14 33.30
CA ALA C 260 61.41 6.00 32.11
C ALA C 260 61.82 7.03 31.07
N GLY C 261 61.93 6.58 29.82
CA GLY C 261 62.28 7.49 28.74
C GLY C 261 61.13 8.37 28.34
N ALA C 262 61.44 9.34 27.48
CA ALA C 262 60.43 10.29 27.01
C ALA C 262 59.37 9.59 26.16
N ALA C 263 58.16 9.47 26.71
CA ALA C 263 57.08 8.78 26.01
C ALA C 263 55.75 9.38 26.42
N ALA C 264 54.74 9.19 25.59
CA ALA C 264 53.40 9.67 25.85
C ALA C 264 52.40 8.85 25.05
N TYR C 265 51.25 8.57 25.68
CA TYR C 265 50.20 7.81 25.03
C TYR C 265 48.86 8.49 25.30
N TYR C 266 47.87 8.16 24.47
CA TYR C 266 46.55 8.78 24.53
C TYR C 266 45.48 7.70 24.63
N VAL C 267 44.36 8.04 25.28
CA VAL C 267 43.24 7.14 25.44
C VAL C 267 41.97 7.87 25.03
N GLY C 268 41.39 7.47 23.90
CA GLY C 268 40.14 8.05 23.44
C GLY C 268 39.03 7.02 23.54
N TYR C 269 37.80 7.54 23.56
CA TYR C 269 36.62 6.70 23.70
C TYR C 269 35.72 6.87 22.49
N LEU C 270 35.27 5.74 21.94
CA LEU C 270 34.39 5.76 20.79
C LEU C 270 32.93 5.86 21.22
N GLN C 271 32.14 6.58 20.42
CA GLN C 271 30.73 6.80 20.67
C GLN C 271 29.96 6.53 19.39
N PRO C 272 28.70 6.12 19.49
CA PRO C 272 27.89 5.90 18.28
C PRO C 272 27.57 7.20 17.56
N ARG C 273 28.20 7.43 16.42
CA ARG C 273 28.02 8.65 15.65
C ARG C 273 27.88 8.32 14.17
N THR C 274 27.26 9.23 13.44
CA THR C 274 27.10 9.12 11.99
C THR C 274 28.21 9.91 11.32
N PHE C 275 28.94 9.25 10.42
CA PHE C 275 30.08 9.85 9.74
C PHE C 275 29.86 9.85 8.24
N LEU C 276 30.40 10.87 7.58
CA LEU C 276 30.35 11.01 6.13
C LEU C 276 31.78 10.87 5.59
N LEU C 277 32.20 9.64 5.33
CA LEU C 277 33.55 9.36 4.87
C LEU C 277 33.69 9.80 3.42
N LYS C 278 34.87 10.32 3.09
CA LYS C 278 35.20 10.75 1.74
C LYS C 278 36.28 9.82 1.19
N TYR C 279 36.02 9.25 0.00
CA TYR C 279 36.98 8.34 -0.62
C TYR C 279 37.59 8.99 -1.85
N ASN C 280 38.90 8.86 -1.98
CA ASN C 280 39.60 9.44 -3.12
C ASN C 280 39.49 8.53 -4.34
N GLU C 281 40.31 8.81 -5.36
CA GLU C 281 40.22 8.06 -6.60
C GLU C 281 40.72 6.63 -6.46
N ASN C 282 41.59 6.37 -5.46
CA ASN C 282 42.17 5.04 -5.29
C ASN C 282 41.80 4.41 -3.95
N GLY C 283 40.67 4.79 -3.36
CA GLY C 283 40.15 4.14 -2.18
C GLY C 283 40.71 4.60 -0.87
N THR C 284 41.65 5.55 -0.86
CA THR C 284 42.21 6.07 0.37
C THR C 284 41.32 7.17 0.93
N ILE C 285 40.98 7.04 2.21
CA ILE C 285 40.13 8.03 2.86
C ILE C 285 40.96 9.29 3.09
N THR C 286 40.47 10.42 2.59
CA THR C 286 41.19 11.69 2.71
C THR C 286 40.58 12.65 3.71
N ASP C 287 39.28 12.53 3.99
CA ASP C 287 38.62 13.40 4.94
C ASP C 287 37.36 12.73 5.44
N ALA C 288 36.87 13.20 6.58
CA ALA C 288 35.64 12.67 7.17
C ALA C 288 34.94 13.80 7.93
N VAL C 289 33.63 13.66 8.05
CA VAL C 289 32.79 14.64 8.73
C VAL C 289 31.89 13.91 9.71
N ASP C 290 31.95 14.32 10.98
CA ASP C 290 31.07 13.78 12.01
C ASP C 290 29.77 14.56 12.00
N CYS C 291 28.64 13.86 11.85
CA CYS C 291 27.35 14.53 11.78
C CYS C 291 26.79 14.84 13.16
N ALA C 292 27.61 15.37 14.06
CA ALA C 292 27.11 15.81 15.36
C ALA C 292 27.83 17.04 15.90
N LEU C 293 28.77 17.63 15.18
CA LEU C 293 29.63 18.66 15.77
C LEU C 293 28.96 20.03 15.73
N ASP C 294 28.69 20.53 14.53
CA ASP C 294 28.11 21.85 14.34
C ASP C 294 27.03 21.75 13.27
N PRO C 295 26.12 22.73 13.20
CA PRO C 295 25.09 22.69 12.16
C PRO C 295 25.65 22.63 10.75
N LEU C 296 26.83 23.19 10.51
CA LEU C 296 27.45 23.07 9.19
C LEU C 296 27.72 21.60 8.85
N SER C 297 28.14 20.81 9.84
CA SER C 297 28.32 19.38 9.60
C SER C 297 27.01 18.71 9.25
N GLU C 298 25.91 19.08 9.93
CA GLU C 298 24.62 18.50 9.60
C GLU C 298 24.17 18.88 8.19
N THR C 299 24.41 20.13 7.78
CA THR C 299 24.10 20.52 6.41
C THR C 299 24.93 19.74 5.41
N LYS C 300 26.20 19.53 5.70
CA LYS C 300 27.05 18.73 4.81
C LYS C 300 26.55 17.29 4.72
N CYS C 301 26.15 16.72 5.85
CA CYS C 301 25.68 15.33 5.86
C CYS C 301 24.37 15.19 5.10
N THR C 302 23.44 16.14 5.28
CA THR C 302 22.16 16.06 4.59
C THR C 302 22.32 16.15 3.07
N LEU C 303 23.20 17.04 2.60
CA LEU C 303 23.46 17.17 1.18
C LEU C 303 24.43 16.13 0.66
N LYS C 304 25.04 15.33 1.54
CA LYS C 304 26.00 14.29 1.16
C LYS C 304 27.15 14.87 0.33
N SER C 305 27.60 16.06 0.70
CA SER C 305 28.69 16.73 0.02
C SER C 305 29.47 17.56 1.02
N PHE C 306 30.75 17.77 0.71
CA PHE C 306 31.63 18.57 1.56
C PHE C 306 31.51 20.07 1.30
N THR C 307 30.85 20.46 0.21
CA THR C 307 30.63 21.87 -0.12
C THR C 307 29.14 22.15 -0.04
N VAL C 308 28.78 23.16 0.76
CA VAL C 308 27.39 23.54 0.96
C VAL C 308 27.18 24.92 0.35
N GLU C 309 26.23 25.02 -0.58
CA GLU C 309 25.92 26.29 -1.22
C GLU C 309 25.10 27.18 -0.29
N LYS C 310 25.04 28.46 -0.64
CA LYS C 310 24.29 29.42 0.15
C LYS C 310 22.79 29.11 0.08
N GLY C 311 22.14 29.15 1.24
CA GLY C 311 20.73 28.88 1.31
C GLY C 311 20.33 28.41 2.69
N ILE C 312 19.11 27.90 2.78
CA ILE C 312 18.54 27.39 4.02
C ILE C 312 18.13 25.94 3.80
N TYR C 313 18.52 25.06 4.73
CA TYR C 313 18.22 23.65 4.65
C TYR C 313 17.67 23.15 5.98
N GLN C 314 16.65 22.31 5.92
CA GLN C 314 16.04 21.72 7.11
C GLN C 314 16.78 20.43 7.43
N THR C 315 17.77 20.54 8.32
CA THR C 315 18.62 19.39 8.64
C THR C 315 17.86 18.34 9.44
N SER C 316 17.13 18.76 10.47
CA SER C 316 16.44 17.83 11.35
C SER C 316 15.30 18.56 12.05
N ASN C 317 14.76 17.93 13.08
CA ASN C 317 13.66 18.46 13.86
C ASN C 317 14.06 18.53 15.34
N PHE C 318 13.25 19.25 16.11
CA PHE C 318 13.51 19.38 17.54
C PHE C 318 12.25 19.06 18.31
N ARG C 319 12.41 18.40 19.46
CA ARG C 319 11.29 18.02 20.31
C ARG C 319 11.61 18.38 21.75
N VAL C 320 10.58 18.66 22.53
CA VAL C 320 10.72 18.97 23.95
C VAL C 320 10.02 17.87 24.74
N GLN C 321 10.79 17.10 25.51
CA GLN C 321 10.24 16.00 26.25
C GLN C 321 9.65 16.47 27.59
N PRO C 322 8.65 15.77 28.11
CA PRO C 322 8.15 16.10 29.45
C PRO C 322 9.23 15.90 30.50
N THR C 323 9.15 16.70 31.57
CA THR C 323 10.23 16.73 32.56
C THR C 323 10.42 15.38 33.24
N GLU C 324 9.47 14.97 34.08
CA GLU C 324 9.49 13.60 34.62
C GLU C 324 8.22 12.83 34.29
N SER C 325 7.06 13.29 34.75
CA SER C 325 5.77 12.61 34.60
C SER C 325 4.73 13.45 35.31
N ILE C 326 3.47 13.04 35.18
CA ILE C 326 2.39 13.59 36.00
C ILE C 326 1.24 12.59 36.04
N VAL C 327 0.53 12.54 37.17
CA VAL C 327 -0.64 11.69 37.34
C VAL C 327 -1.72 12.50 38.05
N ARG C 328 -2.92 12.54 37.47
CA ARG C 328 -4.05 13.26 38.05
C ARG C 328 -5.22 12.31 38.19
N PHE C 329 -5.76 12.21 39.39
CA PHE C 329 -6.90 11.36 39.68
C PHE C 329 -7.90 12.16 40.51
N PRO C 330 -9.19 11.79 40.45
CA PRO C 330 -10.19 12.51 41.24
C PRO C 330 -10.02 12.31 42.74
N ASN C 331 -10.88 12.95 43.53
CA ASN C 331 -10.83 12.81 44.98
C ASN C 331 -11.01 11.35 45.38
N ILE C 332 -10.24 10.91 46.37
CA ILE C 332 -10.31 9.53 46.80
C ILE C 332 -11.67 9.25 47.41
N THR C 333 -12.06 7.97 47.42
CA THR C 333 -13.35 7.58 47.95
C THR C 333 -13.40 7.76 49.46
N ASN C 334 -14.61 7.70 50.00
CA ASN C 334 -14.79 7.85 51.44
C ASN C 334 -14.09 6.72 52.18
N LEU C 335 -13.60 7.03 53.38
CA LEU C 335 -12.89 6.04 54.18
C LEU C 335 -13.81 4.88 54.55
N CYS C 336 -13.25 3.68 54.60
CA CYS C 336 -14.04 2.50 54.92
C CYS C 336 -14.56 2.61 56.35
N PRO C 337 -15.76 2.07 56.63
CA PRO C 337 -16.31 2.20 57.99
C PRO C 337 -15.61 1.31 59.00
N PHE C 338 -14.28 1.45 59.11
CA PHE C 338 -13.54 0.70 60.12
C PHE C 338 -13.77 1.24 61.52
N GLY C 339 -14.24 2.48 61.64
CA GLY C 339 -14.53 3.03 62.95
C GLY C 339 -15.76 2.42 63.59
N GLU C 340 -16.65 1.85 62.78
CA GLU C 340 -17.85 1.21 63.32
C GLU C 340 -17.49 -0.10 64.02
N VAL C 341 -16.28 -0.61 63.80
CA VAL C 341 -15.82 -1.84 64.43
C VAL C 341 -14.71 -1.57 65.44
N PHE C 342 -13.69 -0.81 65.05
CA PHE C 342 -12.58 -0.53 65.96
C PHE C 342 -13.02 0.31 67.15
N ASN C 343 -13.84 1.33 66.91
CA ASN C 343 -14.26 2.27 67.94
C ASN C 343 -15.67 2.01 68.44
N ALA C 344 -16.23 0.83 68.15
CA ALA C 344 -17.57 0.50 68.59
C ALA C 344 -17.63 0.40 70.12
N THR C 345 -18.72 0.91 70.68
CA THR C 345 -18.93 0.86 72.13
C THR C 345 -19.40 -0.49 72.61
N ARG C 346 -19.87 -1.36 71.72
CA ARG C 346 -20.34 -2.70 72.07
C ARG C 346 -19.59 -3.72 71.24
N PHE C 347 -19.06 -4.75 71.91
CA PHE C 347 -18.32 -5.81 71.25
C PHE C 347 -19.00 -7.15 71.52
N ALA C 348 -19.20 -7.93 70.47
CA ALA C 348 -19.84 -9.23 70.61
C ALA C 348 -18.87 -10.24 71.22
N SER C 349 -19.42 -11.36 71.67
CA SER C 349 -18.62 -12.41 72.27
C SER C 349 -17.79 -13.13 71.19
N VAL C 350 -16.79 -13.89 71.66
CA VAL C 350 -15.91 -14.59 70.72
C VAL C 350 -16.66 -15.69 69.99
N TYR C 351 -17.56 -16.39 70.68
CA TYR C 351 -18.33 -17.44 70.04
C TYR C 351 -19.37 -16.89 69.06
N ALA C 352 -19.75 -15.63 69.19
CA ALA C 352 -20.73 -14.97 68.33
C ALA C 352 -20.16 -13.69 67.75
N TRP C 353 -18.95 -13.78 67.21
CA TRP C 353 -18.28 -12.60 66.66
C TRP C 353 -19.07 -12.01 65.51
N ASN C 354 -19.19 -10.68 65.51
CA ASN C 354 -19.94 -9.99 64.48
C ASN C 354 -19.11 -9.86 63.20
N ARG C 355 -19.76 -10.05 62.06
CA ARG C 355 -19.12 -9.92 60.76
C ARG C 355 -19.76 -8.77 60.00
N LYS C 356 -18.92 -7.87 59.49
CA LYS C 356 -19.37 -6.69 58.77
C LYS C 356 -18.76 -6.68 57.38
N ARG C 357 -19.59 -6.43 56.37
CA ARG C 357 -19.16 -6.36 54.98
C ARG C 357 -18.69 -4.95 54.67
N ILE C 358 -17.48 -4.84 54.13
CA ILE C 358 -16.88 -3.56 53.80
C ILE C 358 -16.65 -3.52 52.30
N SER C 359 -17.21 -2.51 51.63
CA SER C 359 -17.08 -2.39 50.19
C SER C 359 -17.30 -0.94 49.79
N ASN C 360 -16.87 -0.61 48.57
CA ASN C 360 -17.05 0.70 47.97
C ASN C 360 -16.44 1.80 48.84
N CYS C 361 -15.15 1.64 49.13
CA CYS C 361 -14.41 2.60 49.94
C CYS C 361 -12.92 2.38 49.70
N VAL C 362 -12.09 3.04 50.50
CA VAL C 362 -10.64 2.93 50.42
C VAL C 362 -10.11 2.48 51.78
N ALA C 363 -9.20 1.51 51.76
CA ALA C 363 -8.63 0.95 52.99
C ALA C 363 -7.54 1.87 53.49
N ASP C 364 -7.96 2.97 54.11
CA ASP C 364 -7.03 3.96 54.67
C ASP C 364 -6.77 3.63 56.14
N TYR C 365 -5.98 2.57 56.34
CA TYR C 365 -5.62 2.10 57.66
C TYR C 365 -4.32 2.72 58.17
N SER C 366 -3.70 3.61 57.39
CA SER C 366 -2.43 4.21 57.82
C SER C 366 -2.62 5.15 59.00
N VAL C 367 -3.85 5.64 59.21
CA VAL C 367 -4.10 6.53 60.35
C VAL C 367 -3.95 5.79 61.67
N LEU C 368 -4.31 4.51 61.71
CA LEU C 368 -4.21 3.72 62.94
C LEU C 368 -2.93 2.89 63.00
N TYR C 369 -2.30 2.62 61.85
CA TYR C 369 -1.09 1.81 61.83
C TYR C 369 0.05 2.52 62.56
N ASN C 370 0.20 3.83 62.35
CA ASN C 370 1.29 4.57 62.97
C ASN C 370 0.95 5.05 64.37
N SER C 371 -0.29 4.87 64.82
CA SER C 371 -0.65 5.31 66.17
C SER C 371 0.04 4.48 67.24
N ALA C 372 0.36 3.21 66.93
CA ALA C 372 1.03 2.31 67.86
C ALA C 372 0.24 2.13 69.16
N SER C 373 -1.09 2.21 69.07
CA SER C 373 -1.95 2.03 70.22
C SER C 373 -2.45 0.59 70.36
N PHE C 374 -2.03 -0.30 69.48
CA PHE C 374 -2.46 -1.70 69.50
C PHE C 374 -1.29 -2.59 69.91
N SER C 375 -1.53 -3.47 70.88
CA SER C 375 -0.49 -4.36 71.38
C SER C 375 -0.05 -5.39 70.35
N THR C 376 -0.91 -5.75 69.40
CA THR C 376 -0.58 -6.76 68.40
C THR C 376 -0.98 -6.24 67.03
N PHE C 377 -0.03 -6.27 66.09
CA PHE C 377 -0.28 -5.89 64.71
C PHE C 377 0.42 -6.87 63.77
N LYS C 378 0.30 -8.16 64.09
CA LYS C 378 0.97 -9.20 63.32
C LYS C 378 0.25 -9.42 62.00
N CYS C 379 1.01 -9.49 60.92
CA CYS C 379 0.47 -9.77 59.59
C CYS C 379 1.10 -11.05 59.05
N TYR C 380 0.26 -11.94 58.52
CA TYR C 380 0.71 -13.23 58.02
C TYR C 380 0.72 -13.23 56.50
N GLY C 381 1.88 -13.55 55.92
CA GLY C 381 2.00 -13.71 54.48
C GLY C 381 2.14 -12.44 53.68
N VAL C 382 2.12 -11.27 54.34
CA VAL C 382 2.21 -10.00 53.62
C VAL C 382 2.66 -8.95 54.62
N SER C 383 3.51 -8.03 54.16
CA SER C 383 3.96 -6.93 55.01
C SER C 383 2.79 -6.00 55.32
N PRO C 384 2.74 -5.43 56.53
CA PRO C 384 1.62 -4.54 56.87
C PRO C 384 1.52 -3.32 55.97
N THR C 385 2.66 -2.80 55.50
CA THR C 385 2.64 -1.60 54.66
C THR C 385 2.52 -1.92 53.17
N LYS C 386 2.96 -3.12 52.76
CA LYS C 386 2.91 -3.46 51.34
C LYS C 386 1.48 -3.67 50.86
N LEU C 387 0.59 -4.19 51.71
CA LEU C 387 -0.77 -4.47 51.31
C LEU C 387 -1.61 -3.22 51.12
N ASN C 388 -1.10 -2.05 51.51
CA ASN C 388 -1.87 -0.81 51.35
C ASN C 388 -2.12 -0.49 49.89
N ASP C 389 -1.11 -0.68 49.04
CA ASP C 389 -1.21 -0.36 47.61
C ASP C 389 -1.62 -1.57 46.79
N LEU C 390 -2.81 -2.11 47.08
CA LEU C 390 -3.32 -3.26 46.34
C LEU C 390 -4.84 -3.29 46.46
N CYS C 391 -5.50 -3.64 45.36
CA CYS C 391 -6.96 -3.74 45.37
C CYS C 391 -7.40 -4.96 46.17
N PHE C 392 -8.57 -4.85 46.80
CA PHE C 392 -9.15 -5.94 47.57
C PHE C 392 -10.66 -5.84 47.46
N THR C 393 -11.25 -6.70 46.62
CA THR C 393 -12.69 -6.63 46.38
C THR C 393 -13.51 -6.92 47.63
N ASN C 394 -13.12 -7.92 48.41
CA ASN C 394 -13.87 -8.33 49.59
C ASN C 394 -13.08 -8.00 50.85
N VAL C 395 -13.71 -7.27 51.76
CA VAL C 395 -13.13 -6.93 53.06
C VAL C 395 -14.14 -7.24 54.14
N TYR C 396 -13.74 -8.04 55.12
CA TYR C 396 -14.60 -8.42 56.23
C TYR C 396 -13.91 -8.11 57.56
N ALA C 397 -14.67 -7.56 58.50
CA ALA C 397 -14.16 -7.19 59.81
C ALA C 397 -14.84 -8.06 60.86
N ASP C 398 -14.04 -8.72 61.69
CA ASP C 398 -14.53 -9.57 62.77
C ASP C 398 -14.08 -8.95 64.09
N SER C 399 -15.04 -8.71 64.99
CA SER C 399 -14.78 -8.09 66.27
C SER C 399 -15.17 -9.04 67.39
N PHE C 400 -14.26 -9.25 68.34
CA PHE C 400 -14.53 -10.09 69.50
C PHE C 400 -13.58 -9.69 70.62
N VAL C 401 -13.94 -10.08 71.83
CA VAL C 401 -13.15 -9.78 73.03
C VAL C 401 -12.73 -11.09 73.67
N ILE C 402 -11.42 -11.26 73.86
CA ILE C 402 -10.85 -12.44 74.48
C ILE C 402 -9.85 -12.00 75.54
N ARG C 403 -9.31 -12.98 76.27
CA ARG C 403 -8.31 -12.69 77.29
C ARG C 403 -7.01 -12.25 76.66
N GLY C 404 -6.19 -11.56 77.46
CA GLY C 404 -4.91 -11.08 76.97
C GLY C 404 -3.97 -12.20 76.55
N ASP C 405 -3.94 -13.28 77.35
CA ASP C 405 -3.10 -14.42 77.03
C ASP C 405 -3.68 -15.31 75.93
N GLU C 406 -4.94 -15.08 75.54
CA GLU C 406 -5.59 -15.88 74.51
C GLU C 406 -5.43 -15.30 73.11
N VAL C 407 -4.72 -14.18 72.97
CA VAL C 407 -4.53 -13.59 71.64
C VAL C 407 -3.66 -14.48 70.75
N ARG C 408 -2.84 -15.34 71.34
CA ARG C 408 -2.02 -16.24 70.53
C ARG C 408 -2.86 -17.30 69.84
N GLN C 409 -4.02 -17.65 70.40
CA GLN C 409 -4.88 -18.66 69.80
C GLN C 409 -5.50 -18.20 68.49
N ILE C 410 -5.53 -16.90 68.23
CA ILE C 410 -6.06 -16.37 66.96
C ILE C 410 -4.89 -16.36 65.99
N ALA C 411 -4.66 -17.51 65.36
CA ALA C 411 -3.58 -17.69 64.41
C ALA C 411 -4.06 -18.59 63.30
N PRO C 412 -3.50 -18.46 62.09
CA PRO C 412 -3.92 -19.33 60.98
C PRO C 412 -3.51 -20.78 61.23
N GLY C 413 -4.50 -21.65 61.38
CA GLY C 413 -4.24 -23.06 61.59
C GLY C 413 -3.91 -23.48 63.00
N GLN C 414 -3.96 -22.54 63.96
CA GLN C 414 -3.66 -22.88 65.34
C GLN C 414 -4.79 -23.70 65.95
N THR C 415 -4.42 -24.67 66.77
CA THR C 415 -5.38 -25.56 67.43
C THR C 415 -5.38 -25.30 68.93
N GLY C 416 -6.58 -25.27 69.50
CA GLY C 416 -6.72 -25.03 70.93
C GLY C 416 -8.17 -25.08 71.35
N LYS C 417 -8.37 -24.85 72.64
CA LYS C 417 -9.72 -24.87 73.19
C LYS C 417 -10.59 -23.74 72.67
N ILE C 418 -9.99 -22.63 72.25
CA ILE C 418 -10.73 -21.48 71.73
C ILE C 418 -10.75 -21.46 70.21
N ALA C 419 -9.61 -21.75 69.58
CA ALA C 419 -9.53 -21.71 68.13
C ALA C 419 -10.44 -22.75 67.48
N ASP C 420 -10.46 -23.97 68.04
CA ASP C 420 -11.24 -25.06 67.47
C ASP C 420 -12.69 -25.05 67.91
N TYR C 421 -13.10 -24.12 68.78
CA TYR C 421 -14.47 -24.09 69.27
C TYR C 421 -15.12 -22.71 69.22
N ASN C 422 -14.36 -21.63 69.13
CA ASN C 422 -14.93 -20.28 69.08
C ASN C 422 -14.62 -19.55 67.78
N TYR C 423 -13.35 -19.48 67.38
CA TYR C 423 -12.95 -18.76 66.18
C TYR C 423 -11.83 -19.52 65.51
N LYS C 424 -12.12 -20.12 64.36
CA LYS C 424 -11.16 -20.93 63.61
C LYS C 424 -10.71 -20.18 62.37
N LEU C 425 -9.40 -20.14 62.15
CA LEU C 425 -8.83 -19.47 60.99
C LEU C 425 -8.24 -20.49 60.01
N PRO C 426 -8.36 -20.24 58.70
CA PRO C 426 -7.82 -21.18 57.72
C PRO C 426 -6.30 -21.02 57.58
N ASP C 427 -5.72 -21.95 56.82
CA ASP C 427 -4.30 -21.87 56.52
C ASP C 427 -3.98 -20.64 55.68
N ASP C 428 -4.93 -20.21 54.84
CA ASP C 428 -4.75 -19.03 54.01
C ASP C 428 -5.26 -17.82 54.78
N PHE C 429 -4.34 -17.02 55.30
CA PHE C 429 -4.66 -15.80 56.05
C PHE C 429 -3.87 -14.66 55.44
N THR C 430 -4.52 -13.90 54.56
CA THR C 430 -3.89 -12.77 53.90
C THR C 430 -4.07 -11.46 54.65
N GLY C 431 -4.76 -11.47 55.80
CA GLY C 431 -4.99 -10.28 56.57
C GLY C 431 -4.05 -10.16 57.76
N CYS C 432 -4.46 -9.32 58.71
CA CYS C 432 -3.68 -9.06 59.91
C CYS C 432 -4.59 -9.13 61.13
N VAL C 433 -4.01 -9.45 62.28
CA VAL C 433 -4.75 -9.51 63.53
C VAL C 433 -4.35 -8.31 64.39
N ILE C 434 -5.34 -7.51 64.79
CA ILE C 434 -5.12 -6.30 65.57
C ILE C 434 -5.84 -6.45 66.91
N ALA C 435 -5.10 -6.24 67.99
CA ALA C 435 -5.64 -6.35 69.34
C ALA C 435 -5.09 -5.24 70.21
N TRP C 436 -5.89 -4.83 71.20
CA TRP C 436 -5.47 -3.81 72.15
C TRP C 436 -6.21 -4.02 73.46
N ASN C 437 -5.66 -3.42 74.52
CA ASN C 437 -6.23 -3.57 75.85
C ASN C 437 -7.60 -2.93 75.93
N SER C 438 -8.48 -3.55 76.73
CA SER C 438 -9.85 -3.07 76.91
C SER C 438 -10.22 -3.04 78.40
N ASN C 439 -9.23 -2.83 79.27
CA ASN C 439 -9.49 -2.79 80.70
C ASN C 439 -10.34 -1.58 81.09
N ASN C 440 -10.15 -0.45 80.40
CA ASN C 440 -10.87 0.77 80.75
C ASN C 440 -12.35 0.72 80.36
N LEU C 441 -12.77 -0.28 79.59
CA LEU C 441 -14.16 -0.38 79.15
C LEU C 441 -14.82 -1.68 79.55
N ASP C 442 -14.08 -2.80 79.58
CA ASP C 442 -14.62 -4.11 79.91
C ASP C 442 -14.33 -4.52 81.34
N SER C 443 -14.26 -3.55 82.26
CA SER C 443 -14.02 -3.84 83.67
C SER C 443 -14.69 -2.78 84.52
N LYS C 444 -15.27 -3.20 85.65
CA LYS C 444 -15.94 -2.30 86.56
C LYS C 444 -15.99 -2.97 87.93
N VAL C 445 -16.65 -2.29 88.88
CA VAL C 445 -16.79 -2.83 90.23
C VAL C 445 -17.73 -4.03 90.20
N GLY C 446 -17.29 -5.14 90.78
CA GLY C 446 -18.07 -6.36 90.81
C GLY C 446 -17.84 -7.31 89.65
N GLY C 447 -17.08 -6.89 88.64
CA GLY C 447 -16.79 -7.74 87.52
C GLY C 447 -17.88 -7.73 86.46
N ASN C 448 -17.57 -8.34 85.33
CA ASN C 448 -18.49 -8.45 84.20
C ASN C 448 -18.74 -9.91 83.88
N TYR C 449 -20.00 -10.25 83.59
CA TYR C 449 -20.39 -11.61 83.25
C TYR C 449 -21.33 -11.60 82.06
N ASN C 450 -21.06 -10.74 81.09
CA ASN C 450 -21.88 -10.61 79.89
C ASN C 450 -21.28 -11.30 78.68
N TYR C 451 -20.23 -12.10 78.87
CA TYR C 451 -19.56 -12.78 77.78
C TYR C 451 -19.65 -14.30 77.97
N LEU C 452 -19.75 -15.01 76.85
CA LEU C 452 -19.82 -16.46 76.85
C LEU C 452 -18.88 -17.01 75.78
N TYR C 453 -18.44 -18.25 75.99
CA TYR C 453 -17.56 -18.92 75.04
C TYR C 453 -17.96 -20.38 74.94
N ARG C 454 -17.60 -20.99 73.81
CA ARG C 454 -17.92 -22.38 73.54
C ARG C 454 -16.69 -23.26 73.74
N LEU C 455 -16.88 -24.39 74.41
CA LEU C 455 -15.77 -25.29 74.71
C LEU C 455 -16.08 -26.71 74.21
N PHE C 456 -17.33 -27.12 74.29
CA PHE C 456 -17.75 -28.46 73.91
C PHE C 456 -18.55 -28.41 72.62
N ARG C 457 -18.20 -29.28 71.68
CA ARG C 457 -18.92 -29.36 70.41
C ARG C 457 -18.79 -30.77 69.85
N LYS C 458 -19.67 -31.10 68.91
CA LYS C 458 -19.65 -32.42 68.28
C LYS C 458 -18.38 -32.65 67.46
N SER C 459 -17.90 -31.64 66.75
CA SER C 459 -16.72 -31.80 65.91
C SER C 459 -16.01 -30.45 65.83
N ASN C 460 -14.76 -30.49 65.36
CA ASN C 460 -13.97 -29.28 65.22
C ASN C 460 -14.58 -28.35 64.17
N LEU C 461 -14.58 -27.06 64.46
CA LEU C 461 -15.17 -26.09 63.55
C LEU C 461 -14.34 -25.95 62.29
N LYS C 462 -15.04 -25.80 61.16
CA LYS C 462 -14.39 -25.45 59.91
C LYS C 462 -13.92 -24.00 59.97
N PRO C 463 -12.90 -23.65 59.18
CA PRO C 463 -12.42 -22.26 59.19
C PRO C 463 -13.53 -21.29 58.80
N PHE C 464 -13.60 -20.16 59.52
CA PHE C 464 -14.60 -19.12 59.29
C PHE C 464 -16.02 -19.68 59.31
N GLU C 465 -16.28 -20.58 60.27
CA GLU C 465 -17.59 -21.18 60.46
C GLU C 465 -18.05 -20.95 61.89
N ARG C 466 -19.27 -20.45 62.04
CA ARG C 466 -19.85 -20.17 63.35
C ARG C 466 -21.24 -20.78 63.42
N ASP C 467 -21.51 -21.50 64.50
CA ASP C 467 -22.82 -22.10 64.73
C ASP C 467 -23.21 -21.91 66.18
N ILE C 468 -24.46 -21.53 66.42
CA ILE C 468 -24.99 -21.31 67.76
C ILE C 468 -26.19 -22.24 67.94
N SER C 469 -26.16 -23.05 68.99
CA SER C 469 -27.25 -23.97 69.27
C SER C 469 -27.30 -24.24 70.77
N THR C 470 -28.47 -24.68 71.23
CA THR C 470 -28.69 -25.00 72.63
C THR C 470 -28.65 -26.50 72.90
N GLU C 471 -28.28 -27.30 71.91
CA GLU C 471 -28.23 -28.75 72.10
C GLU C 471 -27.11 -29.11 73.06
N ILE C 472 -27.42 -30.03 74.00
CA ILE C 472 -26.43 -30.44 74.98
C ILE C 472 -25.49 -31.47 74.38
N TYR C 473 -24.19 -31.24 74.50
CA TYR C 473 -23.21 -32.17 73.98
C TYR C 473 -23.17 -33.42 74.83
N GLN C 474 -23.40 -34.57 74.21
CA GLN C 474 -23.44 -35.86 74.89
C GLN C 474 -22.30 -36.74 74.41
N ALA C 475 -21.54 -37.29 75.35
CA ALA C 475 -20.45 -38.19 75.01
C ALA C 475 -20.98 -39.49 74.45
N GLY C 476 -20.27 -40.04 73.45
CA GLY C 476 -20.70 -41.30 72.86
C GLY C 476 -20.63 -42.46 73.83
N SER C 477 -19.62 -42.48 74.69
CA SER C 477 -19.49 -43.57 75.65
C SER C 477 -20.64 -43.59 76.66
N THR C 478 -21.07 -42.42 77.13
CA THR C 478 -22.16 -42.31 78.11
C THR C 478 -23.17 -41.30 77.59
N PRO C 479 -24.05 -41.71 76.69
CA PRO C 479 -25.08 -40.79 76.19
C PRO C 479 -26.06 -40.41 77.26
N CYS C 480 -26.60 -39.19 77.14
CA CYS C 480 -27.57 -38.67 78.09
C CYS C 480 -29.00 -38.66 77.55
N ASN C 481 -29.18 -38.76 76.24
CA ASN C 481 -30.49 -38.77 75.60
C ASN C 481 -31.29 -37.52 75.90
N GLY C 482 -30.63 -36.36 75.90
CA GLY C 482 -31.34 -35.09 76.02
C GLY C 482 -31.40 -34.49 77.41
N VAL C 483 -30.62 -35.03 78.34
CA VAL C 483 -30.59 -34.53 79.71
C VAL C 483 -29.16 -34.09 80.03
N GLU C 484 -29.02 -33.38 81.15
CA GLU C 484 -27.71 -32.94 81.63
C GLU C 484 -27.18 -33.92 82.68
N GLY C 485 -26.89 -35.13 82.21
CA GLY C 485 -26.43 -36.22 83.04
C GLY C 485 -24.92 -36.32 83.09
N PHE C 486 -24.44 -37.52 83.39
CA PHE C 486 -23.00 -37.75 83.49
C PHE C 486 -22.34 -37.63 82.13
N ASN C 487 -21.12 -37.08 82.12
CA ASN C 487 -20.33 -36.89 80.90
C ASN C 487 -21.05 -36.02 79.88
N CYS C 488 -21.90 -35.11 80.35
CA CYS C 488 -22.63 -34.19 79.48
C CYS C 488 -22.47 -32.78 80.03
N TYR C 489 -22.04 -31.86 79.17
CA TYR C 489 -21.84 -30.47 79.56
C TYR C 489 -22.42 -29.55 78.50
N PHE C 490 -22.91 -28.39 78.94
CA PHE C 490 -23.45 -27.42 78.01
C PHE C 490 -22.33 -26.82 77.16
N PRO C 491 -22.55 -26.63 75.86
CA PRO C 491 -21.50 -26.04 75.02
C PRO C 491 -21.08 -24.65 75.46
N LEU C 492 -21.99 -23.85 75.99
CA LEU C 492 -21.69 -22.49 76.42
C LEU C 492 -21.26 -22.48 77.88
N GLN C 493 -20.27 -21.66 78.19
CA GLN C 493 -19.75 -21.52 79.54
C GLN C 493 -19.58 -20.04 79.87
N SER C 494 -19.64 -19.73 81.16
CA SER C 494 -19.51 -18.35 81.62
C SER C 494 -18.10 -17.83 81.37
N TYR C 495 -18.02 -16.59 80.90
CA TYR C 495 -16.75 -15.92 80.64
C TYR C 495 -16.81 -14.53 81.25
N GLY C 496 -15.76 -14.15 81.98
CA GLY C 496 -15.76 -12.85 82.62
C GLY C 496 -14.36 -12.44 83.04
N PHE C 497 -14.25 -11.18 83.45
CA PHE C 497 -12.99 -10.61 83.90
C PHE C 497 -13.23 -9.77 85.14
N GLN C 498 -12.19 -9.60 85.94
CA GLN C 498 -12.26 -8.83 87.17
C GLN C 498 -11.09 -7.86 87.25
N PRO C 499 -11.26 -6.73 87.95
CA PRO C 499 -10.14 -5.79 88.10
C PRO C 499 -8.94 -6.39 88.81
N THR C 500 -9.15 -7.33 89.73
CA THR C 500 -8.05 -7.95 90.45
C THR C 500 -7.22 -8.89 89.59
N ASN C 501 -7.66 -9.20 88.37
CA ASN C 501 -6.91 -10.08 87.50
C ASN C 501 -5.61 -9.42 87.04
N GLY C 502 -4.66 -10.24 86.64
CA GLY C 502 -3.37 -9.76 86.19
C GLY C 502 -3.43 -9.14 84.81
N VAL C 503 -2.26 -8.67 84.36
CA VAL C 503 -2.17 -8.02 83.06
C VAL C 503 -2.54 -8.99 81.94
N GLY C 504 -2.04 -10.22 82.03
CA GLY C 504 -2.34 -11.22 81.00
C GLY C 504 -3.77 -11.69 81.02
N TYR C 505 -4.47 -11.55 82.15
CA TYR C 505 -5.86 -11.96 82.27
C TYR C 505 -6.84 -10.85 81.91
N GLN C 506 -6.36 -9.63 81.64
CA GLN C 506 -7.24 -8.53 81.31
C GLN C 506 -7.88 -8.74 79.94
N PRO C 507 -9.13 -8.32 79.77
CA PRO C 507 -9.77 -8.45 78.45
C PRO C 507 -9.10 -7.58 77.41
N TYR C 508 -9.10 -8.08 76.17
CA TYR C 508 -8.47 -7.38 75.05
C TYR C 508 -9.45 -7.33 73.89
N ARG C 509 -9.61 -6.15 73.30
CA ARG C 509 -10.45 -5.99 72.11
C ARG C 509 -9.65 -6.40 70.88
N VAL C 510 -10.14 -7.43 70.18
CA VAL C 510 -9.44 -7.99 69.03
C VAL C 510 -10.31 -7.79 67.80
N VAL C 511 -9.75 -7.15 66.77
CA VAL C 511 -10.42 -6.95 65.50
C VAL C 511 -9.55 -7.56 64.40
N VAL C 512 -10.14 -8.44 63.60
CA VAL C 512 -9.43 -9.16 62.54
C VAL C 512 -9.92 -8.63 61.19
N LEU C 513 -8.98 -8.19 60.36
CA LEU C 513 -9.27 -7.69 59.02
C LEU C 513 -8.57 -8.59 58.02
N SER C 514 -9.32 -9.10 57.05
CA SER C 514 -8.78 -9.96 56.01
C SER C 514 -8.98 -9.30 54.64
N PHE C 515 -7.92 -9.23 53.86
CA PHE C 515 -7.94 -8.58 52.56
C PHE C 515 -7.69 -9.63 51.48
N GLU C 516 -8.64 -9.75 50.55
CA GLU C 516 -8.53 -10.68 49.43
C GLU C 516 -9.04 -10.00 48.17
N LEU C 517 -8.55 -10.49 47.03
CA LEU C 517 -8.79 -9.84 45.74
C LEU C 517 -9.58 -10.75 44.81
N LEU C 518 -10.38 -10.13 43.95
CA LEU C 518 -11.16 -10.82 42.93
C LEU C 518 -10.80 -10.26 41.57
N HIS C 519 -11.07 -11.06 40.52
CA HIS C 519 -10.84 -10.60 39.16
C HIS C 519 -11.79 -9.46 38.78
N ALA C 520 -13.00 -9.45 39.34
CA ALA C 520 -13.94 -8.39 39.06
C ALA C 520 -13.43 -7.07 39.63
N PRO C 521 -13.89 -5.93 39.09
CA PRO C 521 -13.46 -4.62 39.62
C PRO C 521 -13.64 -4.52 41.13
N ALA C 522 -12.52 -4.38 41.84
CA ALA C 522 -12.54 -4.40 43.30
C ALA C 522 -13.26 -3.19 43.85
N THR C 523 -14.10 -3.44 44.86
CA THR C 523 -14.83 -2.37 45.55
C THR C 523 -13.90 -1.51 46.41
N VAL C 524 -12.91 -2.15 47.03
CA VAL C 524 -11.95 -1.41 47.89
C VAL C 524 -10.57 -1.43 47.22
N CYS C 525 -9.99 -0.25 46.94
CA CYS C 525 -8.67 -0.17 46.28
C CYS C 525 -7.89 1.03 46.83
N GLY C 526 -6.84 1.45 46.12
CA GLY C 526 -6.04 2.62 46.55
C GLY C 526 -5.88 3.62 45.41
N PRO C 527 -6.91 4.44 45.11
CA PRO C 527 -6.85 5.37 43.98
C PRO C 527 -5.47 6.02 43.84
N LYS C 528 -4.81 5.83 42.68
CA LYS C 528 -3.46 6.40 42.46
C LYS C 528 -3.40 7.84 43.00
N LYS C 529 -2.47 8.10 43.92
CA LYS C 529 -2.35 9.45 44.52
C LYS C 529 -2.29 10.50 43.41
N SER C 530 -3.14 11.52 43.49
CA SER C 530 -3.16 12.56 42.46
C SER C 530 -1.99 13.50 42.70
N THR C 531 -1.02 13.48 41.79
CA THR C 531 0.14 14.35 41.90
C THR C 531 -0.26 15.81 41.69
N ASN C 532 0.56 16.70 42.24
CA ASN C 532 0.28 18.13 42.12
C ASN C 532 0.30 18.55 40.66
N LEU C 533 -0.73 19.29 40.27
CA LEU C 533 -0.86 19.77 38.89
C LEU C 533 0.15 20.87 38.64
N VAL C 534 0.70 20.89 37.43
CA VAL C 534 1.68 21.89 37.01
C VAL C 534 1.28 22.43 35.65
N LYS C 535 1.38 23.74 35.48
CA LYS C 535 1.05 24.41 34.24
C LYS C 535 2.30 25.02 33.62
N ASN C 536 2.19 25.38 32.35
CA ASN C 536 3.27 25.98 31.56
C ASN C 536 4.48 25.06 31.44
N LYS C 537 4.30 23.77 31.68
CA LYS C 537 5.38 22.79 31.54
C LYS C 537 4.81 21.54 30.88
N CYS C 538 5.51 21.02 29.88
CA CYS C 538 5.04 19.83 29.18
C CYS C 538 5.10 18.61 30.07
N VAL C 539 3.99 17.89 30.16
CA VAL C 539 3.87 16.70 30.99
C VAL C 539 3.06 15.65 30.26
N ASN C 540 3.16 14.40 30.74
CA ASN C 540 2.36 13.30 30.23
C ASN C 540 1.10 13.20 31.08
N PHE C 541 0.08 13.99 30.73
CA PHE C 541 -1.15 14.05 31.49
C PHE C 541 -1.90 12.72 31.41
N ASN C 542 -2.38 12.27 32.56
CA ASN C 542 -3.16 11.03 32.66
C ASN C 542 -4.39 11.36 33.51
N PHE C 543 -5.48 11.73 32.84
CA PHE C 543 -6.70 12.19 33.51
C PHE C 543 -7.76 11.11 33.40
N ASN C 544 -7.88 10.29 34.44
CA ASN C 544 -8.91 9.26 34.54
C ASN C 544 -8.87 8.28 33.37
N GLY C 545 -7.66 7.92 32.92
CA GLY C 545 -7.47 6.91 31.90
C GLY C 545 -6.83 7.40 30.63
N LEU C 546 -7.14 8.62 30.18
CA LEU C 546 -6.59 9.16 28.95
C LEU C 546 -5.08 9.34 29.08
N THR C 547 -4.37 9.07 27.99
CA THR C 547 -2.91 9.22 27.94
C THR C 547 -2.54 10.15 26.79
N GLY C 548 -1.69 11.13 27.09
CA GLY C 548 -1.25 12.07 26.08
C GLY C 548 -0.11 12.93 26.59
N THR C 549 0.58 13.56 25.65
CA THR C 549 1.72 14.41 25.95
C THR C 549 1.41 15.83 25.52
N GLY C 550 1.61 16.78 26.42
CA GLY C 550 1.33 18.18 26.10
C GLY C 550 1.59 19.05 27.30
N VAL C 551 1.27 20.34 27.12
CA VAL C 551 1.45 21.34 28.17
C VAL C 551 0.06 21.79 28.61
N LEU C 552 -0.11 21.96 29.93
CA LEU C 552 -1.40 22.36 30.48
C LEU C 552 -1.44 23.86 30.73
N THR C 553 -2.50 24.50 30.25
CA THR C 553 -2.66 25.94 30.40
C THR C 553 -4.08 26.24 30.87
N GLU C 554 -4.22 27.27 31.69
CA GLU C 554 -5.52 27.68 32.17
C GLU C 554 -6.39 28.17 31.00
N SER C 555 -7.68 27.85 31.07
CA SER C 555 -8.61 28.17 29.99
C SER C 555 -9.80 28.93 30.54
N ASN C 556 -10.38 29.77 29.69
CA ASN C 556 -11.58 30.53 30.03
C ASN C 556 -12.86 29.84 29.57
N LYS C 557 -12.76 28.66 28.97
CA LYS C 557 -13.93 27.94 28.50
C LYS C 557 -14.80 27.50 29.67
N LYS C 558 -16.11 27.59 29.48
CA LYS C 558 -17.09 27.20 30.50
C LYS C 558 -17.67 25.84 30.11
N PHE C 559 -17.12 24.78 30.68
CA PHE C 559 -17.60 23.44 30.39
C PHE C 559 -18.96 23.19 31.03
N LEU C 560 -19.68 22.23 30.47
CA LEU C 560 -20.93 21.80 31.07
C LEU C 560 -20.65 21.05 32.37
N PRO C 561 -21.59 21.07 33.32
CA PRO C 561 -21.37 20.34 34.59
C PRO C 561 -21.10 18.86 34.40
N PHE C 562 -21.68 18.25 33.37
CA PHE C 562 -21.46 16.83 33.12
C PHE C 562 -20.31 16.58 32.16
N GLN C 563 -20.03 17.50 31.23
CA GLN C 563 -18.96 17.32 30.28
C GLN C 563 -17.60 17.41 30.96
N GLN C 564 -16.69 16.52 30.55
CA GLN C 564 -15.33 16.47 31.08
C GLN C 564 -14.28 16.53 29.98
N PHE C 565 -14.56 15.97 28.81
CA PHE C 565 -13.60 15.91 27.73
C PHE C 565 -13.77 17.11 26.79
N GLY C 566 -12.75 17.34 25.97
CA GLY C 566 -12.78 18.39 24.98
C GLY C 566 -12.21 17.95 23.66
N ARG C 567 -13.01 18.03 22.59
CA ARG C 567 -12.59 17.58 21.27
C ARG C 567 -12.71 18.73 20.28
N ASP C 568 -11.79 18.74 19.31
CA ASP C 568 -11.76 19.74 18.26
C ASP C 568 -12.45 19.20 17.00
N ILE C 569 -12.36 19.97 15.92
CA ILE C 569 -12.96 19.56 14.66
C ILE C 569 -12.25 18.34 14.09
N ALA C 570 -10.93 18.25 14.30
CA ALA C 570 -10.14 17.14 13.78
C ALA C 570 -10.12 15.94 14.71
N ASP C 571 -11.03 15.88 15.69
CA ASP C 571 -11.13 14.77 16.63
C ASP C 571 -9.82 14.59 17.40
N THR C 572 -9.45 15.63 18.13
CA THR C 572 -8.26 15.62 18.98
C THR C 572 -8.56 16.28 20.30
N THR C 573 -7.83 15.88 21.34
CA THR C 573 -8.03 16.45 22.67
C THR C 573 -7.49 17.86 22.73
N ASP C 574 -8.31 18.79 23.25
CA ASP C 574 -7.91 20.19 23.34
C ASP C 574 -8.02 20.70 24.76
N ALA C 575 -9.04 20.26 25.49
CA ALA C 575 -9.27 20.70 26.86
C ALA C 575 -9.74 19.51 27.69
N VAL C 576 -9.23 19.41 28.92
CA VAL C 576 -9.57 18.34 29.84
C VAL C 576 -9.98 18.95 31.17
N ARG C 577 -11.15 18.57 31.66
CA ARG C 577 -11.63 19.05 32.96
C ARG C 577 -10.85 18.38 34.08
N ASP C 578 -10.44 19.18 35.06
CA ASP C 578 -9.72 18.64 36.22
C ASP C 578 -10.69 17.87 37.11
N PRO C 579 -10.44 16.59 37.39
CA PRO C 579 -11.39 15.83 38.21
C PRO C 579 -11.55 16.36 39.63
N GLN C 580 -10.50 16.93 40.21
CA GLN C 580 -10.54 17.39 41.59
C GLN C 580 -11.12 18.80 41.70
N THR C 581 -10.48 19.76 41.04
CA THR C 581 -10.92 21.15 41.07
C THR C 581 -11.79 21.44 39.85
N LEU C 582 -12.89 22.17 40.06
CA LEU C 582 -13.82 22.49 38.99
C LEU C 582 -13.23 23.59 38.11
N GLU C 583 -12.17 23.20 37.39
CA GLU C 583 -11.48 24.10 36.46
C GLU C 583 -11.17 23.35 35.18
N ILE C 584 -10.98 24.11 34.11
CA ILE C 584 -10.74 23.57 32.78
C ILE C 584 -9.34 23.99 32.34
N LEU C 585 -8.54 23.00 31.90
CA LEU C 585 -7.18 23.24 31.45
C LEU C 585 -7.05 22.81 30.00
N ASP C 586 -6.48 23.68 29.17
CA ASP C 586 -6.28 23.38 27.76
C ASP C 586 -5.04 22.52 27.55
N ILE C 587 -4.96 21.92 26.36
CA ILE C 587 -3.80 21.18 25.92
C ILE C 587 -3.24 21.87 24.67
N THR C 588 -1.95 22.20 24.71
CA THR C 588 -1.30 22.95 23.65
C THR C 588 -0.07 22.21 23.19
N PRO C 589 0.20 22.19 21.88
CA PRO C 589 1.46 21.62 21.38
C PRO C 589 2.65 22.31 22.00
N CYS C 590 3.68 21.51 22.31
CA CYS C 590 4.80 22.02 23.10
C CYS C 590 5.80 22.79 22.25
N SER C 591 6.49 22.11 21.34
CA SER C 591 7.40 22.82 20.45
C SER C 591 7.18 22.45 18.98
N PHE C 592 6.99 21.16 18.71
CA PHE C 592 6.93 20.59 17.37
C PHE C 592 7.93 21.30 16.46
N GLY C 593 7.53 21.69 15.26
CA GLY C 593 8.37 22.45 14.37
C GLY C 593 9.56 21.69 13.81
N GLY C 594 10.55 22.42 13.32
CA GLY C 594 11.74 21.82 12.77
C GLY C 594 12.95 22.73 12.85
N VAL C 595 14.12 22.16 12.57
CA VAL C 595 15.40 22.86 12.66
C VAL C 595 15.86 23.15 11.24
N SER C 596 16.08 24.43 10.94
CA SER C 596 16.60 24.88 9.66
C SER C 596 17.88 25.67 9.89
N VAL C 597 18.89 25.42 9.07
CA VAL C 597 20.19 26.06 9.21
C VAL C 597 20.37 27.03 8.07
N ILE C 598 20.68 28.29 8.40
CA ILE C 598 20.90 29.34 7.43
C ILE C 598 22.40 29.61 7.38
N THR C 599 23.02 29.28 6.24
CA THR C 599 24.46 29.47 6.08
C THR C 599 24.77 29.95 4.67
N PRO C 600 25.82 30.74 4.49
CA PRO C 600 26.28 31.07 3.14
C PRO C 600 27.09 29.94 2.54
N GLY C 601 27.66 30.15 1.35
CA GLY C 601 28.50 29.14 0.76
C GLY C 601 29.74 28.88 1.60
N THR C 602 30.17 27.62 1.62
CA THR C 602 31.35 27.26 2.39
C THR C 602 32.61 27.95 1.88
N ASN C 603 32.66 28.27 0.58
CA ASN C 603 33.79 29.01 0.04
C ASN C 603 33.87 30.40 0.65
N THR C 604 32.73 31.07 0.79
CA THR C 604 32.73 32.43 1.35
C THR C 604 33.10 32.42 2.83
N SER C 605 32.47 31.55 3.61
CA SER C 605 32.72 31.51 5.05
C SER C 605 32.15 30.21 5.60
N ASN C 606 32.48 29.95 6.87
CA ASN C 606 31.99 28.76 7.57
C ASN C 606 30.97 29.08 8.65
N GLN C 607 30.67 30.36 8.87
CA GLN C 607 29.68 30.73 9.88
C GLN C 607 28.29 30.28 9.45
N VAL C 608 27.51 29.83 10.44
CA VAL C 608 26.17 29.31 10.20
C VAL C 608 25.19 29.96 11.18
N ALA C 609 23.91 29.92 10.81
CA ALA C 609 22.83 30.40 11.65
C ALA C 609 21.75 29.32 11.69
N VAL C 610 21.11 29.17 12.86
CA VAL C 610 20.13 28.12 13.08
C VAL C 610 18.76 28.75 13.28
N LEU C 611 17.77 28.27 12.54
CA LEU C 611 16.40 28.75 12.65
C LEU C 611 15.52 27.61 13.17
N TYR C 612 14.78 27.88 14.24
CA TYR C 612 13.85 26.92 14.81
C TYR C 612 12.43 27.37 14.48
N GLN C 613 11.78 26.63 13.59
CA GLN C 613 10.50 27.07 13.04
C GLN C 613 9.37 26.87 14.05
N ASP C 614 8.57 27.92 14.24
CA ASP C 614 7.33 27.89 15.03
C ASP C 614 7.61 27.43 16.46
N VAL C 615 8.41 28.23 17.16
CA VAL C 615 8.70 27.99 18.57
C VAL C 615 9.16 29.31 19.18
N ASN C 616 8.87 29.50 20.45
CA ASN C 616 9.34 30.67 21.16
C ASN C 616 10.84 30.60 21.39
N CYS C 617 11.47 31.77 21.52
CA CYS C 617 12.93 31.83 21.69
C CYS C 617 13.39 31.44 23.09
N THR C 618 12.47 31.27 24.04
CA THR C 618 12.84 30.92 25.40
C THR C 618 12.89 29.41 25.64
N GLU C 619 12.20 28.62 24.82
CA GLU C 619 12.17 27.17 24.97
C GLU C 619 13.20 26.45 24.10
N VAL C 620 14.07 27.19 23.41
CA VAL C 620 15.08 26.55 22.57
C VAL C 620 16.06 25.68 23.36
N PRO C 621 16.58 26.08 24.53
CA PRO C 621 17.60 25.24 25.17
C PRO C 621 17.07 23.91 25.68
N VAL C 622 15.74 23.77 25.81
CA VAL C 622 15.17 22.51 26.28
C VAL C 622 15.04 21.49 25.16
N ALA C 623 14.99 21.93 23.91
CA ALA C 623 14.78 21.02 22.78
C ALA C 623 16.02 20.17 22.50
N ILE C 624 16.02 18.94 23.03
CA ILE C 624 17.06 17.93 22.86
C ILE C 624 18.47 18.51 22.92
N HIS C 625 18.64 19.60 23.66
CA HIS C 625 19.96 20.21 23.84
C HIS C 625 20.58 19.73 25.15
N ALA C 626 21.68 20.35 25.54
CA ALA C 626 22.45 20.04 26.75
C ALA C 626 23.02 18.63 26.74
N ASP C 627 23.10 17.99 25.57
CA ASP C 627 23.70 16.68 25.44
C ASP C 627 24.62 16.55 24.22
N GLN C 628 24.76 17.61 23.42
CA GLN C 628 25.57 17.60 22.22
C GLN C 628 26.98 18.08 22.55
N LEU C 629 27.76 18.37 21.51
CA LEU C 629 29.14 18.82 21.70
C LEU C 629 29.17 20.15 22.46
N THR C 630 30.03 20.22 23.47
CA THR C 630 30.09 21.44 24.29
C THR C 630 30.56 22.68 23.54
N PRO C 631 31.64 22.66 22.75
CA PRO C 631 32.18 23.92 22.22
C PRO C 631 31.54 24.40 20.93
N THR C 632 30.68 23.60 20.30
CA THR C 632 30.15 23.94 18.99
C THR C 632 28.62 24.01 18.92
N TRP C 633 27.92 23.40 19.88
CA TRP C 633 26.46 23.35 19.80
C TRP C 633 25.80 24.34 20.76
N ARG C 634 26.39 24.58 21.93
CA ARG C 634 25.79 25.51 22.89
C ARG C 634 25.85 26.94 22.39
N VAL C 635 26.80 27.27 21.51
CA VAL C 635 26.89 28.64 20.97
C VAL C 635 25.69 28.94 20.08
N TYR C 636 25.19 27.94 19.35
CA TYR C 636 24.04 28.11 18.46
C TYR C 636 22.73 27.77 19.14
N SER C 637 22.77 27.41 20.43
CA SER C 637 21.55 27.08 21.16
C SER C 637 21.12 28.26 22.02
N THR C 638 22.08 29.02 22.53
CA THR C 638 21.77 30.19 23.35
C THR C 638 22.95 31.17 23.24
N GLY C 639 22.67 32.39 22.83
CA GLY C 639 23.72 33.38 22.67
C GLY C 639 23.20 34.81 22.69
N SER C 640 24.09 35.76 22.41
CA SER C 640 23.72 37.18 22.39
C SER C 640 22.86 37.56 21.19
N ASN C 641 23.06 36.90 20.05
CA ASN C 641 22.32 37.22 18.83
C ASN C 641 21.16 36.23 18.68
N VAL C 642 20.07 36.54 19.38
CA VAL C 642 18.85 35.74 19.32
C VAL C 642 17.75 36.67 18.81
N PHE C 643 17.12 36.29 17.71
CA PHE C 643 16.06 37.09 17.08
C PHE C 643 14.79 36.25 17.00
N GLN C 644 13.67 36.85 17.40
CA GLN C 644 12.37 36.19 17.34
C GLN C 644 11.57 36.76 16.19
N THR C 645 11.06 35.88 15.33
CA THR C 645 10.28 36.26 14.17
C THR C 645 9.00 35.43 14.10
N ARG C 646 8.15 35.76 13.12
CA ARG C 646 6.92 35.02 12.92
C ARG C 646 7.18 33.58 12.54
N ALA C 647 8.19 33.33 11.69
CA ALA C 647 8.53 31.97 11.31
C ALA C 647 8.98 31.15 12.52
N GLY C 648 9.79 31.74 13.40
CA GLY C 648 10.24 31.04 14.58
C GLY C 648 11.30 31.80 15.35
N CYS C 649 12.35 31.09 15.78
CA CYS C 649 13.45 31.69 16.53
C CYS C 649 14.73 31.56 15.72
N LEU C 650 15.44 32.67 15.55
CA LEU C 650 16.68 32.71 14.79
C LEU C 650 17.84 32.96 15.75
N ILE C 651 18.83 32.09 15.72
CA ILE C 651 20.01 32.18 16.58
C ILE C 651 21.25 32.24 15.71
N GLY C 652 22.13 33.19 16.03
CA GLY C 652 23.36 33.38 15.27
C GLY C 652 23.32 34.50 14.25
N ALA C 653 22.17 35.15 14.07
CA ALA C 653 22.02 36.25 13.14
C ALA C 653 21.67 37.52 13.92
N GLU C 654 22.41 38.59 13.67
CA GLU C 654 22.19 39.86 14.34
C GLU C 654 21.14 40.67 13.59
N HIS C 655 20.06 41.03 14.27
CA HIS C 655 18.97 41.78 13.66
C HIS C 655 19.42 43.21 13.41
N VAL C 656 19.13 43.73 12.23
CA VAL C 656 19.46 45.11 11.87
C VAL C 656 18.20 45.80 11.35
N ASN C 657 18.21 47.12 11.42
CA ASN C 657 17.08 47.94 11.00
C ASN C 657 17.16 48.38 9.55
N ASN C 658 18.23 48.01 8.85
CA ASN C 658 18.38 48.37 7.45
C ASN C 658 17.61 47.38 6.57
N SER C 659 17.38 47.74 5.31
CA SER C 659 16.66 46.88 4.38
C SER C 659 17.52 46.66 3.15
N TYR C 660 17.64 45.40 2.73
CA TYR C 660 18.41 45.04 1.55
C TYR C 660 17.62 44.02 0.74
N GLU C 661 18.13 43.73 -0.46
CA GLU C 661 17.51 42.71 -1.29
C GLU C 661 17.66 41.33 -0.65
N CYS C 662 16.66 40.48 -0.89
CA CYS C 662 16.66 39.16 -0.28
C CYS C 662 17.80 38.31 -0.83
N ASP C 663 18.51 37.63 0.08
CA ASP C 663 19.57 36.70 -0.28
C ASP C 663 19.25 35.28 0.13
N ILE C 664 18.91 35.06 1.40
CA ILE C 664 18.50 33.76 1.91
C ILE C 664 17.11 33.92 2.52
N PRO C 665 16.06 33.50 1.82
CA PRO C 665 14.70 33.65 2.34
C PRO C 665 14.47 32.91 3.65
N ILE C 666 13.71 33.51 4.55
CA ILE C 666 13.42 32.87 5.84
C ILE C 666 11.92 32.76 6.06
N GLY C 667 11.20 33.87 5.93
CA GLY C 667 9.77 33.90 6.12
C GLY C 667 9.34 35.21 6.73
N ALA C 668 8.05 35.52 6.58
CA ALA C 668 7.45 36.75 7.09
C ALA C 668 8.18 37.99 6.57
N GLY C 669 8.60 37.93 5.32
CA GLY C 669 9.33 39.02 4.70
C GLY C 669 10.67 39.34 5.33
N ILE C 670 11.39 38.33 5.80
CA ILE C 670 12.69 38.51 6.45
C ILE C 670 13.70 37.61 5.75
N CYS C 671 14.85 38.20 5.40
CA CYS C 671 15.92 37.46 4.72
C CYS C 671 17.22 37.67 5.47
N ALA C 672 18.20 36.84 5.14
CA ALA C 672 19.51 36.88 5.78
C ALA C 672 20.60 36.91 4.72
N SER C 673 21.73 37.52 5.05
CA SER C 673 22.86 37.63 4.15
C SER C 673 24.15 37.63 4.98
N TYR C 674 25.27 37.84 4.29
CA TYR C 674 26.58 37.86 4.92
C TYR C 674 27.24 39.24 4.80
N GLN C 675 26.46 40.30 5.03
CA GLN C 675 27.00 41.64 4.97
C GLN C 675 27.77 41.97 6.25
N THR C 676 28.51 43.07 6.19
CA THR C 676 29.30 43.51 7.34
C THR C 676 28.41 43.98 8.48
N SER C 689 34.34 40.80 12.08
CA SER C 689 33.92 41.72 11.04
C SER C 689 32.68 41.21 10.31
N GLN C 690 32.89 40.37 9.31
CA GLN C 690 31.77 39.81 8.56
C GLN C 690 30.98 38.83 9.42
N SER C 691 29.66 38.90 9.31
CA SER C 691 28.78 38.03 10.07
C SER C 691 27.46 37.89 9.32
N ILE C 692 26.53 37.14 9.91
CA ILE C 692 25.21 36.90 9.34
C ILE C 692 24.23 37.84 10.00
N ILE C 693 23.49 38.60 9.19
CA ILE C 693 22.55 39.59 9.69
C ILE C 693 21.17 39.29 9.12
N ALA C 694 20.15 39.37 9.98
CA ALA C 694 18.76 39.17 9.59
C ALA C 694 18.06 40.51 9.55
N TYR C 695 17.38 40.79 8.44
CA TYR C 695 16.72 42.08 8.22
C TYR C 695 15.38 41.84 7.54
N THR C 696 14.76 42.94 7.11
CA THR C 696 13.50 42.89 6.38
C THR C 696 13.78 43.16 4.91
N MET C 697 13.28 42.29 4.04
CA MET C 697 13.54 42.42 2.61
C MET C 697 12.92 43.68 2.06
N SER C 698 13.58 44.28 1.08
CA SER C 698 13.11 45.50 0.44
C SER C 698 12.57 45.15 -0.95
N LEU C 699 11.35 45.61 -1.25
CA LEU C 699 10.71 45.29 -2.52
C LEU C 699 11.14 46.25 -3.61
N GLY C 700 12.45 46.40 -3.80
CA GLY C 700 12.97 47.28 -4.82
C GLY C 700 13.21 48.69 -4.31
N ALA C 701 13.99 49.45 -5.07
CA ALA C 701 14.32 50.82 -4.71
C ALA C 701 13.08 51.71 -4.85
N GLU C 702 12.99 52.71 -3.98
CA GLU C 702 11.88 53.66 -4.02
C GLU C 702 12.03 54.61 -5.20
N ASN C 703 10.91 54.93 -5.84
CA ASN C 703 10.90 55.84 -6.97
C ASN C 703 9.63 56.67 -6.93
N SER C 704 9.69 57.84 -7.57
CA SER C 704 8.56 58.75 -7.63
C SER C 704 8.55 59.42 -9.00
N VAL C 705 7.58 59.06 -9.83
CA VAL C 705 7.47 59.65 -11.16
C VAL C 705 6.91 61.06 -11.04
N ALA C 706 7.58 62.02 -11.68
CA ALA C 706 7.14 63.42 -11.66
C ALA C 706 5.95 63.60 -12.60
N TYR C 707 4.81 63.09 -12.15
CA TYR C 707 3.59 63.14 -12.94
C TYR C 707 3.01 64.56 -12.95
N SER C 708 2.68 65.04 -14.15
CA SER C 708 2.04 66.33 -14.30
C SER C 708 0.98 66.22 -15.40
N ASN C 709 -0.06 67.04 -15.28
CA ASN C 709 -1.17 66.97 -16.23
C ASN C 709 -0.81 67.54 -17.60
N ASN C 710 0.35 68.20 -17.74
CA ASN C 710 0.74 68.77 -19.02
C ASN C 710 2.22 68.54 -19.30
N SER C 711 2.79 67.46 -18.77
CA SER C 711 4.20 67.13 -18.97
C SER C 711 4.31 65.68 -19.41
N ILE C 712 5.17 65.44 -20.41
CA ILE C 712 5.41 64.10 -20.92
C ILE C 712 6.93 63.91 -21.05
N ALA C 713 7.35 62.64 -21.02
CA ALA C 713 8.75 62.28 -21.16
C ALA C 713 8.92 61.46 -22.43
N ILE C 714 9.82 61.90 -23.30
CA ILE C 714 10.07 61.25 -24.59
C ILE C 714 11.51 60.75 -24.58
N PRO C 715 11.76 59.48 -24.86
CA PRO C 715 13.15 58.99 -24.90
C PRO C 715 13.95 59.65 -26.00
N THR C 716 15.23 59.87 -25.74
CA THR C 716 16.14 60.45 -26.71
C THR C 716 17.22 59.48 -27.16
N ASN C 717 17.23 58.24 -26.65
CA ASN C 717 18.23 57.25 -26.99
C ASN C 717 17.66 55.87 -26.70
N PHE C 718 18.33 54.85 -27.21
CA PHE C 718 17.89 53.47 -27.06
C PHE C 718 19.08 52.60 -26.68
N THR C 719 18.78 51.46 -26.05
CA THR C 719 19.79 50.49 -25.66
C THR C 719 19.29 49.10 -26.03
N ILE C 720 20.08 48.38 -26.83
CA ILE C 720 19.74 47.02 -27.24
C ILE C 720 20.17 46.07 -26.13
N SER C 721 19.21 45.30 -25.61
CA SER C 721 19.46 44.39 -24.50
C SER C 721 19.12 42.97 -24.94
N VAL C 722 20.01 42.02 -24.61
CA VAL C 722 19.80 40.60 -24.89
C VAL C 722 19.86 39.85 -23.58
N THR C 723 18.83 39.03 -23.32
CA THR C 723 18.71 38.31 -22.07
C THR C 723 18.51 36.83 -22.34
N THR C 724 19.00 36.00 -21.41
CA THR C 724 18.86 34.56 -21.48
C THR C 724 17.46 34.14 -21.03
N GLU C 725 17.08 32.93 -21.41
CA GLU C 725 15.86 32.29 -20.92
C GLU C 725 16.00 30.79 -21.10
N ILE C 726 16.08 30.07 -19.98
CA ILE C 726 16.28 28.62 -19.98
C ILE C 726 14.93 27.95 -19.83
N LEU C 727 14.66 26.97 -20.68
CA LEU C 727 13.40 26.24 -20.63
C LEU C 727 13.63 24.76 -20.90
N PRO C 728 13.36 23.88 -19.93
CA PRO C 728 13.48 22.44 -20.19
C PRO C 728 12.54 22.00 -21.30
N VAL C 729 13.02 21.08 -22.12
CA VAL C 729 12.26 20.63 -23.28
C VAL C 729 11.91 19.15 -23.14
N SER C 730 12.79 18.38 -22.49
CA SER C 730 12.59 16.95 -22.38
C SER C 730 13.37 16.41 -21.18
N MET C 731 13.00 15.20 -20.78
CA MET C 731 13.70 14.49 -19.71
C MET C 731 14.51 13.35 -20.32
N THR C 732 15.13 12.54 -19.47
CA THR C 732 15.76 11.30 -19.90
C THR C 732 14.71 10.20 -19.96
N LYS C 733 14.69 9.46 -21.07
CA LYS C 733 13.68 8.44 -21.30
C LYS C 733 14.06 7.19 -20.51
N THR C 734 13.14 6.73 -19.66
CA THR C 734 13.41 5.63 -18.74
C THR C 734 12.51 4.45 -19.06
N SER C 735 13.11 3.26 -19.11
CA SER C 735 12.38 2.00 -19.29
C SER C 735 12.87 1.01 -18.24
N VAL C 736 11.96 0.61 -17.35
CA VAL C 736 12.30 -0.28 -16.24
C VAL C 736 11.49 -1.55 -16.39
N ASP C 737 12.18 -2.69 -16.35
CA ASP C 737 11.50 -3.99 -16.36
C ASP C 737 11.01 -4.31 -14.96
N CYS C 738 9.70 -4.18 -14.76
CA CYS C 738 9.13 -4.34 -13.41
C CYS C 738 9.37 -5.74 -12.86
N THR C 739 9.16 -6.76 -13.70
CA THR C 739 9.31 -8.14 -13.24
C THR C 739 10.74 -8.42 -12.79
N MET C 740 11.72 -7.99 -13.59
CA MET C 740 13.12 -8.20 -13.23
C MET C 740 13.59 -7.29 -12.11
N TYR C 741 13.10 -6.05 -12.06
CA TYR C 741 13.47 -5.15 -10.98
C TYR C 741 12.97 -5.66 -9.63
N ILE C 742 11.73 -6.10 -9.57
CA ILE C 742 11.18 -6.60 -8.31
C ILE C 742 11.82 -7.93 -7.92
N CYS C 743 11.94 -8.84 -8.88
CA CYS C 743 12.49 -10.17 -8.65
C CYS C 743 13.67 -10.39 -9.57
N GLY C 744 14.85 -10.60 -8.99
CA GLY C 744 16.05 -10.83 -9.77
C GLY C 744 16.31 -12.30 -10.05
N ASP C 745 16.07 -12.71 -11.30
CA ASP C 745 16.26 -14.08 -11.77
C ASP C 745 15.75 -15.12 -10.75
N SER C 746 14.57 -14.85 -10.22
CA SER C 746 13.93 -15.74 -9.24
C SER C 746 12.61 -16.20 -9.83
N THR C 747 12.54 -17.49 -10.19
CA THR C 747 11.32 -18.03 -10.80
C THR C 747 10.15 -18.00 -9.82
N GLU C 748 10.39 -18.37 -8.56
CA GLU C 748 9.32 -18.35 -7.57
C GLU C 748 8.82 -16.94 -7.30
N CYS C 749 9.73 -15.96 -7.25
CA CYS C 749 9.32 -14.59 -7.05
C CYS C 749 8.51 -14.08 -8.23
N SER C 750 8.90 -14.43 -9.45
CA SER C 750 8.13 -14.05 -10.62
C SER C 750 6.74 -14.68 -10.60
N ASN C 751 6.66 -15.96 -10.23
CA ASN C 751 5.37 -16.62 -10.14
C ASN C 751 4.47 -15.97 -9.09
N LEU C 752 5.06 -15.59 -7.95
CA LEU C 752 4.28 -14.89 -6.93
C LEU C 752 3.85 -13.51 -7.42
N LEU C 753 4.68 -12.85 -8.22
CA LEU C 753 4.32 -11.53 -8.74
C LEU C 753 3.20 -11.63 -9.77
N LEU C 754 3.15 -12.74 -10.51
CA LEU C 754 2.14 -12.88 -11.56
C LEU C 754 0.72 -12.83 -11.01
N GLN C 755 0.53 -13.17 -9.73
CA GLN C 755 -0.81 -13.19 -9.17
C GLN C 755 -1.25 -11.82 -8.64
N TYR C 756 -0.40 -10.81 -8.73
CA TYR C 756 -0.77 -9.44 -8.37
C TYR C 756 -1.36 -8.67 -9.54
N GLY C 757 -1.93 -9.35 -10.53
CA GLY C 757 -2.51 -8.66 -11.66
C GLY C 757 -1.47 -8.24 -12.68
N SER C 758 -1.82 -7.21 -13.45
CA SER C 758 -0.98 -6.69 -14.53
C SER C 758 -0.40 -5.33 -14.17
N PHE C 759 0.01 -5.16 -12.91
CA PHE C 759 0.58 -3.88 -12.48
C PHE C 759 1.84 -3.55 -13.26
N CYS C 760 2.75 -4.52 -13.40
CA CYS C 760 4.02 -4.26 -14.10
C CYS C 760 3.77 -3.82 -15.53
N THR C 761 2.75 -4.40 -16.19
CA THR C 761 2.38 -3.95 -17.53
C THR C 761 1.91 -2.50 -17.51
N GLN C 762 1.13 -2.11 -16.49
CA GLN C 762 0.67 -0.74 -16.40
C GLN C 762 1.84 0.23 -16.23
N LEU C 763 2.78 -0.10 -15.35
CA LEU C 763 3.93 0.78 -15.15
C LEU C 763 4.82 0.84 -16.39
N ASN C 764 5.01 -0.28 -17.08
CA ASN C 764 5.79 -0.26 -18.31
C ASN C 764 5.13 0.59 -19.37
N ARG C 765 3.79 0.48 -19.50
CA ARG C 765 3.07 1.30 -20.46
C ARG C 765 3.15 2.78 -20.09
N ALA C 766 3.08 3.09 -18.80
CA ALA C 766 3.21 4.48 -18.37
C ALA C 766 4.58 5.05 -18.71
N LEU C 767 5.64 4.26 -18.48
CA LEU C 767 6.99 4.71 -18.80
C LEU C 767 7.15 4.89 -20.31
N THR C 768 6.61 3.97 -21.10
CA THR C 768 6.67 4.12 -22.56
C THR C 768 5.92 5.37 -23.01
N GLY C 769 4.76 5.63 -22.41
CA GLY C 769 4.03 6.85 -22.73
C GLY C 769 4.80 8.10 -22.37
N ILE C 770 5.49 8.08 -21.23
CA ILE C 770 6.33 9.22 -20.85
C ILE C 770 7.45 9.42 -21.87
N ALA C 771 8.07 8.32 -22.31
CA ALA C 771 9.16 8.41 -23.27
C ALA C 771 8.69 8.99 -24.60
N VAL C 772 7.56 8.50 -25.11
CA VAL C 772 7.05 9.02 -26.38
C VAL C 772 6.56 10.45 -26.21
N GLU C 773 6.09 10.80 -25.02
CA GLU C 773 5.70 12.18 -24.74
C GLU C 773 6.90 13.11 -24.83
N GLN C 774 8.04 12.69 -24.25
CA GLN C 774 9.25 13.51 -24.35
C GLN C 774 9.73 13.60 -25.79
N ASP C 775 9.63 12.49 -26.54
CA ASP C 775 9.99 12.53 -27.95
C ASP C 775 9.13 13.53 -28.72
N LYS C 776 7.81 13.52 -28.47
CA LYS C 776 6.92 14.47 -29.14
C LYS C 776 7.23 15.90 -28.71
N ASN C 777 7.54 16.10 -27.43
CA ASN C 777 7.88 17.44 -26.95
C ASN C 777 9.12 17.97 -27.65
N THR C 778 10.16 17.14 -27.77
CA THR C 778 11.36 17.56 -28.47
C THR C 778 11.06 17.85 -29.93
N GLN C 779 10.25 17.00 -30.57
CA GLN C 779 9.91 17.20 -31.98
C GLN C 779 9.17 18.51 -32.19
N GLU C 780 8.21 18.83 -31.32
CA GLU C 780 7.44 20.05 -31.52
C GLU C 780 8.25 21.28 -31.16
N VAL C 781 9.18 21.15 -30.20
CA VAL C 781 10.00 22.30 -29.82
C VAL C 781 11.00 22.62 -30.93
N PHE C 782 11.67 21.61 -31.47
CA PHE C 782 12.78 21.84 -32.40
C PHE C 782 12.40 21.66 -33.86
N ALA C 783 11.69 20.59 -34.21
CA ALA C 783 11.34 20.32 -35.60
C ALA C 783 10.10 21.13 -36.00
N GLN C 784 10.31 22.43 -36.18
CA GLN C 784 9.26 23.35 -36.56
C GLN C 784 9.45 23.95 -37.95
N VAL C 785 10.56 23.67 -38.62
CA VAL C 785 10.87 24.20 -39.93
C VAL C 785 10.86 23.05 -40.94
N LYS C 786 10.23 23.27 -42.08
CA LYS C 786 10.08 22.20 -43.08
C LYS C 786 11.38 21.93 -43.83
N GLN C 787 12.25 22.92 -43.94
CA GLN C 787 13.50 22.79 -44.70
C GLN C 787 14.68 23.11 -43.80
N ILE C 788 15.88 23.05 -44.39
CA ILE C 788 17.12 23.32 -43.68
C ILE C 788 17.81 24.48 -44.43
N TYR C 789 17.76 25.66 -43.85
CA TYR C 789 18.39 26.83 -44.45
C TYR C 789 19.86 26.93 -44.04
N LYS C 790 20.67 27.50 -44.91
CA LYS C 790 22.09 27.66 -44.67
C LYS C 790 22.48 29.13 -44.87
N THR C 791 23.33 29.62 -43.98
CA THR C 791 23.81 31.00 -44.10
C THR C 791 24.73 31.13 -45.30
N PRO C 792 24.79 32.32 -45.91
CA PRO C 792 25.71 32.52 -47.03
C PRO C 792 27.14 32.40 -46.58
N PRO C 793 28.04 31.97 -47.48
CA PRO C 793 29.46 31.83 -47.08
C PRO C 793 30.09 33.12 -46.60
N ILE C 794 29.68 34.26 -47.13
CA ILE C 794 30.19 35.57 -46.72
C ILE C 794 29.23 36.14 -45.68
N LYS C 795 29.77 36.42 -44.49
CA LYS C 795 28.96 36.94 -43.38
C LYS C 795 29.01 38.46 -43.42
N ASP C 796 28.15 39.04 -44.25
CA ASP C 796 28.04 40.51 -44.38
C ASP C 796 26.56 40.86 -44.18
N PHE C 797 26.22 41.29 -42.97
CA PHE C 797 24.86 41.63 -42.60
C PHE C 797 24.75 43.08 -42.14
N GLY C 798 25.44 43.98 -42.84
CA GLY C 798 25.38 45.38 -42.48
C GLY C 798 26.10 45.74 -41.20
N GLY C 799 27.09 44.94 -40.80
CA GLY C 799 27.84 45.17 -39.58
C GLY C 799 27.45 44.28 -38.42
N PHE C 800 26.29 43.64 -38.49
CA PHE C 800 25.87 42.73 -37.44
C PHE C 800 26.74 41.48 -37.44
N ASN C 801 27.06 41.01 -36.23
CA ASN C 801 27.95 39.87 -36.04
C ASN C 801 27.14 38.73 -35.42
N PHE C 802 27.16 37.57 -36.07
CA PHE C 802 26.48 36.38 -35.58
C PHE C 802 27.43 35.18 -35.42
N SER C 803 28.72 35.45 -35.23
CA SER C 803 29.68 34.36 -35.10
C SER C 803 29.43 33.52 -33.85
N GLN C 804 29.06 34.19 -32.75
CA GLN C 804 28.85 33.49 -31.48
C GLN C 804 27.60 32.62 -31.48
N ILE C 805 26.70 32.79 -32.45
CA ILE C 805 25.49 31.99 -32.51
C ILE C 805 25.45 31.07 -33.73
N LEU C 806 26.25 31.32 -34.77
CA LEU C 806 26.26 30.43 -35.92
C LEU C 806 27.32 29.36 -35.74
N PRO C 807 27.03 28.12 -36.16
CA PRO C 807 28.03 27.05 -36.03
C PRO C 807 29.23 27.29 -36.93
N ASP C 808 30.37 26.78 -36.50
CA ASP C 808 31.62 26.93 -37.23
C ASP C 808 32.20 25.57 -37.58
N PRO C 809 32.75 25.41 -38.79
CA PRO C 809 33.33 24.11 -39.16
C PRO C 809 34.66 23.81 -38.48
N SER C 810 35.27 24.79 -37.81
CA SER C 810 36.57 24.57 -37.17
C SER C 810 36.45 23.52 -36.07
N LYS C 811 35.41 23.59 -35.26
CA LYS C 811 35.21 22.61 -34.21
C LYS C 811 34.82 21.26 -34.81
N PRO C 812 35.16 20.15 -34.14
CA PRO C 812 34.74 18.84 -34.65
C PRO C 812 33.24 18.69 -34.75
N SER C 813 32.49 19.31 -33.85
CA SER C 813 31.04 19.30 -33.90
C SER C 813 30.55 20.65 -34.42
N LYS C 814 29.64 20.61 -35.40
CA LYS C 814 29.13 21.84 -36.01
C LYS C 814 28.18 22.54 -35.07
N ARG C 815 28.72 23.18 -34.03
CA ARG C 815 27.92 23.86 -33.02
C ARG C 815 28.50 25.26 -32.78
N SER C 816 27.63 26.16 -32.33
CA SER C 816 28.05 27.53 -32.05
C SER C 816 28.85 27.59 -30.75
N PHE C 817 29.50 28.74 -30.54
CA PHE C 817 30.27 28.94 -29.32
C PHE C 817 29.39 28.89 -28.09
N ILE C 818 28.22 29.54 -28.16
CA ILE C 818 27.28 29.53 -27.04
C ILE C 818 26.76 28.12 -26.78
N GLU C 819 26.45 27.38 -27.85
CA GLU C 819 25.98 26.02 -27.69
C GLU C 819 27.05 25.13 -27.06
N ASP C 820 28.30 25.27 -27.50
CA ASP C 820 29.39 24.50 -26.91
C ASP C 820 29.58 24.86 -25.44
N LEU C 821 29.48 26.15 -25.10
CA LEU C 821 29.59 26.56 -23.72
C LEU C 821 28.46 25.99 -22.86
N LEU C 822 27.24 25.98 -23.39
CA LEU C 822 26.11 25.41 -22.65
C LEU C 822 26.30 23.91 -22.45
N PHE C 823 26.75 23.20 -23.49
CA PHE C 823 26.95 21.76 -23.35
C PHE C 823 28.06 21.44 -22.36
N ASN C 824 29.16 22.21 -22.41
CA ASN C 824 30.26 21.98 -21.48
C ASN C 824 29.86 22.28 -20.04
N LYS C 825 29.09 23.35 -19.83
CA LYS C 825 28.67 23.73 -18.48
C LYS C 825 27.77 22.71 -17.80
N VAL C 826 26.84 22.12 -18.54
CA VAL C 826 25.91 21.13 -17.98
C VAL C 826 26.64 19.80 -17.89
N THR C 827 26.64 19.22 -16.69
CA THR C 827 27.31 17.94 -16.46
C THR C 827 26.28 16.84 -16.17
N LEU C 849 25.39 7.83 -10.68
CA LEU C 849 25.53 8.20 -12.08
C LEU C 849 24.50 7.48 -12.94
N ILE C 850 24.07 8.13 -14.02
CA ILE C 850 23.07 7.55 -14.90
C ILE C 850 23.61 6.27 -15.55
N CYS C 851 24.86 6.33 -16.03
CA CYS C 851 25.47 5.17 -16.67
C CYS C 851 25.77 4.06 -15.67
N ALA C 852 26.11 4.41 -14.42
CA ALA C 852 26.43 3.41 -13.41
C ALA C 852 25.20 2.78 -12.77
N GLN C 853 24.01 3.28 -13.08
CA GLN C 853 22.78 2.76 -12.50
C GLN C 853 22.19 1.60 -13.28
N LYS C 854 22.84 1.17 -14.38
CA LYS C 854 22.34 0.06 -15.18
C LYS C 854 22.60 -1.26 -14.49
N PHE C 855 21.85 -1.57 -13.43
CA PHE C 855 22.01 -2.82 -12.72
C PHE C 855 20.70 -3.53 -12.38
N ASN C 856 19.55 -2.87 -12.49
CA ASN C 856 18.27 -3.48 -12.20
C ASN C 856 17.24 -3.12 -13.26
N GLY C 857 17.65 -3.22 -14.53
CA GLY C 857 16.77 -2.89 -15.63
C GLY C 857 16.69 -1.42 -15.97
N LEU C 858 17.58 -0.59 -15.45
CA LEU C 858 17.59 0.84 -15.72
C LEU C 858 18.34 1.08 -17.02
N THR C 859 17.77 0.63 -18.13
CA THR C 859 18.35 0.82 -19.46
C THR C 859 17.78 2.11 -20.04
N VAL C 860 18.55 3.19 -19.97
CA VAL C 860 18.08 4.51 -20.36
C VAL C 860 19.07 5.11 -21.37
N LEU C 861 18.81 4.87 -22.66
CA LEU C 861 19.47 5.62 -23.73
C LEU C 861 18.74 5.54 -25.07
N PRO C 862 17.46 5.92 -25.15
CA PRO C 862 16.82 6.12 -26.46
C PRO C 862 16.75 7.58 -26.87
N PRO C 863 17.86 8.22 -27.29
CA PRO C 863 17.68 9.54 -27.93
C PRO C 863 17.00 9.38 -29.28
N LEU C 864 15.80 9.97 -29.41
CA LEU C 864 15.15 9.98 -30.72
C LEU C 864 15.88 10.89 -31.68
N LEU C 865 16.26 12.09 -31.22
CA LEU C 865 17.03 13.05 -32.00
C LEU C 865 18.36 13.28 -31.30
N THR C 866 19.45 13.07 -32.03
CA THR C 866 20.77 13.27 -31.45
C THR C 866 21.05 14.76 -31.27
N ASP C 867 22.10 15.05 -30.50
CA ASP C 867 22.51 16.44 -30.29
C ASP C 867 22.93 17.10 -31.61
N GLU C 868 23.54 16.33 -32.51
CA GLU C 868 23.92 16.89 -33.81
C GLU C 868 22.70 17.33 -34.60
N MET C 869 21.64 16.52 -34.60
CA MET C 869 20.44 16.90 -35.34
C MET C 869 19.74 18.10 -34.71
N ILE C 870 19.74 18.18 -33.37
CA ILE C 870 19.16 19.35 -32.70
C ILE C 870 19.95 20.61 -33.05
N ALA C 871 21.29 20.50 -33.06
CA ALA C 871 22.12 21.64 -33.45
C ALA C 871 21.87 22.03 -34.90
N GLN C 872 21.69 21.04 -35.78
CA GLN C 872 21.38 21.34 -37.17
C GLN C 872 20.04 22.05 -37.30
N TYR C 873 19.03 21.61 -36.55
CA TYR C 873 17.73 22.28 -36.56
C TYR C 873 17.86 23.72 -36.08
N THR C 874 18.61 23.93 -35.00
CA THR C 874 18.80 25.27 -34.48
C THR C 874 19.53 26.16 -35.49
N SER C 875 20.56 25.62 -36.14
CA SER C 875 21.28 26.39 -37.16
C SER C 875 20.38 26.73 -38.34
N ALA C 876 19.55 25.79 -38.76
CA ALA C 876 18.61 26.06 -39.85
C ALA C 876 17.61 27.15 -39.46
N LEU C 877 17.10 27.09 -38.22
CA LEU C 877 16.18 28.13 -37.75
C LEU C 877 16.86 29.49 -37.72
N LEU C 878 18.11 29.54 -37.23
CA LEU C 878 18.83 30.80 -37.19
C LEU C 878 19.07 31.35 -38.59
N ALA C 879 19.47 30.48 -39.53
CA ALA C 879 19.68 30.93 -40.90
C ALA C 879 18.39 31.45 -41.53
N GLY C 880 17.29 30.75 -41.30
CA GLY C 880 16.01 31.21 -41.83
C GLY C 880 15.60 32.55 -41.25
N THR C 881 15.78 32.71 -39.94
CA THR C 881 15.44 33.98 -39.30
C THR C 881 16.32 35.12 -39.82
N ILE C 882 17.61 34.85 -40.01
CA ILE C 882 18.53 35.90 -40.44
C ILE C 882 18.25 36.30 -41.88
N THR C 883 18.08 35.32 -42.76
CA THR C 883 17.97 35.60 -44.19
C THR C 883 16.55 35.82 -44.67
N SER C 884 15.54 35.61 -43.82
CA SER C 884 14.15 35.75 -44.24
C SER C 884 13.26 36.47 -43.24
N GLY C 885 13.77 36.83 -42.06
CA GLY C 885 12.91 37.45 -41.07
C GLY C 885 11.82 36.50 -40.62
N TRP C 886 10.58 36.99 -40.64
CA TRP C 886 9.42 36.19 -40.28
C TRP C 886 8.73 35.56 -41.50
N THR C 887 9.24 35.81 -42.71
CA THR C 887 8.59 35.27 -43.90
C THR C 887 8.67 33.76 -43.95
N PHE C 888 9.82 33.19 -43.58
CA PHE C 888 10.00 31.74 -43.65
C PHE C 888 9.13 30.99 -42.64
N GLY C 889 8.68 31.66 -41.58
CA GLY C 889 7.84 31.05 -40.58
C GLY C 889 6.37 31.00 -40.93
N ALA C 890 5.97 31.58 -42.05
CA ALA C 890 4.57 31.57 -42.45
C ALA C 890 4.35 31.19 -43.90
N GLY C 891 5.38 30.71 -44.61
CA GLY C 891 5.23 30.34 -46.00
C GLY C 891 6.56 30.17 -46.70
N ALA C 892 6.64 30.56 -47.96
CA ALA C 892 7.88 30.46 -48.71
C ALA C 892 8.92 31.42 -48.15
N ALA C 893 10.17 30.97 -48.09
CA ALA C 893 11.27 31.79 -47.58
C ALA C 893 11.54 32.91 -48.56
N LEU C 894 11.66 34.13 -48.05
CA LEU C 894 11.87 35.32 -48.86
C LEU C 894 13.15 36.02 -48.38
N GLN C 895 14.10 36.19 -49.28
CA GLN C 895 15.35 36.84 -48.92
C GLN C 895 15.12 38.32 -48.59
N ILE C 896 15.90 38.83 -47.65
CA ILE C 896 15.78 40.22 -47.21
C ILE C 896 17.06 40.62 -46.50
N PRO C 897 17.62 41.80 -46.78
CA PRO C 897 18.79 42.26 -46.03
C PRO C 897 18.47 42.41 -44.56
N PHE C 898 19.47 42.16 -43.71
CA PHE C 898 19.23 42.18 -42.28
C PHE C 898 18.93 43.59 -41.79
N ALA C 899 19.54 44.60 -42.41
CA ALA C 899 19.22 45.98 -42.04
C ALA C 899 17.76 46.31 -42.32
N MET C 900 17.25 45.87 -43.47
CA MET C 900 15.84 46.09 -43.78
C MET C 900 14.93 45.32 -42.85
N GLN C 901 15.35 44.13 -42.40
CA GLN C 901 14.58 43.39 -41.41
C GLN C 901 14.56 44.12 -40.08
N MET C 902 15.69 44.71 -39.68
CA MET C 902 15.72 45.54 -38.48
C MET C 902 14.77 46.73 -38.62
N ALA C 903 14.76 47.37 -39.79
CA ALA C 903 13.83 48.47 -40.02
C ALA C 903 12.38 48.00 -39.93
N TYR C 904 12.08 46.82 -40.48
CA TYR C 904 10.74 46.28 -40.39
C TYR C 904 10.32 46.05 -38.94
N ARG C 905 11.22 45.49 -38.13
CA ARG C 905 10.89 45.25 -36.74
C ARG C 905 10.77 46.55 -35.95
N PHE C 906 11.59 47.55 -36.27
CA PHE C 906 11.45 48.86 -35.63
C PHE C 906 10.09 49.49 -35.96
N ASN C 907 9.66 49.36 -37.22
CA ASN C 907 8.32 49.82 -37.59
C ASN C 907 7.25 49.03 -36.84
N GLY C 908 7.49 47.73 -36.64
CA GLY C 908 6.53 46.91 -35.93
C GLY C 908 6.38 47.30 -34.46
N ILE C 909 7.49 47.70 -33.83
CA ILE C 909 7.44 48.07 -32.42
C ILE C 909 7.05 49.53 -32.26
N GLY C 910 6.65 50.16 -33.36
CA GLY C 910 6.14 51.52 -33.32
C GLY C 910 7.17 52.62 -33.41
N VAL C 911 8.37 52.34 -33.91
CA VAL C 911 9.41 53.34 -34.10
C VAL C 911 9.61 53.54 -35.59
N THR C 912 9.88 54.79 -35.98
CA THR C 912 10.01 55.13 -37.38
C THR C 912 11.21 54.43 -38.00
N GLN C 913 11.15 54.27 -39.32
CA GLN C 913 12.21 53.55 -40.04
C GLN C 913 13.52 54.32 -40.06
N ASN C 914 13.46 55.65 -39.99
CA ASN C 914 14.65 56.48 -40.18
C ASN C 914 15.65 56.37 -39.04
N VAL C 915 15.22 55.98 -37.84
CA VAL C 915 16.12 55.96 -36.70
C VAL C 915 17.19 54.87 -36.84
N LEU C 916 16.95 53.86 -37.66
CA LEU C 916 17.91 52.77 -37.78
C LEU C 916 19.01 53.11 -38.78
N TYR C 917 18.62 53.54 -39.98
CA TYR C 917 19.62 53.82 -41.02
C TYR C 917 20.53 54.97 -40.62
N GLU C 918 20.06 55.86 -39.75
CA GLU C 918 20.90 56.94 -39.25
C GLU C 918 21.81 56.50 -38.12
N ASN C 919 21.54 55.33 -37.51
CA ASN C 919 22.36 54.80 -36.43
C ASN C 919 22.59 53.30 -36.62
N GLN C 920 22.80 52.88 -37.88
CA GLN C 920 22.99 51.47 -38.16
C GLN C 920 24.27 50.94 -37.52
N LYS C 921 25.37 51.69 -37.64
CA LYS C 921 26.63 51.27 -37.05
C LYS C 921 26.54 51.21 -35.53
N LEU C 922 25.91 52.21 -34.91
CA LEU C 922 25.76 52.21 -33.45
C LEU C 922 24.92 51.03 -32.99
N ILE C 923 23.82 50.75 -33.69
CA ILE C 923 22.96 49.63 -33.30
C ILE C 923 23.68 48.30 -33.48
N ALA C 924 24.44 48.15 -34.56
CA ALA C 924 25.20 46.92 -34.77
C ALA C 924 26.25 46.74 -33.69
N ASN C 925 26.95 47.83 -33.33
CA ASN C 925 27.94 47.75 -32.25
C ASN C 925 27.28 47.39 -30.93
N GLN C 926 26.11 47.97 -30.64
CA GLN C 926 25.40 47.64 -29.42
C GLN C 926 24.99 46.17 -29.39
N PHE C 927 24.52 45.64 -30.53
CA PHE C 927 24.14 44.24 -30.60
C PHE C 927 25.33 43.33 -30.39
N ASN C 928 26.47 43.66 -31.00
CA ASN C 928 27.67 42.87 -30.82
C ASN C 928 28.16 42.91 -29.37
N SER C 929 28.10 44.10 -28.75
CA SER C 929 28.49 44.21 -27.35
C SER C 929 27.57 43.41 -26.46
N ALA C 930 26.26 43.43 -26.75
CA ALA C 930 25.32 42.64 -25.96
C ALA C 930 25.59 41.14 -26.11
N ILE C 931 25.91 40.70 -27.33
CA ILE C 931 26.24 39.28 -27.54
C ILE C 931 27.49 38.91 -26.76
N GLY C 932 28.52 39.76 -26.82
CA GLY C 932 29.73 39.49 -26.05
C GLY C 932 29.46 39.45 -24.55
N LYS C 933 28.66 40.38 -24.06
CA LYS C 933 28.35 40.41 -22.62
C LYS C 933 27.56 39.19 -22.19
N ILE C 934 26.59 38.75 -23.00
CA ILE C 934 25.79 37.59 -22.62
C ILE C 934 26.64 36.33 -22.66
N GLN C 935 27.55 36.24 -23.64
CA GLN C 935 28.46 35.10 -23.68
C GLN C 935 29.38 35.09 -22.46
N ASP C 936 29.90 36.25 -22.08
CA ASP C 936 30.75 36.33 -20.89
C ASP C 936 29.99 35.98 -19.63
N SER C 937 28.74 36.43 -19.52
CA SER C 937 27.92 36.10 -18.36
C SER C 937 27.64 34.61 -18.29
N LEU C 938 27.36 33.98 -19.44
CA LEU C 938 27.17 32.54 -19.46
C LEU C 938 28.45 31.81 -19.05
N SER C 939 29.61 32.29 -19.53
CA SER C 939 30.86 31.63 -19.21
C SER C 939 31.21 31.75 -17.72
N SER C 940 31.01 32.94 -17.15
CA SER C 940 31.46 33.23 -15.79
C SER C 940 30.45 32.86 -14.71
N THR C 941 29.25 32.44 -15.07
CA THR C 941 28.23 32.08 -14.11
C THR C 941 27.83 30.62 -14.31
N ALA C 942 27.88 29.84 -13.23
CA ALA C 942 27.49 28.44 -13.29
C ALA C 942 26.04 28.21 -12.91
N SER C 943 25.34 29.24 -12.42
CA SER C 943 23.94 29.12 -12.04
C SER C 943 22.98 29.57 -13.14
N ALA C 944 23.50 29.94 -14.32
CA ALA C 944 22.62 30.34 -15.40
C ALA C 944 21.86 29.15 -15.98
N LEU C 945 22.40 27.94 -15.78
CA LEU C 945 21.77 26.71 -16.23
C LEU C 945 21.01 26.00 -15.11
N GLY C 946 20.35 26.76 -14.24
CA GLY C 946 19.77 26.18 -13.04
C GLY C 946 18.65 25.18 -13.31
N LYS C 947 17.78 25.47 -14.28
CA LYS C 947 16.60 24.64 -14.48
C LYS C 947 16.98 23.25 -14.99
N LEU C 948 17.81 23.19 -16.03
CA LEU C 948 18.21 21.89 -16.57
C LEU C 948 19.02 21.09 -15.55
N GLN C 949 19.91 21.76 -14.82
CA GLN C 949 20.69 21.07 -13.80
C GLN C 949 19.80 20.53 -12.69
N ASP C 950 18.79 21.31 -12.27
CA ASP C 950 17.87 20.83 -11.26
C ASP C 950 17.06 19.64 -11.77
N VAL C 951 16.64 19.68 -13.03
CA VAL C 951 15.89 18.55 -13.60
C VAL C 951 16.75 17.30 -13.60
N VAL C 952 18.00 17.42 -14.04
CA VAL C 952 18.90 16.28 -14.09
C VAL C 952 19.16 15.74 -12.69
N ASN C 953 19.38 16.64 -11.72
CA ASN C 953 19.62 16.23 -10.35
C ASN C 953 18.39 15.52 -9.76
N GLN C 954 17.20 16.02 -10.06
CA GLN C 954 15.98 15.37 -9.60
C GLN C 954 15.84 13.97 -10.17
N ASN C 955 16.12 13.82 -11.47
CA ASN C 955 16.05 12.50 -12.08
C ASN C 955 17.07 11.56 -11.46
N ALA C 956 18.30 12.04 -11.24
CA ALA C 956 19.33 11.21 -10.63
C ALA C 956 18.95 10.81 -9.21
N GLN C 957 18.39 11.76 -8.44
CA GLN C 957 17.97 11.45 -7.08
C GLN C 957 16.84 10.43 -7.06
N ALA C 958 15.89 10.55 -7.99
CA ALA C 958 14.80 9.59 -8.06
C ALA C 958 15.32 8.20 -8.41
N LEU C 959 16.24 8.12 -9.38
CA LEU C 959 16.82 6.83 -9.74
C LEU C 959 17.60 6.23 -8.57
N ASN C 960 18.37 7.06 -7.86
CA ASN C 960 19.13 6.57 -6.72
C ASN C 960 18.21 6.08 -5.60
N THR C 961 17.12 6.79 -5.35
CA THR C 961 16.16 6.35 -4.34
C THR C 961 15.50 5.04 -4.75
N LEU C 962 15.15 4.90 -6.03
CA LEU C 962 14.56 3.65 -6.50
C LEU C 962 15.53 2.49 -6.35
N VAL C 963 16.82 2.72 -6.66
CA VAL C 963 17.81 1.67 -6.49
C VAL C 963 17.98 1.32 -5.02
N LYS C 964 18.06 2.33 -4.15
CA LYS C 964 18.28 2.06 -2.73
C LYS C 964 17.07 1.42 -2.07
N GLN C 965 15.88 1.59 -2.65
CA GLN C 965 14.70 0.95 -2.11
C GLN C 965 14.79 -0.58 -2.16
N LEU C 966 15.64 -1.13 -3.04
CA LEU C 966 15.82 -2.57 -3.10
C LEU C 966 16.57 -3.13 -1.89
N SER C 967 17.29 -2.28 -1.16
CA SER C 967 18.04 -2.70 0.03
C SER C 967 17.27 -2.42 1.31
N SER C 968 15.94 -2.45 1.22
CA SER C 968 15.06 -2.22 2.36
C SER C 968 14.35 -3.51 2.71
N ASN C 969 14.41 -3.90 3.98
CA ASN C 969 13.81 -5.16 4.40
C ASN C 969 12.28 -5.11 4.33
N PHE C 970 11.69 -3.94 4.59
CA PHE C 970 10.24 -3.77 4.63
C PHE C 970 9.59 -4.73 5.64
N GLY C 971 10.26 -4.95 6.76
CA GLY C 971 9.78 -5.86 7.78
C GLY C 971 10.04 -7.32 7.54
N ALA C 972 10.80 -7.66 6.50
CA ALA C 972 11.11 -9.04 6.18
C ALA C 972 12.42 -9.46 6.84
N ILE C 973 12.81 -10.71 6.62
CA ILE C 973 14.04 -11.23 7.23
C ILE C 973 15.27 -10.56 6.62
N SER C 974 15.31 -10.46 5.29
CA SER C 974 16.45 -9.90 4.60
C SER C 974 16.00 -9.29 3.29
N SER C 975 16.88 -8.48 2.70
CA SER C 975 16.62 -7.80 1.44
C SER C 975 17.17 -8.55 0.23
N VAL C 976 17.75 -9.73 0.44
CA VAL C 976 18.34 -10.53 -0.62
C VAL C 976 17.48 -11.77 -0.80
N LEU C 977 17.08 -12.04 -2.06
CA LEU C 977 16.20 -13.17 -2.33
C LEU C 977 16.83 -14.49 -1.90
N ASN C 978 18.11 -14.68 -2.23
CA ASN C 978 18.80 -15.92 -1.87
C ASN C 978 18.86 -16.12 -0.36
N ASP C 979 18.89 -15.03 0.40
CA ASP C 979 18.93 -15.16 1.86
C ASP C 979 17.67 -15.85 2.38
N ILE C 980 16.49 -15.37 1.98
CA ILE C 980 15.25 -16.01 2.39
C ILE C 980 15.15 -17.41 1.79
N LEU C 981 15.61 -17.58 0.54
CA LEU C 981 15.52 -18.88 -0.11
C LEU C 981 16.30 -19.95 0.66
N SER C 982 17.57 -19.68 0.95
CA SER C 982 18.40 -20.67 1.63
C SER C 982 18.08 -20.77 3.12
N ARG C 983 17.90 -19.64 3.79
CA ARG C 983 17.75 -19.67 5.25
C ARG C 983 16.44 -20.29 5.69
N LEU C 984 15.35 -20.02 4.98
CA LEU C 984 14.02 -20.43 5.42
C LEU C 984 13.40 -21.37 4.40
N ASP C 985 12.63 -22.33 4.90
CA ASP C 985 11.86 -23.23 4.08
C ASP C 985 10.67 -22.51 3.45
N PRO C 986 10.07 -23.08 2.41
CA PRO C 986 8.99 -22.39 1.68
C PRO C 986 7.91 -21.82 2.59
N PRO C 987 7.26 -22.64 3.46
CA PRO C 987 5.98 -22.22 4.06
C PRO C 987 5.88 -20.76 4.48
N GLU C 988 6.87 -20.23 5.22
CA GLU C 988 6.92 -18.80 5.48
C GLU C 988 7.68 -18.03 4.41
N ALA C 989 8.41 -18.71 3.52
CA ALA C 989 9.08 -18.01 2.44
C ALA C 989 8.08 -17.39 1.48
N GLU C 990 6.93 -18.03 1.24
CA GLU C 990 5.96 -17.39 0.36
C GLU C 990 5.51 -16.05 0.92
N VAL C 991 5.20 -15.98 2.22
CA VAL C 991 4.71 -14.74 2.78
C VAL C 991 5.83 -13.70 2.87
N GLN C 992 7.06 -14.15 3.14
CA GLN C 992 8.18 -13.21 3.15
C GLN C 992 8.38 -12.59 1.76
N ILE C 993 8.34 -13.41 0.71
CA ILE C 993 8.47 -12.90 -0.64
C ILE C 993 7.29 -12.01 -0.99
N ASP C 994 6.09 -12.34 -0.52
CA ASP C 994 4.93 -11.48 -0.77
C ASP C 994 5.12 -10.11 -0.15
N ARG C 995 5.63 -10.06 1.08
CA ARG C 995 5.90 -8.77 1.72
C ARG C 995 6.97 -7.99 0.94
N LEU C 996 8.01 -8.70 0.49
CA LEU C 996 9.06 -8.03 -0.26
C LEU C 996 8.54 -7.45 -1.57
N ILE C 997 7.72 -8.22 -2.30
CA ILE C 997 7.14 -7.72 -3.55
C ILE C 997 6.18 -6.57 -3.27
N THR C 998 5.42 -6.64 -2.17
CA THR C 998 4.53 -5.54 -1.84
C THR C 998 5.31 -4.25 -1.61
N GLY C 999 6.40 -4.32 -0.85
CA GLY C 999 7.20 -3.14 -0.61
C GLY C 999 7.84 -2.60 -1.88
N ARG C 1000 8.42 -3.50 -2.69
CA ARG C 1000 9.06 -3.06 -3.93
C ARG C 1000 8.05 -2.49 -4.91
N LEU C 1001 6.85 -3.07 -5.00
CA LEU C 1001 5.82 -2.54 -5.88
C LEU C 1001 5.33 -1.18 -5.39
N GLN C 1002 5.21 -0.99 -4.08
CA GLN C 1002 4.85 0.32 -3.56
C GLN C 1002 5.91 1.36 -3.92
N SER C 1003 7.19 1.01 -3.77
CA SER C 1003 8.25 1.93 -4.14
C SER C 1003 8.22 2.24 -5.63
N LEU C 1004 8.01 1.22 -6.47
CA LEU C 1004 7.97 1.43 -7.91
C LEU C 1004 6.79 2.30 -8.31
N GLN C 1005 5.63 2.09 -7.70
CA GLN C 1005 4.46 2.92 -8.01
C GLN C 1005 4.69 4.37 -7.57
N THR C 1006 5.31 4.58 -6.42
CA THR C 1006 5.64 5.94 -6.00
C THR C 1006 6.58 6.60 -7.00
N TYR C 1007 7.61 5.87 -7.43
CA TYR C 1007 8.54 6.42 -8.42
C TYR C 1007 7.83 6.73 -9.73
N VAL C 1008 6.92 5.86 -10.16
CA VAL C 1008 6.21 6.07 -11.41
C VAL C 1008 5.29 7.29 -11.31
N THR C 1009 4.63 7.46 -10.17
CA THR C 1009 3.79 8.65 -9.99
C THR C 1009 4.61 9.92 -10.01
N GLN C 1010 5.77 9.91 -9.34
CA GLN C 1010 6.65 11.08 -9.37
C GLN C 1010 7.13 11.37 -10.78
N GLN C 1011 7.48 10.32 -11.52
CA GLN C 1011 7.94 10.49 -12.90
C GLN C 1011 6.82 11.03 -13.78
N LEU C 1012 5.59 10.58 -13.56
CA LEU C 1012 4.46 11.09 -14.33
C LEU C 1012 4.21 12.56 -14.06
N ILE C 1013 4.29 12.96 -12.78
CA ILE C 1013 4.11 14.38 -12.45
C ILE C 1013 5.22 15.21 -13.08
N ARG C 1014 6.47 14.74 -12.99
CA ARG C 1014 7.57 15.47 -13.59
C ARG C 1014 7.42 15.54 -15.11
N ALA C 1015 6.94 14.46 -15.73
CA ALA C 1015 6.74 14.45 -17.17
C ALA C 1015 5.64 15.43 -17.58
N ALA C 1016 4.57 15.53 -16.79
CA ALA C 1016 3.53 16.52 -17.08
C ALA C 1016 4.08 17.93 -16.97
N GLU C 1017 4.88 18.21 -15.93
CA GLU C 1017 5.47 19.53 -15.79
C GLU C 1017 6.40 19.84 -16.96
N ILE C 1018 7.22 18.86 -17.37
CA ILE C 1018 8.13 19.07 -18.48
C ILE C 1018 7.37 19.23 -19.79
N ARG C 1019 6.25 18.53 -19.95
CA ARG C 1019 5.42 18.72 -21.14
C ARG C 1019 4.85 20.12 -21.19
N ALA C 1020 4.39 20.64 -20.05
CA ALA C 1020 3.91 22.02 -20.02
C ALA C 1020 5.03 23.00 -20.35
N SER C 1021 6.23 22.77 -19.80
CA SER C 1021 7.37 23.63 -20.09
C SER C 1021 7.74 23.58 -21.57
N ALA C 1022 7.68 22.38 -22.17
CA ALA C 1022 8.03 22.23 -23.57
C ALA C 1022 6.97 22.87 -24.47
N ASN C 1023 5.69 22.79 -24.08
CA ASN C 1023 4.67 23.50 -24.82
C ASN C 1023 4.89 25.01 -24.77
N LEU C 1024 5.25 25.53 -23.59
CA LEU C 1024 5.56 26.95 -23.48
C LEU C 1024 6.77 27.31 -24.34
N ALA C 1025 7.79 26.45 -24.34
CA ALA C 1025 8.98 26.70 -25.15
C ALA C 1025 8.67 26.70 -26.64
N ALA C 1026 7.81 25.76 -27.08
CA ALA C 1026 7.42 25.72 -28.48
C ALA C 1026 6.62 26.96 -28.86
N THR C 1027 5.71 27.40 -27.98
CA THR C 1027 4.97 28.63 -28.24
C THR C 1027 5.91 29.83 -28.34
N LYS C 1028 6.90 29.90 -27.45
CA LYS C 1028 7.86 30.99 -27.50
C LYS C 1028 8.71 30.93 -28.76
N MET C 1029 9.08 29.73 -29.20
CA MET C 1029 9.82 29.58 -30.44
C MET C 1029 8.99 30.06 -31.62
N SER C 1030 7.70 29.72 -31.64
CA SER C 1030 6.84 30.12 -32.75
C SER C 1030 6.61 31.62 -32.76
N GLU C 1031 6.42 32.23 -31.59
CA GLU C 1031 6.01 33.63 -31.53
C GLU C 1031 7.17 34.60 -31.41
N CYS C 1032 8.37 34.14 -31.08
CA CYS C 1032 9.51 35.03 -30.89
C CYS C 1032 10.57 34.86 -31.97
N VAL C 1033 10.80 33.63 -32.42
CA VAL C 1033 11.80 33.36 -33.44
C VAL C 1033 11.22 33.43 -34.84
N LEU C 1034 10.11 32.73 -35.07
CA LEU C 1034 9.46 32.73 -36.38
C LEU C 1034 8.75 34.05 -36.69
N GLY C 1035 8.64 34.94 -35.72
CA GLY C 1035 7.99 36.21 -35.96
C GLY C 1035 8.19 37.16 -34.81
N GLN C 1036 7.45 38.27 -34.85
CA GLN C 1036 7.51 39.30 -33.81
C GLN C 1036 6.24 39.23 -32.98
N SER C 1037 6.41 39.21 -31.66
CA SER C 1037 5.30 39.12 -30.72
C SER C 1037 5.10 40.47 -30.04
N LYS C 1038 3.86 40.96 -30.06
CA LYS C 1038 3.53 42.21 -29.40
C LYS C 1038 3.22 42.04 -27.92
N ARG C 1039 3.21 40.81 -27.41
CA ARG C 1039 2.93 40.58 -26.00
C ARG C 1039 4.04 41.15 -25.14
N VAL C 1040 3.66 41.81 -24.05
CA VAL C 1040 4.63 42.45 -23.16
C VAL C 1040 5.23 41.41 -22.25
N ASP C 1041 6.57 41.45 -22.09
CA ASP C 1041 7.32 40.56 -21.22
C ASP C 1041 7.16 39.09 -21.61
N PHE C 1042 6.96 38.81 -22.89
CA PHE C 1042 6.87 37.42 -23.35
C PHE C 1042 8.19 36.96 -23.95
N CYS C 1043 8.66 37.66 -24.98
CA CYS C 1043 9.96 37.37 -25.59
C CYS C 1043 11.03 38.27 -24.96
N GLY C 1044 11.28 38.04 -23.68
CA GLY C 1044 12.20 38.85 -22.93
C GLY C 1044 11.57 40.10 -22.38
N LYS C 1045 12.40 40.94 -21.76
CA LYS C 1045 11.96 42.18 -21.15
C LYS C 1045 12.25 43.35 -22.08
N GLY C 1046 11.22 44.12 -22.38
CA GLY C 1046 11.32 45.26 -23.27
C GLY C 1046 10.54 45.04 -24.55
N TYR C 1047 10.74 45.95 -25.50
CA TYR C 1047 10.10 45.87 -26.81
C TYR C 1047 10.81 44.80 -27.62
N HIS C 1048 10.16 43.65 -27.76
CA HIS C 1048 10.79 42.51 -28.42
C HIS C 1048 11.01 42.78 -29.90
N LEU C 1049 12.18 42.36 -30.40
CA LEU C 1049 12.50 42.46 -31.82
C LEU C 1049 12.64 41.09 -32.47
N MET C 1050 13.51 40.23 -31.95
CA MET C 1050 13.66 38.87 -32.45
C MET C 1050 14.36 38.05 -31.38
N SER C 1051 14.33 36.72 -31.55
CA SER C 1051 14.94 35.79 -30.62
C SER C 1051 15.88 34.86 -31.36
N PHE C 1052 16.93 34.45 -30.67
CA PHE C 1052 17.93 33.54 -31.23
C PHE C 1052 17.97 32.27 -30.39
N PRO C 1053 17.31 31.19 -30.83
CA PRO C 1053 17.33 29.94 -30.08
C PRO C 1053 18.71 29.30 -30.07
N GLN C 1054 18.99 28.59 -28.98
CA GLN C 1054 20.24 27.85 -28.81
C GLN C 1054 19.93 26.49 -28.21
N SER C 1055 20.56 25.45 -28.77
CA SER C 1055 20.35 24.10 -28.27
C SER C 1055 20.99 23.93 -26.90
N ALA C 1056 20.29 23.24 -26.01
CA ALA C 1056 20.75 23.00 -24.65
C ALA C 1056 20.52 21.54 -24.32
N PRO C 1057 21.28 20.99 -23.36
CA PRO C 1057 21.06 19.60 -22.95
C PRO C 1057 19.69 19.41 -22.31
N HIS C 1058 18.81 18.66 -22.98
CA HIS C 1058 17.44 18.44 -22.52
C HIS C 1058 16.70 19.75 -22.30
N GLY C 1059 16.90 20.72 -23.18
CA GLY C 1059 16.27 22.01 -23.05
C GLY C 1059 16.66 22.91 -24.20
N VAL C 1060 16.15 24.14 -24.14
CA VAL C 1060 16.42 25.15 -25.16
C VAL C 1060 16.79 26.46 -24.47
N VAL C 1061 17.58 27.27 -25.16
CA VAL C 1061 18.00 28.57 -24.68
C VAL C 1061 17.58 29.63 -25.69
N PHE C 1062 16.88 30.66 -25.23
CA PHE C 1062 16.40 31.73 -26.08
C PHE C 1062 17.18 33.01 -25.78
N LEU C 1063 17.67 33.66 -26.83
CA LEU C 1063 18.38 34.94 -26.72
C LEU C 1063 17.46 36.01 -27.29
N HIS C 1064 16.66 36.61 -26.41
CA HIS C 1064 15.68 37.62 -26.83
C HIS C 1064 16.37 38.97 -26.98
N VAL C 1065 16.26 39.56 -28.17
CA VAL C 1065 16.77 40.90 -28.43
C VAL C 1065 15.62 41.87 -28.29
N THR C 1066 15.77 42.86 -27.41
CA THR C 1066 14.68 43.77 -27.08
C THR C 1066 15.13 45.21 -27.24
N TYR C 1067 14.15 46.09 -27.44
CA TYR C 1067 14.37 47.51 -27.58
C TYR C 1067 14.02 48.20 -26.26
N VAL C 1068 15.01 48.90 -25.69
CA VAL C 1068 14.85 49.56 -24.39
C VAL C 1068 15.31 51.00 -24.51
N PRO C 1069 14.49 51.99 -24.15
CA PRO C 1069 14.96 53.37 -24.14
C PRO C 1069 16.05 53.57 -23.10
N ALA C 1070 16.95 54.51 -23.39
CA ALA C 1070 18.11 54.76 -22.54
C ALA C 1070 18.05 56.11 -21.86
N GLN C 1071 17.92 57.20 -22.62
CA GLN C 1071 17.94 58.56 -22.10
C GLN C 1071 16.57 59.18 -22.33
N GLU C 1072 16.00 59.77 -21.29
CA GLU C 1072 14.69 60.39 -21.41
C GLU C 1072 14.74 61.86 -21.00
N LYS C 1073 13.96 62.68 -21.69
CA LYS C 1073 13.87 64.11 -21.40
C LYS C 1073 12.40 64.49 -21.36
N ASN C 1074 12.03 65.33 -20.41
CA ASN C 1074 10.64 65.74 -20.23
C ASN C 1074 10.36 67.03 -20.99
N PHE C 1075 9.18 67.08 -21.63
CA PHE C 1075 8.74 68.25 -22.36
C PHE C 1075 7.28 68.53 -22.04
N THR C 1076 6.90 69.80 -22.20
CA THR C 1076 5.51 70.19 -22.04
C THR C 1076 4.69 69.66 -23.21
N THR C 1077 3.49 69.17 -22.90
CA THR C 1077 2.63 68.55 -23.91
C THR C 1077 1.22 69.10 -23.80
N ALA C 1078 0.51 69.08 -24.93
CA ALA C 1078 -0.87 69.51 -25.01
C ALA C 1078 -1.66 68.50 -25.82
N PRO C 1079 -2.95 68.31 -25.50
CA PRO C 1079 -3.77 67.35 -26.26
C PRO C 1079 -3.91 67.70 -27.74
N ALA C 1080 -3.99 68.97 -28.10
CA ALA C 1080 -4.15 69.39 -29.49
C ALA C 1080 -3.75 70.85 -29.60
N ILE C 1081 -3.98 71.43 -30.78
CA ILE C 1081 -3.56 72.79 -31.08
C ILE C 1081 -4.74 73.54 -31.70
N CYS C 1082 -4.96 74.78 -31.25
CA CYS C 1082 -5.91 75.68 -31.88
C CYS C 1082 -5.16 76.53 -32.90
N HIS C 1083 -5.58 76.49 -34.16
CA HIS C 1083 -4.97 77.29 -35.22
C HIS C 1083 -5.94 78.30 -35.81
N ASP C 1084 -7.10 77.85 -36.25
CA ASP C 1084 -8.13 78.72 -36.82
C ASP C 1084 -9.49 78.37 -36.23
N GLY C 1085 -9.52 78.21 -34.91
CA GLY C 1085 -10.75 77.80 -34.24
C GLY C 1085 -11.06 76.33 -34.37
N LYS C 1086 -10.09 75.52 -34.79
CA LYS C 1086 -10.28 74.10 -34.98
C LYS C 1086 -9.22 73.33 -34.22
N ALA C 1087 -9.57 72.13 -33.76
CA ALA C 1087 -8.66 71.29 -32.99
C ALA C 1087 -7.82 70.44 -33.94
N HIS C 1088 -6.52 70.46 -33.75
CA HIS C 1088 -5.59 69.70 -34.57
C HIS C 1088 -4.94 68.59 -33.73
N PHE C 1089 -5.36 67.36 -33.96
CA PHE C 1089 -4.80 66.21 -33.25
C PHE C 1089 -3.75 65.53 -34.12
N PRO C 1090 -2.69 64.99 -33.52
CA PRO C 1090 -1.65 64.34 -34.31
C PRO C 1090 -2.17 63.09 -35.02
N ARG C 1091 -1.71 62.90 -36.26
CA ARG C 1091 -2.01 61.65 -36.96
C ARG C 1091 -1.34 60.47 -36.26
N GLU C 1092 -0.05 60.61 -35.95
CA GLU C 1092 0.64 59.67 -35.07
C GLU C 1092 1.75 60.44 -34.37
N GLY C 1093 2.04 60.08 -33.14
CA GLY C 1093 3.10 60.73 -32.40
C GLY C 1093 2.53 61.48 -31.21
N VAL C 1094 3.18 62.59 -30.86
CA VAL C 1094 2.83 63.37 -29.69
C VAL C 1094 3.27 64.81 -29.90
N PHE C 1095 2.51 65.74 -29.33
CA PHE C 1095 2.92 67.14 -29.32
C PHE C 1095 3.80 67.42 -28.11
N VAL C 1096 4.98 67.99 -28.35
CA VAL C 1096 5.92 68.34 -27.30
C VAL C 1096 6.36 69.78 -27.50
N SER C 1097 6.82 70.39 -26.41
CA SER C 1097 7.31 71.75 -26.43
C SER C 1097 8.61 71.85 -25.65
N ASN C 1098 9.59 72.55 -26.21
CA ASN C 1098 10.87 72.78 -25.54
C ASN C 1098 10.91 74.13 -24.83
N GLY C 1099 9.77 74.60 -24.33
CA GLY C 1099 9.70 75.88 -23.65
C GLY C 1099 9.28 77.01 -24.56
N THR C 1100 9.96 77.17 -25.70
CA THR C 1100 9.67 78.26 -26.63
C THR C 1100 8.71 77.83 -27.73
N HIS C 1101 9.08 76.81 -28.49
CA HIS C 1101 8.30 76.36 -29.65
C HIS C 1101 7.58 75.06 -29.33
N TRP C 1102 6.73 74.64 -30.28
CA TRP C 1102 5.97 73.41 -30.19
C TRP C 1102 6.31 72.51 -31.37
N PHE C 1103 6.44 71.22 -31.10
CA PHE C 1103 6.82 70.25 -32.12
C PHE C 1103 6.03 68.97 -31.94
N VAL C 1104 6.02 68.16 -33.00
CA VAL C 1104 5.38 66.84 -32.99
C VAL C 1104 6.45 65.79 -33.23
N THR C 1105 6.41 64.72 -32.45
CA THR C 1105 7.40 63.66 -32.53
C THR C 1105 6.77 62.33 -32.15
N GLN C 1106 7.42 61.25 -32.55
CA GLN C 1106 6.94 59.91 -32.22
C GLN C 1106 7.04 59.66 -30.72
N ARG C 1107 6.20 58.76 -30.23
CA ARG C 1107 6.10 58.50 -28.80
C ARG C 1107 7.26 57.69 -28.26
N ASN C 1108 8.03 57.03 -29.12
CA ASN C 1108 9.13 56.17 -28.69
C ASN C 1108 10.51 56.74 -28.96
N PHE C 1109 10.59 57.93 -29.57
CA PHE C 1109 11.87 58.54 -29.88
C PHE C 1109 11.68 60.03 -30.01
N TYR C 1110 12.66 60.83 -29.59
CA TYR C 1110 12.56 62.27 -29.67
C TYR C 1110 13.05 62.74 -31.04
N GLU C 1111 12.11 62.95 -31.96
CA GLU C 1111 12.40 63.46 -33.29
C GLU C 1111 11.46 64.63 -33.56
N PRO C 1112 11.75 65.80 -32.99
CA PRO C 1112 10.85 66.94 -33.16
C PRO C 1112 10.75 67.37 -34.62
N GLN C 1113 9.56 67.82 -35.00
CA GLN C 1113 9.30 68.25 -36.37
C GLN C 1113 8.29 69.38 -36.34
N ILE C 1114 8.29 70.18 -37.41
CA ILE C 1114 7.36 71.30 -37.51
C ILE C 1114 5.95 70.76 -37.70
N ILE C 1115 5.01 71.30 -36.92
CA ILE C 1115 3.61 70.90 -37.01
C ILE C 1115 3.04 71.44 -38.31
N THR C 1116 2.56 70.53 -39.17
CA THR C 1116 2.02 70.88 -40.48
C THR C 1116 0.66 70.23 -40.64
N THR C 1117 0.01 70.52 -41.78
CA THR C 1117 -1.33 70.01 -42.02
C THR C 1117 -1.34 68.52 -42.33
N ASP C 1118 -0.22 67.96 -42.80
CA ASP C 1118 -0.15 66.54 -43.08
C ASP C 1118 0.20 65.71 -41.85
N ASN C 1119 0.91 66.27 -40.88
CA ASN C 1119 1.24 65.55 -39.66
C ASN C 1119 0.07 65.46 -38.70
N THR C 1120 -0.93 66.31 -38.84
CA THR C 1120 -2.08 66.35 -37.94
C THR C 1120 -3.37 66.26 -38.76
N PHE C 1121 -4.47 66.03 -38.04
CA PHE C 1121 -5.79 66.00 -38.66
C PHE C 1121 -6.74 66.87 -37.83
N VAL C 1122 -7.71 67.47 -38.52
CA VAL C 1122 -8.66 68.40 -37.91
C VAL C 1122 -9.95 67.66 -37.61
N SER C 1123 -10.47 67.83 -36.40
CA SER C 1123 -11.71 67.20 -35.99
C SER C 1123 -12.51 68.20 -35.16
N GLY C 1124 -13.38 68.96 -35.82
CA GLY C 1124 -14.25 69.89 -35.13
C GLY C 1124 -13.55 71.10 -34.56
N ASN C 1125 -14.31 71.97 -33.90
CA ASN C 1125 -13.73 73.14 -33.26
C ASN C 1125 -12.96 72.74 -32.00
N CYS C 1126 -12.10 73.64 -31.53
CA CYS C 1126 -11.24 73.39 -30.38
C CYS C 1126 -11.75 74.05 -29.12
N ASP C 1127 -13.07 74.26 -29.02
CA ASP C 1127 -13.68 74.82 -27.82
C ASP C 1127 -14.14 73.75 -26.83
N VAL C 1128 -13.92 72.48 -27.14
CA VAL C 1128 -14.36 71.37 -26.30
C VAL C 1128 -13.18 70.66 -25.65
N VAL C 1129 -12.04 70.57 -26.33
CA VAL C 1129 -10.89 69.86 -25.81
C VAL C 1129 -10.34 70.61 -24.60
N ILE C 1130 -10.11 69.87 -23.52
CA ILE C 1130 -9.62 70.44 -22.26
C ILE C 1130 -8.09 70.47 -22.31
N GLY C 1131 -7.51 71.62 -21.98
CA GLY C 1131 -6.07 71.77 -21.97
C GLY C 1131 -5.43 72.10 -23.29
N ILE C 1132 -6.22 72.47 -24.30
CA ILE C 1132 -5.65 72.82 -25.59
C ILE C 1132 -4.88 74.14 -25.48
N VAL C 1133 -3.84 74.27 -26.29
CA VAL C 1133 -2.99 75.46 -26.31
C VAL C 1133 -3.05 76.08 -27.69
N ASN C 1134 -2.51 77.30 -27.79
CA ASN C 1134 -2.52 78.07 -29.03
C ASN C 1134 -1.15 77.97 -29.71
N ASN C 1135 -1.16 77.58 -30.98
CA ASN C 1135 0.07 77.51 -31.76
C ASN C 1135 -0.29 77.57 -33.24
N THR C 1136 0.69 77.91 -34.06
CA THR C 1136 0.48 78.02 -35.50
C THR C 1136 0.88 76.75 -36.20
N VAL C 1137 -0.02 76.25 -37.05
CA VAL C 1137 0.20 75.03 -37.83
C VAL C 1137 0.69 75.48 -39.21
N TYR C 1138 1.90 75.06 -39.59
CA TYR C 1138 2.46 75.45 -40.87
C TYR C 1138 1.69 74.80 -42.01
N ASP C 1139 1.56 75.53 -43.12
CA ASP C 1139 0.89 75.02 -44.30
C ASP C 1139 1.92 74.75 -45.38
N PRO C 1140 2.07 73.50 -45.82
CA PRO C 1140 3.03 73.22 -46.91
C PRO C 1140 2.70 73.95 -48.20
N LEU C 1141 1.42 74.21 -48.47
CA LEU C 1141 1.04 74.92 -49.67
C LEU C 1141 1.21 76.43 -49.55
N GLN C 1142 1.43 76.95 -48.34
CA GLN C 1142 1.54 78.39 -48.15
C GLN C 1142 2.64 79.03 -48.98
N PRO C 1143 3.87 78.50 -49.04
CA PRO C 1143 4.89 79.11 -49.92
C PRO C 1143 4.53 79.05 -51.39
N GLU C 1144 3.60 78.18 -51.80
CA GLU C 1144 3.23 78.03 -53.19
C GLU C 1144 2.15 79.01 -53.64
N LEU C 1145 1.66 79.86 -52.74
CA LEU C 1145 0.66 80.85 -53.11
C LEU C 1145 1.21 81.94 -54.03
N ASP C 1146 2.53 82.05 -54.16
CA ASP C 1146 3.11 83.05 -55.04
C ASP C 1146 2.78 82.80 -56.51
N SER C 1147 2.51 81.55 -56.88
CA SER C 1147 2.17 81.21 -58.26
C SER C 1147 0.66 81.25 -58.46
N GLN D 1 19.43 -12.34 32.71
CA GLN D 1 19.48 -13.76 33.03
C GLN D 1 18.46 -14.55 32.21
N VAL D 2 18.92 -15.63 31.59
CA VAL D 2 18.06 -16.47 30.77
C VAL D 2 17.12 -17.27 31.67
N GLN D 3 15.84 -17.25 31.33
CA GLN D 3 14.81 -17.97 32.08
C GLN D 3 14.20 -19.05 31.20
N LEU D 4 13.99 -20.24 31.77
CA LEU D 4 13.45 -21.38 31.06
C LEU D 4 12.08 -21.75 31.63
N VAL D 5 11.10 -21.91 30.75
CA VAL D 5 9.74 -22.27 31.13
C VAL D 5 9.38 -23.55 30.39
N GLU D 6 8.89 -24.54 31.13
CA GLU D 6 8.55 -25.85 30.57
C GLU D 6 7.04 -26.07 30.61
N SER D 7 6.57 -26.90 29.68
CA SER D 7 5.16 -27.24 29.60
C SER D 7 5.01 -28.59 28.93
N GLY D 8 3.86 -29.22 29.16
CA GLY D 8 3.59 -30.52 28.59
C GLY D 8 3.83 -31.67 29.55
N GLY D 9 4.14 -32.85 29.00
CA GLY D 9 4.40 -34.01 29.84
C GLY D 9 3.11 -34.66 30.31
N GLY D 10 3.26 -35.65 31.19
CA GLY D 10 2.12 -36.37 31.73
C GLY D 10 2.36 -37.85 31.86
N LEU D 11 1.28 -38.64 31.87
CA LEU D 11 1.35 -40.07 31.99
C LEU D 11 1.06 -40.71 30.63
N VAL D 12 1.95 -41.61 30.20
CA VAL D 12 1.81 -42.31 28.93
C VAL D 12 2.11 -43.78 29.15
N GLN D 13 1.51 -44.62 28.31
CA GLN D 13 1.70 -46.06 28.37
C GLN D 13 2.82 -46.49 27.42
N ALA D 14 3.14 -47.78 27.46
CA ALA D 14 4.18 -48.31 26.61
C ALA D 14 3.78 -48.22 25.14
N GLY D 15 4.72 -47.79 24.30
CA GLY D 15 4.47 -47.63 22.89
C GLY D 15 3.75 -46.36 22.50
N GLY D 16 3.49 -45.46 23.44
CA GLY D 16 2.80 -44.22 23.17
C GLY D 16 3.74 -43.13 22.69
N SER D 17 3.19 -41.92 22.60
CA SER D 17 3.95 -40.77 22.14
C SER D 17 3.68 -39.59 23.05
N LEU D 18 4.65 -38.68 23.13
CA LEU D 18 4.52 -37.49 23.96
C LEU D 18 5.33 -36.37 23.34
N ARG D 19 4.98 -35.13 23.72
CA ARG D 19 5.66 -33.94 23.22
C ARG D 19 6.04 -33.05 24.39
N LEU D 20 7.19 -32.39 24.28
CA LEU D 20 7.70 -31.50 25.31
C LEU D 20 8.10 -30.16 24.69
N SER D 21 7.84 -29.09 25.41
CA SER D 21 8.17 -27.74 24.95
C SER D 21 8.92 -27.00 26.04
N CYS D 22 10.04 -26.40 25.67
CA CYS D 22 10.84 -25.58 26.58
C CYS D 22 11.08 -24.23 25.93
N ALA D 23 10.75 -23.15 26.64
CA ALA D 23 10.85 -21.79 26.12
C ALA D 23 11.92 -21.02 26.88
N ALA D 24 12.67 -20.21 26.14
CA ALA D 24 13.74 -19.40 26.71
C ALA D 24 13.39 -17.92 26.60
N SER D 25 13.60 -17.18 27.68
CA SER D 25 13.32 -15.76 27.73
C SER D 25 14.49 -15.02 28.36
N GLY D 26 14.64 -13.75 27.99
CA GLY D 26 15.72 -12.94 28.48
C GLY D 26 16.78 -12.67 27.43
N ARG D 27 18.05 -12.81 27.82
CA ARG D 27 19.18 -12.59 26.90
C ARG D 27 19.41 -13.87 26.09
N THR D 28 18.47 -14.14 25.19
CA THR D 28 18.52 -15.32 24.33
C THR D 28 19.18 -15.05 22.99
N ASP D 29 19.68 -13.83 22.78
CA ASP D 29 20.35 -13.51 21.52
C ASP D 29 21.65 -14.26 21.35
N SER D 30 22.29 -14.68 22.44
CA SER D 30 23.53 -15.44 22.39
C SER D 30 23.31 -16.92 22.71
N ILE D 31 22.14 -17.44 22.34
CA ILE D 31 21.78 -18.83 22.60
C ILE D 31 21.56 -19.52 21.26
N SER D 32 22.20 -20.66 21.06
CA SER D 32 22.10 -21.40 19.81
C SER D 32 21.63 -22.83 19.98
N ASP D 33 21.98 -23.49 21.09
CA ASP D 33 21.65 -24.88 21.32
C ASP D 33 21.00 -25.04 22.70
N MET D 34 20.02 -25.95 22.78
CA MET D 34 19.40 -26.30 24.04
C MET D 34 19.25 -27.82 24.09
N GLY D 35 19.56 -28.40 25.26
CA GLY D 35 19.53 -29.83 25.42
C GLY D 35 18.60 -30.25 26.54
N TRP D 36 18.21 -31.53 26.49
CA TRP D 36 17.34 -32.13 27.48
C TRP D 36 18.10 -33.15 28.30
N PHE D 37 17.76 -33.27 29.58
CA PHE D 37 18.43 -34.16 30.50
C PHE D 37 17.42 -35.00 31.27
N ARG D 38 17.84 -36.22 31.61
CA ARG D 38 17.05 -37.14 32.42
C ARG D 38 17.91 -37.70 33.54
N GLN D 39 17.27 -37.98 34.67
CA GLN D 39 17.91 -38.67 35.79
C GLN D 39 16.88 -39.55 36.48
N ALA D 40 17.24 -40.80 36.72
CA ALA D 40 16.36 -41.71 37.45
C ALA D 40 16.51 -41.48 38.95
N PRO D 41 15.50 -41.85 39.74
CA PRO D 41 15.64 -41.75 41.20
C PRO D 41 16.86 -42.51 41.70
N GLY D 42 17.83 -41.77 42.24
CA GLY D 42 19.09 -42.34 42.65
C GLY D 42 20.13 -42.47 41.55
N LYS D 43 19.92 -41.82 40.40
CA LYS D 43 20.85 -41.89 39.28
C LYS D 43 21.21 -40.48 38.84
N GLU D 44 22.41 -40.35 38.26
CA GLU D 44 22.90 -39.06 37.81
C GLU D 44 22.25 -38.66 36.48
N ARG D 45 22.29 -37.37 36.19
CA ARG D 45 21.71 -36.86 34.96
C ARG D 45 22.51 -37.31 33.75
N GLU D 46 21.82 -37.54 32.64
CA GLU D 46 22.44 -38.00 31.41
C GLU D 46 21.86 -37.23 30.23
N PHE D 47 22.65 -37.17 29.15
CA PHE D 47 22.22 -36.50 27.93
C PHE D 47 21.08 -37.26 27.25
N VAL D 48 20.19 -36.50 26.63
CA VAL D 48 19.05 -37.09 25.93
C VAL D 48 19.05 -36.67 24.47
N ALA D 49 18.92 -35.37 24.22
CA ALA D 49 18.84 -34.86 22.85
C ALA D 49 19.21 -33.39 22.85
N VAL D 50 19.50 -32.87 21.66
CA VAL D 50 19.85 -31.47 21.48
C VAL D 50 19.51 -31.07 20.05
N VAL D 51 19.19 -29.79 19.87
CA VAL D 51 18.86 -29.24 18.57
C VAL D 51 19.67 -27.96 18.36
N GLY D 52 20.19 -27.79 17.13
CA GLY D 52 20.98 -26.62 16.82
C GLY D 52 20.12 -25.42 16.45
N TRP D 53 20.80 -24.28 16.31
CA TRP D 53 20.11 -23.05 15.92
C TRP D 53 19.53 -23.15 14.53
N SER D 54 20.27 -23.75 13.59
CA SER D 54 19.80 -23.91 12.22
C SER D 54 18.91 -25.13 12.04
N GLY D 55 18.71 -25.93 13.10
CA GLY D 55 17.89 -27.11 13.01
C GLY D 55 18.63 -28.39 12.66
N GLY D 56 19.92 -28.30 12.34
CA GLY D 56 20.69 -29.48 12.01
C GLY D 56 21.75 -29.79 13.04
N GLY D 57 22.51 -30.86 12.81
CA GLY D 57 23.54 -31.25 13.75
C GLY D 57 23.05 -31.86 15.04
N THR D 58 21.82 -32.36 15.05
CA THR D 58 21.25 -32.96 16.26
C THR D 58 21.93 -34.29 16.57
N ASP D 59 22.17 -34.52 17.86
CA ASP D 59 22.78 -35.75 18.34
C ASP D 59 21.91 -36.35 19.44
N TYR D 60 21.74 -37.67 19.37
CA TYR D 60 20.92 -38.42 20.31
C TYR D 60 21.76 -39.42 21.07
N ALA D 61 21.27 -39.80 22.25
CA ALA D 61 21.95 -40.80 23.05
C ALA D 61 21.84 -42.18 22.39
N HIS D 62 22.78 -43.06 22.72
CA HIS D 62 22.83 -44.37 22.09
C HIS D 62 21.58 -45.18 22.39
N SER D 63 21.08 -45.09 23.63
CA SER D 63 19.88 -45.84 23.99
C SER D 63 18.61 -45.27 23.38
N VAL D 64 18.67 -44.06 22.83
CA VAL D 64 17.50 -43.42 22.24
C VAL D 64 17.68 -43.08 20.77
N LYS D 65 18.77 -43.51 20.13
CA LYS D 65 18.99 -43.21 18.73
C LYS D 65 17.94 -43.90 17.87
N GLY D 66 17.44 -43.18 16.86
CA GLY D 66 16.46 -43.70 15.94
C GLY D 66 15.04 -43.74 16.46
N ARG D 67 14.78 -43.17 17.63
CA ARG D 67 13.45 -43.19 18.22
C ARG D 67 12.91 -41.81 18.54
N PHE D 68 13.78 -40.85 18.86
CA PHE D 68 13.34 -39.52 19.26
C PHE D 68 13.34 -38.57 18.06
N THR D 69 12.68 -37.42 18.26
CA THR D 69 12.61 -36.39 17.23
C THR D 69 12.52 -35.04 17.91
N ILE D 70 13.35 -34.09 17.47
CA ILE D 70 13.41 -32.76 18.07
C ILE D 70 13.29 -31.72 16.96
N SER D 71 12.76 -30.56 17.31
CA SER D 71 12.62 -29.46 16.37
C SER D 71 12.62 -28.14 17.14
N ARG D 72 13.24 -27.13 16.56
CA ARG D 72 13.39 -25.82 17.19
C ARG D 72 12.63 -24.78 16.39
N ASP D 73 11.82 -23.98 17.09
CA ASP D 73 11.10 -22.87 16.47
C ASP D 73 11.76 -21.57 16.93
N ASN D 74 12.57 -20.98 16.05
CA ASN D 74 13.30 -19.77 16.41
C ASN D 74 12.37 -18.56 16.59
N ALA D 75 11.28 -18.50 15.81
CA ALA D 75 10.37 -17.37 15.90
C ALA D 75 9.72 -17.30 17.28
N LYS D 76 9.28 -18.43 17.82
CA LYS D 76 8.65 -18.47 19.12
C LYS D 76 9.63 -18.73 20.26
N ASN D 77 10.91 -18.97 19.94
CA ASN D 77 11.93 -19.27 20.94
C ASN D 77 11.52 -20.48 21.79
N THR D 78 10.89 -21.46 21.15
CA THR D 78 10.43 -22.67 21.83
C THR D 78 10.88 -23.88 21.01
N VAL D 79 11.33 -24.92 21.70
CA VAL D 79 11.81 -26.14 21.06
C VAL D 79 10.82 -27.26 21.37
N TYR D 80 10.35 -27.93 20.33
CA TYR D 80 9.40 -29.04 20.47
C TYR D 80 10.16 -30.36 20.33
N LEU D 81 10.02 -31.21 21.34
CA LEU D 81 10.68 -32.51 21.37
C LEU D 81 9.62 -33.60 21.28
N GLN D 82 9.74 -34.47 20.30
CA GLN D 82 8.75 -35.51 20.03
C GLN D 82 9.29 -36.87 20.48
N MET D 83 8.41 -37.66 21.11
CA MET D 83 8.76 -38.98 21.61
C MET D 83 8.03 -40.05 20.81
N ASN D 84 8.79 -41.06 20.37
CA ASN D 84 8.23 -42.19 19.64
C ASN D 84 8.86 -43.47 20.15
N SER D 85 8.07 -44.55 20.13
CA SER D 85 8.50 -45.86 20.61
C SER D 85 8.99 -45.78 22.05
N LEU D 86 8.16 -45.20 22.91
CA LEU D 86 8.52 -45.01 24.31
C LEU D 86 8.62 -46.36 25.03
N LYS D 87 9.51 -46.41 26.02
CA LYS D 87 9.78 -47.61 26.80
C LYS D 87 9.70 -47.27 28.28
N PRO D 88 9.30 -48.22 29.12
CA PRO D 88 9.19 -47.93 30.56
C PRO D 88 10.47 -47.42 31.20
N GLU D 89 11.64 -47.71 30.63
CA GLU D 89 12.88 -47.17 31.18
C GLU D 89 12.97 -45.66 31.00
N ASP D 90 12.13 -45.07 30.15
CA ASP D 90 12.11 -43.63 29.91
C ASP D 90 11.27 -42.87 30.94
N THR D 91 11.02 -43.45 32.10
CA THR D 91 10.23 -42.79 33.13
C THR D 91 11.16 -42.00 34.05
N ALA D 92 11.18 -40.68 33.88
CA ALA D 92 12.01 -39.80 34.69
C ALA D 92 11.52 -38.37 34.50
N VAL D 93 12.06 -37.47 35.30
CA VAL D 93 11.72 -36.04 35.19
C VAL D 93 12.66 -35.39 34.18
N TYR D 94 12.07 -34.78 33.15
CA TYR D 94 12.83 -34.24 32.04
C TYR D 94 13.19 -32.79 32.33
N TYR D 95 14.47 -32.45 32.11
CA TYR D 95 14.98 -31.10 32.34
C TYR D 95 15.52 -30.55 31.02
N CYS D 96 14.98 -29.42 30.59
CA CYS D 96 15.53 -28.71 29.43
C CYS D 96 16.63 -27.78 29.91
N ALA D 97 17.79 -27.85 29.23
CA ALA D 97 18.97 -27.12 29.67
C ALA D 97 19.55 -26.34 28.49
N VAL D 98 19.85 -25.07 28.71
CA VAL D 98 20.43 -24.22 27.68
C VAL D 98 21.94 -24.19 27.88
N GLY D 99 22.68 -24.52 26.83
CA GLY D 99 24.13 -24.53 26.90
C GLY D 99 24.80 -24.65 25.55
N SER D 100 26.12 -24.81 25.55
CA SER D 100 26.89 -24.94 24.32
C SER D 100 27.52 -26.32 24.28
N LEU D 101 27.48 -26.95 23.11
CA LEU D 101 28.04 -28.29 22.92
C LEU D 101 29.55 -28.20 22.99
N ARG D 102 30.13 -28.75 24.05
CA ARG D 102 31.58 -28.77 24.24
C ARG D 102 32.08 -30.20 24.24
N VAL D 103 33.22 -30.43 23.58
CA VAL D 103 33.82 -31.75 23.52
C VAL D 103 34.27 -32.16 24.91
N GLY D 104 33.77 -33.31 25.37
CA GLY D 104 34.05 -33.82 26.70
C GLY D 104 32.86 -33.77 27.64
N SER D 105 32.10 -32.68 27.60
CA SER D 105 30.92 -32.53 28.44
C SER D 105 30.03 -31.40 27.92
N PHE D 106 28.72 -31.64 27.85
CA PHE D 106 27.77 -30.63 27.41
C PHE D 106 27.53 -29.66 28.57
N SER D 107 28.33 -28.60 28.61
CA SER D 107 28.24 -27.62 29.67
C SER D 107 26.91 -26.87 29.60
N VAL D 108 26.33 -26.58 30.76
CA VAL D 108 25.05 -25.90 30.86
C VAL D 108 25.23 -24.67 31.73
N GLU D 109 24.99 -23.49 31.18
CA GLU D 109 25.12 -22.26 31.95
C GLU D 109 23.94 -22.05 32.89
N TYR D 110 22.74 -22.44 32.47
CA TYR D 110 21.54 -22.30 33.29
C TYR D 110 20.62 -23.47 33.05
N TRP D 111 20.13 -24.07 34.12
CA TRP D 111 19.25 -25.23 34.06
C TRP D 111 17.81 -24.82 34.38
N GLY D 112 16.88 -25.31 33.55
CA GLY D 112 15.48 -25.03 33.74
C GLY D 112 14.86 -25.87 34.84
N GLN D 113 13.65 -25.47 35.22
CA GLN D 113 12.90 -26.17 36.28
C GLN D 113 12.53 -27.59 35.88
N GLY D 114 12.14 -27.80 34.64
CA GLY D 114 11.89 -29.13 34.12
C GLY D 114 10.47 -29.61 34.43
N THR D 115 10.14 -30.78 33.89
CA THR D 115 8.84 -31.41 34.10
C THR D 115 9.00 -32.92 34.06
N GLN D 116 8.04 -33.63 34.65
CA GLN D 116 8.12 -35.07 34.77
C GLN D 116 7.34 -35.76 33.65
N VAL D 117 7.85 -36.90 33.21
CA VAL D 117 7.19 -37.74 32.20
C VAL D 117 7.22 -39.17 32.73
N THR D 118 6.06 -39.81 32.77
CA THR D 118 5.92 -41.16 33.30
C THR D 118 5.50 -42.10 32.17
N VAL D 119 6.25 -43.18 32.00
CA VAL D 119 5.96 -44.20 31.00
C VAL D 119 5.69 -45.50 31.74
N SER D 120 4.51 -46.08 31.51
CA SER D 120 4.14 -47.32 32.16
C SER D 120 4.35 -48.51 31.23
N SER D 121 4.30 -49.71 31.81
CA SER D 121 4.49 -50.94 31.06
C SER D 121 3.15 -51.48 30.56
N GLN E 1 4.17 -40.75 -1.57
CA GLN E 1 3.91 -41.61 -0.42
C GLN E 1 3.36 -40.81 0.74
N VAL E 2 2.43 -41.41 1.48
CA VAL E 2 1.79 -40.78 2.63
C VAL E 2 2.24 -41.48 3.90
N GLN E 3 2.73 -40.70 4.85
CA GLN E 3 3.22 -41.23 6.13
C GLN E 3 2.18 -40.97 7.22
N LEU E 4 1.87 -42.01 7.98
CA LEU E 4 0.87 -41.95 9.04
C LEU E 4 1.55 -42.15 10.39
N VAL E 5 1.23 -41.26 11.33
CA VAL E 5 1.79 -41.31 12.69
C VAL E 5 0.63 -41.40 13.66
N GLU E 6 0.71 -42.37 14.58
CA GLU E 6 -0.33 -42.61 15.57
C GLU E 6 0.09 -42.01 16.91
N SER E 7 -0.91 -41.54 17.66
CA SER E 7 -0.68 -40.96 18.98
C SER E 7 -1.90 -41.18 19.85
N GLY E 8 -1.69 -41.11 21.15
CA GLY E 8 -2.76 -41.30 22.10
C GLY E 8 -2.84 -42.71 22.66
N GLY E 9 -4.02 -43.09 23.14
CA GLY E 9 -4.19 -44.43 23.69
C GLY E 9 -3.63 -44.55 25.10
N GLY E 10 -3.67 -45.78 25.60
CA GLY E 10 -3.18 -46.11 26.92
C GLY E 10 -4.15 -47.01 27.65
N LEU E 11 -4.01 -47.07 28.97
CA LEU E 11 -4.84 -47.89 29.82
C LEU E 11 -5.83 -47.01 30.58
N VAL E 12 -7.11 -47.36 30.51
CA VAL E 12 -8.17 -46.61 31.17
C VAL E 12 -9.10 -47.58 31.87
N GLN E 13 -9.71 -47.12 32.96
CA GLN E 13 -10.64 -47.93 33.72
C GLN E 13 -11.96 -48.07 32.97
N ALA E 14 -12.78 -49.01 33.42
CA ALA E 14 -14.08 -49.25 32.80
C ALA E 14 -14.98 -48.02 32.98
N GLY E 15 -15.68 -47.67 31.90
CA GLY E 15 -16.54 -46.50 31.90
C GLY E 15 -15.84 -45.19 31.64
N GLY E 16 -14.53 -45.20 31.43
CA GLY E 16 -13.78 -43.98 31.18
C GLY E 16 -13.81 -43.59 29.72
N SER E 17 -13.03 -42.56 29.39
CA SER E 17 -12.95 -42.03 28.05
C SER E 17 -11.49 -41.77 27.68
N LEU E 18 -11.22 -41.84 26.38
CA LEU E 18 -9.88 -41.60 25.86
C LEU E 18 -9.99 -40.97 24.47
N ARG E 19 -8.90 -40.34 24.05
CA ARG E 19 -8.84 -39.68 22.75
C ARG E 19 -7.72 -40.29 21.92
N LEU E 20 -8.01 -40.54 20.64
CA LEU E 20 -7.06 -41.13 19.71
C LEU E 20 -6.92 -40.22 18.49
N SER E 21 -5.68 -40.02 18.05
CA SER E 21 -5.39 -39.12 16.94
C SER E 21 -4.40 -39.77 15.98
N CYS E 22 -4.64 -39.59 14.69
CA CYS E 22 -3.74 -40.05 13.63
C CYS E 22 -3.42 -38.88 12.72
N ALA E 23 -2.14 -38.75 12.35
CA ALA E 23 -1.67 -37.65 11.53
C ALA E 23 -1.21 -38.17 10.17
N ALA E 24 -1.50 -37.40 9.13
CA ALA E 24 -1.12 -37.75 7.77
C ALA E 24 -0.22 -36.67 7.20
N SER E 25 0.82 -37.10 6.48
CA SER E 25 1.78 -36.18 5.87
C SER E 25 2.13 -36.67 4.48
N GLY E 26 2.58 -35.74 3.64
CA GLY E 26 2.95 -36.06 2.27
C GLY E 26 1.90 -35.62 1.27
N ARG E 27 1.60 -36.48 0.30
CA ARG E 27 0.60 -36.18 -0.73
C ARG E 27 -0.79 -36.33 -0.12
N THR E 28 -1.19 -35.31 0.64
CA THR E 28 -2.47 -35.31 1.33
C THR E 28 -3.59 -34.71 0.50
N ASP E 29 -3.31 -34.27 -0.73
CA ASP E 29 -4.35 -33.71 -1.58
C ASP E 29 -5.37 -34.77 -2.00
N SER E 30 -4.94 -36.03 -2.10
CA SER E 30 -5.81 -37.13 -2.50
C SER E 30 -6.33 -37.92 -1.30
N ILE E 31 -6.49 -37.26 -0.15
CA ILE E 31 -6.97 -37.90 1.07
C ILE E 31 -8.29 -37.23 1.44
N SER E 32 -9.38 -38.00 1.37
CA SER E 32 -10.71 -37.52 1.75
C SER E 32 -11.32 -38.32 2.89
N ASP E 33 -11.27 -39.65 2.81
CA ASP E 33 -11.84 -40.52 3.83
C ASP E 33 -10.71 -41.30 4.49
N MET E 34 -10.67 -41.27 5.82
CA MET E 34 -9.68 -42.00 6.60
C MET E 34 -10.40 -43.04 7.44
N GLY E 35 -9.99 -44.30 7.30
CA GLY E 35 -10.59 -45.41 8.02
C GLY E 35 -9.82 -45.72 9.29
N TRP E 36 -10.56 -46.08 10.33
CA TRP E 36 -9.99 -46.41 11.62
C TRP E 36 -10.29 -47.87 11.94
N PHE E 37 -9.25 -48.60 12.34
CA PHE E 37 -9.35 -50.03 12.60
C PHE E 37 -8.68 -50.39 13.91
N ARG E 38 -9.15 -51.48 14.51
CA ARG E 38 -8.54 -52.06 15.71
C ARG E 38 -8.26 -53.53 15.47
N GLN E 39 -7.21 -54.04 16.10
CA GLN E 39 -6.76 -55.42 15.91
C GLN E 39 -6.55 -56.05 17.28
N ALA E 40 -7.52 -56.83 17.73
CA ALA E 40 -7.38 -57.57 18.97
C ALA E 40 -6.39 -58.73 18.78
N PRO E 41 -5.68 -59.12 19.83
CA PRO E 41 -4.75 -60.26 19.71
C PRO E 41 -5.50 -61.53 19.30
N GLY E 42 -5.00 -62.17 18.25
CA GLY E 42 -5.64 -63.36 17.73
C GLY E 42 -6.90 -63.10 16.93
N LYS E 43 -7.19 -61.85 16.59
CA LYS E 43 -8.39 -61.51 15.85
C LYS E 43 -8.04 -60.60 14.68
N GLU E 44 -8.82 -60.72 13.61
CA GLU E 44 -8.60 -59.91 12.42
C GLU E 44 -9.04 -58.47 12.66
N ARG E 45 -8.47 -57.55 11.87
CA ARG E 45 -8.81 -56.14 11.99
C ARG E 45 -10.27 -55.92 11.60
N GLU E 46 -10.94 -55.02 12.34
CA GLU E 46 -12.34 -54.72 12.12
C GLU E 46 -12.55 -53.21 12.10
N PHE E 47 -13.59 -52.78 11.39
CA PHE E 47 -13.91 -51.37 11.28
C PHE E 47 -14.32 -50.79 12.63
N VAL E 48 -13.93 -49.54 12.86
CA VAL E 48 -14.28 -48.84 14.08
C VAL E 48 -15.02 -47.55 13.76
N ALA E 49 -14.35 -46.64 13.03
CA ALA E 49 -14.92 -45.35 12.71
C ALA E 49 -14.30 -44.84 11.41
N VAL E 50 -14.94 -43.83 10.83
CA VAL E 50 -14.48 -43.23 9.58
C VAL E 50 -14.93 -41.79 9.55
N VAL E 51 -14.20 -40.96 8.80
CA VAL E 51 -14.50 -39.55 8.64
C VAL E 51 -14.49 -39.20 7.16
N GLY E 52 -15.17 -38.10 6.82
CA GLY E 52 -15.23 -37.61 5.47
C GLY E 52 -14.43 -36.32 5.29
N TRP E 53 -14.35 -35.89 4.03
CA TRP E 53 -13.64 -34.65 3.71
C TRP E 53 -14.35 -33.45 4.33
N SER E 54 -15.68 -33.42 4.27
CA SER E 54 -16.43 -32.32 4.86
C SER E 54 -16.69 -32.49 6.34
N GLY E 55 -16.33 -33.64 6.92
CA GLY E 55 -16.53 -33.89 8.32
C GLY E 55 -17.88 -34.51 8.67
N GLY E 56 -18.77 -34.67 7.70
CA GLY E 56 -20.08 -35.24 7.94
C GLY E 56 -20.25 -36.59 7.26
N GLY E 57 -21.43 -37.17 7.49
CA GLY E 57 -21.75 -38.46 6.91
C GLY E 57 -20.90 -39.59 7.44
N THR E 58 -20.54 -39.56 8.72
CA THR E 58 -19.72 -40.61 9.29
C THR E 58 -20.56 -41.85 9.62
N ASP E 59 -19.98 -43.01 9.37
CA ASP E 59 -20.63 -44.29 9.67
C ASP E 59 -19.81 -45.02 10.71
N TYR E 60 -20.50 -45.72 11.60
CA TYR E 60 -19.89 -46.38 12.75
C TYR E 60 -20.17 -47.88 12.69
N ALA E 61 -19.25 -48.64 13.28
CA ALA E 61 -19.43 -50.08 13.38
C ALA E 61 -20.57 -50.41 14.32
N HIS E 62 -21.19 -51.57 14.10
CA HIS E 62 -22.35 -51.96 14.89
C HIS E 62 -21.98 -52.14 16.37
N SER E 63 -20.80 -52.70 16.63
CA SER E 63 -20.40 -52.94 18.02
C SER E 63 -20.11 -51.64 18.76
N VAL E 64 -19.65 -50.61 18.06
CA VAL E 64 -19.27 -49.35 18.68
C VAL E 64 -20.22 -48.21 18.34
N LYS E 65 -21.36 -48.51 17.71
CA LYS E 65 -22.29 -47.46 17.33
C LYS E 65 -22.95 -46.84 18.56
N GLY E 66 -23.06 -45.52 18.56
CA GLY E 66 -23.72 -44.79 19.63
C GLY E 66 -22.87 -44.47 20.83
N ARG E 67 -21.60 -44.86 20.84
CA ARG E 67 -20.73 -44.59 21.97
C ARG E 67 -19.39 -43.95 21.61
N PHE E 68 -19.11 -43.71 20.33
CA PHE E 68 -17.86 -43.10 19.91
C PHE E 68 -18.14 -41.73 19.30
N THR E 69 -17.07 -40.95 19.13
CA THR E 69 -17.15 -39.62 18.55
C THR E 69 -15.83 -39.28 17.89
N ILE E 70 -15.84 -39.12 16.57
CA ILE E 70 -14.64 -38.83 15.80
C ILE E 70 -14.88 -37.58 14.96
N SER E 71 -13.86 -36.72 14.88
CA SER E 71 -13.93 -35.50 14.10
C SER E 71 -12.59 -35.27 13.42
N ARG E 72 -12.63 -34.81 12.18
CA ARG E 72 -11.44 -34.57 11.38
C ARG E 72 -11.21 -33.07 11.24
N ASP E 73 -10.00 -32.63 11.55
CA ASP E 73 -9.60 -31.23 11.42
C ASP E 73 -8.78 -31.08 10.14
N ASN E 74 -9.35 -30.42 9.14
CA ASN E 74 -8.66 -30.27 7.86
C ASN E 74 -7.53 -29.26 7.95
N ALA E 75 -7.65 -28.26 8.83
CA ALA E 75 -6.63 -27.23 8.93
C ALA E 75 -5.30 -27.83 9.40
N LYS E 76 -5.35 -28.68 10.42
CA LYS E 76 -4.15 -29.32 10.95
C LYS E 76 -3.90 -30.71 10.36
N ASN E 77 -4.78 -31.17 9.48
CA ASN E 77 -4.67 -32.50 8.87
C ASN E 77 -4.58 -33.60 9.94
N THR E 78 -5.34 -33.42 11.02
CA THR E 78 -5.38 -34.36 12.13
C THR E 78 -6.82 -34.72 12.45
N VAL E 79 -7.05 -35.99 12.74
CA VAL E 79 -8.38 -36.52 13.05
C VAL E 79 -8.37 -36.99 14.50
N TYR E 80 -9.29 -36.47 15.30
CA TYR E 80 -9.40 -36.81 16.72
C TYR E 80 -10.58 -37.74 16.93
N LEU E 81 -10.33 -38.87 17.58
CA LEU E 81 -11.36 -39.86 17.89
C LEU E 81 -11.57 -39.87 19.40
N GLN E 82 -12.75 -39.43 19.84
CA GLN E 82 -13.11 -39.45 21.26
C GLN E 82 -14.01 -40.65 21.50
N MET E 83 -13.55 -41.57 22.34
CA MET E 83 -14.25 -42.82 22.60
C MET E 83 -14.75 -42.84 24.04
N ASN E 84 -16.03 -43.16 24.22
CA ASN E 84 -16.68 -43.18 25.51
C ASN E 84 -17.45 -44.49 25.67
N SER E 85 -18.00 -44.69 26.87
CA SER E 85 -18.74 -45.91 27.21
C SER E 85 -17.91 -47.16 26.93
N LEU E 86 -16.64 -47.10 27.34
CA LEU E 86 -15.69 -48.14 26.99
C LEU E 86 -16.01 -49.44 27.73
N LYS E 87 -15.68 -50.55 27.09
CA LYS E 87 -15.88 -51.89 27.62
C LYS E 87 -14.60 -52.69 27.44
N PRO E 88 -14.38 -53.73 28.24
CA PRO E 88 -13.16 -54.54 28.08
C PRO E 88 -13.02 -55.18 26.69
N GLU E 89 -14.13 -55.39 25.97
CA GLU E 89 -14.06 -55.96 24.64
C GLU E 89 -13.41 -55.01 23.64
N ASP E 90 -13.29 -53.73 23.98
CA ASP E 90 -12.71 -52.74 23.08
C ASP E 90 -11.18 -52.71 23.12
N THR E 91 -10.55 -53.50 23.99
CA THR E 91 -9.09 -53.51 24.09
C THR E 91 -8.51 -54.20 22.86
N ALA E 92 -7.73 -53.45 22.08
CA ALA E 92 -7.14 -53.96 20.86
C ALA E 92 -6.01 -53.02 20.44
N VAL E 93 -5.33 -53.40 19.36
CA VAL E 93 -4.32 -52.54 18.75
C VAL E 93 -4.99 -51.73 17.65
N TYR E 94 -5.03 -50.41 17.83
CA TYR E 94 -5.84 -49.54 16.99
C TYR E 94 -4.98 -48.93 15.89
N TYR E 95 -5.55 -48.85 14.69
CA TYR E 95 -4.84 -48.39 13.50
C TYR E 95 -5.66 -47.33 12.77
N CYS E 96 -4.97 -46.51 11.99
CA CYS E 96 -5.61 -45.55 11.09
C CYS E 96 -5.21 -45.89 9.66
N ALA E 97 -6.20 -45.95 8.78
CA ALA E 97 -5.99 -46.31 7.38
C ALA E 97 -6.49 -45.19 6.49
N VAL E 98 -5.73 -44.86 5.46
CA VAL E 98 -6.10 -43.78 4.54
C VAL E 98 -6.39 -44.38 3.17
N GLY E 99 -7.57 -44.10 2.63
CA GLY E 99 -7.95 -44.60 1.33
C GLY E 99 -9.30 -44.10 0.87
N SER E 100 -10.06 -44.96 0.19
CA SER E 100 -11.38 -44.60 -0.30
C SER E 100 -12.36 -45.67 0.15
N LEU E 101 -13.54 -45.25 0.61
CA LEU E 101 -14.57 -46.18 1.07
C LEU E 101 -15.29 -46.76 -0.13
N ARG E 102 -14.93 -47.98 -0.51
CA ARG E 102 -15.57 -48.68 -1.61
C ARG E 102 -16.57 -49.69 -1.07
N VAL E 103 -17.69 -49.84 -1.80
CA VAL E 103 -18.75 -50.74 -1.35
C VAL E 103 -18.27 -52.17 -1.46
N GLY E 104 -18.38 -52.92 -0.35
CA GLY E 104 -18.01 -54.31 -0.29
C GLY E 104 -16.61 -54.55 0.26
N SER E 105 -15.72 -53.56 0.14
CA SER E 105 -14.35 -53.70 0.63
C SER E 105 -13.75 -52.31 0.73
N PHE E 106 -13.30 -51.93 1.92
CA PHE E 106 -12.69 -50.62 2.13
C PHE E 106 -11.30 -50.62 1.49
N SER E 107 -11.16 -49.86 0.41
CA SER E 107 -9.87 -49.76 -0.29
C SER E 107 -8.95 -48.88 0.52
N VAL E 108 -7.79 -49.40 0.87
CA VAL E 108 -6.80 -48.67 1.67
C VAL E 108 -5.54 -48.49 0.84
N GLU E 109 -5.10 -47.23 0.69
CA GLU E 109 -3.90 -46.94 -0.07
C GLU E 109 -2.66 -46.82 0.79
N TYR E 110 -2.81 -46.40 2.05
CA TYR E 110 -1.69 -46.24 2.96
C TYR E 110 -2.07 -46.75 4.34
N TRP E 111 -1.13 -47.43 4.99
CA TRP E 111 -1.33 -47.98 6.32
C TRP E 111 -0.39 -47.32 7.31
N GLY E 112 -0.85 -47.20 8.55
CA GLY E 112 -0.08 -46.57 9.62
C GLY E 112 0.75 -47.57 10.40
N GLN E 113 1.16 -47.13 11.60
CA GLN E 113 2.00 -47.95 12.48
C GLN E 113 1.21 -48.63 13.59
N GLY E 114 0.15 -48.00 14.07
CA GLY E 114 -0.66 -48.57 15.12
C GLY E 114 -0.35 -47.97 16.48
N THR E 115 -1.34 -48.05 17.37
CA THR E 115 -1.20 -47.54 18.73
C THR E 115 -1.77 -48.56 19.71
N GLN E 116 -1.31 -48.48 20.96
CA GLN E 116 -1.74 -49.41 21.98
C GLN E 116 -2.87 -48.81 22.80
N VAL E 117 -4.00 -49.50 22.84
CA VAL E 117 -5.17 -49.09 23.60
C VAL E 117 -5.61 -50.26 24.47
N THR E 118 -5.76 -50.00 25.77
CA THR E 118 -6.16 -51.02 26.73
C THR E 118 -7.28 -50.49 27.60
N VAL E 119 -8.32 -51.30 27.80
CA VAL E 119 -9.45 -50.95 28.66
C VAL E 119 -9.54 -52.01 29.75
N SER E 120 -9.48 -51.57 31.00
CA SER E 120 -9.55 -52.49 32.13
C SER E 120 -11.00 -52.67 32.59
N SER E 121 -11.27 -53.82 33.20
CA SER E 121 -12.60 -54.13 33.70
C SER E 121 -12.85 -53.46 35.05
N GLN F 1 -17.17 -23.12 30.63
CA GLN F 1 -16.41 -24.04 31.47
C GLN F 1 -14.93 -23.97 31.14
N VAL F 2 -14.09 -24.08 32.18
CA VAL F 2 -12.64 -24.02 32.02
C VAL F 2 -12.07 -25.41 32.26
N GLN F 3 -11.27 -25.89 31.31
CA GLN F 3 -10.63 -27.20 31.39
C GLN F 3 -9.21 -27.05 31.93
N LEU F 4 -8.87 -27.88 32.90
CA LEU F 4 -7.57 -27.83 33.56
C LEU F 4 -6.86 -29.16 33.39
N VAL F 5 -5.56 -29.09 33.06
CA VAL F 5 -4.71 -30.26 32.90
C VAL F 5 -3.56 -30.15 33.88
N GLU F 6 -3.34 -31.21 34.67
CA GLU F 6 -2.29 -31.22 35.68
C GLU F 6 -1.03 -31.89 35.16
N SER F 7 0.11 -31.38 35.59
CA SER F 7 1.40 -31.92 35.19
C SER F 7 2.43 -31.58 36.25
N GLY F 8 3.54 -32.31 36.20
CA GLY F 8 4.63 -32.12 37.16
C GLY F 8 4.48 -33.00 38.38
N GLY F 9 5.52 -32.98 39.20
CA GLY F 9 5.55 -33.77 40.42
C GLY F 9 6.38 -35.02 40.30
N GLY F 10 6.07 -36.02 41.12
CA GLY F 10 6.80 -37.28 41.10
C GLY F 10 7.26 -37.71 42.48
N LEU F 11 8.29 -38.55 42.52
CA LEU F 11 8.85 -39.04 43.77
C LEU F 11 10.20 -38.38 44.02
N VAL F 12 10.35 -37.78 45.20
CA VAL F 12 11.58 -37.10 45.59
C VAL F 12 11.96 -37.52 47.00
N GLN F 13 13.25 -37.43 47.30
CA GLN F 13 13.75 -37.75 48.63
C GLN F 13 13.57 -36.57 49.58
N ALA F 14 13.99 -36.78 50.83
CA ALA F 14 13.90 -35.72 51.82
C ALA F 14 14.85 -34.58 51.47
N GLY F 15 14.35 -33.34 51.59
CA GLY F 15 15.13 -32.17 51.28
C GLY F 15 15.19 -31.81 49.81
N GLY F 16 14.50 -32.53 48.95
CA GLY F 16 14.50 -32.27 47.53
C GLY F 16 13.56 -31.16 47.13
N SER F 17 13.46 -30.93 45.82
CA SER F 17 12.59 -29.89 45.28
C SER F 17 11.77 -30.47 44.14
N LEU F 18 10.55 -29.95 43.99
CA LEU F 18 9.64 -30.38 42.93
C LEU F 18 8.84 -29.18 42.46
N ARG F 19 8.30 -29.29 41.25
CA ARG F 19 7.49 -28.24 40.65
C ARG F 19 6.21 -28.84 40.09
N LEU F 20 5.12 -28.08 40.20
CA LEU F 20 3.81 -28.48 39.71
C LEU F 20 3.27 -27.40 38.77
N SER F 21 2.69 -27.84 37.66
CA SER F 21 2.15 -26.92 36.65
C SER F 21 0.76 -27.37 36.25
N CYS F 22 -0.13 -26.40 36.04
CA CYS F 22 -1.48 -26.66 35.57
C CYS F 22 -1.79 -25.69 34.43
N ALA F 23 -2.39 -26.20 33.37
CA ALA F 23 -2.73 -25.41 32.20
C ALA F 23 -4.23 -25.14 32.16
N ALA F 24 -4.59 -23.87 31.96
CA ALA F 24 -5.97 -23.44 31.92
C ALA F 24 -6.37 -23.09 30.49
N SER F 25 -7.49 -23.64 30.04
CA SER F 25 -7.99 -23.39 28.70
C SER F 25 -9.48 -23.06 28.78
N GLY F 26 -9.95 -22.28 27.80
CA GLY F 26 -11.34 -21.88 27.76
C GLY F 26 -11.54 -20.41 28.05
N ARG F 27 -12.60 -20.09 28.81
CA ARG F 27 -12.89 -18.70 29.17
C ARG F 27 -12.02 -18.30 30.36
N THR F 28 -10.74 -18.09 30.07
CA THR F 28 -9.74 -17.73 31.07
C THR F 28 -9.54 -16.22 31.18
N ASP F 29 -10.34 -15.43 30.46
CA ASP F 29 -10.19 -13.98 30.50
C ASP F 29 -10.66 -13.39 31.83
N SER F 30 -11.34 -14.16 32.66
CA SER F 30 -11.86 -13.70 33.94
C SER F 30 -11.20 -14.45 35.10
N ILE F 31 -9.91 -14.76 34.97
CA ILE F 31 -9.15 -15.46 35.99
C ILE F 31 -7.97 -14.57 36.39
N SER F 32 -7.91 -14.23 37.67
CA SER F 32 -6.82 -13.41 38.20
C SER F 32 -6.04 -14.09 39.31
N ASP F 33 -6.72 -14.77 40.23
CA ASP F 33 -6.07 -15.43 41.35
C ASP F 33 -6.09 -16.94 41.13
N MET F 34 -4.93 -17.57 41.28
CA MET F 34 -4.78 -19.01 41.11
C MET F 34 -4.43 -19.64 42.43
N GLY F 35 -5.22 -20.61 42.85
CA GLY F 35 -5.01 -21.29 44.12
C GLY F 35 -4.68 -22.77 43.92
N TRP F 36 -3.93 -23.32 44.86
CA TRP F 36 -3.54 -24.73 44.82
C TRP F 36 -4.00 -25.42 46.10
N PHE F 37 -4.54 -26.62 45.95
CA PHE F 37 -5.03 -27.42 47.06
C PHE F 37 -4.38 -28.79 47.06
N ARG F 38 -4.10 -29.30 48.25
CA ARG F 38 -3.55 -30.64 48.43
C ARG F 38 -4.45 -31.42 49.38
N GLN F 39 -4.51 -32.74 49.16
CA GLN F 39 -5.38 -33.63 49.94
C GLN F 39 -4.57 -34.83 50.40
N ALA F 40 -4.14 -34.81 51.65
CA ALA F 40 -3.46 -35.95 52.22
C ALA F 40 -4.45 -37.10 52.44
N PRO F 41 -3.98 -38.35 52.40
CA PRO F 41 -4.88 -39.48 52.64
C PRO F 41 -5.50 -39.39 54.03
N GLY F 42 -6.82 -39.51 54.07
CA GLY F 42 -7.56 -39.39 55.32
C GLY F 42 -7.75 -37.99 55.83
N LYS F 43 -7.36 -36.97 55.04
CA LYS F 43 -7.48 -35.58 55.45
C LYS F 43 -8.18 -34.78 54.36
N GLU F 44 -8.89 -33.73 54.78
CA GLU F 44 -9.59 -32.87 53.85
C GLU F 44 -8.61 -31.98 53.07
N ARG F 45 -9.09 -31.44 51.96
CA ARG F 45 -8.28 -30.56 51.14
C ARG F 45 -7.93 -29.29 51.91
N GLU F 46 -6.70 -28.82 51.73
CA GLU F 46 -6.19 -27.66 52.45
C GLU F 46 -5.46 -26.73 51.49
N PHE F 47 -5.38 -25.46 51.87
CA PHE F 47 -4.71 -24.44 51.08
C PHE F 47 -3.21 -24.71 51.01
N VAL F 48 -2.62 -24.37 49.86
CA VAL F 48 -1.20 -24.55 49.65
C VAL F 48 -0.54 -23.20 49.33
N ALA F 49 -0.94 -22.59 48.23
CA ALA F 49 -0.35 -21.32 47.81
C ALA F 49 -1.31 -20.62 46.86
N VAL F 50 -1.12 -19.32 46.70
CA VAL F 50 -1.93 -18.49 45.81
C VAL F 50 -1.04 -17.47 45.13
N VAL F 51 -1.37 -17.13 43.89
CA VAL F 51 -0.62 -16.15 43.10
C VAL F 51 -1.62 -15.21 42.44
N GLY F 52 -1.31 -13.91 42.46
CA GLY F 52 -2.15 -12.92 41.84
C GLY F 52 -1.93 -12.82 40.33
N TRP F 53 -2.77 -12.00 39.69
CA TRP F 53 -2.66 -11.80 38.26
C TRP F 53 -1.34 -11.12 37.89
N SER F 54 -0.94 -10.10 38.67
CA SER F 54 0.31 -9.40 38.41
C SER F 54 1.54 -10.19 38.82
N GLY F 55 1.36 -11.31 39.53
CA GLY F 55 2.48 -12.10 39.99
C GLY F 55 3.02 -11.73 41.35
N GLY F 56 2.53 -10.64 41.94
CA GLY F 56 2.98 -10.23 43.27
C GLY F 56 1.93 -10.44 44.33
N GLY F 57 2.29 -10.17 45.59
CA GLY F 57 1.35 -10.34 46.68
C GLY F 57 0.94 -11.78 46.91
N THR F 58 1.85 -12.72 46.72
CA THR F 58 1.53 -14.13 46.91
C THR F 58 1.41 -14.44 48.40
N ASP F 59 0.61 -15.46 48.70
CA ASP F 59 0.40 -15.91 50.07
C ASP F 59 0.54 -17.42 50.14
N TYR F 60 1.02 -17.90 51.29
CA TYR F 60 1.23 -19.32 51.51
C TYR F 60 0.69 -19.69 52.89
N ALA F 61 0.40 -20.98 53.05
CA ALA F 61 -0.10 -21.47 54.32
C ALA F 61 0.96 -21.34 55.40
N HIS F 62 0.51 -21.22 56.65
CA HIS F 62 1.43 -21.03 57.77
C HIS F 62 2.35 -22.23 57.94
N SER F 63 1.81 -23.45 57.76
CA SER F 63 2.63 -24.65 57.90
C SER F 63 3.68 -24.77 56.82
N VAL F 64 3.49 -24.10 55.68
CA VAL F 64 4.44 -24.16 54.56
C VAL F 64 5.00 -22.80 54.21
N LYS F 65 4.79 -21.78 55.03
CA LYS F 65 5.30 -20.45 54.74
C LYS F 65 6.82 -20.43 54.76
N GLY F 66 7.41 -19.74 53.79
CA GLY F 66 8.86 -19.64 53.68
C GLY F 66 9.52 -20.77 52.94
N ARG F 67 8.75 -21.79 52.53
CA ARG F 67 9.30 -22.93 51.80
C ARG F 67 8.68 -23.15 50.44
N PHE F 68 7.50 -22.58 50.17
CA PHE F 68 6.81 -22.77 48.91
C PHE F 68 6.80 -21.47 48.12
N THR F 69 6.98 -21.60 46.81
CA THR F 69 6.97 -20.46 45.89
C THR F 69 6.06 -20.79 44.72
N ILE F 70 5.22 -19.82 44.34
CA ILE F 70 4.26 -19.99 43.27
C ILE F 70 4.36 -18.80 42.31
N SER F 71 4.38 -19.08 41.01
CA SER F 71 4.45 -18.06 39.99
C SER F 71 3.45 -18.36 38.89
N ARG F 72 3.02 -17.30 38.20
CA ARG F 72 2.03 -17.40 37.14
C ARG F 72 2.61 -16.84 35.85
N ASP F 73 2.46 -17.58 34.75
CA ASP F 73 2.91 -17.15 33.44
C ASP F 73 1.69 -16.75 32.62
N ASN F 74 1.51 -15.44 32.42
CA ASN F 74 0.34 -14.96 31.68
C ASN F 74 0.41 -15.34 30.21
N ALA F 75 1.61 -15.30 29.61
CA ALA F 75 1.74 -15.61 28.19
C ALA F 75 1.33 -17.04 27.88
N LYS F 76 1.78 -17.99 28.71
CA LYS F 76 1.45 -19.40 28.51
C LYS F 76 0.19 -19.83 29.23
N ASN F 77 -0.42 -18.95 30.04
CA ASN F 77 -1.61 -19.29 30.82
C ASN F 77 -1.37 -20.51 31.70
N THR F 78 -0.16 -20.60 32.25
CA THR F 78 0.25 -21.70 33.10
C THR F 78 0.78 -21.15 34.41
N VAL F 79 0.40 -21.78 35.52
CA VAL F 79 0.83 -21.37 36.86
C VAL F 79 1.72 -22.46 37.42
N TYR F 80 2.90 -22.08 37.90
CA TYR F 80 3.91 -23.01 38.38
C TYR F 80 4.09 -22.83 39.88
N LEU F 81 4.03 -23.94 40.61
CA LEU F 81 4.25 -23.96 42.05
C LEU F 81 5.54 -24.69 42.34
N GLN F 82 6.47 -24.02 43.04
CA GLN F 82 7.78 -24.57 43.34
C GLN F 82 7.87 -24.91 44.83
N MET F 83 8.33 -26.11 45.12
CA MET F 83 8.47 -26.59 46.50
C MET F 83 9.95 -26.63 46.85
N ASN F 84 10.32 -26.03 47.98
CA ASN F 84 11.69 -26.02 48.46
C ASN F 84 11.75 -26.66 49.85
N SER F 85 12.79 -27.47 50.06
CA SER F 85 12.97 -28.21 51.31
C SER F 85 11.73 -29.05 51.64
N LEU F 86 11.43 -29.98 50.73
CA LEU F 86 10.25 -30.82 50.90
C LEU F 86 10.41 -31.76 52.09
N LYS F 87 9.29 -32.09 52.70
CA LYS F 87 9.22 -32.94 53.88
C LYS F 87 8.22 -34.05 53.65
N PRO F 88 8.36 -35.19 54.35
CA PRO F 88 7.38 -36.27 54.19
C PRO F 88 5.96 -35.87 54.55
N GLU F 89 5.77 -34.90 55.42
CA GLU F 89 4.42 -34.43 55.75
C GLU F 89 3.75 -33.73 54.58
N ASP F 90 4.51 -33.32 53.57
CA ASP F 90 3.95 -32.66 52.41
C ASP F 90 3.45 -33.63 51.35
N THR F 91 3.60 -34.93 51.57
CA THR F 91 3.14 -35.94 50.61
C THR F 91 1.62 -35.93 50.56
N ALA F 92 1.06 -35.39 49.48
CA ALA F 92 -0.39 -35.30 49.31
C ALA F 92 -0.68 -35.15 47.83
N VAL F 93 -1.94 -35.38 47.47
CA VAL F 93 -2.40 -35.23 46.09
C VAL F 93 -2.79 -33.78 45.87
N TYR F 94 -2.08 -33.12 44.97
CA TYR F 94 -2.31 -31.70 44.68
C TYR F 94 -3.34 -31.57 43.57
N TYR F 95 -4.32 -30.69 43.78
CA TYR F 95 -5.40 -30.46 42.83
C TYR F 95 -5.31 -29.07 42.25
N CYS F 96 -5.63 -28.95 40.96
CA CYS F 96 -5.64 -27.67 40.27
C CYS F 96 -7.03 -27.05 40.39
N ALA F 97 -7.12 -25.96 41.16
CA ALA F 97 -8.41 -25.33 41.46
C ALA F 97 -8.36 -23.89 41.01
N VAL F 98 -9.39 -23.45 40.28
CA VAL F 98 -9.48 -22.09 39.78
C VAL F 98 -10.67 -21.41 40.45
N GLY F 99 -10.43 -20.25 41.03
CA GLY F 99 -11.48 -19.50 41.70
C GLY F 99 -11.02 -18.11 42.06
N SER F 100 -11.85 -17.40 42.80
CA SER F 100 -11.55 -16.03 43.22
C SER F 100 -11.32 -16.01 44.72
N LEU F 101 -10.36 -15.21 45.17
CA LEU F 101 -10.01 -15.13 46.58
C LEU F 101 -11.11 -14.38 47.32
N ARG F 102 -11.99 -15.13 47.99
CA ARG F 102 -13.06 -14.54 48.78
C ARG F 102 -12.73 -14.69 50.26
N VAL F 103 -12.99 -13.63 51.02
CA VAL F 103 -12.71 -13.66 52.45
C VAL F 103 -13.64 -14.64 53.13
N GLY F 104 -13.08 -15.56 53.92
CA GLY F 104 -13.83 -16.59 54.61
C GLY F 104 -13.73 -17.95 53.96
N SER F 105 -13.76 -18.01 52.64
CA SER F 105 -13.66 -19.28 51.92
C SER F 105 -13.24 -19.03 50.47
N PHE F 106 -12.22 -19.73 50.01
CA PHE F 106 -11.75 -19.59 48.63
C PHE F 106 -12.76 -20.24 47.70
N SER F 107 -13.59 -19.42 47.07
CA SER F 107 -14.64 -19.92 46.19
C SER F 107 -14.06 -20.42 44.88
N VAL F 108 -13.81 -21.72 44.80
CA VAL F 108 -13.24 -22.33 43.60
C VAL F 108 -14.35 -22.53 42.58
N GLU F 109 -14.15 -22.03 41.37
CA GLU F 109 -15.15 -22.16 40.31
C GLU F 109 -14.95 -23.40 39.47
N TYR F 110 -13.71 -23.84 39.26
CA TYR F 110 -13.43 -25.01 38.45
C TYR F 110 -12.38 -25.87 39.16
N TRP F 111 -12.62 -27.17 39.18
CA TRP F 111 -11.71 -28.12 39.82
C TRP F 111 -11.05 -29.01 38.76
N GLY F 112 -9.78 -29.33 38.98
CA GLY F 112 -9.02 -30.17 38.09
C GLY F 112 -9.10 -31.64 38.47
N GLN F 113 -8.21 -32.42 37.89
CA GLN F 113 -8.15 -33.85 38.13
C GLN F 113 -7.24 -34.24 39.29
N GLY F 114 -6.14 -33.53 39.48
CA GLY F 114 -5.23 -33.81 40.57
C GLY F 114 -3.97 -34.52 40.11
N THR F 115 -2.88 -34.30 40.84
CA THR F 115 -1.59 -34.91 40.55
C THR F 115 -1.03 -35.52 41.82
N GLN F 116 -0.23 -36.57 41.66
CA GLN F 116 0.34 -37.31 42.78
C GLN F 116 1.76 -36.83 43.05
N VAL F 117 2.04 -36.48 44.30
CA VAL F 117 3.35 -36.07 44.75
C VAL F 117 3.73 -36.90 45.97
N THR F 118 4.89 -37.54 45.93
CA THR F 118 5.35 -38.39 47.01
C THR F 118 6.73 -37.93 47.47
N VAL F 119 6.89 -37.76 48.78
CA VAL F 119 8.16 -37.37 49.39
C VAL F 119 8.56 -38.47 50.38
N SER F 120 9.77 -38.97 50.24
CA SER F 120 10.27 -40.03 51.11
C SER F 120 11.08 -39.44 52.25
N SER F 121 11.14 -40.18 53.36
CA SER F 121 11.88 -39.75 54.54
C SER F 121 13.32 -40.24 54.49
#